data_8OM7
#
_entry.id   8OM7
#
_cell.length_a   1.00
_cell.length_b   1.00
_cell.length_c   1.00
_cell.angle_alpha   90.00
_cell.angle_beta   90.00
_cell.angle_gamma   90.00
#
_symmetry.space_group_name_H-M   'P 1'
#
loop_
_entity.id
_entity.type
_entity.pdbx_description
1 polymer 'Lon protease homolog, mitochondrial'
2 non-polymer "ADENOSINE-5'-DIPHOSPHATE"
#
_entity_poly.entity_id   1
_entity_poly.type   'polypeptide(L)'
_entity_poly.pdbx_seq_one_letter_code
;MGHHHHHHDYDIPTTENLYFQGAHMTIPDVFPHLPLIAITRNPVFPRFIKIIEVKNKKLVELLRRKVRLAQPYVGVFLKR
DDSNESDVVESLDEIEHTGTFAQIHEMQDLGDKLRMIVMGHRRVHISRQLEVEPEEPEAENKHKPRRKSKRGKKEAEDEL
SARHPAELAMEPTPELPAEVLMVEVENVVHEDFQVTEEVKALTAEIVKTIRDIIALNPLYRESVLQMMQAGQRVVDNPIY
LSDMGAALTGAESHELQDVLEETNIPKRLYKALSLLKKEFELSKLQQRLGREVEEKIKQTHRKYLLQEQLKIIKKELGLE
KDDKDAIEEKFRERLKELVVPKHVMDVVDEELSKLGLLDNHSSEFNVTRNYLDWLTSIPWGKYSNENLDLARAQAVLEED
HYGMEDVKKRILEFIAVSQLRGSTQGKILCFYGPPGVGKTSIARSIARALNREYFRFSVGGMTDVAEIKGHRRTYVGAMP
GKIIQCLKKTKTENPLILIDEVDKIGRGYQGDPSSALLELLDPEQNANFLDHYLDVPVDLSKVLFICTANVTDTIPEPLR
DRMEMINVSGYVAQEKLAIAERYLVPQARALCGLDESKAKLSSDVLTLLIKQYCRESGVRNLQKQVEKVLRKSAYKIVSG
EAESVEVTPENLQDFVGKPVFTVERMYDVTPPGVVMGLAWTAMGGSTLFVETSLRRPQDKDAKGDKDGSLEVTGQLGEVM
KESARIAYTFARAFLMQHAPANDYLVTSHIHLHVPEGATPKDGPSAGCTIVTALLSLAMGRPVRQNLAMTGEVSLTGKIL
PVGGIKEKTIAAKRAGVTCIVLPAENKKDFYDLAAFITEGLEVHFVEHYREIFDIAFPDEQAEALAVER
;
_entity_poly.pdbx_strand_id   A,B,C,D,E,F
#
loop_
_chem_comp.id
_chem_comp.type
_chem_comp.name
_chem_comp.formula
ADP non-polymer ADENOSINE-5'-DIPHOSPHATE 'C10 H15 N5 O10 P2'
#
# COMPACT_ATOMS: atom_id res chain seq x y z
N HIS A 33 -29.92 53.16 59.47
CA HIS A 33 -28.62 53.74 59.02
C HIS A 33 -27.57 52.66 58.81
N LEU A 34 -27.65 51.99 57.67
CA LEU A 34 -26.69 50.97 57.29
C LEU A 34 -26.29 51.17 55.83
N PRO A 35 -25.09 50.71 55.44
CA PRO A 35 -24.69 50.84 54.04
C PRO A 35 -25.58 50.02 53.13
N LEU A 36 -25.78 50.53 51.92
CA LEU A 36 -26.64 49.87 50.96
C LEU A 36 -26.04 48.52 50.55
N ILE A 37 -26.90 47.51 50.44
CA ILE A 37 -26.44 46.18 50.06
C ILE A 37 -26.07 46.15 48.59
N ALA A 38 -25.11 45.29 48.24
CA ALA A 38 -24.68 45.13 46.86
C ALA A 38 -25.56 44.07 46.21
N ILE A 39 -26.60 44.53 45.52
CA ILE A 39 -27.54 43.60 44.89
C ILE A 39 -26.83 42.75 43.84
N THR A 40 -26.03 43.41 42.98
CA THR A 40 -25.25 42.73 41.95
C THR A 40 -26.13 41.80 41.11
N ARG A 41 -27.13 42.41 40.47
CA ARG A 41 -28.01 41.70 39.52
C ARG A 41 -28.69 40.51 40.20
N ASN A 42 -29.53 40.83 41.18
CA ASN A 42 -30.28 39.82 41.92
C ASN A 42 -31.66 40.38 42.26
N PRO A 43 -32.62 40.25 41.35
CA PRO A 43 -33.96 40.77 41.61
C PRO A 43 -34.73 39.87 42.57
N VAL A 44 -35.29 40.47 43.62
CA VAL A 44 -36.04 39.76 44.64
C VAL A 44 -37.48 40.26 44.54
N PHE A 45 -38.38 39.40 44.08
CA PHE A 45 -39.78 39.77 43.97
C PHE A 45 -40.43 39.82 45.36
N PRO A 46 -41.49 40.62 45.53
CA PRO A 46 -42.15 40.67 46.84
C PRO A 46 -42.61 39.29 47.30
N ARG A 47 -42.42 39.03 48.59
CA ARG A 47 -42.85 37.76 49.18
C ARG A 47 -42.29 36.57 48.40
N PHE A 48 -41.05 36.70 47.94
CA PHE A 48 -40.41 35.67 47.13
C PHE A 48 -39.03 35.39 47.69
N ILE A 49 -38.71 34.09 47.83
CA ILE A 49 -37.42 33.69 48.39
C ILE A 49 -36.35 33.83 47.32
N LYS A 50 -35.20 34.41 47.70
CA LYS A 50 -34.08 34.53 46.78
C LYS A 50 -32.79 34.39 47.56
N ILE A 51 -31.70 34.11 46.82
CA ILE A 51 -30.38 33.91 47.39
C ILE A 51 -29.43 34.92 46.80
N ILE A 52 -28.61 35.54 47.65
CA ILE A 52 -27.63 36.53 47.25
C ILE A 52 -26.24 35.96 47.50
N GLU A 53 -25.39 36.02 46.48
CA GLU A 53 -23.99 35.57 46.55
C GLU A 53 -23.14 36.66 45.90
N VAL A 54 -22.68 37.61 46.70
CA VAL A 54 -21.80 38.68 46.23
C VAL A 54 -20.36 38.25 46.41
N LYS A 55 -19.56 38.40 45.35
CA LYS A 55 -18.17 37.97 45.39
C LYS A 55 -17.40 38.72 46.47
N ASN A 56 -17.69 39.99 46.68
CA ASN A 56 -16.99 40.76 47.70
C ASN A 56 -17.27 40.22 49.09
N LYS A 57 -16.24 40.17 49.92
CA LYS A 57 -16.36 39.70 51.29
C LYS A 57 -16.62 40.84 52.29
N LYS A 58 -16.72 42.08 51.81
CA LYS A 58 -16.94 43.20 52.73
C LYS A 58 -18.30 43.10 53.41
N LEU A 59 -19.33 42.64 52.69
CA LEU A 59 -20.65 42.49 53.29
C LEU A 59 -20.65 41.49 54.45
N VAL A 60 -19.68 40.58 54.49
CA VAL A 60 -19.64 39.60 55.56
C VAL A 60 -19.41 40.28 56.91
N GLU A 61 -18.59 41.33 56.93
CA GLU A 61 -18.38 42.07 58.17
C GLU A 61 -19.69 42.66 58.68
N LEU A 62 -20.46 43.29 57.78
CA LEU A 62 -21.75 43.85 58.17
C LEU A 62 -22.70 42.77 58.66
N LEU A 63 -22.74 41.64 57.96
CA LEU A 63 -23.63 40.55 58.37
C LEU A 63 -23.26 40.04 59.76
N ARG A 64 -21.96 39.85 60.03
CA ARG A 64 -21.54 39.37 61.33
C ARG A 64 -21.78 40.41 62.41
N ARG A 65 -21.75 41.70 62.07
CA ARG A 65 -21.97 42.74 63.06
C ARG A 65 -23.40 42.73 63.58
N LYS A 66 -24.36 42.28 62.77
CA LYS A 66 -25.77 42.30 63.12
C LYS A 66 -26.26 40.99 63.73
N VAL A 67 -25.39 39.99 63.88
CA VAL A 67 -25.81 38.74 64.51
C VAL A 67 -26.10 38.95 65.98
N ARG A 68 -25.32 39.81 66.64
CA ARG A 68 -25.54 40.08 68.07
C ARG A 68 -26.93 40.63 68.32
N LEU A 69 -27.52 41.32 67.35
CA LEU A 69 -28.81 41.96 67.55
C LEU A 69 -29.90 40.91 67.77
N ALA A 70 -30.89 41.27 68.60
CA ALA A 70 -31.96 40.35 68.90
C ALA A 70 -32.87 40.10 67.70
N GLN A 71 -33.05 41.10 66.85
CA GLN A 71 -33.93 41.01 65.68
C GLN A 71 -33.14 41.39 64.44
N PRO A 72 -32.38 40.47 63.87
CA PRO A 72 -31.60 40.78 62.66
C PRO A 72 -32.52 41.12 61.50
N TYR A 73 -32.01 41.97 60.61
CA TYR A 73 -32.77 42.41 59.45
C TYR A 73 -31.83 42.65 58.28
N VAL A 74 -32.40 42.63 57.09
CA VAL A 74 -31.65 42.90 55.86
C VAL A 74 -32.58 43.59 54.87
N GLY A 75 -32.03 44.57 54.15
CA GLY A 75 -32.79 45.35 53.18
C GLY A 75 -32.37 45.01 51.76
N VAL A 76 -33.35 44.91 50.87
CA VAL A 76 -33.13 44.61 49.46
C VAL A 76 -33.69 45.76 48.63
N PHE A 77 -32.88 46.24 47.68
CA PHE A 77 -33.27 47.33 46.81
C PHE A 77 -33.08 46.89 45.36
N LEU A 78 -33.26 47.83 44.43
CA LEU A 78 -33.10 47.57 43.01
C LEU A 78 -32.17 48.61 42.40
N LYS A 79 -31.18 48.16 41.64
CA LYS A 79 -30.25 49.06 41.00
C LYS A 79 -30.90 49.71 39.78
N ARG A 80 -30.34 50.85 39.37
CA ARG A 80 -30.79 51.54 38.18
C ARG A 80 -30.02 50.99 36.96
N ASP A 81 -30.30 51.53 35.78
CA ASP A 81 -29.64 51.07 34.57
C ASP A 81 -28.16 51.42 34.61
N ASP A 82 -27.40 50.78 33.71
CA ASP A 82 -25.96 50.98 33.61
C ASP A 82 -25.27 50.64 34.92
N SER A 83 -25.36 49.36 35.29
CA SER A 83 -24.78 48.89 36.54
C SER A 83 -23.28 49.13 36.54
N ASN A 84 -22.76 49.54 37.70
CA ASN A 84 -21.33 49.79 37.86
C ASN A 84 -20.97 49.59 39.31
N GLU A 85 -20.10 48.61 39.59
CA GLU A 85 -19.76 48.29 40.97
C GLU A 85 -19.08 49.47 41.67
N SER A 86 -18.16 50.14 40.97
CA SER A 86 -17.45 51.26 41.58
C SER A 86 -18.41 52.40 41.93
N ASP A 87 -19.44 52.60 41.12
CA ASP A 87 -20.38 53.69 41.37
C ASP A 87 -21.13 53.50 42.68
N VAL A 88 -21.49 52.26 43.01
CA VAL A 88 -22.26 52.01 44.23
C VAL A 88 -21.52 52.53 45.45
N VAL A 89 -20.24 52.17 45.58
CA VAL A 89 -19.44 52.66 46.70
C VAL A 89 -19.11 54.15 46.55
N GLU A 90 -18.80 54.61 45.34
CA GLU A 90 -18.47 56.02 45.14
C GLU A 90 -19.65 56.92 45.47
N SER A 91 -20.85 56.55 45.03
CA SER A 91 -22.06 57.32 45.27
C SER A 91 -23.20 56.38 45.64
N LEU A 92 -24.05 56.83 46.55
CA LEU A 92 -25.19 56.04 47.01
C LEU A 92 -26.46 56.32 46.22
N ASP A 93 -26.41 57.17 45.20
CA ASP A 93 -27.59 57.54 44.43
C ASP A 93 -27.93 56.52 43.35
N GLU A 94 -27.08 55.51 43.13
CA GLU A 94 -27.37 54.51 42.11
C GLU A 94 -28.63 53.72 42.46
N ILE A 95 -28.81 53.39 43.75
CA ILE A 95 -29.94 52.58 44.16
C ILE A 95 -31.23 53.39 44.10
N GLU A 96 -32.30 52.76 43.65
CA GLU A 96 -33.60 53.40 43.64
C GLU A 96 -34.09 53.65 45.06
N HIS A 97 -34.90 54.70 45.21
CA HIS A 97 -35.44 55.01 46.53
C HIS A 97 -36.29 53.88 47.08
N THR A 98 -36.85 53.05 46.21
CA THR A 98 -37.63 51.91 46.66
C THR A 98 -36.74 50.88 47.34
N GLY A 99 -37.25 50.29 48.41
CA GLY A 99 -36.51 49.28 49.14
C GLY A 99 -37.43 48.23 49.71
N THR A 100 -36.85 47.06 50.00
CA THR A 100 -37.60 45.91 50.50
C THR A 100 -36.97 45.47 51.82
N PHE A 101 -37.41 46.08 52.91
CA PHE A 101 -36.94 45.71 54.24
C PHE A 101 -37.54 44.36 54.62
N ALA A 102 -36.68 43.46 55.11
CA ALA A 102 -37.12 42.12 55.47
C ALA A 102 -36.17 41.55 56.52
N GLN A 103 -36.62 40.48 57.18
CA GLN A 103 -35.84 39.84 58.22
C GLN A 103 -34.83 38.88 57.62
N ILE A 104 -33.85 38.49 58.43
CA ILE A 104 -32.83 37.53 58.05
C ILE A 104 -33.24 36.16 58.55
N HIS A 105 -33.21 35.17 57.65
CA HIS A 105 -33.63 33.80 57.97
C HIS A 105 -32.46 32.96 58.47
N GLU A 106 -31.46 32.72 57.62
CA GLU A 106 -30.31 31.91 58.01
C GLU A 106 -29.21 31.96 56.96
N MET A 107 -27.97 31.85 57.39
CA MET A 107 -26.83 31.77 56.47
C MET A 107 -26.49 30.32 56.18
N GLN A 108 -26.10 30.04 54.94
CA GLN A 108 -25.75 28.70 54.50
C GLN A 108 -24.28 28.56 54.19
N ASP A 109 -23.76 29.38 53.26
CA ASP A 109 -22.35 29.40 52.90
C ASP A 109 -21.84 27.98 52.59
N LEU A 110 -22.45 27.38 51.58
CA LEU A 110 -22.04 26.04 51.16
C LEU A 110 -20.82 26.09 50.25
N GLY A 111 -20.96 26.74 49.09
CA GLY A 111 -19.85 26.86 48.16
C GLY A 111 -18.99 28.08 48.42
N ASP A 112 -19.63 29.24 48.46
CA ASP A 112 -18.95 30.50 48.76
C ASP A 112 -19.21 30.89 50.22
N LYS A 113 -18.57 32.00 50.62
CA LYS A 113 -18.70 32.51 51.98
C LYS A 113 -19.86 33.47 52.15
N LEU A 114 -20.67 33.67 51.11
CA LEU A 114 -21.80 34.60 51.17
C LEU A 114 -22.93 34.01 50.33
N ARG A 115 -23.93 33.43 50.99
CA ARG A 115 -25.09 32.84 50.33
C ARG A 115 -26.36 33.26 51.08
N MET A 116 -26.49 34.55 51.35
CA MET A 116 -27.55 35.02 52.23
C MET A 116 -28.93 34.80 51.60
N ILE A 117 -29.94 34.67 52.46
CA ILE A 117 -31.33 34.47 52.05
C ILE A 117 -32.06 35.80 52.20
N VAL A 118 -32.82 36.17 51.16
CA VAL A 118 -33.57 37.42 51.15
C VAL A 118 -35.00 37.13 50.75
N MET A 119 -35.92 37.97 51.26
CA MET A 119 -37.34 37.82 51.02
C MET A 119 -37.98 39.20 51.01
N GLY A 120 -39.16 39.28 50.40
CA GLY A 120 -39.90 40.53 50.34
C GLY A 120 -41.01 40.60 51.36
N HIS A 121 -40.80 41.39 52.42
CA HIS A 121 -41.75 41.51 53.52
C HIS A 121 -42.37 42.90 53.62
N ARG A 122 -41.55 43.95 53.71
CA ARG A 122 -42.04 45.31 53.94
C ARG A 122 -41.44 46.23 52.88
N ARG A 123 -42.27 46.67 51.93
CA ARG A 123 -41.82 47.67 50.97
C ARG A 123 -41.78 49.04 51.62
N VAL A 124 -40.82 49.86 51.18
CA VAL A 124 -40.68 51.22 51.68
C VAL A 124 -40.17 52.10 50.54
N HIS A 125 -40.52 53.39 50.62
CA HIS A 125 -40.11 54.38 49.63
C HIS A 125 -39.53 55.58 50.39
N ILE A 126 -38.22 55.56 50.61
CA ILE A 126 -37.59 56.65 51.34
C ILE A 126 -37.82 57.96 50.61
N SER A 127 -38.19 58.99 51.38
CA SER A 127 -38.46 60.30 50.77
C SER A 127 -37.21 60.84 50.08
N ARG A 128 -36.06 60.73 50.74
CA ARG A 128 -34.79 61.16 50.18
C ARG A 128 -33.70 60.24 50.71
N GLN A 129 -33.20 59.35 49.84
CA GLN A 129 -32.14 58.43 50.25
C GLN A 129 -30.90 59.18 50.69
N LEU A 130 -30.61 60.32 50.04
CA LEU A 130 -29.44 61.11 50.40
C LEU A 130 -29.53 61.59 51.84
N GLU A 131 -30.71 62.07 52.26
CA GLU A 131 -30.91 62.56 53.61
C GLU A 131 -31.28 61.42 54.55
N MET A 182 -31.72 57.30 58.85
CA MET A 182 -32.47 57.60 57.64
C MET A 182 -33.97 57.51 57.92
N VAL A 183 -34.68 58.63 57.72
CA VAL A 183 -36.11 58.67 58.00
C VAL A 183 -36.83 57.71 57.08
N GLU A 184 -37.86 57.04 57.61
CA GLU A 184 -38.67 56.13 56.83
C GLU A 184 -40.04 56.01 57.47
N VAL A 185 -41.02 55.58 56.66
CA VAL A 185 -42.37 55.34 57.14
C VAL A 185 -43.04 54.36 56.19
N GLU A 186 -43.91 53.52 56.74
CA GLU A 186 -44.59 52.48 55.96
C GLU A 186 -45.92 53.03 55.42
N ASN A 187 -45.79 53.84 54.36
CA ASN A 187 -46.96 54.40 53.69
C ASN A 187 -47.49 53.41 52.64
N VAL A 188 -47.89 52.23 53.14
CA VAL A 188 -48.39 51.16 52.28
C VAL A 188 -49.84 51.50 51.97
N VAL A 189 -50.05 52.09 50.80
CA VAL A 189 -51.39 52.53 50.39
C VAL A 189 -52.11 51.37 49.73
N HIS A 190 -53.33 51.08 50.20
CA HIS A 190 -54.14 49.99 49.67
C HIS A 190 -55.57 50.47 49.44
N GLU A 191 -55.70 51.62 48.78
CA GLU A 191 -57.02 52.16 48.48
C GLU A 191 -57.84 51.16 47.68
N ASP A 192 -59.09 50.96 48.08
CA ASP A 192 -59.98 50.01 47.43
C ASP A 192 -61.40 50.54 47.49
N PHE A 193 -62.24 50.03 46.59
CA PHE A 193 -63.63 50.44 46.52
C PHE A 193 -64.45 49.69 47.57
N GLN A 194 -65.43 50.40 48.15
CA GLN A 194 -66.27 49.80 49.18
C GLN A 194 -67.04 48.59 48.65
N VAL A 195 -67.60 48.71 47.45
CA VAL A 195 -68.38 47.63 46.86
C VAL A 195 -67.41 46.61 46.28
N THR A 196 -67.40 45.40 46.83
CA THR A 196 -66.51 44.33 46.41
C THR A 196 -67.37 43.17 45.88
N GLU A 197 -67.79 43.29 44.63
CA GLU A 197 -68.52 42.23 43.95
C GLU A 197 -67.96 41.94 42.57
N GLU A 198 -67.23 42.89 41.97
CA GLU A 198 -66.60 42.70 40.67
C GLU A 198 -65.09 42.84 40.70
N VAL A 199 -64.52 43.39 41.78
CA VAL A 199 -63.09 43.66 41.82
C VAL A 199 -62.30 42.37 41.61
N LYS A 200 -62.73 41.28 42.24
CA LYS A 200 -62.04 40.00 42.07
C LYS A 200 -62.22 39.42 40.68
N ALA A 201 -63.16 39.93 39.88
CA ALA A 201 -63.37 39.40 38.55
C ALA A 201 -62.08 39.41 37.74
N LEU A 202 -61.27 40.45 37.89
CA LEU A 202 -59.97 40.47 37.22
C LEU A 202 -59.05 39.40 37.78
N THR A 203 -59.22 39.02 39.05
CA THR A 203 -58.37 38.00 39.64
C THR A 203 -58.60 36.65 38.95
N ALA A 204 -59.84 36.34 38.59
CA ALA A 204 -60.10 35.09 37.88
C ALA A 204 -59.36 35.03 36.56
N GLU A 205 -59.44 36.11 35.78
CA GLU A 205 -58.72 36.14 34.51
C GLU A 205 -57.21 36.14 34.71
N ILE A 206 -56.73 36.77 35.79
CA ILE A 206 -55.31 36.77 36.07
C ILE A 206 -54.82 35.36 36.37
N VAL A 207 -55.55 34.61 37.19
CA VAL A 207 -55.15 33.24 37.50
C VAL A 207 -55.27 32.36 36.27
N LYS A 208 -56.28 32.60 35.43
CA LYS A 208 -56.40 31.85 34.18
C LYS A 208 -55.21 32.12 33.27
N THR A 209 -54.79 33.38 33.16
CA THR A 209 -53.63 33.71 32.35
C THR A 209 -52.36 33.09 32.92
N ILE A 210 -52.22 33.09 34.24
CA ILE A 210 -51.07 32.45 34.86
C ILE A 210 -51.06 30.96 34.54
N ARG A 211 -52.22 30.32 34.62
CA ARG A 211 -52.32 28.90 34.30
C ARG A 211 -51.93 28.66 32.84
N ASP A 212 -52.41 29.49 31.94
CA ASP A 212 -52.05 29.34 30.52
C ASP A 212 -50.55 29.51 30.32
N ILE A 213 -49.95 30.51 30.98
CA ILE A 213 -48.53 30.76 30.81
C ILE A 213 -47.71 29.57 31.30
N ILE A 214 -48.04 29.07 32.50
CA ILE A 214 -47.26 27.98 33.06
C ILE A 214 -47.47 26.69 32.26
N ALA A 215 -48.69 26.46 31.77
CA ALA A 215 -48.94 25.27 30.96
C ALA A 215 -48.15 25.34 29.64
N LEU A 216 -48.26 26.46 28.93
CA LEU A 216 -47.52 26.61 27.68
C LEU A 216 -46.05 26.91 27.92
N ASN A 217 -45.73 27.59 29.02
CA ASN A 217 -44.35 27.96 29.36
C ASN A 217 -44.08 27.58 30.81
N PRO A 218 -43.89 26.29 31.09
CA PRO A 218 -43.58 25.87 32.47
C PRO A 218 -42.24 26.45 32.90
N LEU A 219 -42.22 27.03 34.10
CA LEU A 219 -41.02 27.64 34.66
C LEU A 219 -40.72 27.18 36.07
N TYR A 220 -41.72 26.83 36.86
CA TYR A 220 -41.53 26.38 38.23
C TYR A 220 -42.59 25.34 38.56
N ARG A 221 -42.47 24.76 39.75
CA ARG A 221 -43.37 23.69 40.17
C ARG A 221 -44.78 24.23 40.36
N GLU A 222 -45.77 23.39 40.03
CA GLU A 222 -47.17 23.75 40.15
C GLU A 222 -47.71 23.56 41.56
N SER A 223 -46.98 22.87 42.45
CA SER A 223 -47.50 22.62 43.79
C SER A 223 -47.83 23.92 44.52
N VAL A 224 -47.07 24.99 44.26
CA VAL A 224 -47.36 26.27 44.91
C VAL A 224 -48.73 26.78 44.47
N LEU A 225 -49.05 26.67 43.18
CA LEU A 225 -50.35 27.11 42.71
C LEU A 225 -51.48 26.29 43.31
N GLN A 226 -51.28 24.96 43.39
CA GLN A 226 -52.32 24.11 43.97
C GLN A 226 -52.54 24.42 45.44
N MET A 227 -51.45 24.68 46.18
CA MET A 227 -51.60 25.01 47.60
C MET A 227 -52.39 26.29 47.79
N MET A 228 -52.13 27.31 46.97
CA MET A 228 -52.82 28.59 47.04
C MET A 228 -53.84 28.65 45.92
N GLN A 229 -55.10 28.36 46.25
CA GLN A 229 -56.20 28.39 45.29
C GLN A 229 -57.15 29.53 45.64
N ALA A 230 -57.67 30.19 44.61
CA ALA A 230 -58.52 31.35 44.83
C ALA A 230 -59.78 30.97 45.60
N GLY A 231 -60.37 29.82 45.27
CA GLY A 231 -61.60 29.42 45.93
C GLY A 231 -61.42 29.11 47.41
N GLN A 232 -60.20 28.77 47.82
CA GLN A 232 -59.94 28.41 49.21
C GLN A 232 -60.25 29.56 50.16
N ARG A 233 -60.20 30.81 49.69
CA ARG A 233 -60.45 32.01 50.47
C ARG A 233 -59.32 32.30 51.45
N VAL A 234 -58.30 31.44 51.54
CA VAL A 234 -57.18 31.65 52.45
C VAL A 234 -56.32 32.85 52.05
N VAL A 235 -56.57 33.44 50.89
CA VAL A 235 -55.76 34.55 50.39
C VAL A 235 -56.25 35.81 51.11
N ASP A 236 -55.62 36.11 52.24
CA ASP A 236 -55.93 37.32 52.99
C ASP A 236 -55.21 38.55 52.45
N ASN A 237 -54.26 38.37 51.55
CA ASN A 237 -53.47 39.48 50.99
C ASN A 237 -53.47 39.34 49.46
N PRO A 238 -54.57 39.72 48.81
CA PRO A 238 -54.64 39.57 47.36
C PRO A 238 -53.56 40.34 46.61
N ILE A 239 -53.13 41.49 47.14
CA ILE A 239 -52.09 42.26 46.47
C ILE A 239 -50.79 41.47 46.42
N TYR A 240 -50.45 40.79 47.52
CA TYR A 240 -49.25 39.97 47.51
C TYR A 240 -49.37 38.81 46.53
N LEU A 241 -50.57 38.23 46.41
CA LEU A 241 -50.77 37.18 45.42
C LEU A 241 -50.58 37.72 44.01
N SER A 242 -51.08 38.92 43.73
CA SER A 242 -50.88 39.52 42.41
C SER A 242 -49.40 39.77 42.16
N ASP A 243 -48.67 40.24 43.17
CA ASP A 243 -47.24 40.46 43.01
C ASP A 243 -46.52 39.14 42.72
N MET A 244 -46.89 38.07 43.43
CA MET A 244 -46.27 36.78 43.17
C MET A 244 -46.59 36.29 41.77
N GLY A 245 -47.83 36.48 41.32
CA GLY A 245 -48.19 36.08 39.97
C GLY A 245 -47.41 36.83 38.91
N ALA A 246 -47.26 38.15 39.09
CA ALA A 246 -46.46 38.94 38.17
C ALA A 246 -44.98 38.61 38.28
N ALA A 247 -44.54 38.04 39.40
CA ALA A 247 -43.13 37.67 39.54
C ALA A 247 -42.72 36.65 38.48
N LEU A 248 -43.64 35.77 38.09
CA LEU A 248 -43.33 34.81 37.03
C LEU A 248 -43.05 35.50 35.70
N THR A 249 -43.45 36.76 35.56
CA THR A 249 -43.17 37.49 34.32
C THR A 249 -41.66 37.61 34.11
N GLY A 250 -41.24 37.36 32.88
CA GLY A 250 -39.85 37.48 32.49
C GLY A 250 -39.42 38.86 32.06
N ALA A 251 -40.24 39.88 32.34
CA ALA A 251 -39.89 41.24 31.95
C ALA A 251 -38.67 41.74 32.70
N GLU A 252 -37.97 42.70 32.10
CA GLU A 252 -36.77 43.25 32.69
C GLU A 252 -37.10 43.95 34.01
N SER A 253 -36.06 44.16 34.83
CA SER A 253 -36.26 44.86 36.09
C SER A 253 -36.78 46.27 35.87
N HIS A 254 -36.50 46.86 34.71
CA HIS A 254 -37.04 48.18 34.40
C HIS A 254 -38.57 48.17 34.38
N GLU A 255 -39.15 47.11 33.81
CA GLU A 255 -40.61 46.99 33.81
C GLU A 255 -41.13 46.84 35.24
N LEU A 256 -40.40 46.09 36.08
CA LEU A 256 -40.82 45.97 37.48
C LEU A 256 -40.80 47.32 38.17
N GLN A 257 -39.75 48.11 37.95
CA GLN A 257 -39.69 49.44 38.56
C GLN A 257 -40.81 50.34 38.04
N ASP A 258 -41.08 50.28 36.74
CA ASP A 258 -42.17 51.08 36.18
C ASP A 258 -43.51 50.69 36.79
N VAL A 259 -43.74 49.39 36.99
CA VAL A 259 -44.97 48.94 37.64
C VAL A 259 -45.01 49.46 39.07
N LEU A 260 -43.89 49.39 39.78
CA LEU A 260 -43.84 49.90 41.15
C LEU A 260 -44.17 51.38 41.20
N GLU A 261 -43.77 52.14 40.17
CA GLU A 261 -44.08 53.57 40.14
C GLU A 261 -45.59 53.80 40.17
N GLU A 262 -46.38 52.85 39.69
CA GLU A 262 -47.83 52.99 39.68
C GLU A 262 -48.35 53.03 41.12
N THR A 263 -49.34 53.90 41.35
CA THR A 263 -50.00 54.01 42.64
C THR A 263 -51.45 53.54 42.60
N ASN A 264 -52.15 53.77 41.49
CA ASN A 264 -53.53 53.33 41.37
C ASN A 264 -53.57 51.81 41.19
N ILE A 265 -54.47 51.16 41.94
CA ILE A 265 -54.57 49.70 41.85
C ILE A 265 -54.91 49.25 40.43
N PRO A 266 -55.90 49.83 39.74
CA PRO A 266 -56.18 49.38 38.37
C PRO A 266 -54.99 49.53 37.44
N LYS A 267 -54.22 50.60 37.57
CA LYS A 267 -53.08 50.81 36.68
C LYS A 267 -52.01 49.74 36.88
N ARG A 268 -51.66 49.46 38.15
CA ARG A 268 -50.65 48.45 38.42
C ARG A 268 -51.14 47.06 37.98
N LEU A 269 -52.42 46.76 38.23
CA LEU A 269 -52.94 45.46 37.80
C LEU A 269 -52.89 45.34 36.28
N TYR A 270 -53.29 46.40 35.57
CA TYR A 270 -53.22 46.40 34.12
C TYR A 270 -51.79 46.22 33.63
N LYS A 271 -50.83 46.89 34.27
CA LYS A 271 -49.44 46.79 33.82
C LYS A 271 -48.90 45.38 34.05
N ALA A 272 -49.24 44.77 35.19
CA ALA A 272 -48.84 43.38 35.41
C ALA A 272 -49.46 42.46 34.36
N LEU A 273 -50.74 42.66 34.04
CA LEU A 273 -51.38 41.84 33.02
C LEU A 273 -50.72 42.06 31.66
N SER A 274 -50.34 43.29 31.35
CA SER A 274 -49.71 43.59 30.07
C SER A 274 -48.33 42.96 29.97
N LEU A 275 -47.57 42.96 31.07
CA LEU A 275 -46.28 42.26 31.06
C LEU A 275 -46.48 40.77 30.89
N LEU A 276 -47.50 40.20 31.55
CA LEU A 276 -47.82 38.79 31.32
C LEU A 276 -48.13 38.53 29.85
N LYS A 277 -48.90 39.44 29.23
CA LYS A 277 -49.27 39.26 27.83
C LYS A 277 -48.06 39.41 26.92
N LYS A 278 -47.13 40.30 27.26
CA LYS A 278 -45.90 40.45 26.48
C LYS A 278 -45.08 39.17 26.52
N GLU A 279 -44.91 38.60 27.72
CA GLU A 279 -44.21 37.33 27.85
C GLU A 279 -44.94 36.24 27.07
N PHE A 280 -46.28 36.24 27.14
CA PHE A 280 -47.07 35.27 26.38
C PHE A 280 -46.81 35.41 24.89
N GLU A 281 -46.78 36.63 24.39
CA GLU A 281 -46.57 36.85 22.96
C GLU A 281 -45.20 36.35 22.54
N LEU A 282 -44.16 36.72 23.29
CA LEU A 282 -42.82 36.29 22.92
C LEU A 282 -42.70 34.77 22.97
N SER A 283 -43.21 34.15 24.04
CA SER A 283 -43.11 32.70 24.17
C SER A 283 -43.87 31.99 23.06
N LYS A 284 -45.08 32.47 22.74
CA LYS A 284 -45.87 31.80 21.70
C LYS A 284 -45.25 32.00 20.33
N LEU A 285 -44.66 33.16 20.07
CA LEU A 285 -43.94 33.36 18.82
C LEU A 285 -42.78 32.37 18.70
N GLN A 286 -42.01 32.22 19.78
CA GLN A 286 -40.89 31.27 19.75
C GLN A 286 -41.40 29.84 19.54
N GLN A 287 -42.47 29.47 20.23
CA GLN A 287 -43.01 28.12 20.09
C GLN A 287 -43.53 27.87 18.69
N ARG A 288 -44.21 28.86 18.10
CA ARG A 288 -44.70 28.71 16.73
C ARG A 288 -43.54 28.54 15.76
N LEU A 289 -42.48 29.34 15.92
CA LEU A 289 -41.31 29.19 15.06
C LEU A 289 -40.70 27.81 15.22
N GLY A 290 -40.57 27.33 16.45
CA GLY A 290 -39.97 26.02 16.68
C GLY A 290 -40.79 24.90 16.07
N ARG A 291 -42.11 24.94 16.25
CA ARG A 291 -42.96 23.88 15.70
C ARG A 291 -42.97 23.93 14.18
N GLU A 292 -42.95 25.14 13.59
CA GLU A 292 -42.87 25.23 12.14
C GLU A 292 -41.56 24.65 11.63
N VAL A 293 -40.45 24.93 12.32
CA VAL A 293 -39.17 24.36 11.92
C VAL A 293 -39.21 22.84 12.01
N GLU A 294 -39.76 22.32 13.11
CA GLU A 294 -39.83 20.86 13.26
C GLU A 294 -40.70 20.23 12.17
N GLU A 295 -41.83 20.85 11.84
CA GLU A 295 -42.68 20.33 10.79
C GLU A 295 -42.00 20.40 9.43
N LYS A 296 -41.21 21.45 9.19
CA LYS A 296 -40.42 21.50 7.96
C LYS A 296 -39.43 20.35 7.92
N ILE A 297 -38.79 20.05 9.06
CA ILE A 297 -37.87 18.92 9.12
C ILE A 297 -38.62 17.63 8.77
N LYS A 298 -39.80 17.44 9.37
CA LYS A 298 -40.57 16.23 9.11
C LYS A 298 -40.96 16.12 7.64
N GLN A 299 -41.39 17.23 7.03
CA GLN A 299 -41.75 17.19 5.62
C GLN A 299 -40.54 16.84 4.75
N THR A 300 -39.40 17.48 5.01
CA THR A 300 -38.20 17.23 4.22
C THR A 300 -37.77 15.78 4.35
N HIS A 301 -37.81 15.23 5.57
CA HIS A 301 -37.44 13.83 5.77
C HIS A 301 -38.46 12.89 5.18
N ARG A 302 -39.74 13.25 5.20
CA ARG A 302 -40.78 12.37 4.67
C ARG A 302 -40.71 12.28 3.15
N LYS A 303 -40.40 13.39 2.49
CA LYS A 303 -40.18 13.30 1.04
C LYS A 303 -38.99 12.41 0.73
N TYR A 304 -37.93 12.47 1.54
CA TYR A 304 -36.80 11.57 1.33
C TYR A 304 -37.18 10.11 1.62
N LEU A 305 -38.07 9.88 2.58
CA LEU A 305 -38.56 8.52 2.81
C LEU A 305 -39.36 8.02 1.61
N LEU A 306 -40.16 8.91 1.00
CA LEU A 306 -40.86 8.53 -0.23
C LEU A 306 -39.87 8.21 -1.34
N GLN A 307 -38.80 9.01 -1.45
CA GLN A 307 -37.77 8.74 -2.45
C GLN A 307 -37.09 7.39 -2.19
N GLU A 308 -36.82 7.06 -0.93
CA GLU A 308 -36.22 5.77 -0.61
C GLU A 308 -37.17 4.63 -0.91
N GLN A 309 -38.47 4.82 -0.64
CA GLN A 309 -39.45 3.80 -1.01
C GLN A 309 -39.45 3.57 -2.52
N LEU A 310 -39.41 4.66 -3.30
CA LEU A 310 -39.32 4.53 -4.75
C LEU A 310 -38.04 3.81 -5.16
N LYS A 311 -36.93 4.13 -4.49
CA LYS A 311 -35.66 3.48 -4.81
C LYS A 311 -35.74 1.99 -4.55
N ILE A 312 -36.30 1.59 -3.41
CA ILE A 312 -36.44 0.18 -3.09
C ILE A 312 -37.34 -0.50 -4.12
N ILE A 313 -38.44 0.14 -4.50
CA ILE A 313 -39.36 -0.46 -5.46
C ILE A 313 -38.69 -0.64 -6.81
N LYS A 314 -37.92 0.36 -7.25
CA LYS A 314 -37.38 0.39 -8.60
C LYS A 314 -35.98 -0.21 -8.72
N LYS A 315 -35.35 -0.61 -7.62
CA LYS A 315 -34.00 -1.14 -7.72
C LYS A 315 -33.96 -2.39 -8.58
N GLU A 316 -34.95 -3.28 -8.41
CA GLU A 316 -35.05 -4.45 -9.28
C GLU A 316 -35.53 -4.05 -10.66
N LEU A 317 -36.57 -3.20 -10.74
CA LEU A 317 -37.08 -2.79 -12.03
C LEU A 317 -36.07 -1.93 -12.80
N GLY A 318 -35.45 -1.00 -12.10
CA GLY A 318 -34.44 -0.14 -12.69
C GLY A 318 -33.10 -0.33 -12.00
N LEU A 319 -32.04 -0.44 -12.80
CA LEU A 319 -30.67 -0.71 -12.39
C LEU A 319 -30.47 -2.19 -12.05
N GLU A 320 -31.53 -3.00 -11.99
CA GLU A 320 -31.41 -4.43 -11.73
C GLU A 320 -30.44 -4.70 -10.57
N LYS A 321 -30.62 -3.95 -9.49
CA LYS A 321 -29.72 -4.02 -8.34
C LYS A 321 -28.28 -3.77 -8.78
N ASP A 322 -28.07 -2.64 -9.47
CA ASP A 322 -26.76 -2.35 -10.04
C ASP A 322 -25.70 -2.21 -8.95
N ASP A 323 -26.11 -1.91 -7.72
CA ASP A 323 -25.13 -1.71 -6.65
C ASP A 323 -24.19 -2.90 -6.54
N LYS A 324 -24.74 -4.12 -6.57
CA LYS A 324 -23.91 -5.33 -6.53
C LYS A 324 -24.28 -6.29 -7.65
N ASP A 325 -25.55 -6.34 -8.02
CA ASP A 325 -26.04 -7.42 -8.88
C ASP A 325 -25.62 -7.23 -10.34
N ALA A 326 -25.56 -5.99 -10.83
CA ALA A 326 -25.15 -5.78 -12.20
C ALA A 326 -23.76 -6.37 -12.46
N ILE A 327 -22.94 -6.46 -11.42
CA ILE A 327 -21.65 -7.13 -11.55
C ILE A 327 -21.82 -8.64 -11.36
N GLU A 328 -22.49 -9.02 -10.28
CA GLU A 328 -22.62 -10.44 -9.92
C GLU A 328 -23.25 -11.24 -11.05
N GLU A 329 -24.51 -10.94 -11.37
CA GLU A 329 -25.23 -11.73 -12.36
C GLU A 329 -24.60 -11.61 -13.74
N LYS A 330 -24.10 -10.42 -14.07
CA LYS A 330 -23.48 -10.24 -15.38
C LYS A 330 -22.28 -11.17 -15.54
N PHE A 331 -21.42 -11.24 -14.53
CA PHE A 331 -20.28 -12.14 -14.60
C PHE A 331 -20.71 -13.60 -14.50
N ARG A 332 -21.77 -13.88 -13.75
CA ARG A 332 -22.29 -15.25 -13.69
C ARG A 332 -22.69 -15.72 -15.08
N GLU A 333 -23.45 -14.90 -15.80
CA GLU A 333 -23.83 -15.24 -17.16
C GLU A 333 -22.61 -15.32 -18.08
N ARG A 334 -21.68 -14.38 -17.93
CA ARG A 334 -20.46 -14.40 -18.73
C ARG A 334 -19.74 -15.73 -18.57
N LEU A 335 -19.70 -16.26 -17.34
CA LEU A 335 -19.08 -17.56 -17.12
C LEU A 335 -19.97 -18.70 -17.57
N LYS A 336 -21.28 -18.48 -17.68
CA LYS A 336 -22.21 -19.56 -17.96
C LYS A 336 -21.87 -20.25 -19.28
N GLU A 337 -21.62 -19.47 -20.34
CA GLU A 337 -21.31 -20.06 -21.63
C GLU A 337 -20.00 -20.86 -21.58
N LEU A 338 -19.15 -20.58 -20.59
CA LEU A 338 -17.87 -21.25 -20.48
C LEU A 338 -18.00 -22.57 -19.73
N VAL A 339 -17.15 -23.53 -20.12
CA VAL A 339 -17.03 -24.79 -19.38
C VAL A 339 -16.02 -24.53 -18.28
N VAL A 340 -16.52 -24.00 -17.16
CA VAL A 340 -15.67 -23.44 -16.12
C VAL A 340 -15.02 -24.57 -15.31
N PRO A 341 -13.69 -24.60 -15.19
CA PRO A 341 -13.05 -25.58 -14.31
C PRO A 341 -13.42 -25.34 -12.85
N LYS A 342 -13.38 -26.42 -12.07
CA LYS A 342 -13.78 -26.34 -10.66
C LYS A 342 -12.88 -25.40 -9.87
N HIS A 343 -11.58 -25.38 -10.18
CA HIS A 343 -10.66 -24.53 -9.44
C HIS A 343 -11.07 -23.07 -9.56
N VAL A 344 -11.10 -22.55 -10.79
CA VAL A 344 -11.51 -21.17 -11.00
C VAL A 344 -12.95 -20.98 -10.57
N MET A 345 -13.77 -22.03 -10.61
CA MET A 345 -15.15 -21.91 -10.15
C MET A 345 -15.20 -21.54 -8.67
N ASP A 346 -14.50 -22.29 -7.83
CA ASP A 346 -14.49 -21.99 -6.40
C ASP A 346 -13.79 -20.66 -6.13
N VAL A 347 -12.73 -20.36 -6.88
CA VAL A 347 -12.07 -19.07 -6.71
C VAL A 347 -13.03 -17.93 -7.00
N VAL A 348 -13.81 -18.06 -8.08
CA VAL A 348 -14.78 -17.03 -8.45
C VAL A 348 -15.86 -16.93 -7.39
N ASP A 349 -16.32 -18.07 -6.86
CA ASP A 349 -17.33 -18.01 -5.81
C ASP A 349 -16.82 -17.27 -4.59
N GLU A 350 -15.59 -17.56 -4.17
CA GLU A 350 -15.01 -16.86 -3.03
C GLU A 350 -14.87 -15.37 -3.32
N GLU A 351 -14.39 -15.03 -4.51
CA GLU A 351 -14.21 -13.62 -4.87
C GLU A 351 -15.54 -12.89 -4.89
N LEU A 352 -16.59 -13.53 -5.43
CA LEU A 352 -17.91 -12.92 -5.46
C LEU A 352 -18.45 -12.72 -4.05
N SER A 353 -18.23 -13.70 -3.16
CA SER A 353 -18.66 -13.52 -1.77
C SER A 353 -17.95 -12.34 -1.13
N LYS A 354 -16.63 -12.22 -1.36
CA LYS A 354 -15.90 -11.07 -0.82
C LYS A 354 -16.44 -9.76 -1.40
N LEU A 355 -16.71 -9.74 -2.70
CA LEU A 355 -17.23 -8.53 -3.34
C LEU A 355 -18.57 -8.13 -2.75
N GLY A 356 -19.46 -9.11 -2.55
CA GLY A 356 -20.74 -8.83 -1.92
C GLY A 356 -20.59 -8.32 -0.51
N LEU A 357 -19.66 -8.88 0.25
CA LEU A 357 -19.40 -8.38 1.61
C LEU A 357 -18.90 -6.95 1.58
N LEU A 358 -18.00 -6.63 0.65
CA LEU A 358 -17.38 -5.31 0.62
C LEU A 358 -18.33 -4.27 0.03
N ASP A 359 -18.13 -3.02 0.45
CA ASP A 359 -18.93 -1.91 -0.05
C ASP A 359 -18.50 -1.53 -1.46
N ASN A 360 -19.46 -0.99 -2.22
CA ASN A 360 -19.22 -0.73 -3.64
C ASN A 360 -18.14 0.32 -3.86
N HIS A 361 -17.97 1.26 -2.93
CA HIS A 361 -17.12 2.42 -3.14
C HIS A 361 -15.80 2.35 -2.38
N SER A 362 -15.24 1.15 -2.22
CA SER A 362 -13.99 0.98 -1.51
C SER A 362 -12.87 0.55 -2.45
N SER A 363 -11.64 0.92 -2.10
CA SER A 363 -10.48 0.55 -2.92
C SER A 363 -10.32 -0.96 -2.98
N GLU A 364 -10.50 -1.65 -1.85
CA GLU A 364 -10.44 -3.10 -1.87
C GLU A 364 -11.52 -3.68 -2.77
N PHE A 365 -12.73 -3.10 -2.71
CA PHE A 365 -13.80 -3.54 -3.59
C PHE A 365 -13.43 -3.31 -5.05
N ASN A 366 -12.79 -2.17 -5.35
CA ASN A 366 -12.40 -1.88 -6.73
C ASN A 366 -11.36 -2.88 -7.22
N VAL A 367 -10.37 -3.20 -6.39
CA VAL A 367 -9.36 -4.18 -6.80
C VAL A 367 -9.99 -5.55 -7.00
N THR A 368 -10.90 -5.94 -6.10
CA THR A 368 -11.59 -7.21 -6.24
C THR A 368 -12.38 -7.23 -7.55
N ARG A 369 -13.05 -6.13 -7.87
CA ARG A 369 -13.82 -6.06 -9.11
C ARG A 369 -12.91 -6.17 -10.33
N ASN A 370 -11.77 -5.49 -10.30
CA ASN A 370 -10.83 -5.58 -11.43
C ASN A 370 -10.34 -7.00 -11.62
N TYR A 371 -9.96 -7.66 -10.52
CA TYR A 371 -9.54 -9.06 -10.60
C TYR A 371 -10.65 -9.95 -11.13
N LEU A 372 -11.88 -9.72 -10.68
CA LEU A 372 -13.00 -10.53 -11.13
C LEU A 372 -13.26 -10.33 -12.61
N ASP A 373 -13.18 -9.09 -13.10
CA ASP A 373 -13.35 -8.84 -14.52
C ASP A 373 -12.28 -9.56 -15.32
N TRP A 374 -11.02 -9.46 -14.87
CA TRP A 374 -9.93 -10.12 -15.58
C TRP A 374 -10.15 -11.63 -15.62
N LEU A 375 -10.56 -12.21 -14.49
CA LEU A 375 -10.74 -13.65 -14.42
C LEU A 375 -11.89 -14.11 -15.31
N THR A 376 -13.06 -13.47 -15.18
CA THR A 376 -14.22 -13.88 -15.96
C THR A 376 -14.02 -13.63 -17.44
N SER A 377 -13.19 -12.65 -17.81
CA SER A 377 -12.93 -12.40 -19.22
C SER A 377 -12.15 -13.53 -19.87
N ILE A 378 -11.45 -14.34 -19.07
CA ILE A 378 -10.64 -15.41 -19.66
C ILE A 378 -11.56 -16.49 -20.21
N PRO A 379 -11.45 -16.87 -21.48
CA PRO A 379 -12.27 -17.97 -21.99
C PRO A 379 -11.91 -19.27 -21.31
N TRP A 380 -12.94 -20.08 -21.01
CA TRP A 380 -12.75 -21.37 -20.36
C TRP A 380 -13.58 -22.40 -21.10
N GLY A 381 -12.91 -23.44 -21.61
CA GLY A 381 -13.56 -24.47 -22.39
C GLY A 381 -13.80 -24.11 -23.85
N LYS A 382 -13.58 -22.86 -24.24
CA LYS A 382 -13.75 -22.46 -25.62
C LYS A 382 -12.52 -22.84 -26.44
N TYR A 383 -12.72 -23.69 -27.44
CA TYR A 383 -11.64 -24.20 -28.27
C TYR A 383 -12.02 -23.97 -29.73
N SER A 384 -11.32 -23.06 -30.40
CA SER A 384 -11.61 -22.75 -31.78
C SER A 384 -11.52 -24.00 -32.64
N ASN A 385 -12.50 -24.18 -33.52
CA ASN A 385 -12.52 -25.34 -34.39
C ASN A 385 -11.25 -25.36 -35.25
N GLU A 386 -10.60 -26.51 -35.30
CA GLU A 386 -9.38 -26.68 -36.06
C GLU A 386 -9.70 -27.13 -37.48
N ASN A 387 -8.81 -26.77 -38.40
CA ASN A 387 -8.99 -27.20 -39.79
C ASN A 387 -8.52 -28.64 -39.95
N LEU A 388 -9.30 -29.41 -40.71
CA LEU A 388 -9.00 -30.81 -40.98
C LEU A 388 -8.76 -31.13 -42.44
N ASP A 389 -9.36 -30.36 -43.36
CA ASP A 389 -9.16 -30.63 -44.78
C ASP A 389 -7.71 -30.37 -45.16
N LEU A 390 -6.97 -31.45 -45.37
CA LEU A 390 -5.55 -31.34 -45.72
C LEU A 390 -5.36 -30.66 -47.07
N ALA A 391 -6.20 -30.97 -48.06
CA ALA A 391 -6.07 -30.34 -49.36
C ALA A 391 -6.24 -28.82 -49.27
N ARG A 392 -7.26 -28.37 -48.52
CA ARG A 392 -7.51 -26.94 -48.40
C ARG A 392 -6.34 -26.24 -47.72
N ALA A 393 -5.86 -26.80 -46.60
CA ALA A 393 -4.75 -26.18 -45.89
C ALA A 393 -3.49 -26.16 -46.74
N GLN A 394 -3.23 -27.25 -47.47
CA GLN A 394 -2.05 -27.30 -48.32
C GLN A 394 -2.14 -26.26 -49.43
N ALA A 395 -3.32 -26.11 -50.03
CA ALA A 395 -3.50 -25.09 -51.06
C ALA A 395 -3.29 -23.69 -50.48
N VAL A 396 -3.84 -23.43 -49.30
CA VAL A 396 -3.68 -22.13 -48.68
C VAL A 396 -2.20 -21.84 -48.43
N LEU A 397 -1.48 -22.83 -47.91
CA LEU A 397 -0.06 -22.64 -47.63
C LEU A 397 0.72 -22.40 -48.92
N GLU A 398 0.48 -23.22 -49.94
CA GLU A 398 1.21 -23.08 -51.19
C GLU A 398 0.92 -21.75 -51.87
N GLU A 399 -0.30 -21.22 -51.70
CA GLU A 399 -0.68 -19.96 -52.32
C GLU A 399 -0.06 -18.75 -51.64
N ASP A 400 0.45 -18.92 -50.42
CA ASP A 400 0.97 -17.80 -49.64
C ASP A 400 2.48 -17.80 -49.47
N HIS A 401 3.16 -18.91 -49.78
CA HIS A 401 4.60 -18.98 -49.55
C HIS A 401 5.20 -19.99 -50.53
N TYR A 402 5.96 -19.48 -51.49
CA TYR A 402 6.66 -20.35 -52.43
C TYR A 402 7.88 -20.99 -51.76
N GLY A 403 8.23 -22.19 -52.23
CA GLY A 403 9.45 -22.82 -51.76
C GLY A 403 9.37 -23.22 -50.29
N MET A 404 10.53 -23.40 -49.68
CA MET A 404 10.65 -23.83 -48.30
C MET A 404 9.71 -25.00 -48.03
N GLU A 405 9.66 -25.90 -49.01
CA GLU A 405 8.69 -27.00 -48.99
C GLU A 405 8.86 -27.88 -47.77
N ASP A 406 10.05 -27.88 -47.15
CA ASP A 406 10.25 -28.71 -45.97
C ASP A 406 9.31 -28.31 -44.84
N VAL A 407 9.17 -27.01 -44.60
CA VAL A 407 8.27 -26.54 -43.55
C VAL A 407 6.82 -26.87 -43.89
N LYS A 408 6.44 -26.71 -45.16
CA LYS A 408 5.10 -27.07 -45.59
C LYS A 408 4.82 -28.54 -45.30
N LYS A 409 5.75 -29.41 -45.69
CA LYS A 409 5.58 -30.84 -45.44
C LYS A 409 5.49 -31.13 -43.95
N ARG A 410 6.31 -30.46 -43.15
CA ARG A 410 6.31 -30.71 -41.72
C ARG A 410 4.96 -30.33 -41.11
N ILE A 411 4.45 -29.14 -41.46
CA ILE A 411 3.18 -28.70 -40.89
C ILE A 411 2.04 -29.58 -41.39
N LEU A 412 2.12 -30.04 -42.64
CA LEU A 412 1.07 -30.91 -43.17
C LEU A 412 1.09 -32.27 -42.47
N GLU A 413 2.28 -32.79 -42.18
CA GLU A 413 2.37 -34.03 -41.40
C GLU A 413 1.81 -33.81 -40.00
N PHE A 414 2.05 -32.63 -39.42
CA PHE A 414 1.44 -32.32 -38.14
C PHE A 414 -0.08 -32.34 -38.24
N ILE A 415 -0.61 -31.76 -39.31
CA ILE A 415 -2.06 -31.79 -39.54
C ILE A 415 -2.55 -33.23 -39.58
N ALA A 416 -1.86 -34.08 -40.35
CA ALA A 416 -2.28 -35.46 -40.51
C ALA A 416 -2.29 -36.20 -39.17
N VAL A 417 -1.19 -36.09 -38.42
CA VAL A 417 -1.09 -36.81 -37.16
C VAL A 417 -2.13 -36.30 -36.17
N SER A 418 -2.32 -34.98 -36.10
CA SER A 418 -3.30 -34.43 -35.18
C SER A 418 -4.70 -34.90 -35.53
N GLN A 419 -5.05 -34.90 -36.81
CA GLN A 419 -6.37 -35.37 -37.21
C GLN A 419 -6.55 -36.85 -36.88
N LEU A 420 -5.53 -37.66 -37.18
CA LEU A 420 -5.65 -39.10 -36.94
C LEU A 420 -5.81 -39.41 -35.46
N ARG A 421 -5.06 -38.73 -34.61
CA ARG A 421 -5.11 -38.98 -33.16
C ARG A 421 -6.17 -38.11 -32.49
N GLY A 422 -7.40 -38.20 -32.98
CA GLY A 422 -8.50 -37.48 -32.38
C GLY A 422 -8.25 -35.99 -32.25
N SER A 423 -8.09 -35.53 -31.01
CA SER A 423 -7.84 -34.11 -30.77
C SER A 423 -6.55 -33.67 -31.46
N THR A 424 -6.36 -32.36 -31.48
CA THR A 424 -5.20 -31.73 -32.13
C THR A 424 -4.31 -31.16 -31.04
N GLN A 425 -3.18 -31.82 -30.80
CA GLN A 425 -2.24 -31.37 -29.78
C GLN A 425 -1.36 -30.24 -30.30
N GLY A 426 -1.02 -29.33 -29.40
CA GLY A 426 -0.09 -28.27 -29.71
C GLY A 426 1.33 -28.62 -29.32
N LYS A 427 2.17 -28.93 -30.29
CA LYS A 427 3.56 -29.31 -30.07
C LYS A 427 4.48 -28.24 -30.63
N ILE A 428 5.52 -27.91 -29.87
CA ILE A 428 6.37 -26.77 -30.17
C ILE A 428 7.40 -27.16 -31.24
N LEU A 429 7.78 -26.16 -32.04
CA LEU A 429 8.85 -26.31 -33.01
C LEU A 429 9.43 -24.92 -33.28
N CYS A 430 10.71 -24.88 -33.62
CA CYS A 430 11.44 -23.62 -33.74
C CYS A 430 11.97 -23.47 -35.17
N PHE A 431 11.55 -22.40 -35.83
CA PHE A 431 12.15 -22.03 -37.11
C PHE A 431 13.42 -21.23 -36.86
N TYR A 432 14.49 -21.57 -37.59
CA TYR A 432 15.74 -20.84 -37.44
C TYR A 432 16.41 -20.69 -38.79
N GLY A 433 16.90 -19.48 -39.05
CA GLY A 433 17.55 -19.16 -40.30
C GLY A 433 17.94 -17.69 -40.37
N PRO A 434 18.43 -17.25 -41.52
CA PRO A 434 18.81 -15.84 -41.69
C PRO A 434 17.61 -14.94 -41.55
N PRO A 435 17.81 -13.62 -41.59
CA PRO A 435 16.69 -12.69 -41.52
C PRO A 435 16.10 -12.42 -42.91
N GLY A 436 14.88 -11.88 -42.89
CA GLY A 436 14.19 -11.61 -44.14
C GLY A 436 13.90 -12.85 -44.96
N VAL A 437 13.51 -13.94 -44.30
CA VAL A 437 13.25 -15.20 -45.01
C VAL A 437 11.76 -15.54 -45.08
N GLY A 438 10.97 -15.10 -44.11
CA GLY A 438 9.55 -15.39 -44.08
C GLY A 438 9.06 -16.10 -42.84
N LYS A 439 9.81 -16.03 -41.74
CA LYS A 439 9.39 -16.73 -40.53
C LYS A 439 8.06 -16.19 -40.00
N THR A 440 7.96 -14.88 -39.81
CA THR A 440 6.72 -14.29 -39.33
C THR A 440 5.60 -14.47 -40.36
N SER A 441 5.91 -14.28 -41.64
CA SER A 441 4.89 -14.41 -42.67
C SER A 441 4.35 -15.84 -42.72
N ILE A 442 5.23 -16.84 -42.66
CA ILE A 442 4.75 -18.21 -42.68
C ILE A 442 4.06 -18.56 -41.38
N ALA A 443 4.45 -17.95 -40.26
CA ALA A 443 3.70 -18.14 -39.03
C ALA A 443 2.27 -17.68 -39.21
N ARG A 444 2.08 -16.50 -39.80
CA ARG A 444 0.73 -16.00 -40.04
C ARG A 444 -0.03 -16.91 -41.01
N SER A 445 0.64 -17.36 -42.07
CA SER A 445 -0.02 -18.21 -43.05
C SER A 445 -0.43 -19.54 -42.45
N ILE A 446 0.43 -20.13 -41.62
CA ILE A 446 0.10 -21.39 -40.96
C ILE A 446 -1.05 -21.17 -39.98
N ALA A 447 -1.06 -20.06 -39.27
CA ALA A 447 -2.17 -19.76 -38.37
C ALA A 447 -3.47 -19.69 -39.15
N ARG A 448 -3.45 -19.03 -40.32
CA ARG A 448 -4.66 -18.95 -41.14
C ARG A 448 -5.09 -20.33 -41.62
N ALA A 449 -4.16 -21.09 -42.21
CA ALA A 449 -4.52 -22.38 -42.79
C ALA A 449 -5.03 -23.35 -41.73
N LEU A 450 -4.35 -23.43 -40.59
CA LEU A 450 -4.78 -24.28 -39.51
C LEU A 450 -6.09 -23.80 -38.89
N ASN A 451 -6.50 -22.57 -39.18
CA ASN A 451 -7.75 -21.96 -38.76
C ASN A 451 -7.72 -21.52 -37.30
N ARG A 452 -6.68 -21.85 -36.54
CA ARG A 452 -6.57 -21.33 -35.19
C ARG A 452 -6.06 -19.89 -35.23
N GLU A 453 -6.45 -19.13 -34.22
CA GLU A 453 -6.15 -17.70 -34.21
C GLU A 453 -4.65 -17.44 -34.14
N TYR A 454 -4.22 -16.33 -34.72
CA TYR A 454 -2.83 -15.92 -34.73
C TYR A 454 -2.56 -14.88 -33.66
N PHE A 455 -1.32 -14.88 -33.16
CA PHE A 455 -0.85 -13.83 -32.27
C PHE A 455 0.67 -13.87 -32.26
N ARG A 456 1.31 -12.72 -32.31
CA ARG A 456 2.76 -12.63 -32.29
C ARG A 456 3.24 -12.14 -30.92
N PHE A 457 4.44 -12.58 -30.56
CA PHE A 457 5.02 -12.26 -29.27
C PHE A 457 6.52 -12.10 -29.43
N SER A 458 7.07 -11.05 -28.84
CA SER A 458 8.48 -10.72 -28.96
C SER A 458 9.13 -10.83 -27.58
N VAL A 459 10.22 -11.61 -27.50
CA VAL A 459 10.97 -11.72 -26.27
C VAL A 459 12.39 -11.19 -26.42
N GLY A 460 12.80 -10.80 -27.63
CA GLY A 460 14.15 -10.33 -27.86
C GLY A 460 14.56 -9.19 -26.95
N GLY A 461 15.57 -9.43 -26.12
CA GLY A 461 16.04 -8.43 -25.19
C GLY A 461 15.22 -8.29 -23.93
N MET A 462 14.19 -9.12 -23.75
CA MET A 462 13.35 -9.01 -22.57
C MET A 462 14.17 -9.37 -21.34
N THR A 463 13.91 -8.65 -20.24
CA THR A 463 14.66 -8.85 -19.01
C THR A 463 13.75 -9.01 -17.80
N ASP A 464 12.54 -8.46 -17.88
CA ASP A 464 11.60 -8.46 -16.75
C ASP A 464 10.64 -9.64 -16.93
N VAL A 465 10.81 -10.67 -16.10
CA VAL A 465 9.95 -11.84 -16.18
C VAL A 465 8.51 -11.51 -15.85
N ALA A 466 8.26 -10.37 -15.20
CA ALA A 466 6.90 -10.04 -14.77
C ALA A 466 5.97 -9.93 -15.96
N GLU A 467 6.44 -9.37 -17.07
CA GLU A 467 5.59 -9.26 -18.26
C GLU A 467 5.08 -10.63 -18.68
N ILE A 468 5.85 -11.69 -18.44
CA ILE A 468 5.38 -13.05 -18.69
C ILE A 468 4.63 -13.63 -17.50
N LYS A 469 4.75 -13.02 -16.32
CA LYS A 469 4.10 -13.51 -15.11
C LYS A 469 3.16 -12.51 -14.46
N GLY A 470 3.05 -11.29 -14.98
CA GLY A 470 2.21 -10.30 -14.35
C GLY A 470 2.72 -9.90 -12.98
N HIS A 471 1.80 -9.42 -12.15
CA HIS A 471 2.10 -9.04 -10.77
C HIS A 471 0.99 -9.57 -9.87
N ARG A 472 1.32 -9.75 -8.59
CA ARG A 472 0.44 -10.42 -7.64
C ARG A 472 -0.92 -9.76 -7.50
N ARG A 473 -1.15 -8.61 -8.13
CA ARG A 473 -2.38 -7.83 -8.13
C ARG A 473 -2.54 -7.05 -6.82
N THR A 474 -1.71 -7.29 -5.81
CA THR A 474 -1.72 -6.45 -4.61
C THR A 474 -0.86 -5.21 -4.77
N TYR A 475 0.17 -5.27 -5.61
CA TYR A 475 0.84 -4.06 -6.04
C TYR A 475 -0.15 -3.11 -6.69
N VAL A 476 -0.05 -1.83 -6.34
CA VAL A 476 -0.78 -0.81 -7.08
C VAL A 476 -0.15 -0.68 -8.46
N GLY A 477 -0.97 -0.75 -9.50
CA GLY A 477 -0.46 -0.76 -10.85
C GLY A 477 0.02 -2.14 -11.26
N ALA A 478 -0.81 -3.15 -11.03
CA ALA A 478 -0.48 -4.54 -11.31
C ALA A 478 -1.35 -5.08 -12.43
N MET A 479 -0.73 -5.80 -13.35
CA MET A 479 -1.39 -6.35 -14.53
C MET A 479 -1.01 -7.82 -14.67
N PRO A 480 -1.84 -8.61 -15.33
CA PRO A 480 -1.53 -10.04 -15.51
C PRO A 480 -0.46 -10.25 -16.57
N GLY A 481 0.00 -11.49 -16.66
CA GLY A 481 1.01 -11.83 -17.63
C GLY A 481 0.54 -11.59 -19.05
N LYS A 482 1.49 -11.24 -19.92
CA LYS A 482 1.13 -10.91 -21.30
C LYS A 482 0.50 -12.10 -22.01
N ILE A 483 0.76 -13.32 -21.55
CA ILE A 483 0.10 -14.48 -22.11
C ILE A 483 -1.39 -14.48 -21.76
N ILE A 484 -1.71 -14.03 -20.54
CA ILE A 484 -3.12 -13.88 -20.18
C ILE A 484 -3.79 -12.83 -21.07
N GLN A 485 -3.07 -11.75 -21.37
CA GLN A 485 -3.60 -10.77 -22.31
C GLN A 485 -3.81 -11.39 -23.68
N CYS A 486 -2.87 -12.21 -24.13
CA CYS A 486 -3.04 -12.94 -25.39
C CYS A 486 -4.31 -13.78 -25.37
N LEU A 487 -4.51 -14.56 -24.31
CA LEU A 487 -5.67 -15.44 -24.26
C LEU A 487 -6.96 -14.63 -24.24
N LYS A 488 -6.99 -13.54 -23.47
CA LYS A 488 -8.20 -12.72 -23.38
C LYS A 488 -8.52 -12.07 -24.73
N LYS A 489 -7.49 -11.54 -25.40
CA LYS A 489 -7.71 -10.91 -26.70
C LYS A 489 -8.16 -11.93 -27.73
N THR A 490 -7.50 -13.09 -27.76
CA THR A 490 -7.81 -14.11 -28.76
C THR A 490 -9.17 -14.74 -28.51
N LYS A 491 -9.60 -14.86 -27.26
CA LYS A 491 -10.89 -15.43 -26.88
C LYS A 491 -10.93 -16.94 -27.05
N THR A 492 -9.82 -17.56 -27.43
CA THR A 492 -9.76 -19.00 -27.62
C THR A 492 -8.62 -19.56 -26.76
N GLU A 493 -8.76 -20.83 -26.39
CA GLU A 493 -7.80 -21.49 -25.51
C GLU A 493 -6.79 -22.34 -26.27
N ASN A 494 -6.77 -22.27 -27.61
CA ASN A 494 -5.76 -22.96 -28.39
C ASN A 494 -5.20 -22.05 -29.48
N PRO A 495 -4.79 -20.82 -29.14
CA PRO A 495 -4.23 -19.92 -30.16
C PRO A 495 -2.84 -20.35 -30.59
N LEU A 496 -2.34 -19.68 -31.64
CA LEU A 496 -1.01 -19.94 -32.18
C LEU A 496 -0.08 -18.83 -31.70
N ILE A 497 0.47 -19.01 -30.50
CA ILE A 497 1.41 -18.05 -29.96
C ILE A 497 2.73 -18.16 -30.70
N LEU A 498 3.30 -17.01 -31.08
CA LEU A 498 4.54 -16.95 -31.83
C LEU A 498 5.54 -16.12 -31.04
N ILE A 499 6.47 -16.80 -30.35
CA ILE A 499 7.59 -16.10 -29.72
C ILE A 499 8.58 -15.70 -30.80
N ASP A 500 9.19 -14.53 -30.62
CA ASP A 500 10.10 -13.98 -31.62
C ASP A 500 11.43 -13.63 -30.98
N GLU A 501 12.50 -13.83 -31.74
CA GLU A 501 13.86 -13.52 -31.28
C GLU A 501 14.15 -14.20 -29.94
N VAL A 502 13.88 -15.50 -29.88
CA VAL A 502 14.09 -16.25 -28.64
C VAL A 502 15.56 -16.21 -28.24
N ASP A 503 16.46 -16.36 -29.21
CA ASP A 503 17.88 -16.45 -28.91
C ASP A 503 18.47 -15.15 -28.36
N LYS A 504 17.74 -14.04 -28.44
CA LYS A 504 18.23 -12.76 -27.97
C LYS A 504 18.02 -12.54 -26.48
N ILE A 505 17.44 -13.51 -25.77
CA ILE A 505 17.17 -13.35 -24.35
C ILE A 505 18.48 -13.26 -23.58
N GLY A 506 18.63 -12.22 -22.77
CA GLY A 506 19.84 -12.06 -21.98
C GLY A 506 19.89 -12.91 -20.73
N ARG A 507 18.74 -13.22 -20.15
CA ARG A 507 18.66 -14.02 -18.92
C ARG A 507 19.59 -13.43 -17.85
N GLY A 508 19.52 -12.11 -17.70
CA GLY A 508 20.46 -11.37 -16.87
C GLY A 508 19.99 -11.13 -15.46
N TYR A 509 20.51 -10.06 -14.86
CA TYR A 509 20.26 -9.75 -13.47
C TYR A 509 18.77 -9.57 -13.20
N GLN A 510 18.29 -10.17 -12.10
CA GLN A 510 16.94 -9.94 -11.59
C GLN A 510 15.89 -10.43 -12.58
N GLY A 511 16.31 -10.98 -13.71
CA GLY A 511 15.39 -11.35 -14.77
C GLY A 511 15.30 -12.85 -14.96
N ASP A 512 16.07 -13.37 -15.90
CA ASP A 512 16.07 -14.79 -16.23
C ASP A 512 14.68 -15.21 -16.72
N PRO A 513 14.14 -14.53 -17.73
CA PRO A 513 12.87 -15.01 -18.32
C PRO A 513 13.00 -16.35 -19.02
N SER A 514 14.24 -16.81 -19.25
CA SER A 514 14.43 -18.13 -19.85
C SER A 514 13.80 -19.22 -19.00
N SER A 515 13.84 -19.07 -17.68
CA SER A 515 13.16 -20.03 -16.81
C SER A 515 11.65 -20.03 -17.05
N ALA A 516 11.07 -18.83 -17.18
CA ALA A 516 9.64 -18.74 -17.47
C ALA A 516 9.32 -19.39 -18.81
N LEU A 517 10.18 -19.18 -19.82
CA LEU A 517 9.99 -19.85 -21.10
C LEU A 517 10.03 -21.36 -20.92
N LEU A 518 11.09 -21.87 -20.29
CA LEU A 518 11.18 -23.31 -20.06
C LEU A 518 9.92 -23.85 -19.40
N GLU A 519 9.35 -23.08 -18.46
CA GLU A 519 8.09 -23.49 -17.85
C GLU A 519 6.97 -23.53 -18.89
N LEU A 520 6.89 -22.51 -19.75
CA LEU A 520 5.81 -22.43 -20.73
C LEU A 520 5.90 -23.55 -21.76
N LEU A 521 7.08 -23.72 -22.36
CA LEU A 521 7.30 -24.74 -23.37
C LEU A 521 7.33 -26.15 -22.80
N ASP A 522 7.34 -26.29 -21.49
CA ASP A 522 7.35 -27.62 -20.88
C ASP A 522 6.12 -28.39 -21.35
N PRO A 523 6.29 -29.59 -21.92
CA PRO A 523 5.12 -30.28 -22.49
C PRO A 523 4.01 -30.55 -21.49
N GLU A 524 4.32 -30.75 -20.21
CA GLU A 524 3.31 -31.08 -19.21
C GLU A 524 3.04 -29.97 -18.21
N GLN A 525 4.07 -29.24 -17.77
CA GLN A 525 3.83 -28.15 -16.81
C GLN A 525 2.93 -27.08 -17.41
N ASN A 526 3.02 -26.86 -18.72
CA ASN A 526 2.12 -25.90 -19.36
C ASN A 526 0.67 -26.27 -19.14
N ALA A 527 0.36 -27.56 -19.00
CA ALA A 527 -1.01 -27.99 -18.76
C ALA A 527 -1.56 -27.45 -17.44
N ASN A 528 -0.68 -27.03 -16.53
CA ASN A 528 -1.11 -26.42 -15.27
C ASN A 528 -0.33 -25.15 -14.99
N PHE A 529 0.05 -24.43 -16.06
CA PHE A 529 0.79 -23.19 -15.89
C PHE A 529 -0.06 -22.16 -15.14
N LEU A 530 0.61 -21.33 -14.35
CA LEU A 530 -0.03 -20.25 -13.62
C LEU A 530 0.90 -19.05 -13.60
N ASP A 531 0.30 -17.86 -13.47
CA ASP A 531 1.04 -16.62 -13.38
C ASP A 531 0.93 -16.05 -11.97
N HIS A 532 1.73 -15.02 -11.70
CA HIS A 532 1.73 -14.41 -10.38
C HIS A 532 0.46 -13.61 -10.13
N TYR A 533 -0.15 -13.04 -11.19
CA TYR A 533 -1.36 -12.26 -11.03
C TYR A 533 -2.57 -13.18 -10.82
N LEU A 534 -2.87 -14.00 -11.83
CA LEU A 534 -3.88 -15.05 -11.72
C LEU A 534 -3.16 -16.37 -11.44
N ASP A 535 -3.14 -16.77 -10.18
CA ASP A 535 -2.43 -17.96 -9.76
C ASP A 535 -3.19 -19.26 -10.06
N VAL A 536 -4.42 -19.16 -10.55
CA VAL A 536 -5.16 -20.38 -10.90
C VAL A 536 -4.47 -21.06 -12.07
N PRO A 537 -4.19 -22.36 -12.00
CA PRO A 537 -3.52 -23.03 -13.13
C PRO A 537 -4.35 -22.95 -14.39
N VAL A 538 -3.65 -22.89 -15.53
CA VAL A 538 -4.28 -22.80 -16.84
C VAL A 538 -3.66 -23.84 -17.75
N ASP A 539 -4.48 -24.47 -18.59
CA ASP A 539 -4.01 -25.50 -19.50
C ASP A 539 -3.46 -24.86 -20.78
N LEU A 540 -2.27 -25.29 -21.19
CA LEU A 540 -1.63 -24.79 -22.40
C LEU A 540 -1.06 -25.94 -23.23
N SER A 541 -1.73 -27.08 -23.21
CA SER A 541 -1.26 -28.22 -23.99
C SER A 541 -1.57 -28.08 -25.47
N LYS A 542 -2.69 -27.42 -25.80
CA LYS A 542 -3.10 -27.32 -27.20
C LYS A 542 -2.45 -26.13 -27.92
N VAL A 543 -1.99 -25.13 -27.18
CA VAL A 543 -1.34 -23.98 -27.81
C VAL A 543 -0.10 -24.46 -28.55
N LEU A 544 0.03 -24.03 -29.81
CA LEU A 544 1.13 -24.45 -30.68
C LEU A 544 2.12 -23.30 -30.77
N PHE A 545 3.12 -23.33 -29.90
CA PHE A 545 4.14 -22.29 -29.89
C PHE A 545 5.02 -22.39 -31.13
N ILE A 546 5.50 -21.23 -31.59
CA ILE A 546 6.47 -21.15 -32.66
C ILE A 546 7.61 -20.25 -32.19
N CYS A 547 8.84 -20.74 -32.34
CA CYS A 547 10.03 -20.03 -31.90
C CYS A 547 10.87 -19.68 -33.11
N THR A 548 11.25 -18.40 -33.21
CA THR A 548 12.08 -17.91 -34.31
C THR A 548 13.39 -17.36 -33.75
N ALA A 549 14.49 -17.80 -34.33
CA ALA A 549 15.81 -17.35 -33.91
C ALA A 549 16.73 -17.30 -35.12
N ASN A 550 17.63 -16.32 -35.13
CA ASN A 550 18.57 -16.17 -36.22
C ASN A 550 19.70 -17.18 -36.17
N VAL A 551 19.94 -17.79 -35.01
CA VAL A 551 20.99 -18.79 -34.87
C VAL A 551 20.63 -19.68 -33.69
N THR A 552 21.09 -20.92 -33.73
CA THR A 552 20.75 -21.93 -32.72
C THR A 552 21.74 -22.00 -31.57
N ASP A 553 22.82 -21.22 -31.60
CA ASP A 553 23.86 -21.36 -30.59
C ASP A 553 23.49 -20.62 -29.31
N THR A 554 23.26 -19.31 -29.41
CA THR A 554 23.05 -18.50 -28.21
C THR A 554 21.78 -18.90 -27.46
N ILE A 555 20.86 -19.61 -28.11
CA ILE A 555 19.65 -20.03 -27.41
C ILE A 555 20.02 -20.98 -26.28
N PRO A 556 19.37 -20.91 -25.12
CA PRO A 556 19.76 -21.80 -24.02
C PRO A 556 19.61 -23.27 -24.38
N GLU A 557 20.55 -24.08 -23.90
CA GLU A 557 20.48 -25.51 -24.17
C GLU A 557 19.24 -26.17 -23.58
N PRO A 558 18.87 -25.93 -22.31
CA PRO A 558 17.62 -26.50 -21.82
C PRO A 558 16.42 -26.08 -22.63
N LEU A 559 16.41 -24.83 -23.10
CA LEU A 559 15.37 -24.39 -24.03
C LEU A 559 15.56 -25.06 -25.39
N ARG A 560 16.80 -25.19 -25.84
CA ARG A 560 17.07 -25.72 -27.18
C ARG A 560 16.53 -27.14 -27.34
N ASP A 561 16.75 -27.98 -26.33
CA ASP A 561 16.43 -29.39 -26.47
C ASP A 561 14.94 -29.68 -26.46
N ARG A 562 14.09 -28.69 -26.20
CA ARG A 562 12.67 -28.92 -25.94
C ARG A 562 11.81 -28.92 -27.21
N MET A 563 12.38 -28.64 -28.38
CA MET A 563 11.59 -28.74 -29.61
C MET A 563 12.53 -28.92 -30.79
N GLU A 564 12.01 -29.57 -31.83
CA GLU A 564 12.75 -29.71 -33.08
C GLU A 564 12.92 -28.36 -33.76
N MET A 565 14.03 -28.23 -34.49
CA MET A 565 14.38 -26.99 -35.17
C MET A 565 14.39 -27.23 -36.67
N ILE A 566 13.77 -26.31 -37.41
CA ILE A 566 13.62 -26.40 -38.86
C ILE A 566 14.36 -25.23 -39.49
N ASN A 567 15.19 -25.54 -40.50
CA ASN A 567 15.97 -24.53 -41.20
C ASN A 567 15.14 -23.93 -42.34
N VAL A 568 14.44 -22.84 -42.01
CA VAL A 568 13.82 -22.00 -43.02
C VAL A 568 14.88 -20.98 -43.43
N SER A 569 15.40 -21.10 -44.65
CA SER A 569 16.58 -20.32 -45.02
C SER A 569 16.89 -20.52 -46.49
N GLY A 570 17.64 -19.59 -47.04
CA GLY A 570 18.20 -19.72 -48.37
C GLY A 570 17.29 -19.28 -49.49
N TYR A 571 17.75 -18.33 -50.30
CA TYR A 571 17.02 -17.87 -51.47
C TYR A 571 18.05 -17.48 -52.54
N VAL A 572 18.34 -18.41 -53.45
CA VAL A 572 19.33 -18.16 -54.50
C VAL A 572 18.74 -17.14 -55.47
N ALA A 573 19.59 -16.61 -56.36
CA ALA A 573 19.16 -15.53 -57.24
C ALA A 573 17.89 -15.89 -58.01
N GLN A 574 17.85 -17.08 -58.61
CA GLN A 574 16.67 -17.48 -59.36
C GLN A 574 15.46 -17.62 -58.43
N GLU A 575 15.67 -18.24 -57.27
CA GLU A 575 14.59 -18.35 -56.28
C GLU A 575 14.12 -16.97 -55.84
N LYS A 576 15.06 -16.05 -55.60
CA LYS A 576 14.68 -14.70 -55.20
C LYS A 576 13.87 -14.02 -56.29
N LEU A 577 14.27 -14.17 -57.55
CA LEU A 577 13.52 -13.57 -58.65
C LEU A 577 12.11 -14.14 -58.72
N ALA A 578 11.98 -15.46 -58.60
CA ALA A 578 10.65 -16.07 -58.64
C ALA A 578 9.78 -15.52 -57.51
N ILE A 579 10.32 -15.51 -56.28
CA ILE A 579 9.55 -15.01 -55.14
C ILE A 579 9.13 -13.58 -55.38
N ALA A 580 10.08 -12.75 -55.85
CA ALA A 580 9.79 -11.33 -56.03
C ALA A 580 8.70 -11.12 -57.06
N GLU A 581 8.79 -11.79 -58.21
CA GLU A 581 7.83 -11.54 -59.28
C GLU A 581 6.45 -12.09 -58.93
N ARG A 582 6.38 -13.25 -58.28
CA ARG A 582 5.08 -13.84 -58.01
C ARG A 582 4.43 -13.33 -56.73
N TYR A 583 5.20 -12.94 -55.72
CA TYR A 583 4.65 -12.54 -54.44
C TYR A 583 4.95 -11.10 -54.06
N LEU A 584 6.22 -10.70 -54.04
CA LEU A 584 6.56 -9.37 -53.50
C LEU A 584 6.01 -8.27 -54.40
N VAL A 585 6.22 -8.40 -55.72
CA VAL A 585 5.71 -7.37 -56.63
C VAL A 585 4.19 -7.29 -56.57
N PRO A 586 3.43 -8.37 -56.75
CA PRO A 586 1.97 -8.26 -56.61
C PRO A 586 1.54 -7.85 -55.21
N GLN A 587 2.22 -8.31 -54.16
CA GLN A 587 1.83 -7.94 -52.81
C GLN A 587 1.96 -6.44 -52.60
N ALA A 588 3.14 -5.90 -52.90
CA ALA A 588 3.36 -4.47 -52.77
C ALA A 588 2.49 -3.66 -53.73
N ARG A 589 2.12 -4.23 -54.87
CA ARG A 589 1.26 -3.53 -55.82
C ARG A 589 -0.17 -3.44 -55.28
N ALA A 590 -0.69 -4.55 -54.76
CA ALA A 590 -2.03 -4.53 -54.17
C ALA A 590 -2.07 -3.63 -52.94
N LEU A 591 -1.05 -3.72 -52.08
CA LEU A 591 -0.90 -2.73 -51.02
C LEU A 591 -0.75 -1.33 -51.59
N CYS A 592 -0.34 -1.22 -52.86
CA CYS A 592 -0.13 0.06 -53.50
C CYS A 592 -1.33 0.51 -54.33
N GLY A 593 -2.27 -0.38 -54.63
CA GLY A 593 -3.43 -0.03 -55.40
C GLY A 593 -3.19 0.22 -56.87
N LEU A 594 -1.93 0.38 -57.30
CA LEU A 594 -1.66 0.62 -58.71
C LEU A 594 -2.09 -0.58 -59.53
N ASP A 595 -2.80 -0.32 -60.63
CA ASP A 595 -3.22 -1.39 -61.52
C ASP A 595 -2.01 -2.02 -62.20
N GLU A 596 -2.13 -3.31 -62.52
CA GLU A 596 -1.03 -4.02 -63.16
C GLU A 596 -0.58 -3.35 -64.45
N SER A 597 -1.51 -2.80 -65.23
CA SER A 597 -1.15 -2.14 -66.48
C SER A 597 -0.33 -0.89 -66.23
N LYS A 598 -0.70 -0.10 -65.22
CA LYS A 598 -0.02 1.17 -64.99
C LYS A 598 1.46 0.96 -64.66
N ALA A 599 1.76 -0.02 -63.82
CA ALA A 599 3.13 -0.30 -63.38
C ALA A 599 3.54 -1.65 -63.95
N LYS A 600 4.47 -1.62 -64.91
CA LYS A 600 5.01 -2.83 -65.49
C LYS A 600 6.47 -3.00 -65.05
N LEU A 601 6.79 -4.19 -64.54
CA LEU A 601 8.13 -4.48 -64.02
C LEU A 601 8.61 -5.75 -64.71
N SER A 602 9.48 -5.58 -65.70
CA SER A 602 10.01 -6.72 -66.43
C SER A 602 10.87 -7.59 -65.51
N SER A 603 10.80 -8.91 -65.73
CA SER A 603 11.61 -9.83 -64.93
C SER A 603 13.10 -9.53 -65.07
N ASP A 604 13.51 -9.00 -66.22
CA ASP A 604 14.91 -8.62 -66.40
C ASP A 604 15.30 -7.52 -65.42
N VAL A 605 14.40 -6.55 -65.21
CA VAL A 605 14.68 -5.48 -64.26
C VAL A 605 14.84 -6.04 -62.87
N LEU A 606 13.97 -6.98 -62.48
CA LEU A 606 14.10 -7.61 -61.17
C LEU A 606 15.41 -8.38 -61.05
N THR A 607 15.81 -9.08 -62.12
CA THR A 607 17.07 -9.81 -62.09
C THR A 607 18.24 -8.86 -61.89
N LEU A 608 18.26 -7.75 -62.62
CA LEU A 608 19.34 -6.76 -62.45
C LEU A 608 19.31 -6.17 -61.05
N LEU A 609 18.12 -5.87 -60.53
CA LEU A 609 18.00 -5.33 -59.19
C LEU A 609 18.58 -6.28 -58.16
N ILE A 610 18.26 -7.57 -58.29
CA ILE A 610 18.79 -8.57 -57.36
C ILE A 610 20.31 -8.64 -57.48
N LYS A 611 20.81 -8.66 -58.72
CA LYS A 611 22.23 -8.91 -58.95
C LYS A 611 23.10 -7.71 -58.62
N GLN A 612 22.54 -6.50 -58.56
CA GLN A 612 23.34 -5.29 -58.40
C GLN A 612 22.99 -4.43 -57.20
N TYR A 613 21.80 -4.59 -56.60
CA TYR A 613 21.36 -3.73 -55.52
C TYR A 613 21.30 -4.46 -54.18
N CYS A 614 20.53 -5.54 -54.11
CA CYS A 614 20.38 -6.31 -52.87
C CYS A 614 21.14 -7.63 -53.04
N ARG A 615 22.12 -7.85 -52.18
CA ARG A 615 22.90 -9.08 -52.16
C ARG A 615 23.04 -9.54 -50.72
N GLU A 616 22.17 -10.45 -50.30
CA GLU A 616 22.18 -11.01 -48.96
C GLU A 616 21.19 -12.15 -48.91
N SER A 617 21.36 -13.03 -47.92
CA SER A 617 20.44 -14.16 -47.78
C SER A 617 19.02 -13.68 -47.51
N GLY A 618 18.86 -12.47 -46.99
CA GLY A 618 17.54 -11.95 -46.72
C GLY A 618 16.85 -11.43 -47.98
N VAL A 619 15.61 -10.99 -47.79
CA VAL A 619 14.79 -10.49 -48.90
C VAL A 619 14.20 -9.13 -48.62
N ARG A 620 14.26 -8.63 -47.37
CA ARG A 620 13.61 -7.38 -47.04
C ARG A 620 14.16 -6.21 -47.86
N ASN A 621 15.46 -6.23 -48.14
CA ASN A 621 16.05 -5.14 -48.92
C ASN A 621 15.46 -5.09 -50.32
N LEU A 622 15.23 -6.26 -50.92
CA LEU A 622 14.53 -6.30 -52.20
C LEU A 622 13.14 -5.69 -52.08
N GLN A 623 12.47 -5.94 -50.96
CA GLN A 623 11.18 -5.31 -50.72
C GLN A 623 11.31 -3.80 -50.68
N LYS A 624 12.35 -3.29 -50.02
CA LYS A 624 12.56 -1.84 -49.97
C LYS A 624 12.77 -1.28 -51.37
N GLN A 625 13.59 -1.94 -52.18
CA GLN A 625 13.85 -1.45 -53.53
C GLN A 625 12.58 -1.44 -54.37
N VAL A 626 11.82 -2.53 -54.33
CA VAL A 626 10.62 -2.61 -55.16
C VAL A 626 9.59 -1.58 -54.69
N GLU A 627 9.46 -1.39 -53.38
CA GLU A 627 8.56 -0.36 -52.87
C GLU A 627 9.01 1.03 -53.32
N LYS A 628 10.31 1.29 -53.30
CA LYS A 628 10.83 2.58 -53.75
C LYS A 628 10.44 2.83 -55.20
N VAL A 629 10.69 1.86 -56.07
CA VAL A 629 10.40 2.07 -57.50
C VAL A 629 8.89 2.23 -57.71
N LEU A 630 8.08 1.42 -57.02
CA LEU A 630 6.63 1.54 -57.17
C LEU A 630 6.13 2.90 -56.69
N ARG A 631 6.67 3.39 -55.57
CA ARG A 631 6.25 4.69 -55.07
C ARG A 631 6.65 5.81 -56.02
N LYS A 632 7.85 5.72 -56.59
CA LYS A 632 8.26 6.73 -57.56
C LYS A 632 7.37 6.69 -58.81
N SER A 633 6.97 5.50 -59.23
CA SER A 633 6.02 5.40 -60.34
C SER A 633 4.70 6.04 -59.98
N ALA A 634 4.23 5.81 -58.74
CA ALA A 634 3.00 6.44 -58.29
C ALA A 634 3.10 7.95 -58.34
N TYR A 635 4.24 8.50 -57.90
CA TYR A 635 4.44 9.93 -57.99
C TYR A 635 4.44 10.40 -59.44
N LYS A 636 5.13 9.66 -60.31
CA LYS A 636 5.24 10.05 -61.71
C LYS A 636 3.90 9.98 -62.43
N ILE A 637 2.95 9.21 -61.93
CA ILE A 637 1.63 9.15 -62.56
C ILE A 637 0.68 10.18 -61.96
N VAL A 638 0.70 10.35 -60.64
CA VAL A 638 -0.30 11.21 -59.99
C VAL A 638 -0.21 12.63 -60.53
N SER A 639 1.00 13.19 -60.59
CA SER A 639 1.21 14.52 -61.12
C SER A 639 1.99 14.54 -62.42
N GLY A 640 2.84 13.54 -62.66
CA GLY A 640 3.66 13.54 -63.85
C GLY A 640 2.87 13.36 -65.12
N GLU A 641 3.53 12.97 -66.20
CA GLU A 641 2.93 12.89 -67.53
C GLU A 641 2.52 11.49 -67.94
N ALA A 642 3.29 10.47 -67.55
CA ALA A 642 3.03 9.12 -68.02
C ALA A 642 1.83 8.52 -67.29
N GLU A 643 0.84 8.06 -68.06
CA GLU A 643 -0.31 7.37 -67.48
C GLU A 643 0.01 5.94 -67.07
N SER A 644 1.15 5.40 -67.52
CA SER A 644 1.55 4.05 -67.16
C SER A 644 3.06 3.94 -67.30
N VAL A 645 3.73 3.62 -66.21
CA VAL A 645 5.19 3.49 -66.24
C VAL A 645 5.55 2.13 -66.83
N GLU A 646 6.63 2.13 -67.62
CA GLU A 646 7.17 0.90 -68.21
C GLU A 646 8.65 0.86 -67.84
N VAL A 647 8.93 0.28 -66.67
CA VAL A 647 10.27 0.32 -66.10
C VAL A 647 11.17 -0.65 -66.88
N THR A 648 12.25 -0.13 -67.44
CA THR A 648 13.26 -0.89 -68.14
C THR A 648 14.63 -0.59 -67.53
N PRO A 649 15.61 -1.48 -67.70
CA PRO A 649 16.90 -1.24 -67.02
C PRO A 649 17.49 0.12 -67.34
N GLU A 650 17.41 0.57 -68.59
CA GLU A 650 17.93 1.89 -68.93
C GLU A 650 17.22 2.97 -68.14
N ASN A 651 15.90 2.83 -67.96
CA ASN A 651 15.17 3.78 -67.11
C ASN A 651 15.47 3.54 -65.64
N LEU A 652 15.81 2.31 -65.25
CA LEU A 652 15.95 1.99 -63.84
C LEU A 652 16.94 2.94 -63.17
N GLN A 653 17.94 3.39 -63.93
CA GLN A 653 18.98 4.27 -63.40
C GLN A 653 18.39 5.41 -62.58
N ASP A 654 17.14 5.79 -62.86
CA ASP A 654 16.53 6.89 -62.12
C ASP A 654 15.53 6.39 -61.08
N PHE A 655 14.76 5.36 -61.42
CA PHE A 655 13.65 4.96 -60.55
C PHE A 655 14.17 4.48 -59.20
N VAL A 656 14.84 3.33 -59.17
CA VAL A 656 15.55 2.97 -57.95
C VAL A 656 16.74 3.91 -57.77
N GLY A 657 17.27 4.38 -58.89
CA GLY A 657 18.38 5.32 -58.90
C GLY A 657 19.70 4.61 -59.12
N LYS A 658 20.74 5.26 -58.61
CA LYS A 658 22.05 4.69 -58.47
C LYS A 658 22.03 3.19 -58.16
N PRO A 659 22.93 2.42 -58.79
CA PRO A 659 23.25 1.07 -58.28
C PRO A 659 24.30 1.17 -57.18
N VAL A 660 24.15 0.35 -56.14
CA VAL A 660 25.04 0.44 -54.99
C VAL A 660 26.14 -0.61 -55.08
N PHE A 661 25.77 -1.86 -55.34
CA PHE A 661 26.70 -2.99 -55.31
C PHE A 661 27.09 -3.32 -56.75
N THR A 662 28.32 -2.97 -57.12
CA THR A 662 28.81 -3.17 -58.48
C THR A 662 29.80 -4.32 -58.60
N VAL A 663 30.89 -4.29 -57.84
CA VAL A 663 31.92 -5.32 -57.89
C VAL A 663 31.41 -6.54 -57.15
N GLU A 664 31.49 -7.71 -57.78
CA GLU A 664 30.92 -8.92 -57.20
C GLU A 664 31.63 -9.28 -55.90
N ARG A 665 32.95 -9.35 -55.92
CA ARG A 665 33.70 -9.79 -54.75
C ARG A 665 35.11 -9.24 -54.80
N MET A 666 35.62 -8.88 -53.61
CA MET A 666 36.97 -8.38 -53.47
C MET A 666 38.00 -9.46 -53.82
N TYR A 667 39.15 -9.01 -54.31
CA TYR A 667 40.24 -9.91 -54.70
C TYR A 667 39.79 -10.92 -55.74
N ASP A 668 39.33 -10.42 -56.89
CA ASP A 668 38.97 -11.31 -57.98
C ASP A 668 40.19 -12.05 -58.51
N VAL A 669 41.33 -11.36 -58.63
CA VAL A 669 42.56 -12.02 -59.07
C VAL A 669 43.05 -12.99 -58.01
N THR A 670 42.87 -12.66 -56.74
CA THR A 670 43.31 -13.51 -55.63
C THR A 670 44.82 -13.67 -55.67
N PRO A 671 45.59 -12.62 -55.38
CA PRO A 671 47.06 -12.74 -55.41
C PRO A 671 47.54 -13.76 -54.39
N PRO A 672 48.84 -14.04 -54.36
CA PRO A 672 49.33 -15.05 -53.41
C PRO A 672 49.08 -14.64 -51.97
N GLY A 673 48.81 -15.63 -51.12
CA GLY A 673 48.60 -15.38 -49.71
C GLY A 673 47.20 -14.92 -49.35
N VAL A 674 46.21 -15.24 -50.17
CA VAL A 674 44.82 -14.92 -49.90
C VAL A 674 43.93 -15.95 -50.57
N VAL A 675 42.83 -16.29 -49.91
CA VAL A 675 41.89 -17.25 -50.47
C VAL A 675 40.52 -16.99 -49.86
N MET A 676 39.49 -17.16 -50.69
CA MET A 676 38.11 -17.04 -50.22
C MET A 676 37.72 -18.29 -49.44
N GLY A 677 36.69 -18.15 -48.63
CA GLY A 677 36.19 -19.26 -47.85
C GLY A 677 34.77 -19.02 -47.38
N LEU A 678 33.94 -20.05 -47.47
CA LEU A 678 32.54 -19.92 -47.08
C LEU A 678 32.43 -19.92 -45.55
N ALA A 679 31.58 -19.03 -45.03
CA ALA A 679 31.37 -18.91 -43.60
C ALA A 679 29.87 -18.76 -43.34
N TRP A 680 29.32 -19.68 -42.56
CA TRP A 680 27.92 -19.60 -42.14
C TRP A 680 27.83 -18.55 -41.05
N THR A 681 27.86 -17.28 -41.48
CA THR A 681 27.80 -16.15 -40.55
C THR A 681 26.46 -16.12 -39.84
N ALA A 682 26.30 -15.16 -38.91
CA ALA A 682 25.08 -15.10 -38.12
C ALA A 682 23.85 -14.97 -39.01
N MET A 683 23.90 -14.08 -40.00
CA MET A 683 22.80 -13.87 -40.94
C MET A 683 23.24 -14.39 -42.30
N GLY A 684 22.73 -15.58 -42.66
CA GLY A 684 23.11 -16.16 -43.93
C GLY A 684 24.56 -16.61 -43.93
N GLY A 685 25.08 -16.78 -45.15
CA GLY A 685 26.48 -17.13 -45.35
C GLY A 685 27.21 -15.98 -46.03
N SER A 686 28.54 -16.13 -46.11
CA SER A 686 29.36 -15.12 -46.76
C SER A 686 30.64 -15.76 -47.28
N THR A 687 31.25 -15.09 -48.25
CA THR A 687 32.53 -15.52 -48.81
C THR A 687 33.65 -14.69 -48.18
N LEU A 688 33.98 -15.03 -46.95
CA LEU A 688 35.01 -14.28 -46.23
C LEU A 688 36.39 -14.62 -46.78
N PHE A 689 37.21 -13.60 -46.99
CA PHE A 689 38.51 -13.76 -47.60
C PHE A 689 39.57 -13.84 -46.51
N VAL A 690 40.05 -15.05 -46.22
CA VAL A 690 41.16 -15.21 -45.31
C VAL A 690 42.43 -14.83 -46.05
N GLU A 691 43.34 -14.12 -45.39
CA GLU A 691 44.52 -13.64 -46.08
C GLU A 691 45.73 -13.64 -45.15
N THR A 692 46.91 -13.60 -45.76
CA THR A 692 48.15 -13.73 -45.01
C THR A 692 49.26 -12.94 -45.71
N SER A 693 50.26 -12.55 -44.94
CA SER A 693 51.40 -11.85 -45.51
C SER A 693 52.56 -11.89 -44.52
N LEU A 694 53.78 -11.82 -45.07
CA LEU A 694 54.96 -11.64 -44.23
C LEU A 694 54.93 -10.25 -43.62
N ARG A 695 55.20 -10.16 -42.31
CA ARG A 695 55.14 -8.90 -41.60
C ARG A 695 56.48 -8.53 -40.96
N ARG A 696 57.56 -9.17 -41.35
CA ARG A 696 58.87 -8.93 -40.76
C ARG A 696 59.91 -9.68 -41.60
N PRO A 697 61.12 -9.16 -41.77
CA PRO A 697 62.05 -9.80 -42.70
C PRO A 697 62.32 -11.25 -42.34
N GLN A 698 62.37 -12.09 -43.37
CA GLN A 698 62.71 -13.50 -43.19
C GLN A 698 64.19 -13.69 -42.85
N ASP A 699 64.99 -12.63 -42.95
CA ASP A 699 66.43 -12.70 -42.82
C ASP A 699 66.93 -11.86 -41.66
N LYS A 700 66.31 -12.00 -40.49
CA LYS A 700 66.82 -11.34 -39.29
C LYS A 700 68.29 -11.70 -39.14
N ASP A 701 68.61 -12.97 -39.40
CA ASP A 701 69.98 -13.45 -39.43
C ASP A 701 70.02 -14.67 -40.34
N ALA A 702 70.96 -14.66 -41.29
CA ALA A 702 71.07 -15.78 -42.23
C ALA A 702 71.26 -17.09 -41.48
N LYS A 703 71.94 -17.05 -40.33
CA LYS A 703 72.13 -18.22 -39.49
C LYS A 703 71.00 -18.43 -38.50
N GLY A 704 70.08 -17.48 -38.38
CA GLY A 704 69.05 -17.52 -37.35
C GLY A 704 68.21 -18.78 -37.35
N ASP A 705 68.01 -19.34 -36.16
CA ASP A 705 67.16 -20.50 -35.95
C ASP A 705 65.79 -20.14 -35.39
N LYS A 706 65.49 -18.84 -35.30
CA LYS A 706 64.25 -18.41 -34.68
C LYS A 706 63.05 -18.84 -35.53
N ASP A 707 62.00 -19.29 -34.87
CA ASP A 707 60.80 -19.74 -35.56
C ASP A 707 60.01 -18.54 -36.10
N GLY A 708 59.13 -18.84 -37.04
CA GLY A 708 58.26 -17.83 -37.63
C GLY A 708 56.99 -17.62 -36.83
N SER A 709 57.09 -16.97 -35.68
CA SER A 709 55.92 -16.79 -34.84
C SER A 709 54.81 -16.08 -35.60
N LEU A 710 53.59 -16.54 -35.40
CA LEU A 710 52.42 -16.03 -36.12
C LEU A 710 51.60 -15.13 -35.20
N GLU A 711 50.92 -14.16 -35.81
CA GLU A 711 50.09 -13.20 -35.10
C GLU A 711 48.72 -13.13 -35.77
N VAL A 712 47.82 -14.03 -35.36
CA VAL A 712 46.47 -14.02 -35.89
C VAL A 712 45.72 -12.78 -35.38
N THR A 713 44.75 -12.33 -36.17
CA THR A 713 43.94 -11.17 -35.83
C THR A 713 42.50 -11.43 -36.26
N GLY A 714 41.67 -10.39 -36.16
CA GLY A 714 40.27 -10.51 -36.54
C GLY A 714 39.41 -10.97 -35.39
N GLN A 715 39.52 -10.31 -34.24
CA GLN A 715 38.78 -10.67 -33.04
C GLN A 715 38.88 -12.17 -32.77
N LEU A 716 40.12 -12.66 -32.85
CA LEU A 716 40.46 -14.05 -32.59
C LEU A 716 39.81 -14.55 -31.30
N GLY A 717 39.11 -15.68 -31.40
CA GLY A 717 38.58 -16.33 -30.22
C GLY A 717 39.56 -17.34 -29.65
N GLU A 718 39.34 -17.68 -28.37
CA GLU A 718 40.19 -18.66 -27.71
C GLU A 718 40.20 -19.98 -28.48
N VAL A 719 39.01 -20.53 -28.75
CA VAL A 719 38.92 -21.71 -29.60
C VAL A 719 39.54 -21.42 -30.97
N MET A 720 39.31 -20.20 -31.48
CA MET A 720 39.93 -19.82 -32.74
C MET A 720 41.43 -19.72 -32.60
N LYS A 721 41.93 -19.27 -31.44
CA LYS A 721 43.36 -19.28 -31.19
C LYS A 721 43.93 -20.68 -31.37
N GLU A 722 43.31 -21.66 -30.70
CA GLU A 722 43.80 -23.03 -30.80
C GLU A 722 43.69 -23.56 -32.23
N SER A 723 42.58 -23.27 -32.91
CA SER A 723 42.41 -23.76 -34.27
C SER A 723 43.46 -23.16 -35.20
N ALA A 724 43.75 -21.86 -35.05
CA ALA A 724 44.76 -21.22 -35.88
C ALA A 724 46.14 -21.82 -35.62
N ARG A 725 46.47 -22.05 -34.36
CA ARG A 725 47.76 -22.67 -34.06
C ARG A 725 47.84 -24.07 -34.66
N ILE A 726 46.76 -24.84 -34.58
CA ILE A 726 46.72 -26.16 -35.18
C ILE A 726 46.97 -26.08 -36.68
N ALA A 727 46.27 -25.16 -37.35
CA ALA A 727 46.43 -25.03 -38.79
C ALA A 727 47.86 -24.62 -39.15
N TYR A 728 48.44 -23.70 -38.37
CA TYR A 728 49.80 -23.27 -38.62
C TYR A 728 50.79 -24.43 -38.51
N THR A 729 50.68 -25.21 -37.44
CA THR A 729 51.57 -26.34 -37.26
C THR A 729 51.40 -27.36 -38.37
N PHE A 730 50.15 -27.64 -38.77
CA PHE A 730 49.94 -28.60 -39.84
C PHE A 730 50.52 -28.09 -41.15
N ALA A 731 50.38 -26.79 -41.43
CA ALA A 731 50.95 -26.24 -42.66
C ALA A 731 52.47 -26.37 -42.65
N ARG A 732 53.09 -26.10 -41.50
CA ARG A 732 54.54 -26.29 -41.40
C ARG A 732 54.92 -27.74 -41.71
N ALA A 733 54.24 -28.68 -41.06
CA ALA A 733 54.57 -30.09 -41.26
C ALA A 733 54.34 -30.51 -42.72
N PHE A 734 53.27 -30.02 -43.33
CA PHE A 734 52.99 -30.37 -44.72
C PHE A 734 54.05 -29.82 -45.66
N LEU A 735 54.39 -28.54 -45.53
CA LEU A 735 55.47 -27.98 -46.33
C LEU A 735 56.74 -28.79 -46.16
N MET A 736 57.01 -29.22 -44.93
CA MET A 736 58.20 -30.04 -44.68
C MET A 736 58.15 -31.35 -45.46
N GLN A 737 57.05 -32.09 -45.30
CA GLN A 737 56.94 -33.41 -45.93
C GLN A 737 56.94 -33.30 -47.45
N HIS A 738 56.46 -32.19 -47.98
CA HIS A 738 56.31 -32.04 -49.43
C HIS A 738 57.58 -31.47 -50.07
N ALA A 739 58.03 -30.31 -49.59
CA ALA A 739 59.19 -29.62 -50.14
C ALA A 739 60.17 -29.32 -49.01
N PRO A 740 61.02 -30.28 -48.64
CA PRO A 740 61.96 -30.02 -47.55
C PRO A 740 62.89 -28.84 -47.81
N ALA A 741 63.22 -28.58 -49.07
CA ALA A 741 64.12 -27.47 -49.39
C ALA A 741 63.53 -26.14 -48.93
N ASN A 742 62.24 -25.93 -49.16
CA ASN A 742 61.61 -24.67 -48.77
C ASN A 742 61.55 -24.56 -47.25
N ASP A 743 61.83 -23.36 -46.75
CA ASP A 743 61.71 -23.08 -45.33
C ASP A 743 61.07 -21.73 -45.04
N TYR A 744 60.53 -21.05 -46.05
CA TYR A 744 59.92 -19.74 -45.86
C TYR A 744 58.91 -19.76 -44.71
N LEU A 745 57.92 -20.65 -44.80
CA LEU A 745 56.92 -20.73 -43.74
C LEU A 745 57.53 -21.15 -42.41
N VAL A 746 58.63 -21.92 -42.46
CA VAL A 746 59.22 -22.44 -41.22
C VAL A 746 59.78 -21.29 -40.39
N THR A 747 60.53 -20.38 -41.01
CA THR A 747 61.16 -19.26 -40.32
C THR A 747 60.80 -17.98 -41.05
N SER A 748 59.68 -17.39 -40.65
CA SER A 748 59.25 -16.07 -41.13
C SER A 748 58.00 -15.66 -40.37
N HIS A 749 58.02 -14.47 -39.77
CA HIS A 749 56.89 -14.01 -38.98
C HIS A 749 55.75 -13.59 -39.90
N ILE A 750 54.67 -14.37 -39.89
CA ILE A 750 53.56 -14.20 -40.82
C ILE A 750 52.35 -13.70 -40.04
N HIS A 751 51.68 -12.70 -40.58
CA HIS A 751 50.43 -12.18 -40.04
C HIS A 751 49.30 -12.59 -40.97
N LEU A 752 48.27 -13.22 -40.41
CA LEU A 752 47.09 -13.61 -41.16
C LEU A 752 45.86 -12.97 -40.55
N HIS A 753 44.91 -12.63 -41.42
CA HIS A 753 43.65 -12.02 -41.05
C HIS A 753 42.51 -12.94 -41.45
N VAL A 754 41.65 -13.23 -40.49
CA VAL A 754 40.42 -14.00 -40.71
C VAL A 754 39.24 -13.05 -40.48
N PRO A 755 38.57 -12.59 -41.54
CA PRO A 755 37.47 -11.63 -41.33
C PRO A 755 36.38 -12.23 -40.43
N GLU A 756 35.83 -11.38 -39.57
CA GLU A 756 34.82 -11.81 -38.63
C GLU A 756 33.46 -11.92 -39.31
N GLY A 757 32.43 -12.22 -38.51
CA GLY A 757 31.08 -12.48 -39.00
C GLY A 757 30.66 -13.93 -38.85
N ALA A 758 31.62 -14.83 -38.70
CA ALA A 758 31.30 -16.23 -38.51
C ALA A 758 30.93 -16.51 -37.06
N THR A 759 29.82 -17.21 -36.86
CA THR A 759 29.43 -17.61 -35.53
C THR A 759 30.52 -18.52 -34.94
N PRO A 760 30.74 -18.47 -33.62
CA PRO A 760 31.85 -19.24 -33.05
C PRO A 760 31.78 -20.73 -33.38
N LYS A 761 30.58 -21.32 -33.38
CA LYS A 761 30.47 -22.75 -33.67
C LYS A 761 31.06 -23.08 -35.03
N ASP A 762 30.87 -22.20 -36.01
CA ASP A 762 31.37 -22.40 -37.36
C ASP A 762 32.81 -21.91 -37.54
N GLY A 763 33.39 -21.26 -36.52
CA GLY A 763 34.68 -20.66 -36.66
C GLY A 763 35.79 -21.60 -37.08
N PRO A 764 35.91 -22.78 -36.47
CA PRO A 764 36.94 -23.72 -36.92
C PRO A 764 36.72 -24.22 -38.34
N SER A 765 35.51 -24.06 -38.89
CA SER A 765 35.25 -24.52 -40.25
C SER A 765 36.19 -23.89 -41.25
N ALA A 766 36.51 -22.60 -41.07
CA ALA A 766 37.41 -21.91 -41.99
C ALA A 766 38.85 -22.35 -41.85
N GLY A 767 39.17 -23.16 -40.84
CA GLY A 767 40.55 -23.53 -40.60
C GLY A 767 41.25 -24.07 -41.83
N CYS A 768 40.56 -24.94 -42.58
CA CYS A 768 41.15 -25.49 -43.79
C CYS A 768 41.69 -24.39 -44.68
N THR A 769 40.86 -23.38 -44.95
CA THR A 769 41.31 -22.26 -45.78
C THR A 769 42.62 -21.69 -45.25
N ILE A 770 42.66 -21.41 -43.95
CA ILE A 770 43.85 -20.84 -43.32
C ILE A 770 45.06 -21.62 -43.84
N VAL A 771 45.02 -22.94 -43.71
CA VAL A 771 46.15 -23.76 -44.08
C VAL A 771 46.64 -23.38 -45.48
N THR A 772 45.75 -23.50 -46.47
CA THR A 772 46.20 -23.29 -47.85
C THR A 772 46.80 -21.90 -48.02
N ALA A 773 46.23 -20.91 -47.33
CA ALA A 773 46.76 -19.56 -47.45
C ALA A 773 48.25 -19.55 -47.14
N LEU A 774 48.62 -20.11 -46.00
CA LEU A 774 50.03 -20.20 -45.64
C LEU A 774 50.81 -20.85 -46.77
N LEU A 775 50.33 -22.02 -47.23
CA LEU A 775 51.03 -22.72 -48.29
C LEU A 775 51.17 -21.83 -49.52
N SER A 776 50.09 -21.12 -49.88
CA SER A 776 50.20 -20.17 -50.98
C SER A 776 51.30 -19.16 -50.70
N LEU A 777 51.23 -18.51 -49.53
CA LEU A 777 52.28 -17.56 -49.17
C LEU A 777 53.62 -18.26 -49.00
N ALA A 778 53.59 -19.58 -48.79
CA ALA A 778 54.84 -20.32 -48.68
C ALA A 778 55.50 -20.50 -50.04
N MET A 779 54.70 -20.56 -51.12
CA MET A 779 55.23 -20.77 -52.46
C MET A 779 54.92 -19.64 -53.41
N GLY A 780 54.13 -18.66 -52.99
CA GLY A 780 53.79 -17.55 -53.86
C GLY A 780 52.90 -17.91 -55.03
N ARG A 781 52.38 -19.13 -55.06
CA ARG A 781 51.47 -19.54 -56.13
C ARG A 781 50.05 -19.17 -55.75
N PRO A 782 49.39 -18.26 -56.47
CA PRO A 782 47.99 -17.95 -56.14
C PRO A 782 47.12 -19.19 -56.28
N VAL A 783 46.17 -19.34 -55.36
CA VAL A 783 45.23 -20.44 -55.45
C VAL A 783 44.43 -20.30 -56.75
N ARG A 784 43.97 -21.44 -57.27
CA ARG A 784 43.20 -21.40 -58.50
C ARG A 784 41.99 -20.50 -58.33
N GLN A 785 41.76 -19.64 -59.32
CA GLN A 785 40.76 -18.59 -59.18
C GLN A 785 39.37 -19.18 -58.94
N ASN A 786 38.53 -18.40 -58.29
CA ASN A 786 37.15 -18.77 -57.97
C ASN A 786 37.08 -20.21 -57.46
N LEU A 787 37.75 -20.44 -56.34
CA LEU A 787 37.78 -21.75 -55.67
C LEU A 787 37.58 -21.54 -54.18
N ALA A 788 36.39 -21.84 -53.69
CA ALA A 788 36.06 -21.71 -52.28
C ALA A 788 36.03 -23.08 -51.62
N MET A 789 36.05 -23.08 -50.29
CA MET A 789 36.02 -24.32 -49.52
C MET A 789 35.86 -23.99 -48.05
N THR A 790 35.81 -25.04 -47.23
CA THR A 790 35.65 -24.93 -45.79
C THR A 790 35.85 -26.31 -45.17
N GLY A 791 36.36 -26.32 -43.96
CA GLY A 791 36.58 -27.57 -43.25
C GLY A 791 37.55 -27.38 -42.11
N GLU A 792 37.37 -28.24 -41.10
CA GLU A 792 38.20 -28.24 -39.90
C GLU A 792 39.37 -29.20 -40.10
N VAL A 793 40.58 -28.72 -39.83
CA VAL A 793 41.79 -29.53 -39.90
C VAL A 793 42.11 -30.04 -38.50
N SER A 794 42.75 -31.21 -38.43
CA SER A 794 43.02 -31.89 -37.16
C SER A 794 44.51 -32.09 -36.98
N LEU A 795 45.32 -31.16 -37.52
CA LEU A 795 46.77 -31.15 -37.34
C LEU A 795 47.41 -32.38 -37.99
N THR A 796 46.63 -33.16 -38.73
CA THR A 796 47.18 -34.27 -39.50
C THR A 796 46.59 -34.34 -40.90
N GLY A 797 45.71 -33.40 -41.27
CA GLY A 797 45.16 -33.32 -42.60
C GLY A 797 43.83 -34.00 -42.80
N LYS A 798 43.35 -34.77 -41.82
CA LYS A 798 42.06 -35.44 -41.94
C LYS A 798 40.96 -34.43 -41.63
N ILE A 799 40.32 -33.91 -42.68
CA ILE A 799 39.33 -32.86 -42.52
C ILE A 799 38.08 -33.44 -41.85
N LEU A 800 37.33 -32.58 -41.19
CA LEU A 800 36.14 -32.94 -40.42
C LEU A 800 34.92 -32.22 -40.94
N PRO A 801 33.72 -32.75 -40.70
CA PRO A 801 32.52 -32.11 -41.22
C PRO A 801 32.25 -30.76 -40.57
N VAL A 802 31.53 -29.91 -41.30
CA VAL A 802 31.14 -28.60 -40.81
C VAL A 802 29.63 -28.42 -41.02
N GLY A 803 29.03 -27.56 -40.19
CA GLY A 803 27.60 -27.36 -40.23
C GLY A 803 27.18 -26.20 -41.13
N GLY A 804 25.87 -26.07 -41.30
CA GLY A 804 25.32 -25.00 -42.13
C GLY A 804 25.84 -25.01 -43.54
N ILE A 805 25.92 -26.19 -44.16
CA ILE A 805 26.51 -26.29 -45.49
C ILE A 805 25.62 -25.62 -46.54
N LYS A 806 24.30 -25.68 -46.36
CA LYS A 806 23.40 -25.10 -47.36
C LYS A 806 23.61 -23.59 -47.50
N GLU A 807 23.73 -22.90 -46.37
CA GLU A 807 23.92 -21.45 -46.42
C GLU A 807 25.25 -21.10 -47.10
N LYS A 808 26.31 -21.84 -46.78
CA LYS A 808 27.58 -21.61 -47.43
C LYS A 808 27.49 -21.88 -48.92
N THR A 809 26.76 -22.93 -49.32
CA THR A 809 26.62 -23.24 -50.73
C THR A 809 25.90 -22.12 -51.48
N ILE A 810 24.81 -21.61 -50.90
CA ILE A 810 24.09 -20.53 -51.57
C ILE A 810 24.95 -19.27 -51.63
N ALA A 811 25.69 -18.98 -50.56
CA ALA A 811 26.58 -17.82 -50.59
C ALA A 811 27.65 -17.98 -51.66
N ALA A 812 28.21 -19.19 -51.79
CA ALA A 812 29.20 -19.45 -52.82
C ALA A 812 28.62 -19.24 -54.21
N LYS A 813 27.41 -19.75 -54.45
CA LYS A 813 26.78 -19.55 -55.75
C LYS A 813 26.56 -18.06 -56.02
N ARG A 814 26.12 -17.32 -55.01
CA ARG A 814 25.90 -15.89 -55.20
C ARG A 814 27.22 -15.18 -55.52
N ALA A 815 28.30 -15.56 -54.85
CA ALA A 815 29.60 -14.93 -55.10
C ALA A 815 30.17 -15.27 -56.47
N GLY A 816 29.62 -16.25 -57.16
CA GLY A 816 30.09 -16.63 -58.48
C GLY A 816 31.15 -17.72 -58.50
N VAL A 817 31.65 -18.14 -57.34
CA VAL A 817 32.65 -19.20 -57.30
C VAL A 817 32.06 -20.47 -57.91
N THR A 818 32.93 -21.30 -58.50
CA THR A 818 32.51 -22.48 -59.23
C THR A 818 32.91 -23.80 -58.57
N CYS A 819 34.08 -23.88 -57.96
CA CYS A 819 34.63 -25.13 -57.45
C CYS A 819 34.57 -25.10 -55.91
N ILE A 820 33.48 -25.61 -55.36
CA ILE A 820 33.37 -25.73 -53.91
C ILE A 820 34.03 -27.04 -53.46
N VAL A 821 34.77 -26.98 -52.36
CA VAL A 821 35.41 -28.14 -51.77
C VAL A 821 34.89 -28.30 -50.35
N LEU A 822 34.43 -29.49 -50.01
CA LEU A 822 33.78 -29.78 -48.75
C LEU A 822 34.36 -31.04 -48.14
N PRO A 823 34.22 -31.22 -46.82
CA PRO A 823 34.61 -32.50 -46.23
C PRO A 823 33.76 -33.64 -46.77
N ALA A 824 34.38 -34.82 -46.90
CA ALA A 824 33.66 -35.96 -47.45
C ALA A 824 32.44 -36.31 -46.59
N GLU A 825 32.58 -36.18 -45.26
CA GLU A 825 31.48 -36.54 -44.38
C GLU A 825 30.24 -35.70 -44.66
N ASN A 826 30.43 -34.43 -45.04
CA ASN A 826 29.31 -33.56 -45.33
C ASN A 826 28.73 -33.79 -46.73
N LYS A 827 29.30 -34.70 -47.51
CA LYS A 827 28.88 -34.87 -48.89
C LYS A 827 27.36 -35.03 -49.00
N LYS A 828 26.80 -35.91 -48.17
CA LYS A 828 25.37 -36.18 -48.24
C LYS A 828 24.57 -34.90 -48.05
N ASP A 829 24.96 -34.08 -47.08
CA ASP A 829 24.23 -32.84 -46.82
C ASP A 829 24.22 -31.94 -48.03
N PHE A 830 25.23 -32.03 -48.89
CA PHE A 830 25.26 -31.21 -50.09
C PHE A 830 24.28 -31.74 -51.13
N TYR A 831 24.08 -33.07 -51.17
CA TYR A 831 23.13 -33.64 -52.12
C TYR A 831 21.70 -33.42 -51.67
N ASP A 832 21.48 -33.22 -50.36
CA ASP A 832 20.15 -32.90 -49.88
C ASP A 832 19.66 -31.58 -50.46
N LEU A 833 20.58 -30.74 -50.92
CA LEU A 833 20.20 -29.45 -51.51
C LEU A 833 19.35 -29.67 -52.74
N ALA A 834 18.39 -28.75 -52.95
CA ALA A 834 17.56 -28.83 -54.14
C ALA A 834 18.42 -28.79 -55.38
N ALA A 835 17.93 -29.42 -56.46
CA ALA A 835 18.73 -29.54 -57.67
C ALA A 835 19.06 -28.17 -58.24
N PHE A 836 18.07 -27.27 -58.30
CA PHE A 836 18.21 -26.02 -59.04
C PHE A 836 19.30 -25.12 -58.46
N ILE A 837 19.75 -25.37 -57.23
CA ILE A 837 20.78 -24.53 -56.63
C ILE A 837 22.18 -25.03 -56.95
N THR A 838 22.33 -26.29 -57.35
CA THR A 838 23.66 -26.90 -57.50
C THR A 838 24.18 -26.86 -58.93
N GLU A 839 23.48 -26.22 -59.86
CA GLU A 839 23.96 -26.16 -61.24
C GLU A 839 25.16 -25.24 -61.36
N GLY A 840 26.08 -25.59 -62.25
CA GLY A 840 27.18 -24.72 -62.61
C GLY A 840 28.34 -24.68 -61.63
N LEU A 841 28.37 -25.57 -60.64
CA LEU A 841 29.48 -25.64 -59.70
C LEU A 841 30.07 -27.04 -59.69
N GLU A 842 31.40 -27.11 -59.62
CA GLU A 842 32.12 -28.38 -59.62
C GLU A 842 32.47 -28.73 -58.18
N VAL A 843 31.53 -29.38 -57.51
CA VAL A 843 31.73 -29.74 -56.11
C VAL A 843 32.82 -30.80 -56.00
N HIS A 844 33.54 -30.77 -54.88
CA HIS A 844 34.57 -31.74 -54.58
C HIS A 844 34.42 -32.20 -53.13
N PHE A 845 34.43 -33.52 -52.93
CA PHE A 845 34.33 -34.11 -51.61
C PHE A 845 35.65 -34.74 -51.24
N VAL A 846 36.21 -34.31 -50.10
CA VAL A 846 37.52 -34.76 -49.65
C VAL A 846 37.46 -35.06 -48.16
N GLU A 847 38.41 -35.87 -47.71
CA GLU A 847 38.55 -36.21 -46.30
C GLU A 847 39.94 -35.94 -45.76
N HIS A 848 40.97 -36.13 -46.57
CA HIS A 848 42.34 -35.81 -46.21
C HIS A 848 42.77 -34.55 -46.95
N TYR A 849 43.41 -33.63 -46.24
CA TYR A 849 43.76 -32.36 -46.85
C TYR A 849 44.67 -32.52 -48.05
N ARG A 850 45.38 -33.65 -48.14
CA ARG A 850 46.28 -33.88 -49.27
C ARG A 850 45.55 -33.63 -50.59
N GLU A 851 44.36 -34.20 -50.74
CA GLU A 851 43.60 -34.02 -51.97
C GLU A 851 43.45 -32.54 -52.30
N ILE A 852 43.10 -31.73 -51.29
CA ILE A 852 42.91 -30.30 -51.52
C ILE A 852 44.18 -29.69 -52.11
N PHE A 853 45.34 -30.06 -51.56
CA PHE A 853 46.58 -29.50 -52.07
C PHE A 853 46.78 -29.84 -53.54
N ASP A 854 46.29 -31.00 -53.98
CA ASP A 854 46.40 -31.39 -55.38
C ASP A 854 45.35 -30.73 -56.27
N ILE A 855 44.30 -30.14 -55.68
CA ILE A 855 43.26 -29.45 -56.44
C ILE A 855 43.53 -27.95 -56.51
N ALA A 856 43.84 -27.34 -55.37
CA ALA A 856 44.07 -25.90 -55.35
C ALA A 856 45.31 -25.52 -56.13
N PHE A 857 46.30 -26.41 -56.21
CA PHE A 857 47.60 -26.15 -56.81
C PHE A 857 47.88 -27.20 -57.88
N PRO A 858 47.21 -27.10 -59.05
CA PRO A 858 47.45 -28.04 -60.15
C PRO A 858 48.79 -27.81 -60.85
N HIS B 33 -101.22 6.47 28.73
CA HIS B 33 -101.84 7.72 28.22
C HIS B 33 -100.77 8.68 27.74
N LEU B 34 -100.22 8.41 26.56
CA LEU B 34 -99.22 9.27 25.95
C LEU B 34 -99.39 9.23 24.43
N PRO B 35 -98.99 10.29 23.73
CA PRO B 35 -99.03 10.25 22.27
C PRO B 35 -98.05 9.22 21.72
N LEU B 36 -98.42 8.64 20.58
CA LEU B 36 -97.59 7.61 19.97
C LEU B 36 -96.23 8.17 19.62
N ILE B 37 -95.18 7.40 19.94
CA ILE B 37 -93.81 7.80 19.65
C ILE B 37 -93.56 7.70 18.15
N ALA B 38 -92.95 8.72 17.58
CA ALA B 38 -92.61 8.73 16.16
C ALA B 38 -91.47 7.77 15.93
N ILE B 39 -91.78 6.58 15.40
CA ILE B 39 -90.75 5.58 15.14
C ILE B 39 -89.74 6.11 14.14
N THR B 40 -90.23 6.70 13.05
CA THR B 40 -89.38 7.33 12.04
C THR B 40 -88.32 6.34 11.53
N ARG B 41 -88.80 5.20 11.07
CA ARG B 41 -87.95 4.17 10.47
C ARG B 41 -86.83 3.76 11.41
N ASN B 42 -87.24 3.20 12.56
CA ASN B 42 -86.30 2.73 13.57
C ASN B 42 -86.85 1.48 14.24
N PRO B 43 -86.58 0.30 13.68
CA PRO B 43 -87.04 -0.93 14.33
C PRO B 43 -86.35 -1.14 15.67
N VAL B 44 -87.07 -1.78 16.59
CA VAL B 44 -86.60 -2.06 17.94
C VAL B 44 -86.89 -3.52 18.21
N PHE B 45 -85.89 -4.39 17.99
CA PHE B 45 -86.07 -5.80 18.22
C PHE B 45 -86.19 -6.07 19.73
N PRO B 46 -86.98 -7.09 20.12
CA PRO B 46 -87.04 -7.44 21.53
C PRO B 46 -85.66 -7.82 22.07
N ARG B 47 -85.38 -7.40 23.30
CA ARG B 47 -84.09 -7.62 23.93
C ARG B 47 -82.95 -7.16 23.02
N PHE B 48 -83.00 -5.87 22.67
CA PHE B 48 -82.00 -5.28 21.79
C PHE B 48 -82.03 -3.78 21.99
N ILE B 49 -80.85 -3.16 22.04
CA ILE B 49 -80.75 -1.72 22.25
C ILE B 49 -80.78 -1.02 20.90
N LYS B 50 -81.44 0.14 20.85
CA LYS B 50 -81.54 0.91 19.62
C LYS B 50 -81.57 2.39 19.94
N ILE B 51 -81.26 3.19 18.93
CA ILE B 51 -81.23 4.65 19.05
C ILE B 51 -82.24 5.23 18.08
N ILE B 52 -83.05 6.17 18.57
CA ILE B 52 -84.06 6.84 17.77
C ILE B 52 -83.76 8.33 17.78
N GLU B 53 -83.76 8.94 16.58
CA GLU B 53 -83.50 10.38 16.41
C GLU B 53 -84.55 10.91 15.43
N VAL B 54 -85.59 11.53 15.97
CA VAL B 54 -86.67 12.08 15.16
C VAL B 54 -86.43 13.57 14.96
N LYS B 55 -86.65 14.03 13.73
CA LYS B 55 -86.42 15.44 13.42
C LYS B 55 -87.36 16.34 14.22
N ASN B 56 -88.62 15.94 14.37
CA ASN B 56 -89.58 16.76 15.07
C ASN B 56 -89.15 17.02 16.51
N LYS B 57 -89.22 18.28 16.93
CA LYS B 57 -88.86 18.66 18.29
C LYS B 57 -90.01 18.54 19.27
N LYS B 58 -91.23 18.28 18.78
CA LYS B 58 -92.39 18.21 19.67
C LYS B 58 -92.26 17.06 20.67
N LEU B 59 -91.51 16.01 20.32
CA LEU B 59 -91.33 14.89 21.23
C LEU B 59 -90.36 15.25 22.36
N VAL B 60 -89.47 16.21 22.14
CA VAL B 60 -88.56 16.62 23.21
C VAL B 60 -89.33 17.24 24.37
N GLU B 61 -90.40 17.98 24.07
CA GLU B 61 -91.22 18.52 25.14
C GLU B 61 -91.84 17.41 25.98
N LEU B 62 -92.34 16.36 25.32
CA LEU B 62 -92.86 15.21 26.06
C LEU B 62 -91.78 14.56 26.90
N LEU B 63 -90.58 14.40 26.33
CA LEU B 63 -89.48 13.81 27.08
C LEU B 63 -89.16 14.62 28.33
N ARG B 64 -89.15 15.95 28.20
CA ARG B 64 -88.92 16.80 29.37
C ARG B 64 -90.07 16.70 30.38
N ARG B 65 -91.30 16.56 29.91
CA ARG B 65 -92.43 16.50 30.82
C ARG B 65 -92.43 15.22 31.66
N LYS B 66 -92.00 14.10 31.07
CA LYS B 66 -92.05 12.81 31.77
C LYS B 66 -90.99 12.69 32.87
N VAL B 67 -90.03 13.61 32.95
CA VAL B 67 -88.99 13.50 33.96
C VAL B 67 -89.60 13.62 35.36
N ARG B 68 -90.53 14.56 35.54
CA ARG B 68 -91.14 14.75 36.85
C ARG B 68 -91.95 13.53 37.28
N LEU B 69 -92.36 12.67 36.35
CA LEU B 69 -93.13 11.50 36.69
C LEU B 69 -92.30 10.54 37.54
N ALA B 70 -92.98 9.79 38.40
CA ALA B 70 -92.29 8.88 39.31
C ALA B 70 -91.53 7.81 38.54
N GLN B 71 -92.16 7.22 37.53
CA GLN B 71 -91.56 6.13 36.76
C GLN B 71 -91.26 6.60 35.35
N PRO B 72 -89.99 6.78 34.97
CA PRO B 72 -89.67 7.15 33.59
C PRO B 72 -89.76 5.92 32.68
N TYR B 73 -90.77 5.90 31.81
CA TYR B 73 -90.98 4.77 30.91
C TYR B 73 -91.32 5.30 29.53
N VAL B 74 -91.11 4.46 28.52
CA VAL B 74 -91.44 4.78 27.14
C VAL B 74 -91.89 3.50 26.44
N GLY B 75 -92.95 3.61 25.66
CA GLY B 75 -93.49 2.48 24.92
C GLY B 75 -92.98 2.48 23.48
N VAL B 76 -92.81 1.27 22.94
CA VAL B 76 -92.28 1.08 21.59
C VAL B 76 -93.28 0.25 20.80
N PHE B 77 -93.78 0.80 19.69
CA PHE B 77 -94.68 0.14 18.79
C PHE B 77 -93.97 -0.13 17.45
N LEU B 78 -94.72 -0.64 16.49
CA LEU B 78 -94.24 -0.82 15.12
C LEU B 78 -95.30 -0.31 14.15
N LYS B 79 -94.85 0.07 12.96
CA LYS B 79 -95.73 0.68 11.97
C LYS B 79 -96.18 -0.36 10.93
N ARG B 80 -97.08 0.07 10.05
CA ARG B 80 -97.55 -0.73 8.94
C ARG B 80 -96.89 -0.25 7.66
N ASP B 81 -97.31 -0.82 6.52
CA ASP B 81 -96.76 -0.43 5.24
C ASP B 81 -97.22 0.97 4.85
N ASP B 82 -96.51 1.56 3.89
CA ASP B 82 -96.82 2.91 3.41
C ASP B 82 -96.72 3.92 4.54
N SER B 83 -95.51 4.05 5.08
CA SER B 83 -95.27 5.01 6.16
C SER B 83 -95.65 6.42 5.71
N ASN B 84 -96.33 7.14 6.59
CA ASN B 84 -96.80 8.49 6.28
C ASN B 84 -96.81 9.30 7.57
N GLU B 85 -95.87 10.24 7.69
CA GLU B 85 -95.80 11.07 8.89
C GLU B 85 -97.08 11.87 9.09
N SER B 86 -97.68 12.35 7.99
CA SER B 86 -98.92 13.10 8.10
C SER B 86 -100.02 12.24 8.73
N ASP B 87 -100.12 10.98 8.30
CA ASP B 87 -101.07 10.07 8.92
C ASP B 87 -100.74 9.81 10.37
N VAL B 88 -99.46 9.71 10.71
CA VAL B 88 -99.07 9.50 12.11
C VAL B 88 -99.55 10.66 12.97
N VAL B 89 -99.36 11.89 12.51
CA VAL B 89 -99.81 13.05 13.28
C VAL B 89 -101.32 13.25 13.17
N GLU B 90 -101.98 12.59 12.21
CA GLU B 90 -103.42 12.75 12.04
C GLU B 90 -104.21 11.61 12.66
N SER B 91 -103.92 10.37 12.27
CA SER B 91 -104.66 9.20 12.73
C SER B 91 -103.75 8.28 13.51
N LEU B 92 -104.33 7.60 14.50
CA LEU B 92 -103.60 6.70 15.39
C LEU B 92 -103.65 5.25 14.92
N ASP B 93 -104.32 4.97 13.81
CA ASP B 93 -104.44 3.61 13.30
C ASP B 93 -103.21 3.16 12.51
N GLU B 94 -102.32 4.08 12.15
CA GLU B 94 -101.15 3.71 11.37
C GLU B 94 -100.22 2.79 12.14
N ILE B 95 -100.24 2.87 13.46
CA ILE B 95 -99.31 2.10 14.29
C ILE B 95 -99.94 0.76 14.66
N GLU B 96 -99.12 -0.28 14.67
CA GLU B 96 -99.59 -1.61 15.03
C GLU B 96 -99.99 -1.65 16.50
N HIS B 97 -100.96 -2.51 16.81
CA HIS B 97 -101.45 -2.62 18.18
C HIS B 97 -100.39 -3.16 19.12
N THR B 98 -99.46 -3.99 18.61
CA THR B 98 -98.42 -4.54 19.46
C THR B 98 -97.50 -3.44 19.98
N GLY B 99 -96.97 -3.65 21.17
CA GLY B 99 -96.08 -2.67 21.79
C GLY B 99 -95.11 -3.33 22.73
N THR B 100 -94.06 -2.58 23.06
CA THR B 100 -92.99 -3.07 23.94
C THR B 100 -92.63 -1.95 24.91
N PHE B 101 -93.15 -2.05 26.13
CA PHE B 101 -92.84 -1.08 27.17
C PHE B 101 -91.43 -1.32 27.72
N ALA B 102 -90.73 -0.22 28.01
CA ALA B 102 -89.41 -0.28 28.61
C ALA B 102 -89.15 1.04 29.32
N GLN B 103 -88.18 1.01 30.24
CA GLN B 103 -87.83 2.19 31.01
C GLN B 103 -86.76 3.01 30.30
N ILE B 104 -86.59 4.24 30.76
CA ILE B 104 -85.65 5.19 30.16
C ILE B 104 -84.33 5.11 30.92
N HIS B 105 -83.23 4.95 30.19
CA HIS B 105 -81.91 4.86 30.81
C HIS B 105 -81.29 6.23 31.03
N GLU B 106 -81.07 6.98 29.95
CA GLU B 106 -80.49 8.32 30.05
C GLU B 106 -80.47 8.99 28.67
N MET B 107 -80.35 10.31 28.66
CA MET B 107 -80.35 11.10 27.43
C MET B 107 -78.95 11.62 27.15
N GLN B 108 -78.51 11.50 25.90
CA GLN B 108 -77.17 11.89 25.50
C GLN B 108 -77.18 13.13 24.60
N ASP B 109 -77.90 13.08 23.47
CA ASP B 109 -78.01 14.21 22.55
C ASP B 109 -76.63 14.72 22.14
N LEU B 110 -75.88 13.86 21.44
CA LEU B 110 -74.55 14.23 20.98
C LEU B 110 -74.63 15.15 19.76
N GLY B 111 -75.21 14.65 18.66
CA GLY B 111 -75.26 15.41 17.42
C GLY B 111 -76.62 15.99 17.13
N ASP B 112 -77.67 15.39 17.71
CA ASP B 112 -79.04 15.83 17.52
C ASP B 112 -79.70 16.08 18.87
N LYS B 113 -80.60 17.06 18.91
CA LYS B 113 -81.30 17.39 20.14
C LYS B 113 -82.24 16.28 20.60
N LEU B 114 -82.54 15.30 19.75
CA LEU B 114 -83.38 14.16 20.12
C LEU B 114 -82.63 12.89 19.74
N ARG B 115 -82.14 12.18 20.76
CA ARG B 115 -81.44 10.90 20.58
C ARG B 115 -81.79 10.06 21.80
N MET B 116 -82.81 9.20 21.65
CA MET B 116 -83.34 8.42 22.76
C MET B 116 -83.02 6.95 22.57
N ILE B 117 -82.58 6.31 23.65
CA ILE B 117 -82.23 4.89 23.66
C ILE B 117 -83.48 4.09 24.00
N VAL B 118 -83.71 3.01 23.27
CA VAL B 118 -84.89 2.17 23.44
C VAL B 118 -84.47 0.72 23.52
N MET B 119 -85.27 -0.07 24.25
CA MET B 119 -85.04 -1.49 24.41
C MET B 119 -86.39 -2.18 24.57
N GLY B 120 -86.46 -3.45 24.18
CA GLY B 120 -87.68 -4.22 24.31
C GLY B 120 -87.69 -5.10 25.54
N HIS B 121 -88.48 -4.73 26.54
CA HIS B 121 -88.50 -5.44 27.82
C HIS B 121 -89.83 -6.13 28.08
N ARG B 122 -90.94 -5.40 28.04
CA ARG B 122 -92.26 -5.94 28.39
C ARG B 122 -93.16 -5.85 27.17
N ARG B 123 -93.40 -6.99 26.52
CA ARG B 123 -94.22 -7.03 25.32
C ARG B 123 -95.70 -7.13 25.68
N VAL B 124 -96.53 -6.40 24.94
CA VAL B 124 -97.97 -6.39 25.17
C VAL B 124 -98.68 -6.19 23.83
N HIS B 125 -99.97 -6.50 23.81
CA HIS B 125 -100.81 -6.29 22.64
C HIS B 125 -102.12 -5.67 23.10
N ILE B 126 -102.33 -4.40 22.74
CA ILE B 126 -103.55 -3.70 23.15
C ILE B 126 -104.71 -4.17 22.29
N SER B 127 -105.84 -4.48 22.94
CA SER B 127 -107.00 -4.95 22.20
C SER B 127 -107.50 -3.91 21.21
N ARG B 128 -107.55 -2.65 21.63
CA ARG B 128 -108.02 -1.57 20.77
C ARG B 128 -107.24 -0.31 21.13
N GLN B 129 -106.29 0.06 20.29
CA GLN B 129 -105.51 1.28 20.53
C GLN B 129 -106.37 2.53 20.46
N LEU B 130 -107.51 2.48 19.76
CA LEU B 130 -108.39 3.64 19.69
C LEU B 130 -108.92 4.02 21.07
N GLU B 131 -109.31 3.03 21.86
CA GLU B 131 -109.81 3.28 23.21
C GLU B 131 -108.68 3.31 24.22
N MET B 182 -104.53 3.79 28.85
CA MET B 182 -105.24 2.81 28.02
C MET B 182 -105.32 1.47 28.73
N VAL B 183 -106.40 0.73 28.49
CA VAL B 183 -106.57 -0.58 29.10
C VAL B 183 -105.61 -1.56 28.44
N GLU B 184 -104.91 -2.34 29.26
CA GLU B 184 -103.93 -3.31 28.77
C GLU B 184 -103.88 -4.49 29.73
N VAL B 185 -103.02 -5.45 29.41
CA VAL B 185 -102.78 -6.59 30.28
C VAL B 185 -101.49 -7.26 29.82
N GLU B 186 -100.71 -7.74 30.79
CA GLU B 186 -99.45 -8.43 30.50
C GLU B 186 -99.74 -9.90 30.20
N ASN B 187 -100.46 -10.11 29.11
CA ASN B 187 -100.87 -11.45 28.67
C ASN B 187 -99.69 -12.15 27.98
N VAL B 188 -98.63 -12.36 28.75
CA VAL B 188 -97.39 -12.96 28.24
C VAL B 188 -97.54 -14.47 28.43
N VAL B 189 -97.94 -15.15 27.36
CA VAL B 189 -98.11 -16.60 27.39
C VAL B 189 -96.77 -17.26 27.09
N HIS B 190 -96.34 -18.14 27.98
CA HIS B 190 -95.09 -18.89 27.82
C HIS B 190 -95.34 -20.36 28.15
N GLU B 191 -96.42 -20.92 27.61
CA GLU B 191 -96.75 -22.31 27.86
C GLU B 191 -95.61 -23.22 27.39
N ASP B 192 -95.23 -24.16 28.25
CA ASP B 192 -94.16 -25.09 27.94
C ASP B 192 -94.57 -26.49 28.37
N PHE B 193 -94.12 -27.49 27.62
CA PHE B 193 -94.45 -28.88 27.94
C PHE B 193 -93.73 -29.33 29.20
N GLN B 194 -94.36 -30.27 29.91
CA GLN B 194 -93.72 -30.82 31.11
C GLN B 194 -92.42 -31.54 30.75
N VAL B 195 -92.34 -32.12 29.56
CA VAL B 195 -91.12 -32.77 29.09
C VAL B 195 -90.30 -31.75 28.32
N THR B 196 -89.12 -31.42 28.84
CA THR B 196 -88.24 -30.42 28.24
C THR B 196 -86.86 -31.01 28.03
N GLU B 197 -86.80 -32.22 27.47
CA GLU B 197 -85.55 -32.90 27.19
C GLU B 197 -85.21 -32.87 25.70
N GLU B 198 -86.14 -33.31 24.85
CA GLU B 198 -85.93 -33.27 23.40
C GLU B 198 -86.22 -31.90 22.80
N VAL B 199 -86.93 -31.03 23.52
CA VAL B 199 -87.28 -29.73 22.96
C VAL B 199 -86.04 -28.83 22.86
N LYS B 200 -85.16 -28.90 23.86
CA LYS B 200 -83.99 -28.03 23.88
C LYS B 200 -83.00 -28.34 22.76
N ALA B 201 -83.14 -29.48 22.09
CA ALA B 201 -82.22 -29.82 21.00
C ALA B 201 -82.31 -28.81 19.87
N LEU B 202 -83.52 -28.33 19.56
CA LEU B 202 -83.67 -27.37 18.47
C LEU B 202 -82.82 -26.13 18.68
N THR B 203 -82.64 -25.72 19.94
CA THR B 203 -81.80 -24.56 20.22
C THR B 203 -80.35 -24.81 19.79
N ALA B 204 -79.89 -26.06 19.88
CA ALA B 204 -78.53 -26.38 19.45
C ALA B 204 -78.35 -26.10 17.96
N GLU B 205 -79.30 -26.58 17.14
CA GLU B 205 -79.21 -26.31 15.70
C GLU B 205 -79.43 -24.84 15.41
N ILE B 206 -80.26 -24.15 16.21
CA ILE B 206 -80.47 -22.73 16.01
C ILE B 206 -79.16 -21.96 16.23
N VAL B 207 -78.45 -22.28 17.32
CA VAL B 207 -77.19 -21.60 17.58
C VAL B 207 -76.14 -21.99 16.56
N LYS B 208 -76.15 -23.24 16.09
CA LYS B 208 -75.24 -23.63 15.02
C LYS B 208 -75.48 -22.81 13.76
N THR B 209 -76.75 -22.64 13.38
CA THR B 209 -77.08 -21.86 12.20
C THR B 209 -76.71 -20.39 12.39
N ILE B 210 -76.92 -19.86 13.59
CA ILE B 210 -76.56 -18.47 13.86
C ILE B 210 -75.05 -18.28 13.78
N ARG B 211 -74.29 -19.25 14.30
CA ARG B 211 -72.83 -19.20 14.18
C ARG B 211 -72.42 -19.22 12.72
N ASP B 212 -73.04 -20.09 11.92
CA ASP B 212 -72.72 -20.15 10.49
C ASP B 212 -73.07 -18.83 9.81
N ILE B 213 -74.17 -18.21 10.21
CA ILE B 213 -74.57 -16.93 9.60
C ILE B 213 -73.57 -15.84 9.93
N ILE B 214 -73.18 -15.72 11.21
CA ILE B 214 -72.23 -14.69 11.60
C ILE B 214 -70.84 -14.98 11.03
N ALA B 215 -70.53 -16.24 10.70
CA ALA B 215 -69.26 -16.54 10.07
C ALA B 215 -69.27 -16.20 8.59
N LEU B 216 -70.23 -16.75 7.84
CA LEU B 216 -70.33 -16.45 6.41
C LEU B 216 -70.64 -14.98 6.16
N ASN B 217 -71.50 -14.37 6.97
CA ASN B 217 -71.89 -12.97 6.83
C ASN B 217 -71.68 -12.26 8.15
N PRO B 218 -70.44 -11.94 8.50
CA PRO B 218 -70.18 -11.25 9.78
C PRO B 218 -70.84 -9.87 9.80
N LEU B 219 -71.67 -9.65 10.81
CA LEU B 219 -72.38 -8.39 10.99
C LEU B 219 -71.92 -7.66 12.25
N TYR B 220 -71.98 -8.32 13.40
CA TYR B 220 -71.52 -7.77 14.67
C TYR B 220 -70.34 -8.59 15.18
N ARG B 221 -69.74 -8.09 16.26
CA ARG B 221 -68.61 -8.80 16.86
C ARG B 221 -69.05 -10.14 17.44
N GLU B 222 -68.14 -11.10 17.42
CA GLU B 222 -68.42 -12.43 17.93
C GLU B 222 -68.16 -12.56 19.44
N SER B 223 -67.70 -11.49 20.09
CA SER B 223 -67.49 -11.54 21.53
C SER B 223 -68.80 -11.74 22.29
N VAL B 224 -69.89 -11.13 21.79
CA VAL B 224 -71.18 -11.28 22.44
C VAL B 224 -71.62 -12.74 22.44
N LEU B 225 -71.35 -13.45 21.34
CA LEU B 225 -71.70 -14.87 21.28
C LEU B 225 -70.96 -15.68 22.33
N GLN B 226 -69.67 -15.40 22.53
CA GLN B 226 -68.91 -16.12 23.55
C GLN B 226 -69.32 -15.71 24.96
N MET B 227 -69.78 -14.48 25.14
CA MET B 227 -70.28 -14.07 26.45
C MET B 227 -71.49 -14.88 26.87
N MET B 228 -72.42 -15.13 25.95
CA MET B 228 -73.64 -15.89 26.22
C MET B 228 -73.46 -17.29 25.66
N GLN B 229 -73.40 -18.28 26.54
CA GLN B 229 -73.23 -19.67 26.16
C GLN B 229 -74.33 -20.52 26.77
N ALA B 230 -74.90 -21.42 25.97
CA ALA B 230 -75.99 -22.27 26.45
C ALA B 230 -75.52 -23.21 27.55
N GLY B 231 -74.31 -23.76 27.43
CA GLY B 231 -73.82 -24.70 28.41
C GLY B 231 -73.68 -24.14 29.81
N GLN B 232 -73.66 -22.82 29.96
CA GLN B 232 -73.55 -22.22 31.28
C GLN B 232 -74.80 -22.42 32.12
N ARG B 233 -75.90 -22.85 31.51
CA ARG B 233 -77.21 -22.98 32.15
C ARG B 233 -77.82 -21.62 32.50
N VAL B 234 -77.24 -20.52 31.98
CA VAL B 234 -77.71 -19.18 32.32
C VAL B 234 -78.90 -18.75 31.49
N VAL B 235 -79.41 -19.61 30.60
CA VAL B 235 -80.55 -19.26 29.74
C VAL B 235 -81.80 -19.62 30.52
N ASP B 236 -82.22 -18.71 31.39
CA ASP B 236 -83.46 -18.90 32.13
C ASP B 236 -84.69 -18.57 31.30
N ASN B 237 -84.53 -17.79 30.24
CA ASN B 237 -85.64 -17.40 29.35
C ASN B 237 -85.24 -17.74 27.92
N PRO B 238 -85.47 -18.98 27.48
CA PRO B 238 -85.09 -19.34 26.11
C PRO B 238 -85.79 -18.49 25.06
N ILE B 239 -86.98 -17.98 25.35
CA ILE B 239 -87.69 -17.13 24.40
C ILE B 239 -86.87 -15.86 24.12
N TYR B 240 -86.28 -15.28 25.16
CA TYR B 240 -85.48 -14.07 24.95
C TYR B 240 -84.26 -14.36 24.10
N LEU B 241 -83.59 -15.50 24.35
CA LEU B 241 -82.44 -15.86 23.52
C LEU B 241 -82.85 -16.07 22.07
N SER B 242 -83.98 -16.74 21.85
CA SER B 242 -84.46 -16.95 20.48
C SER B 242 -84.78 -15.62 19.82
N ASP B 243 -85.40 -14.70 20.55
CA ASP B 243 -85.73 -13.40 19.97
C ASP B 243 -84.48 -12.62 19.61
N MET B 244 -83.48 -12.60 20.50
CA MET B 244 -82.24 -11.89 20.20
C MET B 244 -81.51 -12.54 19.03
N GLY B 245 -81.57 -13.86 18.91
CA GLY B 245 -81.00 -14.52 17.73
C GLY B 245 -81.73 -14.14 16.46
N ALA B 246 -83.06 -14.02 16.52
CA ALA B 246 -83.83 -13.64 15.36
C ALA B 246 -83.71 -12.16 15.03
N ALA B 247 -83.22 -11.34 15.97
CA ALA B 247 -83.07 -9.92 15.72
C ALA B 247 -82.09 -9.65 14.59
N LEU B 248 -80.99 -10.41 14.54
CA LEU B 248 -79.98 -10.20 13.51
C LEU B 248 -80.53 -10.44 12.11
N THR B 249 -81.65 -11.15 11.99
CA THR B 249 -82.23 -11.41 10.68
C THR B 249 -82.55 -10.11 9.96
N GLY B 250 -82.23 -10.07 8.67
CA GLY B 250 -82.44 -8.89 7.85
C GLY B 250 -83.81 -8.80 7.23
N ALA B 251 -84.74 -9.68 7.59
CA ALA B 251 -86.08 -9.65 7.01
C ALA B 251 -86.74 -8.29 7.25
N GLU B 252 -87.78 -8.03 6.45
CA GLU B 252 -88.51 -6.77 6.57
C GLU B 252 -89.33 -6.75 7.86
N SER B 253 -89.84 -5.57 8.18
CA SER B 253 -90.69 -5.43 9.36
C SER B 253 -91.98 -6.22 9.22
N HIS B 254 -92.49 -6.36 7.99
CA HIS B 254 -93.71 -7.12 7.78
C HIS B 254 -93.52 -8.58 8.17
N GLU B 255 -92.37 -9.16 7.83
CA GLU B 255 -92.10 -10.54 8.22
C GLU B 255 -92.05 -10.68 9.74
N LEU B 256 -91.44 -9.71 10.42
CA LEU B 256 -91.39 -9.76 11.88
C LEU B 256 -92.79 -9.66 12.48
N GLN B 257 -93.64 -8.79 11.91
CA GLN B 257 -95.01 -8.69 12.39
C GLN B 257 -95.77 -10.00 12.18
N ASP B 258 -95.58 -10.61 11.01
CA ASP B 258 -96.23 -11.90 10.74
C ASP B 258 -95.77 -12.95 11.73
N VAL B 259 -94.48 -12.99 12.04
CA VAL B 259 -93.97 -13.93 13.04
C VAL B 259 -94.62 -13.66 14.39
N LEU B 260 -94.69 -12.38 14.78
CA LEU B 260 -95.29 -12.03 16.06
C LEU B 260 -96.77 -12.38 16.12
N GLU B 261 -97.45 -12.43 14.98
CA GLU B 261 -98.85 -12.83 14.98
C GLU B 261 -99.05 -14.26 15.44
N GLU B 262 -98.02 -15.10 15.28
CA GLU B 262 -98.13 -16.50 15.66
C GLU B 262 -98.31 -16.63 17.17
N THR B 263 -99.00 -17.69 17.58
CA THR B 263 -99.32 -17.94 18.98
C THR B 263 -98.59 -19.16 19.56
N ASN B 264 -98.72 -20.32 18.92
CA ASN B 264 -98.06 -21.52 19.44
C ASN B 264 -96.56 -21.38 19.32
N ILE B 265 -95.84 -21.72 20.39
CA ILE B 265 -94.38 -21.64 20.36
C ILE B 265 -93.81 -22.47 19.21
N PRO B 266 -94.24 -23.72 18.98
CA PRO B 266 -93.75 -24.43 17.79
C PRO B 266 -94.11 -23.75 16.49
N LYS B 267 -95.28 -23.10 16.40
CA LYS B 267 -95.67 -22.44 15.16
C LYS B 267 -94.73 -21.27 14.85
N ARG B 268 -94.48 -20.41 15.84
CA ARG B 268 -93.58 -19.29 15.61
C ARG B 268 -92.15 -19.77 15.40
N LEU B 269 -91.74 -20.84 16.07
CA LEU B 269 -90.42 -21.40 15.82
C LEU B 269 -90.29 -21.89 14.38
N TYR B 270 -91.32 -22.56 13.87
CA TYR B 270 -91.30 -23.03 12.49
C TYR B 270 -91.28 -21.87 11.51
N LYS B 271 -92.07 -20.83 11.79
CA LYS B 271 -92.05 -19.65 10.91
C LYS B 271 -90.68 -18.99 10.92
N ALA B 272 -90.05 -18.88 12.09
CA ALA B 272 -88.71 -18.31 12.17
C ALA B 272 -87.70 -19.17 11.42
N LEU B 273 -87.83 -20.49 11.53
CA LEU B 273 -86.94 -21.38 10.79
C LEU B 273 -87.11 -21.20 9.29
N SER B 274 -88.36 -21.09 8.81
CA SER B 274 -88.59 -20.87 7.39
C SER B 274 -88.03 -19.53 6.95
N LEU B 275 -88.18 -18.50 7.77
CA LEU B 275 -87.61 -17.19 7.44
C LEU B 275 -86.09 -17.27 7.37
N LEU B 276 -85.48 -17.99 8.32
CA LEU B 276 -84.03 -18.17 8.28
C LEU B 276 -83.61 -18.89 7.00
N LYS B 277 -84.35 -19.93 6.62
CA LYS B 277 -84.03 -20.66 5.40
C LYS B 277 -84.11 -19.75 4.18
N LYS B 278 -85.18 -18.95 4.09
CA LYS B 278 -85.34 -18.06 2.94
C LYS B 278 -84.26 -17.00 2.90
N GLU B 279 -83.95 -16.38 4.04
CA GLU B 279 -82.92 -15.35 4.06
C GLU B 279 -81.55 -15.93 3.74
N PHE B 280 -81.25 -17.12 4.26
CA PHE B 280 -79.97 -17.76 3.94
C PHE B 280 -79.90 -18.14 2.47
N GLU B 281 -81.04 -18.56 1.89
CA GLU B 281 -81.08 -18.82 0.45
C GLU B 281 -80.79 -17.55 -0.33
N LEU B 282 -81.39 -16.43 0.07
CA LEU B 282 -81.12 -15.16 -0.60
C LEU B 282 -79.65 -14.80 -0.50
N SER B 283 -79.08 -14.92 0.70
CA SER B 283 -77.66 -14.58 0.88
C SER B 283 -76.77 -15.48 0.04
N LYS B 284 -77.05 -16.79 0.02
CA LYS B 284 -76.24 -17.72 -0.75
C LYS B 284 -76.35 -17.43 -2.24
N LEU B 285 -77.56 -17.14 -2.74
CA LEU B 285 -77.72 -16.82 -4.15
C LEU B 285 -76.96 -15.55 -4.51
N GLN B 286 -77.06 -14.51 -3.66
CA GLN B 286 -76.31 -13.29 -3.91
C GLN B 286 -74.81 -13.55 -3.91
N GLN B 287 -74.34 -14.35 -2.95
CA GLN B 287 -72.91 -14.65 -2.87
C GLN B 287 -72.44 -15.41 -4.11
N ARG B 288 -73.23 -16.38 -4.57
CA ARG B 288 -72.83 -17.15 -5.75
C ARG B 288 -72.83 -16.28 -7.00
N LEU B 289 -73.83 -15.43 -7.16
CA LEU B 289 -73.86 -14.53 -8.31
C LEU B 289 -72.67 -13.57 -8.27
N GLY B 290 -72.37 -13.02 -7.09
CA GLY B 290 -71.22 -12.15 -6.98
C GLY B 290 -69.91 -12.87 -7.25
N ARG B 291 -69.81 -14.12 -6.81
CA ARG B 291 -68.62 -14.92 -7.08
C ARG B 291 -68.44 -15.15 -8.57
N GLU B 292 -69.53 -15.47 -9.27
CA GLU B 292 -69.45 -15.67 -10.71
C GLU B 292 -69.06 -14.37 -11.43
N VAL B 293 -69.65 -13.25 -11.01
CA VAL B 293 -69.30 -11.97 -11.63
C VAL B 293 -67.84 -11.63 -11.35
N GLU B 294 -67.37 -11.88 -10.12
CA GLU B 294 -65.97 -11.62 -9.80
C GLU B 294 -65.04 -12.48 -10.62
N GLU B 295 -65.39 -13.76 -10.82
CA GLU B 295 -64.57 -14.63 -11.67
C GLU B 295 -64.56 -14.13 -13.11
N LYS B 296 -65.70 -13.67 -13.62
CA LYS B 296 -65.74 -13.10 -14.95
C LYS B 296 -64.82 -11.88 -15.04
N ILE B 297 -64.81 -11.05 -13.99
CA ILE B 297 -63.89 -9.92 -13.96
C ILE B 297 -62.45 -10.42 -13.97
N LYS B 298 -62.17 -11.51 -13.25
CA LYS B 298 -60.84 -12.10 -13.22
C LYS B 298 -60.40 -12.59 -14.59
N GLN B 299 -61.35 -12.84 -15.51
CA GLN B 299 -60.97 -13.23 -16.85
C GLN B 299 -60.11 -12.17 -17.53
N THR B 300 -60.19 -10.92 -17.07
CA THR B 300 -59.22 -9.93 -17.50
C THR B 300 -57.82 -10.42 -17.17
N HIS B 301 -56.95 -10.41 -18.18
CA HIS B 301 -55.65 -11.03 -18.04
C HIS B 301 -54.82 -10.34 -16.96
N ARG B 302 -53.94 -11.11 -16.33
CA ARG B 302 -52.99 -10.52 -15.40
C ARG B 302 -52.07 -9.51 -16.09
N LYS B 303 -52.00 -9.57 -17.42
CA LYS B 303 -51.32 -8.51 -18.16
C LYS B 303 -51.89 -7.14 -17.82
N TYR B 304 -53.20 -7.06 -17.54
CA TYR B 304 -53.79 -5.80 -17.14
C TYR B 304 -53.24 -5.32 -15.80
N LEU B 305 -53.10 -6.23 -14.83
CA LEU B 305 -52.54 -5.85 -13.54
C LEU B 305 -51.08 -5.43 -13.68
N LEU B 306 -50.31 -6.15 -14.52
CA LEU B 306 -48.92 -5.75 -14.75
C LEU B 306 -48.85 -4.41 -15.46
N GLN B 307 -49.80 -4.12 -16.36
CA GLN B 307 -49.86 -2.80 -16.98
C GLN B 307 -50.17 -1.73 -15.95
N GLU B 308 -51.05 -2.04 -14.99
CA GLU B 308 -51.31 -1.09 -13.90
C GLU B 308 -50.05 -0.84 -13.09
N GLN B 309 -49.28 -1.90 -12.81
CA GLN B 309 -48.02 -1.73 -12.08
C GLN B 309 -47.05 -0.86 -12.87
N LEU B 310 -46.94 -1.08 -14.18
CA LEU B 310 -46.06 -0.26 -15.00
C LEU B 310 -46.54 1.19 -15.03
N LYS B 311 -47.85 1.41 -15.07
CA LYS B 311 -48.39 2.75 -14.98
C LYS B 311 -48.01 3.41 -13.67
N ILE B 312 -48.05 2.64 -12.58
CA ILE B 312 -47.62 3.15 -11.28
C ILE B 312 -46.15 3.57 -11.34
N ILE B 313 -45.31 2.72 -11.95
CA ILE B 313 -43.89 3.03 -12.04
C ILE B 313 -43.69 4.35 -12.79
N LYS B 314 -44.34 4.49 -13.95
CA LYS B 314 -44.11 5.70 -14.74
C LYS B 314 -44.71 6.93 -14.08
N LYS B 315 -45.85 6.79 -13.40
CA LYS B 315 -46.43 7.92 -12.69
C LYS B 315 -45.52 8.37 -11.56
N GLU B 316 -44.93 7.42 -10.82
CA GLU B 316 -43.98 7.80 -9.78
C GLU B 316 -42.74 8.44 -10.37
N LEU B 317 -42.27 7.94 -11.51
CA LEU B 317 -41.14 8.57 -12.19
C LEU B 317 -41.46 10.02 -12.56
N GLY B 318 -42.66 10.26 -13.09
CA GLY B 318 -43.06 11.60 -13.44
C GLY B 318 -43.30 12.50 -12.25
N LEU B 319 -43.63 11.93 -11.10
CA LEU B 319 -43.83 12.71 -9.88
C LEU B 319 -42.52 13.15 -9.23
N GLU B 320 -41.38 12.65 -9.70
CA GLU B 320 -40.08 13.00 -9.16
C GLU B 320 -39.34 13.90 -10.15
N LYS B 321 -38.74 14.98 -9.62
CA LYS B 321 -38.16 16.03 -10.45
C LYS B 321 -36.67 16.22 -10.26
N ASP B 322 -36.02 15.41 -9.41
CA ASP B 322 -34.62 15.59 -9.08
C ASP B 322 -33.78 14.52 -9.74
N ASP B 323 -32.56 14.87 -10.11
CA ASP B 323 -31.62 13.94 -10.71
C ASP B 323 -30.28 14.65 -10.92
N LYS B 324 -29.23 13.84 -11.06
CA LYS B 324 -27.89 14.32 -11.34
C LYS B 324 -27.46 14.01 -12.78
N ASP B 325 -28.43 13.84 -13.68
CA ASP B 325 -28.11 13.30 -15.00
C ASP B 325 -27.39 14.31 -15.88
N ALA B 326 -27.71 15.61 -15.73
CA ALA B 326 -27.23 16.60 -16.70
C ALA B 326 -25.71 16.54 -16.88
N ILE B 327 -24.96 16.37 -15.80
CA ILE B 327 -23.51 16.30 -15.92
C ILE B 327 -23.11 15.08 -16.75
N GLU B 328 -23.76 13.95 -16.51
CA GLU B 328 -23.47 12.75 -17.30
C GLU B 328 -23.83 12.97 -18.76
N GLU B 329 -24.97 13.60 -19.02
CA GLU B 329 -25.37 13.89 -20.39
C GLU B 329 -24.37 14.81 -21.08
N LYS B 330 -23.69 15.66 -20.31
CA LYS B 330 -22.64 16.49 -20.89
C LYS B 330 -21.58 15.63 -21.57
N PHE B 331 -21.04 14.66 -20.86
CA PHE B 331 -20.06 13.76 -21.44
C PHE B 331 -20.67 12.90 -22.54
N ARG B 332 -21.93 12.50 -22.38
CA ARG B 332 -22.58 11.70 -23.41
C ARG B 332 -22.65 12.46 -24.73
N GLU B 333 -23.03 13.74 -24.67
CA GLU B 333 -23.09 14.55 -25.89
C GLU B 333 -21.69 14.83 -26.41
N ARG B 334 -20.72 15.04 -25.52
CA ARG B 334 -19.34 15.15 -25.96
C ARG B 334 -18.94 13.94 -26.80
N LEU B 335 -19.36 12.75 -26.37
CA LEU B 335 -19.11 11.55 -27.14
C LEU B 335 -19.92 11.55 -28.44
N LYS B 336 -21.12 12.13 -28.41
CA LYS B 336 -22.05 12.03 -29.53
C LYS B 336 -21.37 12.33 -30.86
N GLU B 337 -20.80 13.53 -31.00
CA GLU B 337 -20.19 13.91 -32.27
C GLU B 337 -19.10 12.93 -32.69
N LEU B 338 -18.39 12.35 -31.72
CA LEU B 338 -17.33 11.42 -32.05
C LEU B 338 -17.90 10.12 -32.59
N VAL B 339 -17.15 9.48 -33.49
CA VAL B 339 -17.51 8.16 -34.01
C VAL B 339 -16.93 7.15 -33.03
N VAL B 340 -17.69 6.87 -31.98
CA VAL B 340 -17.21 6.07 -30.85
C VAL B 340 -17.09 4.60 -31.26
N PRO B 341 -15.92 3.98 -31.11
CA PRO B 341 -15.86 2.52 -31.26
C PRO B 341 -16.62 1.80 -30.16
N LYS B 342 -17.05 0.58 -30.47
CA LYS B 342 -17.92 -0.15 -29.56
C LYS B 342 -17.22 -0.43 -28.23
N HIS B 343 -15.94 -0.81 -28.25
CA HIS B 343 -15.25 -1.17 -27.03
C HIS B 343 -15.30 -0.02 -26.02
N VAL B 344 -14.90 1.18 -26.47
CA VAL B 344 -14.90 2.33 -25.57
C VAL B 344 -16.31 2.70 -25.19
N MET B 345 -17.29 2.50 -26.09
CA MET B 345 -18.66 2.87 -25.76
C MET B 345 -19.17 2.02 -24.60
N ASP B 346 -18.93 0.71 -24.65
CA ASP B 346 -19.39 -0.16 -23.57
C ASP B 346 -18.60 0.07 -22.29
N VAL B 347 -17.29 0.33 -22.40
CA VAL B 347 -16.52 0.64 -21.21
C VAL B 347 -17.05 1.91 -20.56
N VAL B 348 -17.37 2.92 -21.37
CA VAL B 348 -17.91 4.16 -20.84
C VAL B 348 -19.27 3.93 -20.21
N ASP B 349 -20.10 3.07 -20.81
CA ASP B 349 -21.39 2.78 -20.20
C ASP B 349 -21.23 2.12 -18.83
N GLU B 350 -20.30 1.16 -18.74
CA GLU B 350 -20.07 0.50 -17.45
C GLU B 350 -19.57 1.50 -16.41
N GLU B 351 -18.62 2.36 -16.80
CA GLU B 351 -18.11 3.33 -15.85
C GLU B 351 -19.18 4.36 -15.48
N LEU B 352 -20.07 4.69 -16.41
CA LEU B 352 -21.17 5.60 -16.12
C LEU B 352 -22.13 4.98 -15.12
N SER B 353 -22.41 3.68 -15.26
CA SER B 353 -23.22 2.99 -14.28
C SER B 353 -22.56 3.03 -12.90
N LYS B 354 -21.25 2.77 -12.86
CA LYS B 354 -20.54 2.85 -11.58
C LYS B 354 -20.63 4.26 -11.00
N LEU B 355 -20.45 5.28 -11.83
CA LEU B 355 -20.53 6.66 -11.37
C LEU B 355 -21.90 6.98 -10.81
N GLY B 356 -22.96 6.53 -11.50
CA GLY B 356 -24.30 6.73 -10.99
C GLY B 356 -24.52 6.04 -9.65
N LEU B 357 -23.93 4.86 -9.49
CA LEU B 357 -24.01 4.16 -8.20
C LEU B 357 -23.35 4.98 -7.09
N LEU B 358 -22.19 5.55 -7.38
CA LEU B 358 -21.37 6.15 -6.34
C LEU B 358 -21.84 7.56 -6.00
N ASP B 359 -21.67 7.93 -4.73
CA ASP B 359 -21.94 9.28 -4.28
C ASP B 359 -20.95 10.25 -4.92
N ASN B 360 -21.40 11.49 -5.12
CA ASN B 360 -20.60 12.47 -5.84
C ASN B 360 -19.34 12.86 -5.08
N HIS B 361 -19.36 12.77 -3.74
CA HIS B 361 -18.28 13.33 -2.94
C HIS B 361 -17.15 12.35 -2.62
N SER B 362 -17.37 11.04 -2.78
CA SER B 362 -16.34 10.08 -2.45
C SER B 362 -15.12 10.24 -3.36
N SER B 363 -13.95 9.95 -2.79
CA SER B 363 -12.71 10.05 -3.57
C SER B 363 -12.72 9.06 -4.74
N GLU B 364 -13.26 7.86 -4.52
CA GLU B 364 -13.41 6.91 -5.62
C GLU B 364 -14.25 7.53 -6.73
N PHE B 365 -15.30 8.25 -6.37
CA PHE B 365 -16.11 8.95 -7.37
C PHE B 365 -15.27 10.00 -8.11
N ASN B 366 -14.38 10.69 -7.38
CA ASN B 366 -13.53 11.67 -8.04
C ASN B 366 -12.61 11.02 -9.06
N VAL B 367 -12.01 9.88 -8.70
CA VAL B 367 -11.14 9.18 -9.63
C VAL B 367 -11.94 8.69 -10.83
N THR B 368 -13.16 8.20 -10.59
CA THR B 368 -14.02 7.76 -11.68
C THR B 368 -14.34 8.91 -12.62
N ARG B 369 -14.65 10.08 -12.05
CA ARG B 369 -14.95 11.24 -12.88
C ARG B 369 -13.74 11.65 -13.71
N ASN B 370 -12.55 11.65 -13.09
CA ASN B 370 -11.34 12.00 -13.84
C ASN B 370 -11.11 11.03 -14.99
N TYR B 371 -11.28 9.72 -14.73
CA TYR B 371 -11.12 8.74 -15.79
C TYR B 371 -12.12 8.96 -16.91
N LEU B 372 -13.37 9.25 -16.56
CA LEU B 372 -14.38 9.51 -17.59
C LEU B 372 -14.01 10.74 -18.42
N ASP B 373 -13.56 11.81 -17.75
CA ASP B 373 -13.19 13.02 -18.48
C ASP B 373 -12.06 12.74 -19.45
N TRP B 374 -11.03 12.02 -18.99
CA TRP B 374 -9.91 11.72 -19.87
C TRP B 374 -10.35 10.82 -21.03
N LEU B 375 -11.19 9.82 -20.76
CA LEU B 375 -11.62 8.89 -21.80
C LEU B 375 -12.44 9.61 -22.86
N THR B 376 -13.38 10.47 -22.44
CA THR B 376 -14.24 11.15 -23.39
C THR B 376 -13.49 12.28 -24.11
N SER B 377 -12.48 12.85 -23.48
CA SER B 377 -11.76 13.96 -24.10
C SER B 377 -11.01 13.51 -25.35
N ILE B 378 -10.66 12.23 -25.44
CA ILE B 378 -9.89 11.78 -26.61
C ILE B 378 -10.75 11.91 -27.86
N PRO B 379 -10.22 12.42 -28.97
CA PRO B 379 -11.02 12.45 -30.20
C PRO B 379 -11.13 11.05 -30.80
N TRP B 380 -12.35 10.67 -31.18
CA TRP B 380 -12.64 9.33 -31.67
C TRP B 380 -13.29 9.43 -33.05
N GLY B 381 -12.55 9.02 -34.08
CA GLY B 381 -13.05 9.02 -35.44
C GLY B 381 -12.81 10.28 -36.22
N LYS B 382 -12.31 11.34 -35.59
CA LYS B 382 -12.03 12.58 -36.29
C LYS B 382 -10.74 12.44 -37.08
N TYR B 383 -10.76 12.87 -38.35
CA TYR B 383 -9.60 12.78 -39.23
C TYR B 383 -9.41 14.14 -39.89
N SER B 384 -8.40 14.88 -39.43
CA SER B 384 -8.10 16.19 -40.01
C SER B 384 -7.94 16.08 -41.52
N ASN B 385 -8.76 16.83 -42.25
CA ASN B 385 -8.75 16.76 -43.70
C ASN B 385 -7.34 17.02 -44.22
N GLU B 386 -6.79 16.04 -44.93
CA GLU B 386 -5.44 16.13 -45.46
C GLU B 386 -5.45 16.85 -46.81
N ASN B 387 -4.37 17.58 -47.07
CA ASN B 387 -4.19 18.21 -48.37
C ASN B 387 -3.90 17.16 -49.43
N LEU B 388 -4.55 17.30 -50.57
CA LEU B 388 -4.31 16.42 -51.71
C LEU B 388 -3.73 17.15 -52.93
N ASP B 389 -3.94 18.46 -53.04
CA ASP B 389 -3.29 19.22 -54.09
C ASP B 389 -1.77 19.08 -53.95
N LEU B 390 -1.10 18.80 -55.06
CA LEU B 390 0.31 18.45 -55.02
C LEU B 390 1.20 19.63 -55.40
N ALA B 391 0.75 20.44 -56.36
CA ALA B 391 1.49 21.67 -56.68
C ALA B 391 1.53 22.60 -55.48
N ARG B 392 0.40 22.73 -54.78
CA ARG B 392 0.35 23.58 -53.60
C ARG B 392 1.33 23.10 -52.53
N ALA B 393 1.33 21.79 -52.26
CA ALA B 393 2.24 21.25 -51.25
C ALA B 393 3.69 21.42 -51.67
N GLN B 394 3.97 21.19 -52.95
CA GLN B 394 5.34 21.38 -53.44
C GLN B 394 5.79 22.82 -53.26
N ALA B 395 4.93 23.78 -53.60
CA ALA B 395 5.27 25.18 -53.42
C ALA B 395 5.48 25.51 -51.95
N VAL B 396 4.62 24.99 -51.07
CA VAL B 396 4.76 25.28 -49.65
C VAL B 396 6.09 24.74 -49.13
N LEU B 397 6.44 23.51 -49.51
CA LEU B 397 7.70 22.93 -49.05
C LEU B 397 8.90 23.67 -49.62
N GLU B 398 8.86 24.05 -50.90
CA GLU B 398 9.97 24.80 -51.47
C GLU B 398 10.09 26.19 -50.88
N GLU B 399 8.99 26.75 -50.35
CA GLU B 399 9.01 28.09 -49.80
C GLU B 399 9.69 28.18 -48.45
N ASP B 400 9.73 27.08 -47.69
CA ASP B 400 10.15 27.13 -46.30
C ASP B 400 11.55 26.59 -46.05
N HIS B 401 12.08 25.74 -46.93
CA HIS B 401 13.37 25.10 -46.66
C HIS B 401 14.11 24.92 -47.98
N TYR B 402 15.21 25.66 -48.14
CA TYR B 402 15.99 25.59 -49.36
C TYR B 402 16.84 24.33 -49.37
N GLY B 403 17.14 23.83 -50.57
CA GLY B 403 17.95 22.64 -50.70
C GLY B 403 17.22 21.41 -50.19
N MET B 404 17.99 20.43 -49.75
CA MET B 404 17.47 19.19 -49.17
C MET B 404 16.32 18.65 -50.01
N GLU B 405 16.53 18.68 -51.33
CA GLU B 405 15.47 18.30 -52.26
C GLU B 405 15.14 16.81 -52.22
N ASP B 406 16.02 15.99 -51.63
CA ASP B 406 15.71 14.56 -51.53
C ASP B 406 14.52 14.32 -50.62
N VAL B 407 14.50 14.99 -49.47
CA VAL B 407 13.36 14.87 -48.56
C VAL B 407 12.11 15.43 -49.22
N LYS B 408 12.25 16.53 -49.96
CA LYS B 408 11.11 17.09 -50.67
C LYS B 408 10.54 16.10 -51.67
N LYS B 409 11.43 15.43 -52.42
CA LYS B 409 10.96 14.43 -53.38
C LYS B 409 10.28 13.27 -52.66
N ARG B 410 10.85 12.80 -51.56
CA ARG B 410 10.23 11.71 -50.82
C ARG B 410 8.84 12.09 -50.32
N ILE B 411 8.71 13.30 -49.78
CA ILE B 411 7.41 13.72 -49.24
C ILE B 411 6.40 13.95 -50.36
N LEU B 412 6.84 14.51 -51.49
CA LEU B 412 5.95 14.65 -52.63
C LEU B 412 5.47 13.28 -53.09
N GLU B 413 6.38 12.31 -53.14
CA GLU B 413 6.03 10.95 -53.49
C GLU B 413 5.00 10.39 -52.51
N PHE B 414 5.21 10.63 -51.21
CA PHE B 414 4.27 10.14 -50.21
C PHE B 414 2.89 10.76 -50.40
N ILE B 415 2.84 12.06 -50.65
CA ILE B 415 1.54 12.72 -50.85
C ILE B 415 0.84 12.14 -52.07
N ALA B 416 1.57 12.05 -53.19
CA ALA B 416 0.97 11.54 -54.42
C ALA B 416 0.47 10.12 -54.22
N VAL B 417 1.27 9.27 -53.59
CA VAL B 417 0.94 7.87 -53.46
C VAL B 417 -0.22 7.68 -52.50
N SER B 418 -0.24 8.45 -51.40
CA SER B 418 -1.37 8.39 -50.49
C SER B 418 -2.66 8.83 -51.18
N GLN B 419 -2.58 9.88 -52.00
CA GLN B 419 -3.77 10.30 -52.75
C GLN B 419 -4.23 9.19 -53.69
N LEU B 420 -3.29 8.56 -54.39
CA LEU B 420 -3.67 7.52 -55.35
C LEU B 420 -4.33 6.34 -54.65
N ARG B 421 -3.80 5.92 -53.49
CA ARG B 421 -4.42 4.86 -52.73
C ARG B 421 -5.55 5.40 -51.86
N GLY B 422 -6.47 6.16 -52.44
CA GLY B 422 -7.60 6.67 -51.70
C GLY B 422 -7.18 7.37 -50.42
N SER B 423 -7.54 6.78 -49.29
CA SER B 423 -7.16 7.35 -48.00
C SER B 423 -5.64 7.48 -47.90
N THR B 424 -5.21 8.19 -46.86
CA THR B 424 -3.79 8.49 -46.64
C THR B 424 -3.31 7.64 -45.46
N GLN B 425 -2.47 6.65 -45.77
CA GLN B 425 -1.86 5.84 -44.71
C GLN B 425 -0.62 6.51 -44.16
N GLY B 426 -0.37 6.28 -42.87
CA GLY B 426 0.79 6.85 -42.21
C GLY B 426 1.96 5.89 -42.14
N LYS B 427 3.06 6.22 -42.79
CA LYS B 427 4.27 5.41 -42.78
C LYS B 427 5.38 6.14 -42.04
N ILE B 428 6.18 5.38 -41.30
CA ILE B 428 7.23 5.96 -40.48
C ILE B 428 8.48 6.18 -41.32
N LEU B 429 9.18 7.28 -41.03
CA LEU B 429 10.44 7.59 -41.69
C LEU B 429 11.25 8.48 -40.75
N CYS B 430 12.56 8.28 -40.76
CA CYS B 430 13.46 8.94 -39.82
C CYS B 430 14.50 9.75 -40.59
N PHE B 431 14.68 11.01 -40.19
CA PHE B 431 15.75 11.83 -40.72
C PHE B 431 16.96 11.76 -39.79
N TYR B 432 18.12 11.47 -40.36
CA TYR B 432 19.35 11.34 -39.59
C TYR B 432 20.45 12.16 -40.23
N GLY B 433 21.26 12.81 -39.39
CA GLY B 433 22.38 13.59 -39.86
C GLY B 433 22.89 14.55 -38.81
N PRO B 434 23.94 15.31 -39.16
CA PRO B 434 24.47 16.33 -38.25
C PRO B 434 23.37 17.20 -37.68
N PRO B 435 23.61 17.84 -36.54
CA PRO B 435 22.68 18.84 -36.03
C PRO B 435 22.91 20.17 -36.74
N GLY B 436 22.03 21.13 -36.46
CA GLY B 436 22.09 22.39 -37.16
C GLY B 436 21.51 22.30 -38.55
N VAL B 437 20.77 21.23 -38.80
CA VAL B 437 20.07 21.01 -40.07
C VAL B 437 18.58 20.98 -39.78
N GLY B 438 17.78 21.43 -40.74
CA GLY B 438 16.36 21.65 -40.51
C GLY B 438 15.54 20.39 -40.34
N LYS B 439 15.86 19.58 -39.33
CA LYS B 439 15.08 18.38 -39.05
C LYS B 439 13.72 18.76 -38.45
N THR B 440 13.73 19.40 -37.29
CA THR B 440 12.48 19.84 -36.67
C THR B 440 11.79 20.89 -37.54
N SER B 441 12.57 21.75 -38.19
CA SER B 441 11.99 22.76 -39.06
C SER B 441 11.25 22.11 -40.23
N ILE B 442 11.87 21.11 -40.88
CA ILE B 442 11.18 20.43 -41.96
C ILE B 442 9.99 19.64 -41.42
N ALA B 443 10.09 19.13 -40.19
CA ALA B 443 8.92 18.45 -39.60
C ALA B 443 7.75 19.40 -39.50
N ARG B 444 7.98 20.61 -38.99
CA ARG B 444 6.91 21.60 -38.93
C ARG B 444 6.42 21.97 -40.33
N SER B 445 7.35 22.12 -41.29
CA SER B 445 6.97 22.51 -42.64
C SER B 445 6.07 21.45 -43.27
N ILE B 446 6.41 20.17 -43.12
CA ILE B 446 5.58 19.12 -43.68
C ILE B 446 4.24 19.04 -42.94
N ALA B 447 4.27 19.23 -41.62
CA ALA B 447 3.00 19.25 -40.88
C ALA B 447 2.07 20.31 -41.45
N ARG B 448 2.61 21.49 -41.76
CA ARG B 448 1.79 22.54 -42.36
C ARG B 448 1.33 22.16 -43.76
N ALA B 449 2.27 21.75 -44.62
CA ALA B 449 1.95 21.50 -46.02
C ALA B 449 0.94 20.38 -46.17
N LEU B 450 1.22 19.22 -45.57
CA LEU B 450 0.27 18.12 -45.56
C LEU B 450 -1.03 18.50 -44.87
N ASN B 451 -0.99 19.51 -44.00
CA ASN B 451 -2.12 20.12 -43.31
C ASN B 451 -2.53 19.34 -42.06
N ARG B 452 -1.91 18.20 -41.76
CA ARG B 452 -2.22 17.52 -40.52
C ARG B 452 -1.53 18.23 -39.35
N GLU B 453 -2.06 18.01 -38.15
CA GLU B 453 -1.58 18.71 -36.97
C GLU B 453 -0.15 18.31 -36.63
N TYR B 454 0.56 19.22 -35.98
CA TYR B 454 1.95 19.02 -35.59
C TYR B 454 2.07 18.82 -34.08
N PHE B 455 3.10 18.08 -33.69
CA PHE B 455 3.48 17.98 -32.28
C PHE B 455 4.86 17.34 -32.21
N ARG B 456 5.71 17.87 -31.35
CA ARG B 456 7.05 17.35 -31.16
C ARG B 456 7.13 16.52 -29.89
N PHE B 457 7.98 15.51 -29.91
CA PHE B 457 8.11 14.57 -28.80
C PHE B 457 9.59 14.27 -28.62
N SER B 458 10.12 14.55 -27.44
CA SER B 458 11.55 14.42 -27.15
C SER B 458 11.76 13.16 -26.31
N VAL B 459 12.07 12.04 -26.99
CA VAL B 459 12.41 10.82 -26.29
C VAL B 459 13.88 10.76 -25.89
N GLY B 460 14.69 11.70 -26.39
CA GLY B 460 16.12 11.66 -26.14
C GLY B 460 16.47 11.63 -24.68
N GLY B 461 17.25 10.63 -24.27
CA GLY B 461 17.64 10.47 -22.88
C GLY B 461 16.56 9.91 -21.98
N MET B 462 15.42 9.52 -22.53
CA MET B 462 14.33 9.04 -21.69
C MET B 462 14.67 7.66 -21.12
N THR B 463 14.25 7.43 -19.88
CA THR B 463 14.46 6.14 -19.23
C THR B 463 13.14 5.62 -18.66
N ASP B 464 12.24 6.53 -18.29
CA ASP B 464 10.96 6.15 -17.70
C ASP B 464 9.98 5.82 -18.82
N VAL B 465 9.72 4.52 -19.02
CA VAL B 465 8.78 4.10 -20.04
C VAL B 465 7.38 4.64 -19.77
N ALA B 466 7.06 4.90 -18.50
CA ALA B 466 5.71 5.31 -18.15
C ALA B 466 5.31 6.60 -18.84
N GLU B 467 6.28 7.44 -19.22
CA GLU B 467 5.94 8.69 -19.90
C GLU B 467 5.22 8.41 -21.22
N ILE B 468 5.45 7.25 -21.82
CA ILE B 468 4.74 6.84 -23.03
C ILE B 468 3.60 5.87 -22.73
N LYS B 469 3.50 5.40 -21.49
CA LYS B 469 2.47 4.44 -21.11
C LYS B 469 1.59 4.89 -19.96
N GLY B 470 1.96 5.95 -19.25
CA GLY B 470 1.14 6.42 -18.14
C GLY B 470 1.20 5.49 -16.94
N HIS B 471 0.17 5.57 -16.11
CA HIS B 471 0.06 4.77 -14.90
C HIS B 471 -1.34 4.18 -14.83
N ARG B 472 -1.47 3.06 -14.12
CA ARG B 472 -2.69 2.27 -14.10
C ARG B 472 -3.95 3.08 -13.75
N ARG B 473 -3.77 4.29 -13.25
CA ARG B 473 -4.80 5.17 -12.70
C ARG B 473 -5.17 4.74 -11.27
N THR B 474 -4.66 3.60 -10.78
CA THR B 474 -4.80 3.25 -9.38
C THR B 474 -3.75 3.93 -8.51
N TYR B 475 -2.62 4.33 -9.10
CA TYR B 475 -1.64 5.12 -8.38
C TYR B 475 -2.22 6.48 -8.02
N VAL B 476 -1.68 7.08 -6.97
CA VAL B 476 -2.16 8.37 -6.49
C VAL B 476 -2.15 9.36 -7.65
N GLY B 477 -3.34 9.82 -8.05
CA GLY B 477 -3.42 10.80 -9.12
C GLY B 477 -2.65 10.42 -10.36
N ALA B 478 -2.73 9.16 -10.77
CA ALA B 478 -1.97 8.69 -11.91
C ALA B 478 -2.45 9.37 -13.19
N MET B 479 -1.54 9.51 -14.15
CA MET B 479 -1.77 10.21 -15.40
C MET B 479 -1.44 9.31 -16.58
N PRO B 480 -2.00 9.61 -17.75
CA PRO B 480 -1.77 8.76 -18.93
C PRO B 480 -0.43 9.03 -19.59
N GLY B 481 -0.16 8.24 -20.64
CA GLY B 481 1.04 8.46 -21.41
C GLY B 481 0.99 9.76 -22.19
N LYS B 482 2.18 10.22 -22.57
CA LYS B 482 2.28 11.52 -23.23
C LYS B 482 1.59 11.50 -24.59
N ILE B 483 1.49 10.33 -25.22
CA ILE B 483 0.83 10.23 -26.52
C ILE B 483 -0.66 10.51 -26.38
N ILE B 484 -1.27 10.10 -25.27
CA ILE B 484 -2.67 10.44 -25.03
C ILE B 484 -2.83 11.95 -24.91
N GLN B 485 -1.89 12.61 -24.23
CA GLN B 485 -1.92 14.06 -24.16
C GLN B 485 -1.80 14.67 -25.56
N CYS B 486 -0.92 14.10 -26.39
CA CYS B 486 -0.84 14.54 -27.78
C CYS B 486 -2.17 14.43 -28.49
N LEU B 487 -2.82 13.27 -28.38
CA LEU B 487 -4.09 13.07 -29.08
C LEU B 487 -5.13 14.07 -28.60
N LYS B 488 -5.19 14.31 -27.29
CA LYS B 488 -6.15 15.26 -26.77
C LYS B 488 -5.85 16.68 -27.24
N LYS B 489 -4.57 17.07 -27.23
CA LYS B 489 -4.20 18.43 -27.61
C LYS B 489 -4.43 18.70 -29.09
N THR B 490 -3.95 17.81 -29.95
CA THR B 490 -4.14 17.99 -31.38
C THR B 490 -5.61 17.86 -31.78
N LYS B 491 -6.41 17.15 -31.00
CA LYS B 491 -7.84 16.99 -31.27
C LYS B 491 -8.08 16.25 -32.58
N THR B 492 -7.10 15.48 -33.03
CA THR B 492 -7.24 14.67 -34.23
C THR B 492 -6.53 13.34 -34.02
N GLU B 493 -6.96 12.33 -34.79
CA GLU B 493 -6.45 10.98 -34.67
C GLU B 493 -5.38 10.66 -35.72
N ASN B 494 -5.06 11.61 -36.59
CA ASN B 494 -3.97 11.42 -37.55
C ASN B 494 -3.04 12.62 -37.53
N PRO B 495 -2.52 13.02 -36.37
CA PRO B 495 -1.55 14.13 -36.34
C PRO B 495 -0.18 13.71 -36.83
N LEU B 496 0.80 14.61 -36.76
CA LEU B 496 2.17 14.34 -37.18
C LEU B 496 3.04 14.31 -35.92
N ILE B 497 3.15 13.14 -35.31
CA ILE B 497 4.05 12.98 -34.17
C ILE B 497 5.50 13.06 -34.65
N LEU B 498 6.35 13.65 -33.83
CA LEU B 498 7.77 13.83 -34.18
C LEU B 498 8.60 13.42 -32.97
N ILE B 499 9.17 12.22 -33.03
CA ILE B 499 10.09 11.76 -31.99
C ILE B 499 11.45 12.37 -32.24
N ASP B 500 12.05 12.92 -31.19
CA ASP B 500 13.32 13.63 -31.31
C ASP B 500 14.41 12.89 -30.54
N GLU B 501 15.60 12.83 -31.16
CA GLU B 501 16.77 12.21 -30.53
C GLU B 501 16.47 10.77 -30.10
N VAL B 502 15.96 9.98 -31.06
CA VAL B 502 15.61 8.60 -30.77
C VAL B 502 16.85 7.81 -30.36
N ASP B 503 17.98 8.06 -31.02
CA ASP B 503 19.18 7.28 -30.77
C ASP B 503 19.70 7.44 -29.34
N LYS B 504 19.28 8.49 -28.63
CA LYS B 504 19.75 8.73 -27.27
C LYS B 504 19.05 7.86 -26.24
N ILE B 505 18.17 6.95 -26.65
CA ILE B 505 17.49 6.09 -25.70
C ILE B 505 18.52 5.22 -24.99
N GLY B 506 18.27 4.96 -23.70
CA GLY B 506 19.20 4.20 -22.89
C GLY B 506 18.83 2.74 -22.74
N ARG B 507 17.53 2.44 -22.69
CA ARG B 507 17.07 1.08 -22.46
C ARG B 507 17.69 0.51 -21.19
N GLY B 508 17.74 1.33 -20.15
CA GLY B 508 18.44 1.00 -18.93
C GLY B 508 17.60 0.23 -17.93
N TYR B 509 18.12 0.14 -16.72
CA TYR B 509 17.45 -0.60 -15.65
C TYR B 509 16.04 -0.05 -15.42
N GLN B 510 15.07 -0.96 -15.34
CA GLN B 510 13.67 -0.62 -15.06
C GLN B 510 13.13 0.43 -16.03
N GLY B 511 13.76 0.55 -17.19
CA GLY B 511 13.33 1.51 -18.20
C GLY B 511 12.82 0.82 -19.44
N ASP B 512 13.72 0.62 -20.42
CA ASP B 512 13.39 -0.09 -21.64
C ASP B 512 12.27 0.60 -22.40
N PRO B 513 12.38 1.90 -22.67
CA PRO B 513 11.39 2.55 -23.55
C PRO B 513 11.47 2.08 -25.00
N SER B 514 12.59 1.45 -25.39
CA SER B 514 12.69 0.94 -26.76
C SER B 514 11.63 -0.10 -27.05
N SER B 515 11.21 -0.86 -26.05
CA SER B 515 10.09 -1.77 -26.25
C SER B 515 8.81 -1.01 -26.57
N ALA B 516 8.56 0.09 -25.86
CA ALA B 516 7.40 0.91 -26.16
C ALA B 516 7.48 1.48 -27.57
N LEU B 517 8.69 1.88 -28.00
CA LEU B 517 8.85 2.41 -29.34
C LEU B 517 8.61 1.32 -30.39
N LEU B 518 9.12 0.11 -30.14
CA LEU B 518 8.81 -1.00 -31.04
C LEU B 518 7.31 -1.20 -31.15
N GLU B 519 6.60 -1.13 -30.02
CA GLU B 519 5.15 -1.25 -30.06
C GLU B 519 4.52 -0.13 -30.89
N LEU B 520 4.97 1.10 -30.69
CA LEU B 520 4.34 2.25 -31.34
C LEU B 520 4.59 2.23 -32.85
N LEU B 521 5.84 2.05 -33.26
CA LEU B 521 6.18 2.07 -34.68
C LEU B 521 5.83 0.76 -35.38
N ASP B 522 5.37 -0.25 -34.65
CA ASP B 522 4.97 -1.50 -35.27
C ASP B 522 3.87 -1.23 -36.30
N PRO B 523 4.03 -1.66 -37.56
CA PRO B 523 3.02 -1.36 -38.57
C PRO B 523 1.62 -1.87 -38.23
N GLU B 524 1.51 -2.95 -37.46
CA GLU B 524 0.20 -3.53 -37.16
C GLU B 524 -0.20 -3.40 -35.70
N GLN B 525 0.74 -3.57 -34.75
CA GLN B 525 0.38 -3.44 -33.35
C GLN B 525 -0.07 -2.01 -33.02
N ASN B 526 0.44 -1.03 -33.76
CA ASN B 526 0.00 0.35 -33.56
C ASN B 526 -1.50 0.48 -33.70
N ALA B 527 -2.10 -0.33 -34.58
CA ALA B 527 -3.54 -0.28 -34.77
C ALA B 527 -4.31 -0.58 -33.50
N ASN B 528 -3.71 -1.29 -32.56
CA ASN B 528 -4.36 -1.60 -31.28
C ASN B 528 -3.47 -1.20 -30.11
N PHE B 529 -2.76 -0.08 -30.24
CA PHE B 529 -1.93 0.42 -29.16
C PHE B 529 -2.79 0.81 -27.96
N LEU B 530 -2.35 0.41 -26.77
CA LEU B 530 -3.01 0.77 -25.53
C LEU B 530 -1.96 1.16 -24.50
N ASP B 531 -2.33 2.07 -23.61
CA ASP B 531 -1.45 2.54 -22.55
C ASP B 531 -1.86 1.93 -21.22
N HIS B 532 -0.95 2.02 -20.25
CA HIS B 532 -1.22 1.45 -18.93
C HIS B 532 -2.36 2.18 -18.22
N TYR B 533 -2.56 3.46 -18.54
CA TYR B 533 -3.60 4.24 -17.87
C TYR B 533 -4.97 3.95 -18.48
N LEU B 534 -5.13 4.27 -19.76
CA LEU B 534 -6.31 3.90 -20.52
C LEU B 534 -5.97 2.66 -21.33
N ASP B 535 -6.59 1.53 -20.99
CA ASP B 535 -6.26 0.25 -21.59
C ASP B 535 -7.03 -0.04 -22.87
N VAL B 536 -7.87 0.89 -23.32
CA VAL B 536 -8.60 0.68 -24.57
C VAL B 536 -7.63 0.84 -25.74
N PRO B 537 -7.53 -0.13 -26.64
CA PRO B 537 -6.64 0.04 -27.80
C PRO B 537 -7.04 1.24 -28.64
N VAL B 538 -6.03 1.91 -29.19
CA VAL B 538 -6.23 3.09 -30.04
C VAL B 538 -5.50 2.87 -31.34
N ASP B 539 -6.15 3.22 -32.45
CA ASP B 539 -5.55 3.06 -33.78
C ASP B 539 -4.51 4.16 -33.98
N LEU B 540 -3.33 3.75 -34.46
CA LEU B 540 -2.23 4.66 -34.73
C LEU B 540 -1.59 4.33 -36.08
N SER B 541 -2.43 4.02 -37.08
CA SER B 541 -1.94 3.66 -38.39
C SER B 541 -1.78 4.88 -39.30
N LYS B 542 -2.74 5.81 -39.26
CA LYS B 542 -2.67 6.99 -40.13
C LYS B 542 -1.65 8.00 -39.64
N VAL B 543 -1.32 7.99 -38.36
CA VAL B 543 -0.34 8.93 -37.83
C VAL B 543 0.98 8.73 -38.54
N LEU B 544 1.62 9.83 -38.91
CA LEU B 544 2.90 9.82 -39.62
C LEU B 544 4.00 10.15 -38.61
N PHE B 545 4.73 9.13 -38.19
CA PHE B 545 5.81 9.32 -37.22
C PHE B 545 7.08 9.77 -37.89
N ILE B 546 7.80 10.67 -37.22
CA ILE B 546 9.11 11.14 -37.66
C ILE B 546 10.08 10.99 -36.50
N CYS B 547 11.24 10.40 -36.79
CA CYS B 547 12.28 10.19 -35.79
C CYS B 547 13.56 10.89 -36.26
N THR B 548 14.32 11.40 -35.29
CA THR B 548 15.54 12.14 -35.58
C THR B 548 16.69 11.58 -34.76
N ALA B 549 17.88 11.58 -35.37
CA ALA B 549 19.10 11.13 -34.72
C ALA B 549 20.28 11.69 -35.49
N ASN B 550 21.45 11.66 -34.84
CA ASN B 550 22.67 12.14 -35.47
C ASN B 550 23.52 11.03 -36.07
N VAL B 551 23.18 9.77 -35.82
CA VAL B 551 23.90 8.64 -36.39
C VAL B 551 23.03 7.40 -36.26
N THR B 552 23.04 6.57 -37.31
CA THR B 552 22.21 5.37 -37.33
C THR B 552 22.83 4.20 -36.61
N ASP B 553 24.08 4.31 -36.15
CA ASP B 553 24.73 3.18 -35.51
C ASP B 553 24.11 2.87 -34.15
N THR B 554 23.93 3.89 -33.32
CA THR B 554 23.51 3.67 -31.93
C THR B 554 22.02 3.42 -31.80
N ILE B 555 21.21 3.72 -32.81
CA ILE B 555 19.77 3.43 -32.70
C ILE B 555 19.57 1.93 -32.63
N PRO B 556 18.73 1.42 -31.72
CA PRO B 556 18.57 -0.03 -31.61
C PRO B 556 18.12 -0.66 -32.92
N GLU B 557 18.66 -1.85 -33.21
CA GLU B 557 18.39 -2.52 -34.47
C GLU B 557 16.91 -2.80 -34.69
N PRO B 558 16.15 -3.27 -33.70
CA PRO B 558 14.72 -3.54 -33.96
C PRO B 558 13.95 -2.33 -34.45
N LEU B 559 14.27 -1.13 -33.93
CA LEU B 559 13.70 0.09 -34.49
C LEU B 559 14.35 0.43 -35.82
N ARG B 560 15.65 0.19 -35.94
CA ARG B 560 16.37 0.60 -37.14
C ARG B 560 15.80 -0.07 -38.39
N ASP B 561 15.53 -1.38 -38.30
CA ASP B 561 15.06 -2.10 -39.48
C ASP B 561 13.64 -1.71 -39.87
N ARG B 562 12.87 -1.17 -38.92
CA ARG B 562 11.43 -0.97 -39.14
C ARG B 562 11.12 0.12 -40.15
N MET B 563 11.86 1.23 -40.15
CA MET B 563 11.54 2.37 -41.00
C MET B 563 12.76 2.73 -41.85
N GLU B 564 12.48 3.32 -43.02
CA GLU B 564 13.54 3.82 -43.86
C GLU B 564 14.11 5.12 -43.28
N MET B 565 15.37 5.38 -43.63
CA MET B 565 16.10 6.55 -43.13
C MET B 565 16.45 7.43 -44.32
N ILE B 566 16.10 8.71 -44.24
CA ILE B 566 16.47 9.69 -45.25
C ILE B 566 17.61 10.54 -44.70
N ASN B 567 18.71 10.61 -45.44
CA ASN B 567 19.90 11.35 -45.01
C ASN B 567 19.78 12.79 -45.48
N VAL B 568 19.39 13.67 -44.57
CA VAL B 568 19.32 15.11 -44.83
C VAL B 568 20.40 15.77 -43.99
N SER B 569 21.33 16.46 -44.66
CA SER B 569 22.47 17.04 -43.96
C SER B 569 23.34 17.78 -44.98
N GLY B 570 24.32 18.50 -44.46
CA GLY B 570 25.35 19.12 -45.28
C GLY B 570 24.97 20.48 -45.82
N TYR B 571 25.80 21.48 -45.53
CA TYR B 571 25.61 22.83 -46.07
C TYR B 571 26.99 23.45 -46.29
N VAL B 572 27.43 23.48 -47.55
CA VAL B 572 28.69 24.11 -47.87
C VAL B 572 28.56 25.63 -47.72
N ALA B 573 29.72 26.31 -47.77
CA ALA B 573 29.74 27.75 -47.52
C ALA B 573 28.72 28.48 -48.39
N GLN B 574 28.68 28.18 -49.69
CA GLN B 574 27.73 28.83 -50.58
C GLN B 574 26.29 28.50 -50.17
N GLU B 575 26.03 27.23 -49.89
CA GLU B 575 24.70 26.82 -49.46
C GLU B 575 24.32 27.49 -48.14
N LYS B 576 25.26 27.54 -47.21
CA LYS B 576 25.00 28.18 -45.92
C LYS B 576 24.70 29.66 -46.10
N LEU B 577 25.45 30.33 -46.97
CA LEU B 577 25.20 31.75 -47.24
C LEU B 577 23.82 31.96 -47.83
N ALA B 578 23.42 31.11 -48.79
CA ALA B 578 22.10 31.24 -49.38
C ALA B 578 21.02 31.07 -48.32
N ILE B 579 21.13 30.03 -47.51
CA ILE B 579 20.13 29.78 -46.47
C ILE B 579 20.08 30.96 -45.51
N ALA B 580 21.25 31.48 -45.13
CA ALA B 580 21.30 32.58 -44.18
C ALA B 580 20.62 33.81 -44.74
N GLU B 581 20.93 34.16 -45.99
CA GLU B 581 20.38 35.38 -46.56
C GLU B 581 18.87 35.28 -46.77
N ARG B 582 18.39 34.11 -47.19
CA ARG B 582 16.96 34.01 -47.50
C ARG B 582 16.09 33.68 -46.30
N TYR B 583 16.59 32.93 -45.32
CA TYR B 583 15.76 32.45 -44.21
C TYR B 583 16.21 32.96 -42.85
N LEU B 584 17.48 32.77 -42.49
CA LEU B 584 17.92 33.12 -41.14
C LEU B 584 17.77 34.62 -40.88
N VAL B 585 18.28 35.45 -41.78
CA VAL B 585 18.29 36.89 -41.54
C VAL B 585 16.88 37.44 -41.40
N PRO B 586 15.95 37.20 -42.33
CA PRO B 586 14.58 37.71 -42.13
C PRO B 586 13.90 37.17 -40.89
N GLN B 587 14.12 35.90 -40.57
CA GLN B 587 13.48 35.32 -39.39
C GLN B 587 13.97 35.99 -38.12
N ALA B 588 15.29 36.16 -37.99
CA ALA B 588 15.84 36.84 -36.82
C ALA B 588 15.42 38.30 -36.79
N ARG B 589 15.31 38.93 -37.97
CA ARG B 589 14.87 40.31 -38.04
C ARG B 589 13.46 40.45 -37.49
N ALA B 590 12.57 39.54 -37.88
CA ALA B 590 11.22 39.55 -37.34
C ALA B 590 11.24 39.27 -35.84
N LEU B 591 12.09 38.34 -35.40
CA LEU B 591 12.21 38.04 -33.98
C LEU B 591 12.65 39.24 -33.17
N CYS B 592 13.48 40.12 -33.75
CA CYS B 592 13.95 41.32 -33.09
C CYS B 592 13.09 42.54 -33.37
N GLY B 593 12.11 42.43 -34.28
CA GLY B 593 11.23 43.54 -34.58
C GLY B 593 11.79 44.59 -35.50
N LEU B 594 13.02 44.40 -35.99
CA LEU B 594 13.62 45.40 -36.86
C LEU B 594 13.02 45.33 -38.26
N ASP B 595 13.06 46.45 -38.97
CA ASP B 595 12.62 46.50 -40.35
C ASP B 595 13.78 46.19 -41.29
N GLU B 596 13.44 45.81 -42.52
CA GLU B 596 14.48 45.49 -43.50
C GLU B 596 15.33 46.71 -43.80
N SER B 597 14.73 47.89 -43.96
CA SER B 597 15.49 49.08 -44.28
C SER B 597 16.43 49.46 -43.15
N LYS B 598 15.96 49.39 -41.91
CA LYS B 598 16.77 49.84 -40.77
C LYS B 598 18.07 49.03 -40.66
N ALA B 599 17.98 47.71 -40.79
CA ALA B 599 19.12 46.83 -40.64
C ALA B 599 19.50 46.27 -42.01
N LYS B 600 20.69 46.63 -42.47
CA LYS B 600 21.23 46.07 -43.71
C LYS B 600 22.42 45.19 -43.41
N LEU B 601 22.33 43.93 -43.85
CA LEU B 601 23.38 42.94 -43.62
C LEU B 601 23.87 42.46 -44.98
N SER B 602 25.02 42.97 -45.42
CA SER B 602 25.54 42.62 -46.73
C SER B 602 25.87 41.14 -46.80
N SER B 603 25.61 40.55 -47.97
CA SER B 603 25.94 39.14 -48.17
C SER B 603 27.44 38.89 -47.97
N ASP B 604 28.28 39.88 -48.27
CA ASP B 604 29.70 39.74 -48.01
C ASP B 604 29.97 39.60 -46.52
N VAL B 605 29.22 40.36 -45.70
CA VAL B 605 29.35 40.21 -44.26
C VAL B 605 28.98 38.80 -43.83
N LEU B 606 27.92 38.24 -44.40
CA LEU B 606 27.54 36.86 -44.07
C LEU B 606 28.63 35.89 -44.48
N THR B 607 29.24 36.10 -45.65
CA THR B 607 30.31 35.22 -46.10
C THR B 607 31.48 35.27 -45.13
N LEU B 608 31.88 36.49 -44.72
CA LEU B 608 32.97 36.63 -43.75
C LEU B 608 32.62 35.93 -42.44
N LEU B 609 31.40 36.14 -41.96
CA LEU B 609 30.99 35.55 -40.69
C LEU B 609 31.04 34.02 -40.77
N ILE B 610 30.57 33.46 -41.88
CA ILE B 610 30.61 32.01 -42.06
C ILE B 610 32.06 31.52 -42.09
N LYS B 611 32.91 32.22 -42.84
CA LYS B 611 34.25 31.72 -43.08
C LYS B 611 35.15 31.89 -41.85
N GLN B 612 34.81 32.81 -40.94
CA GLN B 612 35.71 33.18 -39.86
C GLN B 612 35.23 32.81 -38.47
N TYR B 613 33.92 32.72 -38.24
CA TYR B 613 33.40 32.49 -36.89
C TYR B 613 32.77 31.11 -36.75
N CYS B 614 31.77 30.78 -37.57
CA CYS B 614 31.05 29.52 -37.47
C CYS B 614 31.58 28.59 -38.56
N ARG B 615 32.44 27.66 -38.16
CA ARG B 615 32.98 26.64 -39.06
C ARG B 615 32.58 25.28 -38.51
N GLU B 616 31.42 24.80 -38.94
CA GLU B 616 30.92 23.48 -38.56
C GLU B 616 29.71 23.18 -39.45
N SER B 617 29.49 21.89 -39.69
CA SER B 617 28.46 21.48 -40.65
C SER B 617 27.09 22.03 -40.27
N GLY B 618 26.85 22.30 -38.99
CA GLY B 618 25.57 22.81 -38.55
C GLY B 618 25.35 24.25 -38.94
N VAL B 619 24.15 24.77 -38.68
CA VAL B 619 23.80 26.14 -39.03
C VAL B 619 23.30 26.94 -37.83
N ARG B 620 22.98 26.31 -36.71
CA ARG B 620 22.44 27.05 -35.58
C ARG B 620 23.44 28.06 -35.03
N ASN B 621 24.74 27.76 -35.14
CA ASN B 621 25.75 28.71 -34.69
C ASN B 621 25.67 30.00 -35.48
N LEU B 622 25.46 29.89 -36.80
CA LEU B 622 25.20 31.08 -37.60
C LEU B 622 23.98 31.82 -37.08
N GLN B 623 22.96 31.09 -36.64
CA GLN B 623 21.79 31.72 -36.05
C GLN B 623 22.18 32.52 -34.81
N LYS B 624 23.03 31.96 -33.96
CA LYS B 624 23.49 32.68 -32.78
C LYS B 624 24.22 33.96 -33.17
N GLN B 625 25.13 33.87 -34.14
CA GLN B 625 25.91 35.04 -34.52
C GLN B 625 25.03 36.13 -35.13
N VAL B 626 24.12 35.75 -36.02
CA VAL B 626 23.25 36.74 -36.66
C VAL B 626 22.32 37.36 -35.61
N GLU B 627 21.84 36.55 -34.67
CA GLU B 627 21.00 37.08 -33.61
C GLU B 627 21.77 38.06 -32.74
N LYS B 628 23.04 37.75 -32.45
CA LYS B 628 23.87 38.67 -31.67
C LYS B 628 24.02 40.01 -32.38
N VAL B 629 24.37 39.98 -33.67
CA VAL B 629 24.59 41.23 -34.38
C VAL B 629 23.29 42.02 -34.49
N LEU B 630 22.17 41.32 -34.71
CA LEU B 630 20.89 42.02 -34.79
C LEU B 630 20.51 42.64 -33.46
N ARG B 631 20.77 41.94 -32.35
CA ARG B 631 20.49 42.51 -31.03
C ARG B 631 21.32 43.76 -30.80
N LYS B 632 22.61 43.70 -31.16
CA LYS B 632 23.46 44.87 -30.97
C LYS B 632 22.99 46.04 -31.84
N SER B 633 22.56 45.75 -33.07
CA SER B 633 21.99 46.80 -33.92
C SER B 633 20.74 47.39 -33.30
N ALA B 634 19.86 46.54 -32.76
CA ALA B 634 18.64 47.05 -32.15
C ALA B 634 18.96 47.96 -30.97
N TYR B 635 19.92 47.56 -30.14
CA TYR B 635 20.32 48.41 -29.01
C TYR B 635 20.90 49.73 -29.51
N LYS B 636 21.77 49.67 -30.52
CA LYS B 636 22.36 50.89 -31.06
C LYS B 636 21.33 51.77 -31.74
N ILE B 637 20.17 51.23 -32.09
CA ILE B 637 19.12 52.03 -32.70
C ILE B 637 18.26 52.67 -31.62
N VAL B 638 17.79 51.86 -30.66
CA VAL B 638 16.81 52.35 -29.69
C VAL B 638 17.38 53.52 -28.90
N SER B 639 18.59 53.35 -28.35
CA SER B 639 19.22 54.39 -27.55
C SER B 639 20.42 55.04 -28.23
N GLY B 640 21.06 54.36 -29.18
CA GLY B 640 22.22 54.92 -29.85
C GLY B 640 21.85 56.07 -30.77
N GLU B 641 22.69 56.34 -31.76
CA GLU B 641 22.54 57.48 -32.64
C GLU B 641 22.08 57.13 -34.04
N ALA B 642 22.40 55.93 -34.53
CA ALA B 642 22.08 55.56 -35.90
C ALA B 642 20.64 55.06 -35.98
N GLU B 643 19.79 55.82 -36.68
CA GLU B 643 18.41 55.39 -36.88
C GLU B 643 18.30 54.14 -37.74
N SER B 644 19.36 53.78 -38.47
CA SER B 644 19.36 52.58 -39.29
C SER B 644 20.80 52.11 -39.44
N VAL B 645 21.06 50.88 -38.99
CA VAL B 645 22.41 50.33 -39.04
C VAL B 645 22.71 49.84 -40.45
N GLU B 646 23.92 50.10 -40.92
CA GLU B 646 24.41 49.62 -42.20
C GLU B 646 25.66 48.80 -41.91
N VAL B 647 25.47 47.52 -41.61
CA VAL B 647 26.57 46.67 -41.19
C VAL B 647 27.50 46.42 -42.37
N THR B 648 28.79 46.62 -42.15
CA THR B 648 29.83 46.39 -43.14
C THR B 648 30.98 45.69 -42.45
N PRO B 649 31.82 44.95 -43.20
CA PRO B 649 32.83 44.11 -42.54
C PRO B 649 33.70 44.86 -41.54
N GLU B 650 34.12 46.08 -41.86
CA GLU B 650 34.92 46.85 -40.91
C GLU B 650 34.18 47.03 -39.59
N ASN B 651 32.85 47.10 -39.63
CA ASN B 651 32.08 47.26 -38.39
C ASN B 651 31.98 45.95 -37.61
N LEU B 652 32.06 44.81 -38.30
CA LEU B 652 31.80 43.53 -37.63
C LEU B 652 32.67 43.38 -36.39
N GLN B 653 33.91 43.86 -36.45
CA GLN B 653 34.84 43.63 -35.35
C GLN B 653 34.28 44.12 -34.02
N ASP B 654 33.41 45.13 -34.05
CA ASP B 654 32.78 45.61 -32.83
C ASP B 654 31.48 44.87 -32.54
N PHE B 655 30.68 44.61 -33.57
CA PHE B 655 29.40 43.92 -33.35
C PHE B 655 29.62 42.51 -32.82
N VAL B 656 30.23 41.65 -33.63
CA VAL B 656 30.42 40.25 -33.24
C VAL B 656 31.75 40.01 -32.54
N GLY B 657 32.57 41.05 -32.37
CA GLY B 657 33.90 40.87 -31.82
C GLY B 657 34.88 40.39 -32.86
N LYS B 658 36.12 40.22 -32.41
CA LYS B 658 37.16 39.76 -33.31
C LYS B 658 36.94 38.29 -33.65
N PRO B 659 37.47 37.82 -34.79
CA PRO B 659 37.13 36.48 -35.26
C PRO B 659 37.50 35.41 -34.24
N VAL B 660 36.55 34.50 -34.00
CA VAL B 660 36.74 33.50 -32.95
C VAL B 660 37.91 32.57 -33.29
N PHE B 661 38.02 32.16 -34.55
CA PHE B 661 39.25 31.52 -35.02
C PHE B 661 39.36 31.72 -36.52
N THR B 662 40.58 31.95 -36.99
CA THR B 662 40.88 32.22 -38.39
C THR B 662 42.07 31.37 -38.84
N VAL B 663 42.03 30.09 -38.52
CA VAL B 663 43.13 29.17 -38.77
C VAL B 663 42.70 28.16 -39.82
N GLU B 664 43.53 27.97 -40.84
CA GLU B 664 43.32 26.87 -41.76
C GLU B 664 43.34 25.54 -41.02
N ARG B 665 42.89 24.49 -41.69
CA ARG B 665 42.79 23.17 -41.06
C ARG B 665 44.14 22.76 -40.45
N MET B 666 44.17 22.68 -39.11
CA MET B 666 45.36 22.25 -38.37
C MET B 666 46.65 22.73 -39.05
N TYR B 667 47.55 21.81 -39.38
CA TYR B 667 48.77 22.16 -40.09
C TYR B 667 48.47 22.58 -41.52
N ASP B 668 49.39 23.34 -42.11
CA ASP B 668 49.40 23.61 -43.54
C ASP B 668 50.68 23.14 -44.21
N VAL B 669 51.83 23.28 -43.54
CA VAL B 669 53.08 22.75 -44.08
C VAL B 669 53.04 21.23 -44.11
N THR B 670 52.40 20.61 -43.11
CA THR B 670 52.29 19.17 -43.04
C THR B 670 53.68 18.53 -43.00
N PRO B 671 54.42 18.65 -41.90
CA PRO B 671 55.74 18.05 -41.85
C PRO B 671 55.67 16.55 -42.07
N PRO B 672 56.80 15.89 -42.26
CA PRO B 672 56.77 14.44 -42.50
C PRO B 672 56.24 13.68 -41.29
N GLY B 673 55.57 12.57 -41.55
CA GLY B 673 55.01 11.74 -40.51
C GLY B 673 53.62 12.11 -40.05
N VAL B 674 52.97 13.08 -40.70
CA VAL B 674 51.60 13.46 -40.38
C VAL B 674 50.80 13.55 -41.68
N VAL B 675 49.53 13.16 -41.63
CA VAL B 675 48.65 13.30 -42.79
C VAL B 675 47.22 13.53 -42.32
N MET B 676 46.53 14.43 -43.01
CA MET B 676 45.13 14.71 -42.75
C MET B 676 44.23 13.73 -43.51
N GLY B 677 43.06 13.47 -42.92
CA GLY B 677 42.10 12.52 -43.43
C GLY B 677 40.69 12.80 -42.92
N LEU B 678 39.70 12.47 -43.74
CA LEU B 678 38.32 12.79 -43.43
C LEU B 678 37.71 11.73 -42.53
N ALA B 679 36.97 12.18 -41.52
CA ALA B 679 36.29 11.28 -40.59
C ALA B 679 34.84 11.71 -40.46
N TRP B 680 33.92 10.74 -40.56
CA TRP B 680 32.49 11.01 -40.44
C TRP B 680 32.15 11.00 -38.95
N THR B 681 32.60 12.05 -38.26
CA THR B 681 32.38 12.15 -36.83
C THR B 681 30.88 12.15 -36.52
N ALA B 682 30.57 12.00 -35.23
CA ALA B 682 29.18 11.89 -34.80
C ALA B 682 28.33 13.03 -35.33
N MET B 683 28.88 14.24 -35.42
CA MET B 683 28.20 15.37 -36.02
C MET B 683 29.00 15.80 -37.24
N GLY B 684 28.35 15.83 -38.40
CA GLY B 684 28.98 16.28 -39.61
C GLY B 684 30.22 15.47 -39.94
N GLY B 685 31.15 16.10 -40.64
CA GLY B 685 32.43 15.50 -40.93
C GLY B 685 33.55 16.41 -40.47
N SER B 686 34.71 15.80 -40.21
CA SER B 686 35.86 16.54 -39.71
C SER B 686 37.11 16.12 -40.48
N THR B 687 38.08 17.04 -40.49
CA THR B 687 39.35 16.82 -41.17
C THR B 687 40.40 16.48 -40.11
N LEU B 688 40.36 15.24 -39.64
CA LEU B 688 41.21 14.83 -38.52
C LEU B 688 42.62 14.57 -39.01
N PHE B 689 43.61 15.02 -38.24
CA PHE B 689 45.02 14.91 -38.62
C PHE B 689 45.61 13.69 -37.89
N VAL B 690 45.91 12.64 -38.63
CA VAL B 690 46.61 11.48 -38.07
C VAL B 690 48.10 11.79 -38.01
N GLU B 691 48.68 11.67 -36.82
CA GLU B 691 50.08 12.03 -36.60
C GLU B 691 50.87 10.79 -36.22
N THR B 692 52.14 10.75 -36.61
CA THR B 692 53.02 9.64 -36.27
C THR B 692 54.41 10.18 -35.99
N SER B 693 55.17 9.45 -35.18
CA SER B 693 56.53 9.90 -34.87
C SER B 693 57.28 8.81 -34.14
N LEU B 694 58.59 8.79 -34.36
CA LEU B 694 59.48 7.96 -33.56
C LEU B 694 59.41 8.40 -32.10
N ARG B 695 59.38 7.43 -31.18
CA ARG B 695 59.26 7.72 -29.77
C ARG B 695 60.29 6.99 -28.93
N ARG B 696 61.30 6.37 -29.55
CA ARG B 696 62.26 5.58 -28.82
C ARG B 696 63.38 5.18 -29.77
N PRO B 697 64.64 5.16 -29.32
CA PRO B 697 65.75 5.07 -30.27
C PRO B 697 65.60 3.92 -31.25
N GLN B 698 65.82 4.22 -32.52
CA GLN B 698 65.82 3.17 -33.55
C GLN B 698 67.06 2.29 -33.45
N ASP B 699 68.05 2.69 -32.66
CA ASP B 699 69.34 2.01 -32.58
C ASP B 699 69.65 1.54 -31.15
N LYS B 700 68.69 0.89 -30.50
CA LYS B 700 68.97 0.25 -29.22
C LYS B 700 70.25 -0.56 -29.30
N ASP B 701 70.43 -1.29 -30.40
CA ASP B 701 71.66 -2.02 -30.67
C ASP B 701 71.78 -2.16 -32.18
N ALA B 702 72.94 -1.75 -32.72
CA ALA B 702 73.12 -1.81 -34.17
C ALA B 702 72.84 -3.21 -34.71
N LYS B 703 73.20 -4.24 -33.93
CA LYS B 703 72.88 -5.61 -34.29
C LYS B 703 71.42 -5.97 -34.03
N GLY B 704 70.73 -5.18 -33.20
CA GLY B 704 69.40 -5.53 -32.74
C GLY B 704 68.43 -5.91 -33.85
N ASP B 705 67.75 -7.04 -33.67
CA ASP B 705 66.75 -7.51 -34.62
C ASP B 705 65.34 -7.32 -34.12
N LYS B 706 65.15 -6.64 -32.98
CA LYS B 706 63.82 -6.44 -32.43
C LYS B 706 63.00 -5.55 -33.35
N ASP B 707 61.72 -5.88 -33.50
CA ASP B 707 60.84 -5.11 -34.36
C ASP B 707 60.40 -3.82 -33.69
N GLY B 708 59.87 -2.91 -34.51
CA GLY B 708 59.40 -1.63 -34.02
C GLY B 708 57.98 -1.72 -33.47
N SER B 709 57.84 -2.29 -32.27
CA SER B 709 56.53 -2.42 -31.66
C SER B 709 55.80 -1.09 -31.65
N LEU B 710 54.66 -1.06 -32.32
CA LEU B 710 53.86 0.16 -32.43
C LEU B 710 52.89 0.27 -31.26
N GLU B 711 52.70 1.50 -30.79
CA GLU B 711 51.74 1.80 -29.74
C GLU B 711 50.78 2.85 -30.28
N VAL B 712 49.49 2.60 -30.11
CA VAL B 712 48.44 3.49 -30.61
C VAL B 712 47.77 4.17 -29.42
N THR B 713 47.15 5.31 -29.69
CA THR B 713 46.46 6.09 -28.66
C THR B 713 45.20 6.69 -29.27
N GLY B 714 44.51 7.52 -28.49
CA GLY B 714 43.29 8.14 -28.96
C GLY B 714 42.07 7.28 -28.73
N GLN B 715 41.82 6.90 -27.48
CA GLN B 715 40.65 6.10 -27.11
C GLN B 715 40.49 4.91 -28.05
N LEU B 716 41.59 4.18 -28.20
CA LEU B 716 41.64 3.06 -29.13
C LEU B 716 40.55 2.05 -28.84
N GLY B 717 39.81 1.65 -29.89
CA GLY B 717 38.80 0.62 -29.78
C GLY B 717 39.25 -0.68 -30.43
N GLU B 718 38.69 -1.79 -29.93
CA GLU B 718 39.19 -3.11 -30.31
C GLU B 718 39.28 -3.26 -31.83
N VAL B 719 38.19 -2.93 -32.54
CA VAL B 719 38.25 -2.94 -33.99
C VAL B 719 39.28 -1.95 -34.49
N MET B 720 39.40 -0.79 -33.83
CA MET B 720 40.46 0.15 -34.17
C MET B 720 41.84 -0.44 -33.92
N LYS B 721 42.02 -1.18 -32.83
CA LYS B 721 43.31 -1.80 -32.58
C LYS B 721 43.67 -2.76 -33.70
N GLU B 722 42.71 -3.60 -34.10
CA GLU B 722 42.98 -4.58 -35.15
C GLU B 722 43.25 -3.90 -36.48
N SER B 723 42.46 -2.87 -36.82
CA SER B 723 42.70 -2.15 -38.07
C SER B 723 44.06 -1.48 -38.07
N ALA B 724 44.46 -0.88 -36.93
CA ALA B 724 45.77 -0.25 -36.85
C ALA B 724 46.88 -1.26 -37.02
N ARG B 725 46.76 -2.43 -36.40
CA ARG B 725 47.78 -3.46 -36.57
C ARG B 725 47.83 -3.94 -38.01
N ILE B 726 46.67 -4.09 -38.64
CA ILE B 726 46.63 -4.50 -40.04
C ILE B 726 47.34 -3.48 -40.91
N ALA B 727 47.06 -2.19 -40.70
CA ALA B 727 47.70 -1.14 -41.47
C ALA B 727 49.21 -1.14 -41.23
N TYR B 728 49.62 -1.33 -39.97
CA TYR B 728 51.04 -1.39 -39.65
C TYR B 728 51.75 -2.48 -40.44
N THR B 729 51.19 -3.70 -40.41
CA THR B 729 51.82 -4.81 -41.10
C THR B 729 51.83 -4.59 -42.61
N PHE B 730 50.73 -4.07 -43.16
CA PHE B 730 50.69 -3.83 -44.60
C PHE B 730 51.70 -2.76 -45.01
N ALA B 731 51.85 -1.71 -44.20
CA ALA B 731 52.84 -0.69 -44.51
C ALA B 731 54.25 -1.28 -44.47
N ARG B 732 54.52 -2.12 -43.47
CA ARG B 732 55.80 -2.81 -43.44
C ARG B 732 56.04 -3.58 -44.73
N ALA B 733 55.06 -4.39 -45.14
CA ALA B 733 55.23 -5.21 -46.34
C ALA B 733 55.40 -4.35 -47.59
N PHE B 734 54.64 -3.26 -47.70
CA PHE B 734 54.73 -2.40 -48.87
C PHE B 734 56.09 -1.72 -48.94
N LEU B 735 56.55 -1.15 -47.82
CA LEU B 735 57.87 -0.54 -47.81
C LEU B 735 58.93 -1.56 -48.19
N MET B 736 58.78 -2.80 -47.71
CA MET B 736 59.75 -3.83 -48.08
C MET B 736 59.74 -4.10 -49.57
N GLN B 737 58.56 -4.31 -50.14
CA GLN B 737 58.47 -4.61 -51.58
C GLN B 737 58.98 -3.44 -52.41
N HIS B 738 58.88 -2.22 -51.87
CA HIS B 738 59.25 -1.03 -52.64
C HIS B 738 60.73 -0.70 -52.48
N ALA B 739 61.18 -0.51 -51.24
CA ALA B 739 62.56 -0.12 -50.94
C ALA B 739 63.14 -1.12 -49.93
N PRO B 740 63.68 -2.25 -50.39
CA PRO B 740 64.26 -3.21 -49.44
C PRO B 740 65.38 -2.63 -48.60
N ALA B 741 66.14 -1.67 -49.14
CA ALA B 741 67.25 -1.09 -48.39
C ALA B 741 66.76 -0.42 -47.11
N ASN B 742 65.64 0.32 -47.21
CA ASN B 742 65.11 1.00 -46.04
C ASN B 742 64.62 -0.01 -45.01
N ASP B 743 64.90 0.28 -43.73
CA ASP B 743 64.42 -0.55 -42.64
C ASP B 743 63.89 0.26 -41.46
N TYR B 744 63.70 1.58 -41.62
CA TYR B 744 63.24 2.42 -40.52
C TYR B 744 61.95 1.89 -39.91
N LEU B 745 60.96 1.62 -40.76
CA LEU B 745 59.67 1.13 -40.26
C LEU B 745 59.79 -0.28 -39.70
N VAL B 746 60.66 -1.11 -40.28
CA VAL B 746 60.74 -2.51 -39.88
C VAL B 746 61.17 -2.63 -38.43
N THR B 747 62.22 -1.91 -38.03
CA THR B 747 62.79 -2.01 -36.69
C THR B 747 62.94 -0.61 -36.09
N SER B 748 61.83 -0.04 -35.63
CA SER B 748 61.88 1.17 -34.83
C SER B 748 60.53 1.39 -34.13
N HIS B 749 60.56 1.62 -32.82
CA HIS B 749 59.33 1.86 -32.10
C HIS B 749 58.74 3.19 -32.51
N ILE B 750 57.44 3.19 -32.81
CA ILE B 750 56.75 4.35 -33.35
C ILE B 750 55.45 4.56 -32.57
N HIS B 751 55.10 5.82 -32.33
CA HIS B 751 53.83 6.16 -31.72
C HIS B 751 53.02 6.98 -32.72
N LEU B 752 51.77 6.57 -32.94
CA LEU B 752 50.85 7.29 -33.80
C LEU B 752 49.60 7.65 -33.01
N HIS B 753 49.12 8.88 -33.23
CA HIS B 753 47.90 9.38 -32.63
C HIS B 753 46.88 9.63 -33.74
N VAL B 754 45.72 9.00 -33.63
CA VAL B 754 44.59 9.24 -34.52
C VAL B 754 43.53 9.99 -33.72
N PRO B 755 43.31 11.28 -33.97
CA PRO B 755 42.29 12.00 -33.21
C PRO B 755 40.92 11.34 -33.37
N GLU B 756 40.16 11.31 -32.28
CA GLU B 756 38.88 10.63 -32.26
C GLU B 756 37.74 11.60 -32.55
N GLY B 757 36.52 11.08 -32.52
CA GLY B 757 35.35 11.81 -32.94
C GLY B 757 34.59 11.01 -33.98
N ALA B 758 35.33 10.21 -34.75
CA ALA B 758 34.71 9.32 -35.71
C ALA B 758 33.83 8.31 -35.01
N THR B 759 32.62 8.11 -35.55
CA THR B 759 31.74 7.08 -35.01
C THR B 759 32.42 5.72 -35.14
N PRO B 760 32.20 4.80 -34.19
CA PRO B 760 32.91 3.53 -34.24
C PRO B 760 32.74 2.78 -35.56
N LYS B 761 31.55 2.81 -36.14
CA LYS B 761 31.33 2.12 -37.41
C LYS B 761 32.19 2.71 -38.51
N ASP B 762 32.53 3.99 -38.40
CA ASP B 762 33.40 4.65 -39.38
C ASP B 762 34.86 4.59 -39.00
N GLY B 763 35.21 3.92 -37.91
CA GLY B 763 36.58 3.89 -37.44
C GLY B 763 37.56 3.43 -38.50
N PRO B 764 37.30 2.27 -39.11
CA PRO B 764 38.27 1.73 -40.08
C PRO B 764 38.50 2.63 -41.27
N SER B 765 37.62 3.59 -41.54
CA SER B 765 37.80 4.47 -42.70
C SER B 765 39.11 5.21 -42.66
N ALA B 766 39.64 5.50 -41.46
CA ALA B 766 40.90 6.22 -41.35
C ALA B 766 42.11 5.33 -41.57
N GLY B 767 41.94 4.01 -41.56
CA GLY B 767 43.08 3.12 -41.60
C GLY B 767 44.00 3.40 -42.77
N CYS B 768 43.43 3.63 -43.95
CA CYS B 768 44.24 3.93 -45.13
C CYS B 768 45.22 5.06 -44.83
N THR B 769 44.71 6.16 -44.26
CA THR B 769 45.58 7.28 -43.93
C THR B 769 46.77 6.81 -43.10
N ILE B 770 46.50 6.04 -42.05
CA ILE B 770 47.56 5.56 -41.17
C ILE B 770 48.72 5.08 -42.03
N VAL B 771 48.42 4.23 -43.01
CA VAL B 771 49.48 3.61 -43.81
C VAL B 771 50.43 4.69 -44.31
N THR B 772 49.91 5.64 -45.09
CA THR B 772 50.80 6.61 -45.72
C THR B 772 51.61 7.34 -44.67
N ALA B 773 50.98 7.67 -43.54
CA ALA B 773 51.70 8.38 -42.49
C ALA B 773 52.97 7.62 -42.12
N LEU B 774 52.81 6.34 -41.79
CA LEU B 774 53.98 5.53 -41.49
C LEU B 774 54.98 5.59 -42.64
N LEU B 775 54.49 5.38 -43.87
CA LEU B 775 55.38 5.42 -45.02
C LEU B 775 56.06 6.78 -45.10
N SER B 776 55.30 7.87 -44.89
CA SER B 776 55.93 9.18 -44.85
C SER B 776 57.01 9.21 -43.76
N LEU B 777 56.64 8.81 -42.55
CA LEU B 777 57.61 8.77 -41.47
C LEU B 777 58.74 7.81 -41.78
N ALA B 778 58.49 6.85 -42.68
CA ALA B 778 59.55 5.90 -43.04
C ALA B 778 60.57 6.53 -43.99
N MET B 779 60.14 7.50 -44.81
CA MET B 779 61.02 8.13 -45.78
C MET B 779 61.21 9.62 -45.52
N GLY B 780 60.59 10.16 -44.48
CA GLY B 780 60.78 11.55 -44.14
C GLY B 780 60.32 12.50 -45.23
N ARG B 781 59.50 12.00 -46.15
CA ARG B 781 58.97 12.84 -47.22
C ARG B 781 57.55 13.28 -46.85
N PRO B 782 57.31 14.58 -46.64
CA PRO B 782 55.95 14.99 -46.28
C PRO B 782 54.97 14.67 -47.40
N VAL B 783 53.76 14.26 -47.01
CA VAL B 783 52.72 14.00 -48.00
C VAL B 783 52.43 15.29 -48.76
N ARG B 784 52.05 15.14 -50.03
CA ARG B 784 51.76 16.32 -50.84
C ARG B 784 50.69 17.17 -50.16
N GLN B 785 50.93 18.47 -50.11
CA GLN B 785 50.06 19.37 -49.36
C GLN B 785 48.61 19.23 -49.83
N ASN B 786 47.70 19.56 -48.93
CA ASN B 786 46.26 19.56 -49.19
C ASN B 786 45.83 18.32 -49.97
N LEU B 787 45.98 17.16 -49.31
CA LEU B 787 45.62 15.88 -49.91
C LEU B 787 44.86 15.07 -48.85
N ALA B 788 43.54 15.13 -48.91
CA ALA B 788 42.69 14.36 -48.03
C ALA B 788 42.51 12.97 -48.61
N MET B 789 42.00 12.05 -47.79
CA MET B 789 41.57 10.75 -48.27
C MET B 789 40.92 9.99 -47.12
N THR B 790 40.42 8.81 -47.45
CA THR B 790 39.74 7.96 -46.49
C THR B 790 39.50 6.61 -47.15
N GLY B 791 39.59 5.55 -46.36
CA GLY B 791 39.43 4.22 -46.90
C GLY B 791 39.90 3.19 -45.91
N GLU B 792 39.51 1.94 -46.19
CA GLU B 792 39.84 0.81 -45.34
C GLU B 792 40.77 -0.11 -46.11
N VAL B 793 41.92 -0.42 -45.51
CA VAL B 793 42.87 -1.35 -46.10
C VAL B 793 42.63 -2.73 -45.51
N SER B 794 42.92 -3.77 -46.32
CA SER B 794 42.69 -5.15 -45.93
C SER B 794 43.99 -5.94 -45.96
N LEU B 795 45.06 -5.37 -45.40
CA LEU B 795 46.37 -6.01 -45.23
C LEU B 795 47.05 -6.31 -46.57
N THR B 796 46.43 -6.02 -47.71
CA THR B 796 47.13 -6.11 -48.98
C THR B 796 46.93 -4.90 -49.88
N GLY B 797 46.18 -3.89 -49.45
CA GLY B 797 46.06 -2.66 -50.21
C GLY B 797 44.77 -2.51 -50.99
N LYS B 798 43.96 -3.56 -51.10
CA LYS B 798 42.67 -3.46 -51.80
C LYS B 798 41.74 -2.59 -50.97
N ILE B 799 41.61 -1.32 -51.37
CA ILE B 799 40.79 -0.38 -50.60
C ILE B 799 39.33 -0.79 -50.71
N LEU B 800 38.65 -0.81 -49.57
CA LEU B 800 37.25 -1.17 -49.48
C LEU B 800 36.39 0.08 -49.28
N PRO B 801 35.11 0.03 -49.63
CA PRO B 801 34.29 1.24 -49.56
C PRO B 801 34.03 1.67 -48.14
N VAL B 802 33.75 2.97 -47.98
CA VAL B 802 33.43 3.57 -46.70
C VAL B 802 32.13 4.35 -46.85
N GLY B 803 31.45 4.55 -45.72
CA GLY B 803 30.17 5.22 -45.70
C GLY B 803 30.30 6.71 -45.39
N GLY B 804 29.17 7.40 -45.51
CA GLY B 804 29.13 8.82 -45.20
C GLY B 804 30.08 9.65 -46.04
N ILE B 805 30.15 9.38 -47.34
CA ILE B 805 31.07 10.12 -48.21
C ILE B 805 30.63 11.58 -48.33
N LYS B 806 29.33 11.85 -48.27
CA LYS B 806 28.86 13.22 -48.43
C LYS B 806 29.38 14.13 -47.33
N GLU B 807 29.28 13.67 -46.07
CA GLU B 807 29.73 14.50 -44.95
C GLU B 807 31.24 14.73 -45.02
N LYS B 808 32.01 13.69 -45.31
CA LYS B 808 33.45 13.86 -45.43
C LYS B 808 33.81 14.80 -46.58
N THR B 809 33.09 14.69 -47.70
CA THR B 809 33.36 15.55 -48.84
C THR B 809 33.10 17.02 -48.49
N ILE B 810 31.97 17.30 -47.82
CA ILE B 810 31.68 18.68 -47.47
C ILE B 810 32.69 19.19 -46.46
N ALA B 811 33.09 18.35 -45.51
CA ALA B 811 34.09 18.77 -44.54
C ALA B 811 35.41 19.08 -45.21
N ALA B 812 35.81 18.25 -46.18
CA ALA B 812 37.05 18.49 -46.92
C ALA B 812 36.96 19.79 -47.70
N LYS B 813 35.83 20.04 -48.35
CA LYS B 813 35.66 21.30 -49.07
C LYS B 813 35.78 22.48 -48.12
N ARG B 814 35.16 22.38 -46.95
CA ARG B 814 35.24 23.45 -45.96
C ARG B 814 36.68 23.66 -45.49
N ALA B 815 37.42 22.58 -45.32
CA ALA B 815 38.81 22.68 -44.87
C ALA B 815 39.73 23.28 -45.92
N GLY B 816 39.27 23.42 -47.16
CA GLY B 816 40.06 24.03 -48.21
C GLY B 816 40.94 23.09 -49.00
N VAL B 817 40.96 21.81 -48.67
CA VAL B 817 41.77 20.86 -49.43
C VAL B 817 41.26 20.81 -50.88
N THR B 818 42.19 20.56 -51.81
CA THR B 818 41.89 20.56 -53.23
C THR B 818 41.97 19.19 -53.89
N CYS B 819 42.62 18.21 -53.26
CA CYS B 819 42.76 16.87 -53.84
C CYS B 819 42.27 15.86 -52.81
N ILE B 820 41.24 15.11 -53.17
CA ILE B 820 40.64 14.10 -52.31
C ILE B 820 40.73 12.75 -53.02
N VAL B 821 41.15 11.73 -52.27
CA VAL B 821 41.27 10.37 -52.79
C VAL B 821 40.22 9.50 -52.10
N LEU B 822 39.46 8.76 -52.88
CA LEU B 822 38.36 7.95 -52.40
C LEU B 822 38.52 6.52 -52.89
N PRO B 823 37.87 5.56 -52.22
CA PRO B 823 37.89 4.19 -52.70
C PRO B 823 37.20 4.07 -54.05
N ALA B 824 37.64 3.09 -54.84
CA ALA B 824 37.10 2.91 -56.18
C ALA B 824 35.58 2.72 -56.15
N GLU B 825 35.10 1.83 -55.29
CA GLU B 825 33.65 1.60 -55.22
C GLU B 825 32.93 2.90 -54.87
N ASN B 826 33.50 3.70 -53.98
CA ASN B 826 32.90 4.98 -53.62
C ASN B 826 33.15 6.07 -54.65
N LYS B 827 34.07 5.88 -55.58
CA LYS B 827 34.23 6.82 -56.69
C LYS B 827 32.87 7.23 -57.23
N LYS B 828 32.19 6.22 -57.75
CA LYS B 828 30.87 6.39 -58.34
C LYS B 828 29.90 7.02 -57.34
N ASP B 829 30.02 6.65 -56.06
CA ASP B 829 29.19 7.28 -55.04
C ASP B 829 29.41 8.78 -54.99
N PHE B 830 30.65 9.23 -55.12
CA PHE B 830 30.93 10.67 -55.06
C PHE B 830 30.17 11.42 -56.14
N TYR B 831 29.74 10.73 -57.20
CA TYR B 831 29.10 11.43 -58.30
C TYR B 831 27.67 11.84 -57.96
N ASP B 832 27.03 11.12 -57.03
CA ASP B 832 25.67 11.46 -56.66
C ASP B 832 25.58 12.82 -55.97
N LEU B 833 26.70 13.33 -55.48
CA LEU B 833 26.68 14.61 -54.77
C LEU B 833 26.20 15.72 -55.69
N ALA B 834 25.53 16.71 -55.10
CA ALA B 834 25.07 17.86 -55.86
C ALA B 834 26.25 18.51 -56.58
N ALA B 835 26.03 18.91 -57.83
CA ALA B 835 27.13 19.40 -58.66
C ALA B 835 27.88 20.53 -57.96
N PHE B 836 27.15 21.53 -57.47
CA PHE B 836 27.78 22.76 -56.98
C PHE B 836 28.75 22.51 -55.84
N ILE B 837 28.63 21.39 -55.12
CA ILE B 837 29.52 21.13 -53.99
C ILE B 837 30.83 20.50 -54.40
N THR B 838 30.93 19.98 -55.63
CA THR B 838 32.10 19.23 -56.06
C THR B 838 33.12 20.07 -56.82
N GLU B 839 32.88 21.37 -56.99
CA GLU B 839 33.79 22.19 -57.77
C GLU B 839 35.08 22.49 -57.00
N GLY B 840 36.18 22.62 -57.74
CA GLY B 840 37.42 23.08 -57.19
C GLY B 840 38.27 22.02 -56.50
N LEU B 841 37.89 20.75 -56.59
CA LEU B 841 38.68 19.67 -56.01
C LEU B 841 39.04 18.65 -57.09
N GLU B 842 40.29 18.21 -57.08
CA GLU B 842 40.79 17.21 -58.02
C GLU B 842 40.62 15.84 -57.38
N VAL B 843 39.40 15.31 -57.50
CA VAL B 843 39.11 14.02 -56.88
C VAL B 843 39.84 12.92 -57.64
N HIS B 844 40.41 11.99 -56.89
CA HIS B 844 41.08 10.82 -57.44
C HIS B 844 40.44 9.57 -56.89
N PHE B 845 40.51 8.48 -57.63
CA PHE B 845 39.81 7.25 -57.31
C PHE B 845 40.76 6.07 -57.44
N VAL B 846 40.65 5.10 -56.52
CA VAL B 846 41.59 4.00 -56.43
C VAL B 846 40.91 2.79 -55.81
N GLU B 847 41.49 1.63 -56.05
CA GLU B 847 41.06 0.38 -55.43
C GLU B 847 42.19 -0.36 -54.74
N HIS B 848 43.41 -0.30 -55.30
CA HIS B 848 44.59 -0.87 -54.69
C HIS B 848 45.48 0.23 -54.16
N TYR B 849 46.00 0.04 -52.94
CA TYR B 849 46.69 1.13 -52.26
C TYR B 849 47.89 1.63 -53.05
N ARG B 850 48.48 0.78 -53.90
CA ARG B 850 49.67 1.19 -54.64
C ARG B 850 49.43 2.51 -55.36
N GLU B 851 48.28 2.65 -56.01
CA GLU B 851 47.98 3.87 -56.73
C GLU B 851 48.10 5.10 -55.82
N ILE B 852 47.58 5.01 -54.60
CA ILE B 852 47.69 6.13 -53.67
C ILE B 852 49.14 6.52 -53.48
N PHE B 853 50.02 5.53 -53.34
CA PHE B 853 51.44 5.84 -53.15
C PHE B 853 51.98 6.61 -54.35
N ASP B 854 51.53 6.27 -55.56
CA ASP B 854 51.97 6.99 -56.75
C ASP B 854 51.47 8.43 -56.78
N ILE B 855 50.44 8.75 -55.99
CA ILE B 855 49.88 10.09 -55.95
C ILE B 855 50.44 10.89 -54.76
N ALA B 856 50.39 10.29 -53.56
CA ALA B 856 50.84 11.02 -52.38
C ALA B 856 52.32 11.36 -52.44
N PHE B 857 53.12 10.54 -53.12
CA PHE B 857 54.57 10.71 -53.18
C PHE B 857 55.01 10.67 -54.63
N PRO B 858 54.79 11.77 -55.38
CA PRO B 858 55.19 11.82 -56.79
C PRO B 858 56.71 11.80 -56.97
N HIS C 33 -46.48 -49.58 31.09
CA HIS C 33 -45.56 -50.18 30.07
C HIS C 33 -45.86 -49.62 28.68
N LEU C 34 -45.51 -48.36 28.48
CA LEU C 34 -45.71 -47.68 27.21
C LEU C 34 -44.40 -47.04 26.76
N PRO C 35 -44.19 -46.90 25.45
CA PRO C 35 -42.94 -46.28 24.99
C PRO C 35 -42.83 -44.83 25.42
N LEU C 36 -41.60 -44.41 25.67
CA LEU C 36 -41.36 -43.06 26.16
C LEU C 36 -41.81 -42.02 25.13
N ILE C 37 -42.37 -40.93 25.63
CA ILE C 37 -42.90 -39.88 24.76
C ILE C 37 -41.79 -38.91 24.41
N ALA C 38 -41.63 -38.63 23.12
CA ALA C 38 -40.61 -37.70 22.63
C ALA C 38 -41.13 -36.28 22.84
N ILE C 39 -40.66 -35.64 23.91
CA ILE C 39 -41.11 -34.28 24.21
C ILE C 39 -40.71 -33.32 23.11
N THR C 40 -39.45 -33.42 22.65
CA THR C 40 -38.95 -32.62 21.53
C THR C 40 -39.08 -31.12 21.82
N ARG C 41 -38.36 -30.68 22.86
CA ARG C 41 -38.28 -29.26 23.21
C ARG C 41 -39.67 -28.66 23.44
N ASN C 42 -40.48 -29.38 24.22
CA ASN C 42 -41.82 -28.93 24.60
C ASN C 42 -41.96 -29.09 26.10
N PRO C 43 -41.34 -28.20 26.90
CA PRO C 43 -41.49 -28.32 28.35
C PRO C 43 -42.93 -28.14 28.78
N VAL C 44 -43.34 -28.92 29.78
CA VAL C 44 -44.72 -28.94 30.26
C VAL C 44 -44.67 -28.63 31.75
N PHE C 45 -45.09 -27.41 32.12
CA PHE C 45 -45.09 -27.01 33.51
C PHE C 45 -46.33 -27.54 34.21
N PRO C 46 -46.27 -27.72 35.54
CA PRO C 46 -47.45 -28.24 36.25
C PRO C 46 -48.65 -27.32 36.12
N ARG C 47 -49.83 -27.91 35.99
CA ARG C 47 -51.09 -27.17 35.93
C ARG C 47 -51.00 -26.02 34.93
N PHE C 48 -50.61 -26.36 33.71
CA PHE C 48 -50.53 -25.38 32.63
C PHE C 48 -50.80 -26.08 31.31
N ILE C 49 -51.81 -25.60 30.57
CA ILE C 49 -52.13 -26.20 29.29
C ILE C 49 -50.97 -26.00 28.33
N LYS C 50 -50.51 -27.09 27.73
CA LYS C 50 -49.41 -27.03 26.78
C LYS C 50 -49.77 -27.83 25.53
N ILE C 51 -49.11 -27.50 24.42
CA ILE C 51 -49.34 -28.15 23.15
C ILE C 51 -48.02 -28.76 22.68
N ILE C 52 -48.04 -30.06 22.39
CA ILE C 52 -46.88 -30.78 21.88
C ILE C 52 -47.17 -31.16 20.43
N GLU C 53 -46.24 -30.80 19.53
CA GLU C 53 -46.38 -31.07 18.10
C GLU C 53 -45.07 -31.70 17.63
N VAL C 54 -44.99 -33.02 17.72
CA VAL C 54 -43.79 -33.75 17.31
C VAL C 54 -43.85 -34.02 15.81
N LYS C 55 -42.69 -33.96 15.15
CA LYS C 55 -42.66 -34.19 13.72
C LYS C 55 -42.84 -35.65 13.35
N ASN C 56 -42.42 -36.56 14.22
CA ASN C 56 -42.57 -37.99 13.95
C ASN C 56 -44.02 -38.41 14.06
N LYS C 57 -44.52 -39.10 13.03
CA LYS C 57 -45.89 -39.60 13.03
C LYS C 57 -46.05 -40.91 13.77
N LYS C 58 -44.95 -41.57 14.15
CA LYS C 58 -45.06 -42.84 14.84
C LYS C 58 -45.82 -42.71 16.15
N LEU C 59 -45.70 -41.56 16.83
CA LEU C 59 -46.47 -41.34 18.04
C LEU C 59 -47.96 -41.32 17.76
N VAL C 60 -48.35 -40.94 16.54
CA VAL C 60 -49.77 -40.94 16.18
C VAL C 60 -50.33 -42.35 16.23
N GLU C 61 -49.52 -43.35 15.88
CA GLU C 61 -49.98 -44.73 15.96
C GLU C 61 -50.30 -45.12 17.41
N LEU C 62 -49.43 -44.76 18.35
CA LEU C 62 -49.71 -45.02 19.75
C LEU C 62 -50.95 -44.27 20.22
N LEU C 63 -51.09 -43.01 19.79
CA LEU C 63 -52.27 -42.25 20.16
C LEU C 63 -53.55 -42.91 19.64
N ARG C 64 -53.51 -43.41 18.42
CA ARG C 64 -54.69 -44.07 17.85
C ARG C 64 -54.96 -45.40 18.51
N ARG C 65 -53.93 -46.11 18.95
CA ARG C 65 -54.14 -47.37 19.67
C ARG C 65 -54.90 -47.14 20.96
N LYS C 66 -54.59 -46.06 21.68
CA LYS C 66 -55.24 -45.78 22.96
C LYS C 66 -56.63 -45.19 22.82
N VAL C 67 -57.05 -44.82 21.60
CA VAL C 67 -58.41 -44.33 21.42
C VAL C 67 -59.42 -45.40 21.78
N ARG C 68 -59.03 -46.67 21.70
CA ARG C 68 -59.93 -47.75 22.06
C ARG C 68 -60.12 -47.86 23.57
N LEU C 69 -59.28 -47.19 24.35
CA LEU C 69 -59.40 -47.22 25.79
C LEU C 69 -60.48 -46.25 26.26
N ALA C 70 -61.30 -46.70 27.21
CA ALA C 70 -62.38 -45.86 27.71
C ALA C 70 -61.86 -44.70 28.55
N GLN C 71 -60.69 -44.85 29.17
CA GLN C 71 -60.10 -43.83 30.03
C GLN C 71 -58.68 -43.57 29.56
N PRO C 72 -58.51 -42.90 28.41
CA PRO C 72 -57.16 -42.66 27.89
C PRO C 72 -56.34 -41.78 28.83
N TYR C 73 -55.03 -41.99 28.80
CA TYR C 73 -54.09 -41.19 29.57
C TYR C 73 -52.81 -41.03 28.77
N VAL C 74 -51.96 -40.12 29.23
CA VAL C 74 -50.65 -39.89 28.61
C VAL C 74 -49.69 -39.38 29.67
N GLY C 75 -48.46 -39.85 29.61
CA GLY C 75 -47.43 -39.44 30.53
C GLY C 75 -46.52 -38.38 29.93
N VAL C 76 -46.10 -37.43 30.76
CA VAL C 76 -45.27 -36.32 30.36
C VAL C 76 -44.03 -36.28 31.25
N PHE C 77 -42.86 -36.25 30.63
CA PHE C 77 -41.58 -36.20 31.33
C PHE C 77 -40.79 -35.01 30.82
N LEU C 78 -39.59 -34.83 31.39
CA LEU C 78 -38.70 -33.73 31.03
C LEU C 78 -37.38 -34.29 30.56
N LYS C 79 -36.89 -33.81 29.41
CA LYS C 79 -35.63 -34.26 28.87
C LYS C 79 -34.46 -33.72 29.72
N ARG C 80 -33.34 -34.44 29.67
CA ARG C 80 -32.15 -34.05 30.39
C ARG C 80 -31.27 -33.18 29.49
N ASP C 81 -30.04 -32.93 29.92
CA ASP C 81 -29.12 -32.11 29.15
C ASP C 81 -28.70 -32.83 27.87
N ASP C 82 -28.33 -32.03 26.86
CA ASP C 82 -27.85 -32.55 25.57
C ASP C 82 -28.90 -33.44 24.92
N SER C 83 -30.03 -32.79 24.57
CA SER C 83 -31.12 -33.50 23.92
C SER C 83 -30.63 -34.17 22.64
N ASN C 84 -31.07 -35.41 22.44
CA ASN C 84 -30.67 -36.19 21.27
C ASN C 84 -31.81 -37.12 20.89
N GLU C 85 -32.28 -37.01 19.64
CA GLU C 85 -33.37 -37.86 19.19
C GLU C 85 -32.98 -39.33 19.21
N SER C 86 -31.76 -39.64 18.75
CA SER C 86 -31.34 -41.03 18.69
C SER C 86 -31.29 -41.68 20.06
N ASP C 87 -30.83 -40.93 21.07
CA ASP C 87 -30.71 -41.50 22.41
C ASP C 87 -32.07 -41.89 22.98
N VAL C 88 -33.13 -41.18 22.59
CA VAL C 88 -34.46 -41.49 23.12
C VAL C 88 -34.88 -42.89 22.72
N VAL C 89 -34.66 -43.27 21.47
CA VAL C 89 -35.05 -44.59 21.00
C VAL C 89 -34.01 -45.67 21.29
N GLU C 90 -32.73 -45.31 21.33
CA GLU C 90 -31.68 -46.29 21.59
C GLU C 90 -31.63 -46.72 23.05
N SER C 91 -31.80 -45.79 23.98
CA SER C 91 -31.77 -46.09 25.40
C SER C 91 -32.93 -45.39 26.09
N LEU C 92 -33.34 -45.95 27.24
CA LEU C 92 -34.46 -45.42 28.02
C LEU C 92 -33.99 -44.79 29.32
N ASP C 93 -32.78 -44.22 29.35
CA ASP C 93 -32.24 -43.60 30.54
C ASP C 93 -32.19 -42.07 30.45
N GLU C 94 -32.31 -41.50 29.25
CA GLU C 94 -32.26 -40.06 29.12
C GLU C 94 -33.42 -39.39 29.86
N ILE C 95 -34.62 -39.95 29.73
CA ILE C 95 -35.80 -39.35 30.35
C ILE C 95 -35.68 -39.42 31.86
N GLU C 96 -36.00 -38.32 32.53
CA GLU C 96 -35.93 -38.28 33.98
C GLU C 96 -36.95 -39.23 34.60
N HIS C 97 -36.61 -39.76 35.77
CA HIS C 97 -37.54 -40.64 36.48
C HIS C 97 -38.83 -39.91 36.82
N THR C 98 -38.79 -38.58 36.93
CA THR C 98 -40.00 -37.82 37.22
C THR C 98 -40.91 -37.78 36.00
N GLY C 99 -42.20 -38.04 36.21
CA GLY C 99 -43.17 -38.02 35.14
C GLY C 99 -44.46 -37.38 35.59
N THR C 100 -45.35 -37.14 34.63
CA THR C 100 -46.62 -36.46 34.89
C THR C 100 -47.72 -37.21 34.15
N PHE C 101 -48.51 -37.98 34.89
CA PHE C 101 -49.67 -38.65 34.32
C PHE C 101 -50.85 -37.70 34.27
N ALA C 102 -51.55 -37.71 33.12
CA ALA C 102 -52.70 -36.85 32.90
C ALA C 102 -53.63 -37.52 31.90
N GLN C 103 -54.88 -37.09 31.90
CA GLN C 103 -55.88 -37.64 31.01
C GLN C 103 -55.87 -36.91 29.68
N ILE C 104 -56.18 -37.65 28.61
CA ILE C 104 -56.33 -37.08 27.29
C ILE C 104 -57.72 -36.50 27.15
N HIS C 105 -57.81 -35.30 26.57
CA HIS C 105 -59.07 -34.56 26.48
C HIS C 105 -59.63 -34.52 25.06
N GLU C 106 -58.86 -34.06 24.09
CA GLU C 106 -59.36 -33.96 22.72
C GLU C 106 -58.20 -33.73 21.78
N MET C 107 -58.35 -34.22 20.54
CA MET C 107 -57.36 -34.06 19.49
C MET C 107 -57.84 -33.01 18.49
N GLN C 108 -56.92 -32.17 18.02
CA GLN C 108 -57.24 -31.10 17.09
C GLN C 108 -56.61 -31.33 15.72
N ASP C 109 -55.28 -31.47 15.65
CA ASP C 109 -54.58 -31.70 14.40
C ASP C 109 -55.04 -30.73 13.31
N LEU C 110 -54.82 -29.44 13.57
CA LEU C 110 -55.22 -28.41 12.62
C LEU C 110 -54.22 -28.30 11.47
N GLY C 111 -52.97 -27.96 11.78
CA GLY C 111 -51.95 -27.84 10.76
C GLY C 111 -51.27 -29.16 10.46
N ASP C 112 -50.71 -29.79 11.49
CA ASP C 112 -50.07 -31.09 11.34
C ASP C 112 -51.08 -32.19 11.66
N LYS C 113 -50.61 -33.44 11.54
CA LYS C 113 -51.39 -34.60 11.90
C LYS C 113 -51.14 -35.06 13.33
N LEU C 114 -50.33 -34.31 14.09
CA LEU C 114 -50.01 -34.68 15.47
C LEU C 114 -49.90 -33.39 16.28
N ARG C 115 -50.96 -33.09 17.05
CA ARG C 115 -51.00 -31.90 17.91
C ARG C 115 -51.74 -32.30 19.18
N MET C 116 -50.98 -32.69 20.21
CA MET C 116 -51.55 -33.24 21.43
C MET C 116 -51.49 -32.21 22.54
N ILE C 117 -52.62 -32.00 23.21
CA ILE C 117 -52.71 -31.07 24.33
C ILE C 117 -52.41 -31.83 25.61
N VAL C 118 -51.46 -31.33 26.39
CA VAL C 118 -50.99 -31.99 27.60
C VAL C 118 -51.18 -31.06 28.79
N MET C 119 -51.59 -31.64 29.91
CA MET C 119 -51.77 -30.93 31.17
C MET C 119 -51.15 -31.77 32.27
N GLY C 120 -50.82 -31.11 33.38
CA GLY C 120 -50.24 -31.80 34.52
C GLY C 120 -51.22 -32.00 35.66
N HIS C 121 -51.56 -33.25 35.95
CA HIS C 121 -52.47 -33.58 37.04
C HIS C 121 -51.82 -34.41 38.13
N ARG C 122 -51.12 -35.49 37.78
CA ARG C 122 -50.53 -36.40 38.76
C ARG C 122 -49.03 -36.49 38.54
N ARG C 123 -48.25 -35.78 39.36
CA ARG C 123 -46.81 -35.95 39.34
C ARG C 123 -46.44 -37.28 40.01
N VAL C 124 -45.40 -37.92 39.46
CA VAL C 124 -44.96 -39.22 39.96
C VAL C 124 -43.46 -39.32 39.75
N HIS C 125 -42.83 -40.25 40.47
CA HIS C 125 -41.39 -40.50 40.34
C HIS C 125 -41.14 -41.98 40.58
N ILE C 126 -40.73 -42.69 39.53
CA ILE C 126 -40.46 -44.12 39.66
C ILE C 126 -39.06 -44.31 40.23
N SER C 127 -38.91 -45.31 41.11
CA SER C 127 -37.61 -45.59 41.69
C SER C 127 -36.60 -45.98 40.61
N ARG C 128 -37.02 -46.79 39.65
CA ARG C 128 -36.14 -47.20 38.55
C ARG C 128 -37.00 -47.33 37.30
N GLN C 129 -36.89 -46.36 36.39
CA GLN C 129 -37.69 -46.40 35.17
C GLN C 129 -37.29 -47.57 34.28
N LEU C 130 -36.04 -48.01 34.36
CA LEU C 130 -35.61 -49.14 33.54
C LEU C 130 -36.43 -50.38 33.85
N GLU C 131 -36.71 -50.61 35.13
CA GLU C 131 -37.52 -51.75 35.54
C GLU C 131 -38.91 -51.69 34.91
N MET C 182 -44.44 -51.13 34.69
CA MET C 182 -43.52 -50.54 35.64
C MET C 182 -44.22 -50.19 36.94
N VAL C 183 -43.64 -50.60 38.07
CA VAL C 183 -44.23 -50.32 39.36
C VAL C 183 -44.27 -48.82 39.59
N GLU C 184 -45.34 -48.35 40.25
CA GLU C 184 -45.49 -46.94 40.54
C GLU C 184 -46.30 -46.79 41.83
N VAL C 185 -46.14 -45.63 42.47
CA VAL C 185 -46.88 -45.32 43.69
C VAL C 185 -47.06 -43.80 43.76
N GLU C 186 -48.20 -43.38 44.28
CA GLU C 186 -48.54 -41.96 44.37
C GLU C 186 -47.92 -41.40 45.66
N ASN C 187 -46.61 -41.21 45.62
CA ASN C 187 -45.86 -40.67 46.75
C ASN C 187 -45.85 -39.14 46.69
N VAL C 188 -47.04 -38.56 46.66
CA VAL C 188 -47.21 -37.11 46.63
C VAL C 188 -47.20 -36.65 48.09
N VAL C 189 -46.08 -36.10 48.52
CA VAL C 189 -45.91 -35.70 49.92
C VAL C 189 -46.34 -34.25 50.08
N HIS C 190 -47.21 -33.99 51.05
CA HIS C 190 -47.72 -32.65 51.34
C HIS C 190 -47.69 -32.38 52.84
N GLU C 191 -46.57 -32.70 53.48
CA GLU C 191 -46.42 -32.45 54.91
C GLU C 191 -46.39 -30.95 55.17
N ASP C 192 -47.06 -30.53 56.25
CA ASP C 192 -47.16 -29.12 56.61
C ASP C 192 -47.30 -29.00 58.11
N PHE C 193 -47.09 -27.79 58.62
CA PHE C 193 -47.19 -27.50 60.03
C PHE C 193 -48.63 -27.19 60.42
N GLN C 194 -48.98 -27.52 61.66
CA GLN C 194 -50.36 -27.37 62.11
C GLN C 194 -50.80 -25.91 62.09
N VAL C 195 -49.93 -25.00 62.53
CA VAL C 195 -50.30 -23.60 62.65
C VAL C 195 -50.22 -22.93 61.28
N THR C 196 -51.34 -22.90 60.57
CA THR C 196 -51.42 -22.24 59.27
C THR C 196 -51.86 -20.79 59.44
N GLU C 197 -51.07 -20.05 60.22
CA GLU C 197 -51.35 -18.66 60.54
C GLU C 197 -50.36 -17.71 59.87
N GLU C 198 -49.06 -17.91 60.08
CA GLU C 198 -48.03 -17.06 59.49
C GLU C 198 -47.38 -17.69 58.27
N VAL C 199 -47.60 -18.98 58.01
CA VAL C 199 -47.03 -19.61 56.82
C VAL C 199 -47.63 -19.01 55.55
N LYS C 200 -48.92 -18.66 55.58
CA LYS C 200 -49.58 -18.06 54.43
C LYS C 200 -49.11 -16.64 54.15
N ALA C 201 -48.33 -16.03 55.05
CA ALA C 201 -47.85 -14.68 54.82
C ALA C 201 -46.96 -14.62 53.58
N LEU C 202 -46.09 -15.63 53.39
CA LEU C 202 -45.22 -15.65 52.22
C LEU C 202 -46.01 -15.68 50.92
N THR C 203 -47.25 -16.17 50.95
CA THR C 203 -48.08 -16.16 49.74
C THR C 203 -48.33 -14.73 49.27
N ALA C 204 -48.50 -13.80 50.21
CA ALA C 204 -48.69 -12.40 49.83
C ALA C 204 -47.48 -11.88 49.08
N GLU C 205 -46.27 -12.17 49.60
CA GLU C 205 -45.06 -11.73 48.92
C GLU C 205 -44.92 -12.38 47.55
N ILE C 206 -45.26 -13.66 47.45
CA ILE C 206 -45.15 -14.37 46.17
C ILE C 206 -46.08 -13.74 45.14
N VAL C 207 -47.33 -13.48 45.53
CA VAL C 207 -48.29 -12.91 44.59
C VAL C 207 -47.90 -11.48 44.22
N LYS C 208 -47.36 -10.72 45.18
CA LYS C 208 -46.91 -9.37 44.87
C LYS C 208 -45.74 -9.41 43.90
N THR C 209 -44.82 -10.37 44.07
CA THR C 209 -43.73 -10.52 43.12
C THR C 209 -44.25 -10.88 41.74
N ILE C 210 -45.25 -11.78 41.67
CA ILE C 210 -45.83 -12.13 40.38
C ILE C 210 -46.46 -10.90 39.74
N ARG C 211 -47.17 -10.09 40.54
CA ARG C 211 -47.77 -8.87 40.01
C ARG C 211 -46.70 -7.94 39.46
N ASP C 212 -45.59 -7.77 40.19
CA ASP C 212 -44.52 -6.91 39.71
C ASP C 212 -43.94 -7.44 38.40
N ILE C 213 -43.73 -8.76 38.31
CA ILE C 213 -43.18 -9.34 37.09
C ILE C 213 -44.11 -9.07 35.91
N ILE C 214 -45.41 -9.34 36.09
CA ILE C 214 -46.33 -9.19 34.96
C ILE C 214 -46.48 -7.73 34.58
N ALA C 215 -46.51 -6.83 35.56
CA ALA C 215 -46.66 -5.40 35.24
C ALA C 215 -45.42 -4.87 34.52
N LEU C 216 -44.23 -5.13 35.07
CA LEU C 216 -43.01 -4.68 34.44
C LEU C 216 -42.58 -5.56 33.27
N ASN C 217 -43.05 -6.81 33.23
CA ASN C 217 -42.68 -7.76 32.17
C ASN C 217 -43.95 -8.45 31.70
N PRO C 218 -44.80 -7.75 30.94
CA PRO C 218 -46.06 -8.36 30.50
C PRO C 218 -45.83 -9.46 29.46
N LEU C 219 -46.06 -10.71 29.87
CA LEU C 219 -45.92 -11.87 29.00
C LEU C 219 -47.25 -12.47 28.61
N TYR C 220 -48.23 -12.45 29.51
CA TYR C 220 -49.54 -13.03 29.28
C TYR C 220 -50.62 -12.08 29.77
N ARG C 221 -51.87 -12.40 29.42
CA ARG C 221 -52.99 -11.59 29.85
C ARG C 221 -53.19 -11.70 31.36
N GLU C 222 -53.60 -10.59 31.98
CA GLU C 222 -53.71 -10.50 33.43
C GLU C 222 -55.06 -10.95 33.96
N SER C 223 -55.98 -11.38 33.08
CA SER C 223 -57.31 -11.80 33.56
C SER C 223 -57.22 -13.02 34.45
N VAL C 224 -56.32 -13.96 34.12
CA VAL C 224 -56.23 -15.20 34.89
C VAL C 224 -55.91 -14.91 36.35
N LEU C 225 -55.02 -13.95 36.60
CA LEU C 225 -54.67 -13.61 37.98
C LEU C 225 -55.92 -13.10 38.72
N GLN C 226 -56.74 -12.28 38.07
CA GLN C 226 -57.98 -11.83 38.69
C GLN C 226 -58.92 -13.01 38.97
N MET C 227 -59.01 -13.96 38.03
CA MET C 227 -59.90 -15.11 38.23
C MET C 227 -59.56 -15.86 39.52
N MET C 228 -58.28 -16.11 39.77
CA MET C 228 -57.84 -16.86 40.96
C MET C 228 -57.23 -15.87 41.95
N GLN C 229 -58.05 -15.38 42.87
CA GLN C 229 -57.63 -14.42 43.88
C GLN C 229 -57.49 -15.12 45.23
N ALA C 230 -56.41 -14.82 45.94
CA ALA C 230 -56.16 -15.46 47.23
C ALA C 230 -57.27 -15.16 48.21
N GLY C 231 -57.75 -13.92 48.25
CA GLY C 231 -58.81 -13.56 49.17
C GLY C 231 -60.10 -14.33 48.97
N GLN C 232 -60.37 -14.77 47.74
CA GLN C 232 -61.59 -15.53 47.46
C GLN C 232 -61.62 -16.88 48.16
N ARG C 233 -60.48 -17.37 48.66
CA ARG C 233 -60.35 -18.60 49.41
C ARG C 233 -60.53 -19.84 48.53
N VAL C 234 -60.73 -19.68 47.22
CA VAL C 234 -60.93 -20.83 46.34
C VAL C 234 -59.63 -21.56 46.03
N VAL C 235 -58.51 -21.14 46.61
CA VAL C 235 -57.24 -21.82 46.40
C VAL C 235 -57.16 -23.02 47.35
N ASP C 236 -57.60 -24.18 46.86
CA ASP C 236 -57.60 -25.37 47.69
C ASP C 236 -56.19 -25.91 47.92
N ASN C 237 -55.35 -25.91 46.89
CA ASN C 237 -53.99 -26.43 46.96
C ASN C 237 -53.01 -25.31 46.65
N PRO C 238 -52.41 -24.68 47.67
CA PRO C 238 -51.45 -23.60 47.38
C PRO C 238 -50.25 -24.06 46.59
N ILE C 239 -49.91 -25.34 46.63
CA ILE C 239 -48.80 -25.85 45.84
C ILE C 239 -49.05 -25.64 44.36
N TYR C 240 -50.29 -25.88 43.91
CA TYR C 240 -50.63 -25.68 42.50
C TYR C 240 -50.49 -24.21 42.11
N LEU C 241 -50.94 -23.29 42.97
CA LEU C 241 -50.80 -21.87 42.67
C LEU C 241 -49.32 -21.47 42.61
N SER C 242 -48.52 -22.00 43.52
CA SER C 242 -47.08 -21.70 43.49
C SER C 242 -46.45 -22.23 42.20
N ASP C 243 -46.83 -23.44 41.78
CA ASP C 243 -46.31 -23.98 40.54
C ASP C 243 -46.73 -23.14 39.35
N MET C 244 -47.99 -22.70 39.32
CA MET C 244 -48.46 -21.85 38.22
C MET C 244 -47.68 -20.54 38.19
N GLY C 245 -47.45 -19.93 39.34
CA GLY C 245 -46.68 -18.71 39.39
C GLY C 245 -45.24 -18.91 38.92
N ALA C 246 -44.61 -19.98 39.37
CA ALA C 246 -43.25 -20.29 38.93
C ALA C 246 -43.23 -20.71 37.47
N ALA C 247 -44.31 -21.33 36.98
CA ALA C 247 -44.36 -21.73 35.58
C ALA C 247 -44.16 -20.54 34.66
N LEU C 248 -44.60 -19.35 35.07
CA LEU C 248 -44.39 -18.15 34.27
C LEU C 248 -42.92 -17.79 34.16
N THR C 249 -42.07 -18.28 35.07
CA THR C 249 -40.67 -17.91 35.08
C THR C 249 -39.98 -18.39 33.80
N GLY C 250 -39.02 -17.59 33.33
CA GLY C 250 -38.20 -17.95 32.20
C GLY C 250 -36.97 -18.74 32.55
N ALA C 251 -36.88 -19.27 33.77
CA ALA C 251 -35.72 -20.03 34.18
C ALA C 251 -35.57 -21.29 33.34
N GLU C 252 -34.32 -21.74 33.17
CA GLU C 252 -34.04 -22.90 32.35
C GLU C 252 -34.68 -24.15 32.95
N SER C 253 -34.97 -25.13 32.10
CA SER C 253 -35.57 -26.37 32.56
C SER C 253 -34.69 -27.06 33.59
N HIS C 254 -33.37 -26.83 33.53
CA HIS C 254 -32.47 -27.38 34.55
C HIS C 254 -32.83 -26.84 35.92
N GLU C 255 -33.14 -25.54 36.01
CA GLU C 255 -33.58 -24.98 37.28
C GLU C 255 -34.91 -25.57 37.73
N LEU C 256 -35.80 -25.84 36.78
CA LEU C 256 -37.07 -26.47 37.13
C LEU C 256 -36.84 -27.86 37.72
N GLN C 257 -35.93 -28.64 37.12
CA GLN C 257 -35.61 -29.95 37.67
C GLN C 257 -34.97 -29.82 39.06
N ASP C 258 -34.09 -28.84 39.23
CA ASP C 258 -33.46 -28.62 40.53
C ASP C 258 -34.52 -28.31 41.58
N VAL C 259 -35.49 -27.47 41.23
CA VAL C 259 -36.59 -27.17 42.16
C VAL C 259 -37.38 -28.43 42.48
N LEU C 260 -37.69 -29.23 41.46
CA LEU C 260 -38.43 -30.46 41.68
C LEU C 260 -37.66 -31.41 42.58
N GLU C 261 -36.32 -31.35 42.56
CA GLU C 261 -35.53 -32.22 43.43
C GLU C 261 -35.83 -31.97 44.90
N GLU C 262 -35.98 -30.70 45.29
CA GLU C 262 -36.26 -30.37 46.68
C GLU C 262 -37.55 -31.03 47.14
N THR C 263 -37.54 -31.54 48.37
CA THR C 263 -38.70 -32.18 48.97
C THR C 263 -39.40 -31.29 49.98
N ASN C 264 -38.65 -30.57 50.81
CA ASN C 264 -39.26 -29.70 51.81
C ASN C 264 -39.98 -28.53 51.14
N ILE C 265 -41.17 -28.22 51.64
CA ILE C 265 -41.96 -27.13 51.05
C ILE C 265 -41.25 -25.79 51.18
N PRO C 266 -40.73 -25.39 52.35
CA PRO C 266 -40.06 -24.08 52.44
C PRO C 266 -38.86 -23.96 51.51
N LYS C 267 -38.10 -25.05 51.35
CA LYS C 267 -36.92 -24.99 50.48
C LYS C 267 -37.32 -24.74 49.03
N ARG C 268 -38.35 -25.43 48.54
CA ARG C 268 -38.79 -25.19 47.17
C ARG C 268 -39.42 -23.81 47.03
N LEU C 269 -40.10 -23.33 48.07
CA LEU C 269 -40.64 -21.97 48.03
C LEU C 269 -39.51 -20.95 47.87
N TYR C 270 -38.45 -21.10 48.66
CA TYR C 270 -37.34 -20.17 48.56
C TYR C 270 -36.62 -20.31 47.22
N LYS C 271 -36.52 -21.53 46.70
CA LYS C 271 -35.90 -21.71 45.38
C LYS C 271 -36.71 -21.03 44.30
N ALA C 272 -38.05 -21.14 44.37
CA ALA C 272 -38.89 -20.47 43.39
C ALA C 272 -38.76 -18.95 43.51
N LEU C 273 -38.70 -18.44 44.74
CA LEU C 273 -38.51 -17.00 44.92
C LEU C 273 -37.17 -16.55 44.34
N SER C 274 -36.12 -17.34 44.55
CA SER C 274 -34.82 -17.01 43.98
C SER C 274 -34.85 -17.04 42.46
N LEU C 275 -35.55 -18.00 41.87
CA LEU C 275 -35.69 -18.04 40.42
C LEU C 275 -36.43 -16.82 39.90
N LEU C 276 -37.50 -16.42 40.60
CA LEU C 276 -38.22 -15.22 40.21
C LEU C 276 -37.32 -13.99 40.29
N LYS C 277 -36.50 -13.89 41.34
CA LYS C 277 -35.55 -12.79 41.44
C LYS C 277 -34.53 -12.84 40.31
N LYS C 278 -34.10 -14.04 39.93
CA LYS C 278 -33.15 -14.20 38.83
C LYS C 278 -33.74 -13.65 37.52
N GLU C 279 -35.00 -14.01 37.23
CA GLU C 279 -35.65 -13.46 36.04
C GLU C 279 -35.82 -11.95 36.16
N PHE C 280 -36.19 -11.47 37.35
CA PHE C 280 -36.42 -10.05 37.55
C PHE C 280 -35.16 -9.23 37.31
N GLU C 281 -34.01 -9.74 37.75
CA GLU C 281 -32.75 -9.01 37.54
C GLU C 281 -32.52 -8.77 36.07
N LEU C 282 -32.60 -9.83 35.25
CA LEU C 282 -32.37 -9.70 33.82
C LEU C 282 -33.41 -8.78 33.17
N SER C 283 -34.68 -8.93 33.55
CA SER C 283 -35.72 -8.11 32.94
C SER C 283 -35.50 -6.63 33.25
N LYS C 284 -35.23 -6.31 34.52
CA LYS C 284 -35.00 -4.92 34.90
C LYS C 284 -33.75 -4.37 34.23
N LEU C 285 -32.70 -5.18 34.11
CA LEU C 285 -31.50 -4.71 33.42
C LEU C 285 -31.81 -4.42 31.96
N GLN C 286 -32.60 -5.27 31.31
CA GLN C 286 -32.97 -5.02 29.92
C GLN C 286 -33.73 -3.72 29.78
N GLN C 287 -34.71 -3.50 30.66
CA GLN C 287 -35.48 -2.26 30.61
C GLN C 287 -34.59 -1.05 30.85
N ARG C 288 -33.70 -1.14 31.83
CA ARG C 288 -32.82 -0.01 32.14
C ARG C 288 -31.91 0.31 30.97
N LEU C 289 -31.32 -0.72 30.34
CA LEU C 289 -30.45 -0.49 29.19
C LEU C 289 -31.23 0.11 28.04
N GLY C 290 -32.43 -0.39 27.78
CA GLY C 290 -33.24 0.16 26.71
C GLY C 290 -33.56 1.62 26.92
N ARG C 291 -33.98 1.98 28.14
CA ARG C 291 -34.30 3.37 28.42
C ARG C 291 -33.04 4.24 28.38
N GLU C 292 -31.90 3.70 28.78
CA GLU C 292 -30.65 4.46 28.70
C GLU C 292 -30.31 4.77 27.25
N VAL C 293 -30.40 3.78 26.37
CA VAL C 293 -30.11 4.01 24.96
C VAL C 293 -31.10 5.01 24.36
N GLU C 294 -32.39 4.86 24.72
CA GLU C 294 -33.40 5.78 24.21
C GLU C 294 -33.14 7.20 24.69
N GLU C 295 -32.74 7.37 25.95
CA GLU C 295 -32.43 8.70 26.46
C GLU C 295 -31.21 9.30 25.76
N LYS C 296 -30.19 8.47 25.49
CA LYS C 296 -29.05 8.96 24.74
C LYS C 296 -29.47 9.44 23.36
N ILE C 297 -30.30 8.66 22.67
CA ILE C 297 -30.78 9.05 21.35
C ILE C 297 -31.58 10.35 21.44
N LYS C 298 -32.43 10.47 22.45
CA LYS C 298 -33.24 11.67 22.60
C LYS C 298 -32.37 12.89 22.86
N GLN C 299 -31.34 12.75 23.69
CA GLN C 299 -30.43 13.87 23.93
C GLN C 299 -29.69 14.26 22.65
N THR C 300 -29.23 13.26 21.88
CA THR C 300 -28.59 13.57 20.60
C THR C 300 -29.52 14.35 19.71
N HIS C 301 -30.77 13.89 19.56
CA HIS C 301 -31.72 14.58 18.71
C HIS C 301 -32.02 15.98 19.22
N ARG C 302 -32.15 16.14 20.54
CA ARG C 302 -32.47 17.45 21.10
C ARG C 302 -31.34 18.44 20.88
N LYS C 303 -30.09 18.01 21.06
CA LYS C 303 -28.98 18.90 20.77
C LYS C 303 -28.88 19.20 19.28
N TYR C 304 -29.26 18.24 18.43
CA TYR C 304 -29.36 18.55 17.00
C TYR C 304 -30.41 19.60 16.74
N LEU C 305 -31.54 19.54 17.46
CA LEU C 305 -32.57 20.56 17.34
C LEU C 305 -32.04 21.93 17.76
N LEU C 306 -31.27 21.97 18.85
CA LEU C 306 -30.66 23.24 19.25
C LEU C 306 -29.72 23.77 18.18
N GLN C 307 -28.92 22.88 17.58
CA GLN C 307 -28.04 23.30 16.50
C GLN C 307 -28.84 23.84 15.32
N GLU C 308 -29.96 23.20 14.98
CA GLU C 308 -30.79 23.68 13.90
C GLU C 308 -31.41 25.03 14.24
N GLN C 309 -31.81 25.22 15.49
CA GLN C 309 -32.29 26.53 15.91
C GLN C 309 -31.22 27.59 15.72
N LEU C 310 -29.97 27.25 16.04
CA LEU C 310 -28.86 28.15 15.74
C LEU C 310 -28.78 28.46 14.25
N LYS C 311 -28.81 27.42 13.42
CA LYS C 311 -28.68 27.60 11.97
C LYS C 311 -29.85 28.37 11.38
N ILE C 312 -30.98 28.45 12.08
CA ILE C 312 -32.15 29.13 11.55
C ILE C 312 -32.37 30.52 12.15
N ILE C 313 -31.81 30.80 13.34
CA ILE C 313 -32.07 32.07 14.01
C ILE C 313 -30.88 33.01 13.83
N LYS C 314 -29.72 32.63 14.37
CA LYS C 314 -28.53 33.45 14.14
C LYS C 314 -28.14 33.44 12.68
N LYS C 315 -28.17 32.27 12.05
CA LYS C 315 -27.88 32.10 10.64
C LYS C 315 -29.14 32.17 9.79
N GLU C 316 -29.80 33.33 9.74
CA GLU C 316 -31.00 33.47 8.92
C GLU C 316 -30.70 33.05 7.50
N LEU C 317 -31.60 32.23 6.94
CA LEU C 317 -31.30 31.54 5.69
C LEU C 317 -30.93 32.54 4.60
N GLY C 318 -29.80 32.30 3.94
CA GLY C 318 -29.35 33.14 2.86
C GLY C 318 -27.90 33.58 3.00
N LEU C 319 -27.47 33.88 4.23
CA LEU C 319 -26.11 34.36 4.44
C LEU C 319 -25.09 33.27 4.13
N GLU C 320 -25.31 32.07 4.65
CA GLU C 320 -24.41 30.93 4.42
C GLU C 320 -22.98 31.26 4.84
N LYS C 321 -22.84 31.99 5.95
CA LYS C 321 -21.51 32.30 6.46
C LYS C 321 -20.78 31.03 6.89
N ASP C 322 -21.45 30.17 7.67
CA ASP C 322 -20.83 28.93 8.10
C ASP C 322 -20.79 27.91 6.98
N ASP C 323 -21.82 27.87 6.13
CA ASP C 323 -21.81 26.99 4.97
C ASP C 323 -20.76 27.44 3.96
N LYS C 324 -20.30 28.68 4.04
CA LYS C 324 -19.21 29.25 3.26
C LYS C 324 -19.66 29.68 1.86
N ASP C 325 -20.95 29.74 1.57
CA ASP C 325 -21.39 30.37 0.33
C ASP C 325 -21.04 31.85 0.31
N ALA C 326 -20.92 32.49 1.48
CA ALA C 326 -20.29 33.80 1.53
C ALA C 326 -18.84 33.70 1.05
N ILE C 327 -18.15 32.62 1.40
CA ILE C 327 -16.81 32.40 0.86
C ILE C 327 -16.89 32.09 -0.64
N GLU C 328 -17.99 31.48 -1.08
CA GLU C 328 -18.22 31.33 -2.51
C GLU C 328 -18.21 32.68 -3.21
N GLU C 329 -18.97 33.63 -2.67
CA GLU C 329 -18.97 34.99 -3.24
C GLU C 329 -17.60 35.64 -3.13
N LYS C 330 -16.90 35.41 -2.01
CA LYS C 330 -15.57 35.97 -1.84
C LYS C 330 -14.62 35.49 -2.93
N PHE C 331 -14.65 34.19 -3.22
CA PHE C 331 -13.80 33.65 -4.29
C PHE C 331 -14.24 34.15 -5.65
N ARG C 332 -15.54 34.31 -5.87
CA ARG C 332 -16.01 34.88 -7.14
C ARG C 332 -15.44 36.28 -7.34
N GLU C 333 -15.52 37.13 -6.31
CA GLU C 333 -15.00 38.49 -6.45
C GLU C 333 -13.48 38.48 -6.56
N ARG C 334 -12.82 37.53 -5.90
CA ARG C 334 -11.37 37.40 -6.04
C ARG C 334 -10.99 37.09 -7.48
N LEU C 335 -11.74 36.20 -8.13
CA LEU C 335 -11.46 35.87 -9.51
C LEU C 335 -11.90 36.97 -10.47
N LYS C 336 -12.81 37.85 -10.02
CA LYS C 336 -13.39 38.84 -10.92
C LYS C 336 -12.32 39.74 -11.53
N GLU C 337 -11.42 40.28 -10.70
CA GLU C 337 -10.48 41.27 -11.20
C GLU C 337 -9.52 40.68 -12.22
N LEU C 338 -9.19 39.39 -12.09
CA LEU C 338 -8.18 38.78 -12.94
C LEU C 338 -8.65 38.71 -14.39
N VAL C 339 -7.76 39.04 -15.31
CA VAL C 339 -7.96 38.75 -16.73
C VAL C 339 -7.58 37.28 -16.89
N VAL C 340 -8.57 36.45 -17.17
CA VAL C 340 -8.49 35.03 -16.84
C VAL C 340 -8.73 34.15 -18.06
N PRO C 341 -8.01 33.03 -18.19
CA PRO C 341 -8.32 32.08 -19.27
C PRO C 341 -9.62 31.34 -19.02
N LYS C 342 -10.19 30.81 -20.11
CA LYS C 342 -11.46 30.09 -20.02
C LYS C 342 -11.30 28.75 -19.32
N HIS C 343 -10.16 28.08 -19.49
CA HIS C 343 -9.95 26.77 -18.90
C HIS C 343 -10.09 26.84 -17.38
N VAL C 344 -9.43 27.81 -16.77
CA VAL C 344 -9.46 27.94 -15.32
C VAL C 344 -10.87 28.28 -14.85
N MET C 345 -11.60 29.10 -15.62
CA MET C 345 -12.98 29.38 -15.24
C MET C 345 -13.87 28.14 -15.28
N ASP C 346 -13.75 27.31 -16.33
CA ASP C 346 -14.60 26.13 -16.35
C ASP C 346 -14.24 25.17 -15.23
N VAL C 347 -12.95 24.95 -14.98
CA VAL C 347 -12.56 24.06 -13.90
C VAL C 347 -12.99 24.64 -12.55
N VAL C 348 -12.91 25.96 -12.41
CA VAL C 348 -13.33 26.61 -11.17
C VAL C 348 -14.83 26.47 -10.97
N ASP C 349 -15.62 26.62 -12.04
CA ASP C 349 -17.05 26.42 -11.91
C ASP C 349 -17.37 24.99 -11.49
N GLU C 350 -16.69 24.01 -12.08
CA GLU C 350 -16.89 22.63 -11.64
C GLU C 350 -16.54 22.46 -10.17
N GLU C 351 -15.39 23.01 -9.76
CA GLU C 351 -14.97 22.89 -8.36
C GLU C 351 -15.98 23.56 -7.43
N LEU C 352 -16.51 24.72 -7.84
CA LEU C 352 -17.44 25.46 -7.00
C LEU C 352 -18.76 24.71 -6.87
N SER C 353 -19.23 24.10 -7.97
CA SER C 353 -20.41 23.27 -7.90
C SER C 353 -20.21 22.09 -6.96
N LYS C 354 -19.04 21.44 -7.06
CA LYS C 354 -18.75 20.34 -6.14
C LYS C 354 -18.75 20.82 -4.69
N LEU C 355 -18.12 21.97 -4.43
CA LEU C 355 -18.10 22.50 -3.08
C LEU C 355 -19.50 22.78 -2.56
N GLY C 356 -20.34 23.38 -3.40
CA GLY C 356 -21.72 23.62 -3.00
C GLY C 356 -22.47 22.34 -2.70
N LEU C 357 -22.27 21.31 -3.52
CA LEU C 357 -22.92 20.03 -3.28
C LEU C 357 -22.49 19.42 -1.96
N LEU C 358 -21.19 19.48 -1.66
CA LEU C 358 -20.64 18.82 -0.48
C LEU C 358 -20.92 19.63 0.79
N ASP C 359 -21.19 18.92 1.88
CA ASP C 359 -21.42 19.57 3.16
C ASP C 359 -20.11 20.12 3.73
N ASN C 360 -20.25 21.06 4.66
CA ASN C 360 -19.10 21.82 5.14
C ASN C 360 -18.06 20.94 5.82
N HIS C 361 -18.51 20.00 6.66
CA HIS C 361 -17.57 19.28 7.53
C HIS C 361 -16.85 18.16 6.79
N SER C 362 -17.33 17.76 5.61
CA SER C 362 -16.71 16.63 4.92
C SER C 362 -15.23 16.90 4.67
N SER C 363 -14.40 15.88 4.90
CA SER C 363 -12.98 15.98 4.58
C SER C 363 -12.79 16.19 3.08
N GLU C 364 -13.64 15.56 2.26
CA GLU C 364 -13.64 15.84 0.84
C GLU C 364 -13.97 17.31 0.59
N PHE C 365 -14.92 17.85 1.33
CA PHE C 365 -15.21 19.29 1.24
C PHE C 365 -14.00 20.11 1.65
N ASN C 366 -13.26 19.66 2.67
CA ASN C 366 -12.07 20.38 3.09
C ASN C 366 -11.02 20.41 1.98
N VAL C 367 -10.80 19.25 1.33
CA VAL C 367 -9.83 19.20 0.23
C VAL C 367 -10.29 20.06 -0.93
N THR C 368 -11.59 20.03 -1.24
CA THR C 368 -12.12 20.88 -2.30
C THR C 368 -11.90 22.36 -1.98
N ARG C 369 -12.13 22.74 -0.72
CA ARG C 369 -11.92 24.13 -0.32
C ARG C 369 -10.46 24.51 -0.45
N ASN C 370 -9.55 23.63 -0.04
CA ASN C 370 -8.13 23.92 -0.15
C ASN C 370 -7.71 24.09 -1.61
N TYR C 371 -8.18 23.20 -2.48
CA TYR C 371 -7.86 23.31 -3.90
C TYR C 371 -8.43 24.59 -4.49
N LEU C 372 -9.66 24.95 -4.10
CA LEU C 372 -10.26 26.18 -4.59
C LEU C 372 -9.47 27.39 -4.15
N ASP C 373 -9.04 27.42 -2.89
CA ASP C 373 -8.23 28.53 -2.41
C ASP C 373 -6.93 28.62 -3.20
N TRP C 374 -6.28 27.48 -3.40
CA TRP C 374 -5.01 27.49 -4.12
C TRP C 374 -5.19 28.00 -5.55
N LEU C 375 -6.23 27.53 -6.23
CA LEU C 375 -6.45 27.93 -7.62
C LEU C 375 -6.82 29.40 -7.72
N THR C 376 -7.75 29.87 -6.88
CA THR C 376 -8.19 31.26 -6.95
C THR C 376 -7.06 32.20 -6.59
N SER C 377 -6.22 31.82 -5.61
CA SER C 377 -5.14 32.70 -5.19
C SER C 377 -4.11 32.92 -6.29
N ILE C 378 -4.10 32.09 -7.33
CA ILE C 378 -3.12 32.27 -8.40
C ILE C 378 -3.43 33.56 -9.16
N PRO C 379 -2.47 34.48 -9.32
CA PRO C 379 -2.72 35.64 -10.19
C PRO C 379 -2.93 35.19 -11.63
N TRP C 380 -3.84 35.86 -12.32
CA TRP C 380 -4.17 35.52 -13.69
C TRP C 380 -4.33 36.80 -14.49
N GLY C 381 -3.63 36.89 -15.62
CA GLY C 381 -3.65 38.07 -16.45
C GLY C 381 -2.90 39.26 -15.89
N LYS C 382 -2.53 39.24 -14.61
CA LYS C 382 -1.82 40.36 -14.02
C LYS C 382 -0.37 40.38 -14.51
N TYR C 383 0.00 41.47 -15.17
CA TYR C 383 1.34 41.62 -15.75
C TYR C 383 2.01 42.81 -15.08
N SER C 384 2.95 42.54 -14.18
CA SER C 384 3.69 43.60 -13.51
C SER C 384 4.34 44.52 -14.52
N ASN C 385 3.98 45.79 -14.48
CA ASN C 385 4.53 46.75 -15.43
C ASN C 385 6.04 46.81 -15.30
N GLU C 386 6.73 46.76 -16.43
CA GLU C 386 8.19 46.79 -16.47
C GLU C 386 8.68 48.19 -16.80
N ASN C 387 9.99 48.39 -16.58
CA ASN C 387 10.62 49.65 -16.92
C ASN C 387 11.10 49.62 -18.37
N LEU C 388 10.73 50.65 -19.12
CA LEU C 388 11.12 50.77 -20.52
C LEU C 388 12.24 51.78 -20.76
N ASP C 389 12.37 52.78 -19.89
CA ASP C 389 13.45 53.76 -20.06
C ASP C 389 14.79 53.06 -19.96
N LEU C 390 15.70 53.40 -20.88
CA LEU C 390 16.97 52.70 -21.00
C LEU C 390 18.06 53.33 -20.16
N ALA C 391 18.16 54.67 -20.16
CA ALA C 391 19.18 55.34 -19.39
C ALA C 391 19.01 55.07 -17.89
N ARG C 392 17.77 55.11 -17.40
CA ARG C 392 17.53 54.87 -15.99
C ARG C 392 17.95 53.46 -15.59
N ALA C 393 17.58 52.47 -16.41
CA ALA C 393 17.95 51.09 -16.10
C ALA C 393 19.46 50.91 -16.14
N GLN C 394 20.12 51.52 -17.13
CA GLN C 394 21.57 51.41 -17.22
C GLN C 394 22.24 52.02 -15.99
N ALA C 395 21.76 53.19 -15.56
CA ALA C 395 22.33 53.81 -14.36
C ALA C 395 22.08 52.95 -13.13
N VAL C 396 20.88 52.37 -13.02
CA VAL C 396 20.58 51.51 -11.89
C VAL C 396 21.54 50.32 -11.85
N LEU C 397 21.76 49.70 -13.02
CA LEU C 397 22.68 48.57 -13.07
C LEU C 397 24.09 49.00 -12.70
N GLU C 398 24.54 50.15 -13.21
CA GLU C 398 25.89 50.61 -12.90
C GLU C 398 26.06 50.94 -11.42
N GLU C 399 24.99 51.39 -10.76
CA GLU C 399 25.06 51.80 -9.37
C GLU C 399 24.97 50.63 -8.39
N ASP C 400 24.73 49.41 -8.87
CA ASP C 400 24.58 48.25 -8.00
C ASP C 400 25.70 47.23 -8.14
N HIS C 401 26.45 47.24 -9.24
CA HIS C 401 27.48 46.23 -9.45
C HIS C 401 28.56 46.84 -10.32
N TYR C 402 29.80 46.81 -9.84
CA TYR C 402 30.92 47.40 -10.56
C TYR C 402 31.51 46.39 -11.54
N GLY C 403 31.97 46.90 -12.69
CA GLY C 403 32.59 46.03 -13.68
C GLY C 403 31.58 45.16 -14.39
N MET C 404 32.06 44.02 -14.90
CA MET C 404 31.24 43.07 -15.63
C MET C 404 30.35 43.77 -16.66
N GLU C 405 30.95 44.71 -17.38
CA GLU C 405 30.19 45.49 -18.36
C GLU C 405 29.61 44.64 -19.47
N ASP C 406 30.12 43.43 -19.68
CA ASP C 406 29.57 42.57 -20.72
C ASP C 406 28.13 42.17 -20.41
N VAL C 407 27.88 41.76 -19.16
CA VAL C 407 26.52 41.42 -18.78
C VAL C 407 25.62 42.66 -18.82
N LYS C 408 26.18 43.82 -18.44
CA LYS C 408 25.42 45.06 -18.54
C LYS C 408 24.99 45.31 -19.98
N LYS C 409 25.92 45.14 -20.92
CA LYS C 409 25.59 45.35 -22.33
C LYS C 409 24.56 44.34 -22.81
N ARG C 410 24.67 43.08 -22.36
CA ARG C 410 23.69 42.08 -22.78
C ARG C 410 22.30 42.42 -22.26
N ILE C 411 22.20 42.86 -21.01
CA ILE C 411 20.90 43.26 -20.46
C ILE C 411 20.38 44.50 -21.18
N LEU C 412 21.28 45.41 -21.55
CA LEU C 412 20.87 46.58 -22.31
C LEU C 412 20.26 46.16 -23.65
N GLU C 413 20.91 45.22 -24.34
CA GLU C 413 20.38 44.73 -25.61
C GLU C 413 19.05 44.02 -25.40
N PHE C 414 18.93 43.25 -24.33
CA PHE C 414 17.66 42.59 -24.02
C PHE C 414 16.55 43.61 -23.85
N ILE C 415 16.82 44.66 -23.08
CA ILE C 415 15.81 45.70 -22.87
C ILE C 415 15.46 46.37 -24.20
N ALA C 416 16.47 46.66 -25.01
CA ALA C 416 16.23 47.33 -26.29
C ALA C 416 15.33 46.49 -27.18
N VAL C 417 15.65 45.20 -27.32
CA VAL C 417 14.86 44.35 -28.20
C VAL C 417 13.46 44.13 -27.63
N SER C 418 13.36 44.01 -26.31
CA SER C 418 12.05 43.81 -25.68
C SER C 418 11.16 45.03 -25.92
N GLN C 419 11.71 46.23 -25.79
CA GLN C 419 10.93 47.43 -25.99
C GLN C 419 10.57 47.63 -27.46
N LEU C 420 11.55 47.45 -28.35
CA LEU C 420 11.32 47.77 -29.76
C LEU C 420 10.26 46.87 -30.37
N ARG C 421 10.31 45.56 -30.09
CA ARG C 421 9.41 44.60 -30.71
C ARG C 421 8.10 44.44 -29.95
N GLY C 422 7.73 45.43 -29.14
CA GLY C 422 6.45 45.39 -28.44
C GLY C 422 6.51 44.58 -27.16
N SER C 423 5.90 43.39 -27.19
CA SER C 423 5.89 42.53 -26.02
C SER C 423 7.31 42.18 -25.61
N THR C 424 7.59 42.31 -24.31
CA THR C 424 8.91 42.03 -23.76
C THR C 424 9.04 40.52 -23.56
N GLN C 425 9.44 39.84 -24.62
CA GLN C 425 9.60 38.39 -24.57
C GLN C 425 10.64 38.00 -23.54
N GLY C 426 10.36 36.92 -22.81
CA GLY C 426 11.28 36.40 -21.83
C GLY C 426 12.15 35.29 -22.39
N LYS C 427 13.43 35.57 -22.60
CA LYS C 427 14.37 34.62 -23.17
C LYS C 427 15.33 34.15 -22.08
N ILE C 428 15.49 32.84 -21.96
CA ILE C 428 16.36 32.28 -20.93
C ILE C 428 17.81 32.59 -21.26
N LEU C 429 18.57 32.98 -20.24
CA LEU C 429 20.01 33.16 -20.37
C LEU C 429 20.66 32.65 -19.09
N CYS C 430 21.90 32.20 -19.22
CA CYS C 430 22.64 31.58 -18.13
C CYS C 430 23.95 32.31 -17.90
N PHE C 431 24.23 32.64 -16.64
CA PHE C 431 25.55 33.10 -16.24
C PHE C 431 26.37 31.92 -15.75
N TYR C 432 27.70 32.03 -15.88
CA TYR C 432 28.58 31.01 -15.36
C TYR C 432 29.94 31.62 -15.08
N GLY C 433 30.64 31.03 -14.12
CA GLY C 433 31.93 31.52 -13.70
C GLY C 433 32.30 30.99 -12.33
N PRO C 434 33.31 31.59 -11.71
CA PRO C 434 33.71 31.17 -10.36
C PRO C 434 32.61 31.46 -9.36
N PRO C 435 32.79 31.04 -8.10
CA PRO C 435 31.81 31.36 -7.06
C PRO C 435 32.14 32.67 -6.35
N GLY C 436 31.11 33.23 -5.71
CA GLY C 436 31.28 34.52 -5.05
C GLY C 436 31.66 35.63 -6.02
N VAL C 437 31.06 35.64 -7.20
CA VAL C 437 31.33 36.64 -8.22
C VAL C 437 30.14 37.54 -8.48
N GLY C 438 29.07 37.42 -7.68
CA GLY C 438 27.89 38.22 -7.87
C GLY C 438 26.91 37.69 -8.89
N LYS C 439 27.08 36.44 -9.34
CA LYS C 439 26.18 35.89 -10.35
C LYS C 439 24.74 35.94 -9.89
N THR C 440 24.46 35.48 -8.68
CA THR C 440 23.11 35.63 -8.12
C THR C 440 22.88 37.05 -7.63
N SER C 441 23.93 37.74 -7.21
CA SER C 441 23.78 39.12 -6.74
C SER C 441 23.29 40.02 -7.87
N ILE C 442 23.86 39.87 -9.07
CA ILE C 442 23.44 40.70 -10.19
C ILE C 442 22.01 40.43 -10.60
N ALA C 443 21.46 39.27 -10.23
CA ALA C 443 20.07 38.99 -10.55
C ALA C 443 19.14 39.99 -9.88
N ARG C 444 19.43 40.34 -8.62
CA ARG C 444 18.61 41.32 -7.92
C ARG C 444 18.63 42.66 -8.65
N SER C 445 19.82 43.12 -9.03
CA SER C 445 19.93 44.40 -9.72
C SER C 445 19.24 44.37 -11.07
N ILE C 446 19.36 43.25 -11.79
CA ILE C 446 18.70 43.13 -13.09
C ILE C 446 17.18 43.20 -12.90
N ALA C 447 16.68 42.47 -11.90
CA ALA C 447 15.24 42.49 -11.65
C ALA C 447 14.77 43.90 -11.30
N ARG C 448 15.52 44.60 -10.45
CA ARG C 448 15.11 45.95 -10.06
C ARG C 448 15.12 46.89 -11.26
N ALA C 449 16.20 46.87 -12.04
CA ALA C 449 16.29 47.75 -13.19
C ALA C 449 15.19 47.46 -14.20
N LEU C 450 14.93 46.18 -14.47
CA LEU C 450 13.83 45.81 -15.35
C LEU C 450 12.48 46.12 -14.72
N ASN C 451 12.40 46.16 -13.39
CA ASN C 451 11.24 46.54 -12.59
C ASN C 451 10.24 45.40 -12.42
N ARG C 452 10.56 44.18 -12.80
CA ARG C 452 9.69 43.05 -12.50
C ARG C 452 10.09 42.42 -11.16
N GLU C 453 9.10 41.80 -10.51
CA GLU C 453 9.34 41.22 -9.19
C GLU C 453 10.39 40.12 -9.25
N TYR C 454 11.27 40.11 -8.27
CA TYR C 454 12.37 39.16 -8.21
C TYR C 454 11.98 37.93 -7.40
N PHE C 455 12.66 36.82 -7.70
CA PHE C 455 12.52 35.60 -6.92
C PHE C 455 13.65 34.66 -7.29
N ARG C 456 14.25 34.02 -6.30
CA ARG C 456 15.33 33.08 -6.52
C ARG C 456 14.85 31.64 -6.28
N PHE C 457 15.55 30.71 -6.92
CA PHE C 457 15.16 29.30 -6.86
C PHE C 457 16.43 28.46 -6.92
N SER C 458 16.64 27.61 -5.92
CA SER C 458 17.83 26.78 -5.81
C SER C 458 17.47 25.35 -6.23
N VAL C 459 18.00 24.91 -7.37
CA VAL C 459 17.85 23.52 -7.81
C VAL C 459 19.11 22.72 -7.58
N GLY C 460 20.12 23.28 -6.91
CA GLY C 460 21.37 22.58 -6.69
C GLY C 460 21.20 21.28 -5.95
N GLY C 461 21.51 20.16 -6.62
CA GLY C 461 21.38 18.85 -6.03
C GLY C 461 19.96 18.35 -5.91
N MET C 462 18.99 19.05 -6.49
CA MET C 462 17.60 18.62 -6.39
C MET C 462 17.41 17.32 -7.14
N THR C 463 16.61 16.43 -6.56
CA THR C 463 16.35 15.11 -7.15
C THR C 463 14.87 14.81 -7.28
N ASP C 464 14.04 15.27 -6.35
CA ASP C 464 12.61 14.96 -6.35
C ASP C 464 11.89 16.03 -7.16
N VAL C 465 11.49 15.66 -8.39
CA VAL C 465 10.82 16.60 -9.27
C VAL C 465 9.53 17.14 -8.67
N ALA C 466 8.98 16.44 -7.66
CA ALA C 466 7.71 16.87 -7.07
C ALA C 466 7.78 18.30 -6.57
N GLU C 467 8.93 18.72 -6.02
CA GLU C 467 9.06 20.08 -5.51
C GLU C 467 8.77 21.10 -6.62
N ILE C 468 9.12 20.78 -7.86
CA ILE C 468 8.78 21.66 -8.98
C ILE C 468 7.42 21.33 -9.59
N LYS C 469 6.92 20.11 -9.37
CA LYS C 469 5.62 19.71 -9.89
C LYS C 469 4.57 19.49 -8.82
N GLY C 470 4.91 19.74 -7.55
CA GLY C 470 3.95 19.52 -6.48
C GLY C 470 3.59 18.05 -6.35
N HIS C 471 2.35 17.81 -5.91
CA HIS C 471 1.82 16.46 -5.77
C HIS C 471 0.44 16.44 -6.40
N ARG C 472 -0.28 15.33 -6.21
CA ARG C 472 -1.52 15.09 -6.94
C ARG C 472 -2.75 15.62 -6.22
N ARG C 473 -2.61 16.15 -5.01
CA ARG C 473 -3.70 16.74 -4.24
C ARG C 473 -4.64 15.68 -3.67
N THR C 474 -4.45 14.42 -4.06
CA THR C 474 -5.16 13.32 -3.44
C THR C 474 -4.31 12.59 -2.40
N TYR C 475 -2.99 12.75 -2.47
CA TYR C 475 -2.11 12.26 -1.42
C TYR C 475 -2.33 13.04 -0.14
N VAL C 476 -2.26 12.34 0.99
CA VAL C 476 -2.43 12.97 2.30
C VAL C 476 -1.19 13.79 2.62
N GLY C 477 -1.27 15.10 2.38
CA GLY C 477 -0.16 16.00 2.57
C GLY C 477 0.40 16.61 1.30
N ALA C 478 -0.33 16.55 0.19
CA ALA C 478 0.16 17.06 -1.09
C ALA C 478 0.18 18.58 -1.09
N MET C 479 1.09 19.13 -1.89
CA MET C 479 1.22 20.56 -2.10
C MET C 479 1.67 20.80 -3.54
N PRO C 480 1.45 22.00 -4.07
CA PRO C 480 1.80 22.28 -5.46
C PRO C 480 3.29 22.55 -5.63
N GLY C 481 3.71 22.58 -6.89
CA GLY C 481 5.11 22.84 -7.18
C GLY C 481 5.55 24.20 -6.68
N LYS C 482 6.83 24.31 -6.36
CA LYS C 482 7.35 25.54 -5.79
C LYS C 482 7.21 26.71 -6.76
N ILE C 483 7.07 26.43 -8.05
CA ILE C 483 6.87 27.50 -9.03
C ILE C 483 5.50 28.13 -8.85
N ILE C 484 4.49 27.32 -8.54
CA ILE C 484 3.16 27.87 -8.27
C ILE C 484 3.20 28.77 -7.03
N GLN C 485 3.91 28.33 -6.00
CA GLN C 485 4.05 29.16 -4.80
C GLN C 485 4.81 30.44 -5.12
N CYS C 486 5.81 30.36 -5.99
CA CYS C 486 6.49 31.56 -6.46
C CYS C 486 5.51 32.52 -7.14
N LEU C 487 4.68 31.99 -8.03
CA LEU C 487 3.71 32.84 -8.72
C LEU C 487 2.77 33.49 -7.73
N LYS C 488 2.29 32.73 -6.74
CA LYS C 488 1.38 33.29 -5.75
C LYS C 488 2.07 34.39 -4.93
N LYS C 489 3.24 34.10 -4.39
CA LYS C 489 3.92 35.06 -3.52
C LYS C 489 4.30 36.31 -4.29
N THR C 490 4.83 36.17 -5.49
CA THR C 490 5.24 37.32 -6.28
C THR C 490 4.04 38.20 -6.62
N LYS C 491 2.85 37.62 -6.69
CA LYS C 491 1.61 38.32 -7.04
C LYS C 491 1.60 38.75 -8.50
N THR C 492 2.58 38.35 -9.28
CA THR C 492 2.68 38.73 -10.68
C THR C 492 3.01 37.49 -11.51
N GLU C 493 2.53 37.49 -12.75
CA GLU C 493 2.68 36.35 -13.64
C GLU C 493 3.91 36.44 -14.52
N ASN C 494 4.68 37.53 -14.43
CA ASN C 494 5.91 37.66 -15.20
C ASN C 494 7.06 38.08 -14.28
N PRO C 495 7.42 37.28 -13.29
CA PRO C 495 8.56 37.61 -12.44
C PRO C 495 9.87 37.18 -13.08
N LEU C 496 10.96 37.45 -12.38
CA LEU C 496 12.31 37.03 -12.78
C LEU C 496 12.69 35.83 -11.92
N ILE C 497 12.47 34.64 -12.46
CA ILE C 497 12.81 33.41 -11.75
C ILE C 497 14.29 33.11 -11.97
N LEU C 498 15.03 32.96 -10.89
CA LEU C 498 16.46 32.72 -10.92
C LEU C 498 16.72 31.28 -10.47
N ILE C 499 17.13 30.43 -11.41
CA ILE C 499 17.56 29.08 -11.08
C ILE C 499 19.01 29.14 -10.64
N ASP C 500 19.36 28.35 -9.63
CA ASP C 500 20.68 28.39 -9.03
C ASP C 500 21.31 27.01 -9.06
N GLU C 501 22.60 26.96 -9.39
CA GLU C 501 23.35 25.71 -9.41
C GLU C 501 22.66 24.67 -10.29
N VAL C 502 22.31 25.08 -11.51
CA VAL C 502 21.68 24.16 -12.45
C VAL C 502 22.59 22.98 -12.74
N ASP C 503 23.89 23.24 -12.88
CA ASP C 503 24.84 22.18 -13.19
C ASP C 503 24.89 21.12 -12.09
N LYS C 504 24.44 21.44 -10.88
CA LYS C 504 24.49 20.51 -9.77
C LYS C 504 23.35 19.49 -9.78
N ILE C 505 22.41 19.61 -10.72
CA ILE C 505 21.28 18.69 -10.76
C ILE C 505 21.78 17.26 -10.90
N GLY C 506 21.18 16.36 -10.15
CA GLY C 506 21.63 14.98 -10.12
C GLY C 506 21.02 14.10 -11.20
N ARG C 507 19.71 14.24 -11.43
CA ARG C 507 19.01 13.38 -12.39
C ARG C 507 19.20 11.91 -12.04
N GLY C 508 19.00 11.59 -10.76
CA GLY C 508 19.26 10.27 -10.24
C GLY C 508 18.05 9.36 -10.31
N TYR C 509 18.11 8.28 -9.54
CA TYR C 509 17.05 7.29 -9.54
C TYR C 509 15.73 7.90 -9.06
N GLN C 510 14.64 7.53 -9.73
CA GLN C 510 13.28 7.93 -9.38
C GLN C 510 13.10 9.45 -9.38
N GLY C 511 14.06 10.20 -9.89
CA GLY C 511 14.00 11.65 -9.88
C GLY C 511 13.91 12.24 -11.27
N ASP C 512 15.07 12.58 -11.83
CA ASP C 512 15.17 13.20 -13.15
C ASP C 512 14.40 14.51 -13.18
N PRO C 513 14.71 15.46 -12.29
CA PRO C 513 14.11 16.79 -12.42
C PRO C 513 14.54 17.51 -13.68
N SER C 514 15.60 17.05 -14.34
CA SER C 514 16.05 17.70 -15.57
C SER C 514 14.97 17.68 -16.64
N SER C 515 14.11 16.66 -16.66
CA SER C 515 13.02 16.63 -17.62
C SER C 515 12.04 17.79 -17.37
N ALA C 516 11.65 17.98 -16.12
CA ALA C 516 10.77 19.10 -15.79
C ALA C 516 11.46 20.43 -16.07
N LEU C 517 12.78 20.49 -15.85
CA LEU C 517 13.51 21.72 -16.13
C LEU C 517 13.52 22.02 -17.62
N LEU C 518 13.71 20.99 -18.45
CA LEU C 518 13.57 21.14 -19.90
C LEU C 518 12.18 21.66 -20.24
N GLU C 519 11.16 21.08 -19.61
CA GLU C 519 9.79 21.54 -19.84
C GLU C 519 9.65 23.03 -19.53
N LEU C 520 10.22 23.46 -18.39
CA LEU C 520 10.13 24.86 -18.01
C LEU C 520 10.86 25.76 -18.99
N LEU C 521 12.06 25.37 -19.42
CA LEU C 521 12.87 26.19 -20.30
C LEU C 521 12.46 26.07 -21.77
N ASP C 522 11.59 25.14 -22.10
CA ASP C 522 11.13 25.01 -23.48
C ASP C 522 10.49 26.33 -23.92
N PRO C 523 10.92 26.93 -25.04
CA PRO C 523 10.35 28.23 -25.43
C PRO C 523 8.86 28.19 -25.69
N GLU C 524 8.27 27.03 -25.95
CA GLU C 524 6.87 26.93 -26.30
C GLU C 524 6.05 26.15 -25.29
N GLN C 525 6.58 25.01 -24.81
CA GLN C 525 5.81 24.21 -23.86
C GLN C 525 5.59 24.96 -22.55
N ASN C 526 6.50 25.88 -22.21
CA ASN C 526 6.31 26.68 -21.00
C ASN C 526 4.97 27.40 -21.04
N ALA C 527 4.51 27.77 -22.23
CA ALA C 527 3.24 28.48 -22.36
C ALA C 527 2.08 27.65 -21.81
N ASN C 528 2.20 26.33 -21.83
CA ASN C 528 1.16 25.43 -21.34
C ASN C 528 1.73 24.48 -20.30
N PHE C 529 2.67 24.97 -19.49
CA PHE C 529 3.22 24.17 -18.41
C PHE C 529 2.15 23.92 -17.34
N LEU C 530 2.21 22.73 -16.74
CA LEU C 530 1.27 22.35 -15.70
C LEU C 530 1.98 21.47 -14.68
N ASP C 531 1.37 21.36 -13.51
CA ASP C 531 1.93 20.58 -12.41
C ASP C 531 0.92 19.52 -11.96
N HIS C 532 1.41 18.57 -11.18
CA HIS C 532 0.54 17.49 -10.70
C HIS C 532 -0.58 18.02 -9.81
N TYR C 533 -0.32 19.09 -9.07
CA TYR C 533 -1.31 19.62 -8.14
C TYR C 533 -2.39 20.40 -8.88
N LEU C 534 -2.01 21.48 -9.55
CA LEU C 534 -2.91 22.25 -10.41
C LEU C 534 -2.67 21.80 -11.84
N ASP C 535 -3.66 21.15 -12.44
CA ASP C 535 -3.52 20.53 -13.74
C ASP C 535 -3.82 21.50 -14.89
N VAL C 536 -4.21 22.73 -14.59
CA VAL C 536 -4.49 23.73 -15.63
C VAL C 536 -3.17 24.26 -16.18
N PRO C 537 -3.02 24.40 -17.50
CA PRO C 537 -1.79 24.98 -18.04
C PRO C 537 -1.62 26.44 -17.62
N VAL C 538 -0.37 26.87 -17.53
CA VAL C 538 -0.02 28.23 -17.15
C VAL C 538 0.97 28.79 -18.17
N ASP C 539 0.80 30.07 -18.51
CA ASP C 539 1.67 30.72 -19.47
C ASP C 539 2.98 31.13 -18.81
N LEU C 540 4.10 30.75 -19.42
CA LEU C 540 5.42 31.06 -18.89
C LEU C 540 6.34 31.55 -20.01
N SER C 541 5.77 32.28 -20.98
CA SER C 541 6.58 32.89 -22.02
C SER C 541 7.12 34.25 -21.62
N LYS C 542 6.31 35.05 -20.91
CA LYS C 542 6.76 36.36 -20.47
C LYS C 542 7.91 36.26 -19.48
N VAL C 543 7.83 35.27 -18.57
CA VAL C 543 8.82 35.16 -17.51
C VAL C 543 10.23 35.18 -18.09
N LEU C 544 11.15 35.81 -17.36
CA LEU C 544 12.54 35.95 -17.76
C LEU C 544 13.39 35.07 -16.86
N PHE C 545 13.67 33.85 -17.33
CA PHE C 545 14.46 32.92 -16.54
C PHE C 545 15.93 33.35 -16.50
N ILE C 546 16.56 33.13 -15.35
CA ILE C 546 17.99 33.31 -15.18
C ILE C 546 18.53 32.07 -14.47
N CYS C 547 19.62 31.51 -14.99
CA CYS C 547 20.23 30.32 -14.43
C CYS C 547 21.73 30.54 -14.26
N THR C 548 22.31 29.86 -13.29
CA THR C 548 23.72 29.99 -12.97
C THR C 548 24.35 28.61 -12.79
N ALA C 549 25.65 28.54 -13.03
CA ALA C 549 26.38 27.29 -12.92
C ALA C 549 27.87 27.61 -12.86
N ASN C 550 28.59 26.91 -11.98
CA ASN C 550 30.02 27.14 -11.84
C ASN C 550 30.82 26.65 -13.05
N VAL C 551 30.29 25.67 -13.78
CA VAL C 551 30.96 25.16 -14.98
C VAL C 551 29.89 24.66 -15.93
N THR C 552 30.15 24.80 -17.23
CA THR C 552 29.17 24.46 -18.26
C THR C 552 29.30 23.02 -18.76
N ASP C 553 30.28 22.26 -18.27
CA ASP C 553 30.48 20.91 -18.78
C ASP C 553 29.40 19.96 -18.28
N THR C 554 29.07 20.03 -17.00
CA THR C 554 28.17 19.05 -16.39
C THR C 554 26.70 19.38 -16.63
N ILE C 555 26.38 20.60 -17.06
CA ILE C 555 24.96 20.90 -17.32
C ILE C 555 24.49 20.05 -18.50
N PRO C 556 23.25 19.56 -18.50
CA PRO C 556 22.81 18.70 -19.60
C PRO C 556 22.90 19.43 -20.94
N GLU C 557 23.31 18.67 -21.96
CA GLU C 557 23.40 19.24 -23.31
C GLU C 557 22.05 19.76 -23.79
N PRO C 558 20.94 19.03 -23.65
CA PRO C 558 19.64 19.60 -24.04
C PRO C 558 19.33 20.89 -23.31
N LEU C 559 19.73 21.01 -22.04
CA LEU C 559 19.57 22.28 -21.33
C LEU C 559 20.60 23.29 -21.81
N ARG C 560 21.82 22.84 -22.08
CA ARG C 560 22.89 23.76 -22.47
C ARG C 560 22.57 24.49 -23.77
N ASP C 561 22.01 23.77 -24.76
CA ASP C 561 21.77 24.38 -26.05
C ASP C 561 20.69 25.46 -25.98
N ARG C 562 19.71 25.26 -25.10
CA ARG C 562 18.50 26.08 -25.13
C ARG C 562 18.74 27.55 -24.80
N MET C 563 19.85 27.90 -24.17
CA MET C 563 20.10 29.28 -23.77
C MET C 563 21.55 29.64 -24.05
N GLU C 564 21.79 30.94 -24.22
CA GLU C 564 23.14 31.45 -24.37
C GLU C 564 23.85 31.45 -23.00
N MET C 565 25.18 31.43 -23.05
CA MET C 565 26.02 31.30 -21.87
C MET C 565 26.81 32.61 -21.71
N ILE C 566 26.28 33.52 -20.89
CA ILE C 566 27.02 34.73 -20.55
C ILE C 566 28.10 34.37 -19.53
N ASN C 567 29.31 34.86 -19.78
CA ASN C 567 30.50 34.44 -19.03
C ASN C 567 30.89 35.55 -18.05
N VAL C 568 30.37 35.46 -16.82
CA VAL C 568 30.93 36.24 -15.73
C VAL C 568 32.17 35.52 -15.21
N SER C 569 33.11 36.30 -14.68
CA SER C 569 34.38 35.74 -14.26
C SER C 569 34.96 36.60 -13.13
N GLY C 570 36.10 36.18 -12.60
CA GLY C 570 36.66 36.78 -11.42
C GLY C 570 37.20 38.18 -11.66
N TYR C 571 37.52 38.84 -10.56
CA TYR C 571 38.04 40.21 -10.56
C TYR C 571 39.45 40.21 -10.01
N VAL C 572 40.34 40.94 -10.70
CA VAL C 572 41.75 41.00 -10.32
C VAL C 572 41.89 41.77 -9.01
N ALA C 573 43.08 41.71 -8.40
CA ALA C 573 43.26 42.30 -7.08
C ALA C 573 42.82 43.76 -7.05
N GLN C 574 43.22 44.55 -8.03
CA GLN C 574 42.80 45.95 -8.08
C GLN C 574 41.28 46.06 -8.23
N GLU C 575 40.72 45.27 -9.14
CA GLU C 575 39.27 45.27 -9.33
C GLU C 575 38.56 44.80 -8.08
N LYS C 576 39.09 43.77 -7.42
CA LYS C 576 38.49 43.28 -6.18
C LYS C 576 38.53 44.37 -5.11
N LEU C 577 39.65 45.09 -5.01
CA LEU C 577 39.75 46.19 -4.05
C LEU C 577 38.68 47.24 -4.33
N ALA C 578 38.54 47.64 -5.59
CA ALA C 578 37.53 48.64 -5.93
C ALA C 578 36.14 48.16 -5.55
N ILE C 579 35.79 46.94 -5.97
CA ILE C 579 34.45 46.41 -5.69
C ILE C 579 34.22 46.36 -4.18
N ALA C 580 35.20 45.88 -3.43
CA ALA C 580 35.01 45.72 -1.99
C ALA C 580 34.84 47.07 -1.30
N GLU C 581 35.70 48.04 -1.64
CA GLU C 581 35.64 49.33 -0.96
C GLU C 581 34.35 50.06 -1.27
N ARG C 582 33.91 50.02 -2.54
CA ARG C 582 32.72 50.81 -2.90
C ARG C 582 31.43 50.15 -2.44
N TYR C 583 31.34 48.81 -2.46
CA TYR C 583 30.08 48.12 -2.21
C TYR C 583 30.13 47.20 -1.01
N LEU C 584 31.16 46.36 -0.87
CA LEU C 584 31.16 45.37 0.20
C LEU C 584 31.18 46.04 1.58
N VAL C 585 32.05 47.03 1.76
CA VAL C 585 32.21 47.64 3.08
C VAL C 585 30.91 48.30 3.54
N PRO C 586 30.26 49.16 2.75
CA PRO C 586 28.97 49.71 3.21
C PRO C 586 27.92 48.63 3.43
N GLN C 587 27.91 47.57 2.61
CA GLN C 587 26.93 46.51 2.77
C GLN C 587 27.09 45.83 4.13
N ALA C 588 28.31 45.41 4.45
CA ALA C 588 28.55 44.79 5.75
C ALA C 588 28.30 45.77 6.89
N ARG C 589 28.63 47.05 6.68
CA ARG C 589 28.39 48.05 7.71
C ARG C 589 26.91 48.17 8.03
N ALA C 590 26.07 48.24 6.99
CA ALA C 590 24.63 48.28 7.19
C ALA C 590 24.11 46.98 7.81
N LEU C 591 24.69 45.84 7.42
CA LEU C 591 24.29 44.58 8.02
C LEU C 591 24.55 44.59 9.52
N CYS C 592 25.70 45.11 9.94
CA CYS C 592 26.02 45.23 11.36
C CYS C 592 25.31 46.41 12.01
N GLY C 593 24.72 47.31 11.23
CA GLY C 593 24.04 48.46 11.77
C GLY C 593 24.93 49.60 12.21
N LEU C 594 26.23 49.49 12.00
CA LEU C 594 27.15 50.53 12.45
C LEU C 594 27.07 51.76 11.54
N ASP C 595 27.62 52.86 12.02
CA ASP C 595 27.64 54.11 11.28
C ASP C 595 28.98 54.28 10.57
N GLU C 596 28.95 55.04 9.46
CA GLU C 596 30.16 55.23 8.68
C GLU C 596 31.25 55.92 9.50
N SER C 597 30.88 56.95 10.26
CA SER C 597 31.87 57.64 11.09
C SER C 597 32.40 56.72 12.18
N LYS C 598 31.53 55.91 12.78
CA LYS C 598 31.96 55.05 13.88
C LYS C 598 33.01 54.04 13.43
N ALA C 599 32.81 53.44 12.27
CA ALA C 599 33.72 52.42 11.74
C ALA C 599 34.43 53.00 10.51
N LYS C 600 35.76 53.03 10.56
CA LYS C 600 36.56 53.49 9.44
C LYS C 600 37.47 52.37 8.96
N LEU C 601 37.69 52.31 7.65
CA LEU C 601 38.51 51.25 7.07
C LEU C 601 39.20 51.84 5.83
N SER C 602 40.47 52.20 6.00
CA SER C 602 41.22 52.79 4.90
C SER C 602 41.46 51.76 3.79
N SER C 603 41.63 52.27 2.57
CA SER C 603 41.85 51.37 1.43
C SER C 603 43.10 50.54 1.62
N ASP C 604 44.09 51.04 2.35
CA ASP C 604 45.32 50.28 2.57
C ASP C 604 45.02 48.99 3.33
N VAL C 605 44.13 49.06 4.31
CA VAL C 605 43.76 47.85 5.07
C VAL C 605 43.12 46.83 4.14
N LEU C 606 42.22 47.29 3.25
CA LEU C 606 41.59 46.37 2.31
C LEU C 606 42.62 45.74 1.39
N THR C 607 43.57 46.53 0.90
CA THR C 607 44.62 45.99 0.05
C THR C 607 45.43 44.93 0.79
N LEU C 608 45.78 45.21 2.05
CA LEU C 608 46.53 44.24 2.83
C LEU C 608 45.72 42.97 3.03
N LEU C 609 44.43 43.10 3.33
CA LEU C 609 43.58 41.93 3.52
C LEU C 609 43.55 41.07 2.26
N ILE C 610 43.28 41.69 1.11
CA ILE C 610 43.17 40.91 -0.12
C ILE C 610 44.52 40.27 -0.46
N LYS C 611 45.62 41.00 -0.30
CA LYS C 611 46.92 40.49 -0.69
C LYS C 611 47.36 39.35 0.22
N GLN C 612 47.06 39.43 1.51
CA GLN C 612 47.65 38.51 2.48
C GLN C 612 46.67 37.47 3.02
N TYR C 613 45.36 37.68 2.90
CA TYR C 613 44.37 36.77 3.47
C TYR C 613 43.54 36.07 2.41
N CYS C 614 42.88 36.82 1.53
CA CYS C 614 41.99 36.26 0.52
C CYS C 614 42.69 36.35 -0.84
N ARG C 615 43.23 35.22 -1.30
CA ARG C 615 43.91 35.15 -2.59
C ARG C 615 43.22 34.04 -3.41
N GLU C 616 42.13 34.42 -4.06
CA GLU C 616 41.37 33.51 -4.91
C GLU C 616 40.51 34.32 -5.86
N SER C 617 39.99 33.66 -6.88
CA SER C 617 39.15 34.34 -7.86
C SER C 617 37.89 34.89 -7.21
N GLY C 618 37.31 34.14 -6.27
CA GLY C 618 36.07 34.56 -5.64
C GLY C 618 36.26 35.73 -4.70
N VAL C 619 35.13 36.20 -4.16
CA VAL C 619 35.11 37.37 -3.28
C VAL C 619 34.50 37.06 -1.92
N ARG C 620 33.92 35.87 -1.73
CA ARG C 620 33.25 35.58 -0.47
C ARG C 620 34.22 35.67 0.71
N ASN C 621 35.47 35.23 0.52
CA ASN C 621 36.44 35.27 1.61
C ASN C 621 36.67 36.69 2.08
N LEU C 622 36.80 37.65 1.15
CA LEU C 622 36.95 39.04 1.54
C LEU C 622 35.74 39.52 2.33
N GLN C 623 34.54 39.09 1.92
CA GLN C 623 33.34 39.45 2.67
C GLN C 623 33.40 38.91 4.09
N LYS C 624 33.84 37.66 4.25
CA LYS C 624 33.97 37.10 5.60
C LYS C 624 34.96 37.88 6.44
N GLN C 625 36.11 38.23 5.85
CA GLN C 625 37.12 38.96 6.62
C GLN C 625 36.62 40.34 7.05
N VAL C 626 35.99 41.06 6.11
CA VAL C 626 35.49 42.40 6.45
C VAL C 626 34.39 42.30 7.50
N GLU C 627 33.51 41.31 7.37
CA GLU C 627 32.46 41.12 8.36
C GLU C 627 33.05 40.80 9.73
N LYS C 628 34.10 39.97 9.76
CA LYS C 628 34.73 39.63 11.04
C LYS C 628 35.32 40.87 11.70
N VAL C 629 36.07 41.68 10.93
CA VAL C 629 36.70 42.85 11.52
C VAL C 629 35.64 43.85 11.99
N LEU C 630 34.56 44.00 11.20
CA LEU C 630 33.51 44.92 11.60
C LEU C 630 32.75 44.42 12.83
N ARG C 631 32.56 43.11 12.95
CA ARG C 631 31.95 42.56 14.15
C ARG C 631 32.82 42.83 15.38
N LYS C 632 34.13 42.64 15.24
CA LYS C 632 35.03 42.93 16.34
C LYS C 632 34.99 44.40 16.71
N SER C 633 34.94 45.27 15.71
CA SER C 633 34.83 46.71 15.99
C SER C 633 33.53 47.02 16.72
N ALA C 634 32.42 46.41 16.29
CA ALA C 634 31.14 46.66 16.94
C ALA C 634 31.16 46.21 18.38
N TYR C 635 31.75 45.04 18.66
CA TYR C 635 31.87 44.58 20.04
C TYR C 635 32.75 45.52 20.85
N LYS C 636 33.87 45.96 20.28
CA LYS C 636 34.76 46.88 20.98
C LYS C 636 34.06 48.20 21.27
N ILE C 637 33.10 48.59 20.44
CA ILE C 637 32.38 49.83 20.67
C ILE C 637 31.31 49.65 21.75
N VAL C 638 30.43 48.66 21.57
CA VAL C 638 29.27 48.53 22.44
C VAL C 638 29.71 48.20 23.87
N SER C 639 30.56 47.19 24.03
CA SER C 639 31.00 46.75 25.34
C SER C 639 32.39 47.25 25.72
N GLY C 640 33.23 47.59 24.74
CA GLY C 640 34.55 48.09 25.04
C GLY C 640 34.54 49.55 25.43
N GLU C 641 35.49 50.32 24.94
CA GLU C 641 35.64 51.72 25.32
C GLU C 641 35.66 52.67 24.12
N ALA C 642 36.25 52.26 23.00
CA ALA C 642 36.38 53.15 21.86
C ALA C 642 35.04 53.29 21.14
N GLU C 643 34.52 54.52 21.11
CA GLU C 643 33.26 54.78 20.43
C GLU C 643 33.36 54.61 18.91
N SER C 644 34.52 54.94 18.32
CA SER C 644 34.73 54.79 16.89
C SER C 644 36.03 54.03 16.68
N VAL C 645 35.98 52.99 15.87
CA VAL C 645 37.16 52.18 15.57
C VAL C 645 37.82 52.70 14.31
N GLU C 646 39.13 52.94 14.38
CA GLU C 646 39.94 53.40 13.26
C GLU C 646 40.89 52.26 12.91
N VAL C 647 40.43 51.37 12.04
CA VAL C 647 41.22 50.18 11.71
C VAL C 647 42.40 50.59 10.83
N THR C 648 43.59 50.23 11.25
CA THR C 648 44.83 50.52 10.54
C THR C 648 45.68 49.26 10.48
N PRO C 649 46.59 49.16 9.52
CA PRO C 649 47.29 47.87 9.31
C PRO C 649 47.96 47.33 10.56
N GLU C 650 48.63 48.19 11.34
CA GLU C 650 49.27 47.70 12.56
C GLU C 650 48.23 47.11 13.51
N ASN C 651 47.02 47.68 13.54
CA ASN C 651 45.96 47.11 14.36
C ASN C 651 45.38 45.85 13.73
N LEU C 652 45.45 45.73 12.40
CA LEU C 652 44.84 44.58 11.74
C LEU C 652 45.30 43.27 12.39
N GLN C 653 46.59 43.18 12.71
CA GLN C 653 47.13 41.94 13.25
C GLN C 653 46.34 41.44 14.45
N ASP C 654 45.82 42.35 15.27
CA ASP C 654 45.01 41.91 16.41
C ASP C 654 43.56 41.70 16.03
N PHE C 655 43.01 42.54 15.14
CA PHE C 655 41.61 42.39 14.76
C PHE C 655 41.36 41.06 14.05
N VAL C 656 41.95 40.91 12.87
CA VAL C 656 41.74 39.68 12.09
C VAL C 656 42.57 38.54 12.66
N GLY C 657 43.76 38.84 13.15
CA GLY C 657 44.72 37.86 13.57
C GLY C 657 45.98 37.92 12.73
N LYS C 658 46.54 36.75 12.44
CA LYS C 658 47.74 36.67 11.64
C LYS C 658 47.39 36.41 10.18
N PRO C 659 48.24 36.85 9.23
CA PRO C 659 47.90 36.70 7.82
C PRO C 659 48.23 35.34 7.24
N VAL C 660 47.22 34.56 6.88
CA VAL C 660 47.40 33.32 6.13
C VAL C 660 47.47 33.68 4.66
N PHE C 661 48.67 33.73 4.10
CA PHE C 661 48.88 34.14 2.73
C PHE C 661 49.17 32.92 1.87
N THR C 662 48.43 32.79 0.77
CA THR C 662 48.79 31.80 -0.24
C THR C 662 50.12 32.18 -0.86
N VAL C 663 51.10 31.28 -0.76
CA VAL C 663 52.45 31.63 -1.20
C VAL C 663 52.42 32.06 -2.65
N GLU C 664 53.30 33.01 -3.00
CA GLU C 664 53.32 33.55 -4.35
C GLU C 664 53.53 32.44 -5.37
N ARG C 665 54.44 31.53 -5.09
CA ARG C 665 54.68 30.35 -5.92
C ARG C 665 54.55 29.05 -5.15
N MET C 666 54.94 29.05 -3.87
CA MET C 666 54.90 27.86 -3.03
C MET C 666 55.99 26.87 -3.44
N TYR C 667 56.66 27.14 -4.56
CA TYR C 667 57.91 26.47 -4.93
C TYR C 667 58.90 27.49 -5.47
N ASP C 668 59.02 28.64 -4.80
CA ASP C 668 59.88 29.70 -5.28
C ASP C 668 61.27 29.16 -5.60
N VAL C 669 61.97 29.86 -6.49
CA VAL C 669 63.23 29.38 -7.07
C VAL C 669 63.09 27.90 -7.36
N THR C 670 62.22 27.57 -8.32
CA THR C 670 61.88 26.18 -8.58
C THR C 670 63.13 25.37 -8.93
N PRO C 671 63.27 24.17 -8.39
CA PRO C 671 64.37 23.29 -8.83
C PRO C 671 64.04 22.66 -10.16
N PRO C 672 64.96 21.90 -10.75
CA PRO C 672 64.65 21.21 -12.01
C PRO C 672 63.60 20.13 -11.80
N GLY C 673 62.83 19.88 -12.86
CA GLY C 673 61.81 18.85 -12.83
C GLY C 673 60.46 19.29 -12.31
N VAL C 674 60.29 20.56 -11.98
CA VAL C 674 59.00 21.09 -11.52
C VAL C 674 58.79 22.44 -12.20
N VAL C 675 57.54 22.69 -12.60
CA VAL C 675 57.22 23.94 -13.29
C VAL C 675 55.76 24.29 -13.03
N MET C 676 55.49 25.58 -12.91
CA MET C 676 54.12 26.03 -12.68
C MET C 676 53.33 26.01 -13.99
N GLY C 677 52.01 26.06 -13.86
CA GLY C 677 51.14 26.09 -15.01
C GLY C 677 49.72 26.52 -14.66
N LEU C 678 49.10 27.31 -15.53
CA LEU C 678 47.76 27.80 -15.27
C LEU C 678 46.73 26.72 -15.57
N ALA C 679 45.84 26.46 -14.62
CA ALA C 679 44.78 25.48 -14.77
C ALA C 679 43.44 26.14 -14.49
N TRP C 680 42.51 25.98 -15.43
CA TRP C 680 41.15 26.51 -15.28
C TRP C 680 40.36 25.55 -14.39
N THR C 681 40.65 25.62 -13.10
CA THR C 681 40.01 24.73 -12.14
C THR C 681 38.49 24.94 -12.14
N ALA C 682 37.80 24.05 -11.44
CA ALA C 682 36.34 24.12 -11.40
C ALA C 682 35.86 25.48 -10.92
N MET C 683 36.62 26.13 -10.03
CA MET C 683 36.29 27.46 -9.53
C MET C 683 37.45 28.39 -9.79
N GLY C 684 37.26 29.36 -10.68
CA GLY C 684 38.33 30.26 -11.01
C GLY C 684 39.47 29.55 -11.72
N GLY C 685 40.66 30.11 -11.56
CA GLY C 685 41.86 29.51 -12.10
C GLY C 685 42.95 29.49 -11.05
N SER C 686 43.84 28.50 -11.16
CA SER C 686 44.92 28.31 -10.21
C SER C 686 46.23 28.13 -10.93
N THR C 687 47.32 28.24 -10.18
CA THR C 687 48.67 28.00 -10.69
C THR C 687 49.18 26.69 -10.09
N LEU C 688 48.86 25.59 -10.77
CA LEU C 688 49.24 24.27 -10.29
C LEU C 688 50.65 23.95 -10.74
N PHE C 689 51.44 23.38 -9.83
CA PHE C 689 52.85 23.11 -10.09
C PHE C 689 53.00 21.63 -10.48
N VAL C 690 53.24 21.39 -11.77
CA VAL C 690 53.49 20.03 -12.22
C VAL C 690 54.88 19.61 -11.76
N GLU C 691 54.96 18.43 -11.15
CA GLU C 691 56.19 17.91 -10.56
C GLU C 691 56.65 16.71 -11.37
N THR C 692 57.96 16.56 -11.52
CA THR C 692 58.55 15.41 -12.20
C THR C 692 59.80 14.97 -11.44
N SER C 693 60.04 13.66 -11.39
CA SER C 693 61.23 13.20 -10.69
C SER C 693 61.52 11.75 -11.07
N LEU C 694 62.81 11.42 -11.07
CA LEU C 694 63.24 10.03 -11.24
C LEU C 694 62.78 9.20 -10.05
N ARG C 695 61.89 8.24 -10.31
CA ARG C 695 61.30 7.44 -9.25
C ARG C 695 61.96 6.09 -9.05
N ARG C 696 63.04 5.80 -9.76
CA ARG C 696 63.72 4.51 -9.60
C ARG C 696 65.06 4.60 -10.33
N PRO C 697 66.13 3.96 -9.85
CA PRO C 697 67.46 4.21 -10.44
C PRO C 697 67.47 3.98 -11.95
N GLN C 698 67.97 4.98 -12.67
CA GLN C 698 68.09 4.87 -14.11
C GLN C 698 69.00 3.73 -14.54
N ASP C 699 69.92 3.31 -13.68
CA ASP C 699 70.89 2.26 -14.00
C ASP C 699 70.45 0.90 -13.48
N LYS C 700 69.33 0.37 -13.96
CA LYS C 700 69.00 -1.03 -13.72
C LYS C 700 70.06 -1.89 -14.39
N ASP C 701 70.67 -1.35 -15.45
CA ASP C 701 71.78 -2.00 -16.12
C ASP C 701 72.41 -0.98 -17.07
N ALA C 702 73.75 -0.92 -17.06
CA ALA C 702 74.43 0.01 -17.96
C ALA C 702 74.11 -0.30 -19.41
N LYS C 703 74.12 -1.58 -19.77
CA LYS C 703 73.74 -1.99 -21.12
C LYS C 703 72.22 -2.02 -21.30
N GLY C 704 71.45 -2.02 -20.22
CA GLY C 704 70.02 -2.19 -20.30
C GLY C 704 69.34 -1.21 -21.24
N ASP C 705 68.53 -1.75 -22.15
CA ASP C 705 67.77 -0.95 -23.10
C ASP C 705 66.30 -0.86 -22.72
N LYS C 706 65.96 -1.17 -21.47
CA LYS C 706 64.56 -1.13 -21.05
C LYS C 706 64.06 0.31 -21.06
N ASP C 707 62.74 0.45 -21.18
CA ASP C 707 62.15 1.77 -21.35
C ASP C 707 61.97 2.49 -20.03
N GLY C 708 62.02 3.81 -20.08
CA GLY C 708 61.72 4.63 -18.93
C GLY C 708 60.24 4.79 -18.74
N SER C 709 59.57 3.72 -18.31
CA SER C 709 58.12 3.75 -18.17
C SER C 709 57.70 4.88 -17.25
N LEU C 710 56.70 5.65 -17.70
CA LEU C 710 56.18 6.76 -16.92
C LEU C 710 54.90 6.36 -16.21
N GLU C 711 54.78 6.77 -14.95
CA GLU C 711 53.62 6.45 -14.12
C GLU C 711 52.97 7.78 -13.70
N VAL C 712 52.07 8.28 -14.54
CA VAL C 712 51.36 9.51 -14.19
C VAL C 712 50.54 9.29 -12.93
N THR C 713 50.31 10.38 -12.21
CA THR C 713 49.54 10.33 -10.97
C THR C 713 48.75 11.61 -10.83
N GLY C 714 47.88 11.64 -9.82
CA GLY C 714 46.97 12.75 -9.63
C GLY C 714 45.63 12.51 -10.27
N GLN C 715 45.02 11.37 -9.98
CA GLN C 715 43.71 11.00 -10.51
C GLN C 715 43.66 11.18 -12.02
N LEU C 716 44.53 10.44 -12.70
CA LEU C 716 44.59 10.49 -14.15
C LEU C 716 43.26 10.09 -14.77
N GLY C 717 42.78 10.92 -15.69
CA GLY C 717 41.69 10.50 -16.54
C GLY C 717 42.18 9.76 -17.78
N GLU C 718 41.26 9.06 -18.44
CA GLU C 718 41.64 8.33 -19.65
C GLU C 718 42.23 9.28 -20.68
N VAL C 719 41.51 10.37 -20.98
CA VAL C 719 42.05 11.38 -21.88
C VAL C 719 43.32 11.99 -21.29
N MET C 720 43.35 12.15 -19.97
CA MET C 720 44.56 12.61 -19.31
C MET C 720 45.71 11.63 -19.55
N LYS C 721 45.44 10.33 -19.46
CA LYS C 721 46.48 9.33 -19.70
C LYS C 721 47.00 9.43 -21.12
N GLU C 722 46.10 9.55 -22.10
CA GLU C 722 46.52 9.67 -23.49
C GLU C 722 47.36 10.92 -23.70
N SER C 723 46.92 12.05 -23.14
CA SER C 723 47.66 13.30 -23.31
C SER C 723 49.04 13.21 -22.66
N ALA C 724 49.12 12.59 -21.48
CA ALA C 724 50.41 12.44 -20.82
C ALA C 724 51.35 11.56 -21.65
N ARG C 725 50.82 10.47 -22.23
CA ARG C 725 51.66 9.63 -23.07
C ARG C 725 52.12 10.38 -24.31
N ILE C 726 51.23 11.17 -24.92
CA ILE C 726 51.60 11.96 -26.08
C ILE C 726 52.71 12.94 -25.72
N ALA C 727 52.56 13.62 -24.58
CA ALA C 727 53.58 14.57 -24.15
C ALA C 727 54.91 13.87 -23.89
N TYR C 728 54.87 12.69 -23.28
CA TYR C 728 56.09 11.94 -23.02
C TYR C 728 56.81 11.59 -24.31
N THR C 729 56.06 11.08 -25.29
CA THR C 729 56.66 10.72 -26.56
C THR C 729 57.23 11.94 -27.28
N PHE C 730 56.48 13.05 -27.26
CA PHE C 730 56.98 14.27 -27.91
C PHE C 730 58.24 14.77 -27.22
N ALA C 731 58.29 14.73 -25.89
CA ALA C 731 59.48 15.16 -25.19
C ALA C 731 60.67 14.29 -25.55
N ARG C 732 60.46 12.97 -25.62
CA ARG C 732 61.53 12.08 -26.05
C ARG C 732 62.03 12.46 -27.43
N ALA C 733 61.11 12.66 -28.38
CA ALA C 733 61.51 12.98 -29.75
C ALA C 733 62.24 14.31 -29.82
N PHE C 734 61.76 15.31 -29.08
CA PHE C 734 62.39 16.62 -29.10
C PHE C 734 63.80 16.57 -28.52
N LEU C 735 63.95 15.87 -27.39
CA LEU C 735 65.28 15.74 -26.80
C LEU C 735 66.20 14.99 -27.75
N MET C 736 65.68 14.00 -28.47
CA MET C 736 66.46 13.33 -29.49
C MET C 736 66.94 14.32 -30.55
N GLN C 737 66.01 15.11 -31.08
CA GLN C 737 66.34 16.03 -32.17
C GLN C 737 67.31 17.10 -31.71
N HIS C 738 67.29 17.45 -30.43
CA HIS C 738 68.11 18.56 -29.93
C HIS C 738 69.46 18.07 -29.42
N ALA C 739 69.47 17.16 -28.46
CA ALA C 739 70.69 16.67 -27.83
C ALA C 739 70.73 15.15 -27.95
N PRO C 740 71.25 14.61 -29.06
CA PRO C 740 71.28 13.15 -29.20
C PRO C 740 72.08 12.45 -28.11
N ALA C 741 73.15 13.10 -27.62
CA ALA C 741 73.98 12.47 -26.60
C ALA C 741 73.17 12.17 -25.34
N ASN C 742 72.34 13.10 -24.92
CA ASN C 742 71.53 12.90 -23.73
C ASN C 742 70.53 11.77 -23.97
N ASP C 743 70.41 10.87 -22.99
CA ASP C 743 69.43 9.80 -23.03
C ASP C 743 68.73 9.59 -21.70
N TYR C 744 68.96 10.45 -20.71
CA TYR C 744 68.31 10.33 -19.41
C TYR C 744 66.82 10.09 -19.56
N LEU C 745 66.12 11.01 -20.23
CA LEU C 745 64.68 10.86 -20.41
C LEU C 745 64.35 9.62 -21.23
N VAL C 746 65.23 9.24 -22.15
CA VAL C 746 64.91 8.14 -23.06
C VAL C 746 64.73 6.84 -22.30
N THR C 747 65.67 6.53 -21.39
CA THR C 747 65.64 5.28 -20.63
C THR C 747 65.81 5.59 -19.14
N SER C 748 64.72 5.99 -18.50
CA SER C 748 64.69 6.12 -17.04
C SER C 748 63.24 6.21 -16.57
N HIS C 749 62.87 5.40 -15.59
CA HIS C 749 61.52 5.45 -15.06
C HIS C 749 61.30 6.76 -14.31
N ILE C 750 60.23 7.45 -14.66
CA ILE C 750 59.96 8.79 -14.14
C ILE C 750 58.54 8.84 -13.61
N HIS C 751 58.35 9.53 -12.48
CA HIS C 751 57.04 9.77 -11.90
C HIS C 751 56.77 11.26 -11.91
N LEU C 752 55.58 11.63 -12.40
CA LEU C 752 55.16 13.02 -12.41
C LEU C 752 53.80 13.15 -11.74
N HIS C 753 53.57 14.31 -11.15
CA HIS C 753 52.31 14.63 -10.47
C HIS C 753 51.75 15.91 -11.06
N VAL C 754 50.51 15.84 -11.53
CA VAL C 754 49.76 17.00 -11.98
C VAL C 754 48.68 17.28 -10.93
N PRO C 755 48.73 18.40 -10.21
CA PRO C 755 47.68 18.67 -9.23
C PRO C 755 46.31 18.72 -9.88
N GLU C 756 45.33 18.17 -9.17
CA GLU C 756 43.98 18.07 -9.70
C GLU C 756 43.17 19.33 -9.38
N GLY C 757 41.90 19.32 -9.77
CA GLY C 757 41.03 20.47 -9.70
C GLY C 757 40.65 21.02 -11.06
N ALA C 758 41.49 20.77 -12.07
CA ALA C 758 41.17 21.17 -13.43
C ALA C 758 40.02 20.33 -13.97
N THR C 759 39.05 20.99 -14.60
CA THR C 759 37.93 20.28 -15.19
C THR C 759 38.45 19.35 -16.30
N PRO C 760 37.80 18.21 -16.52
CA PRO C 760 38.31 17.31 -17.58
C PRO C 760 38.43 17.99 -18.93
N LYS C 761 37.49 18.88 -19.28
CA LYS C 761 37.51 19.50 -20.59
C LYS C 761 38.82 20.23 -20.83
N ASP C 762 39.30 20.99 -19.84
CA ASP C 762 40.55 21.71 -19.98
C ASP C 762 41.76 20.87 -19.61
N GLY C 763 41.56 19.62 -19.21
CA GLY C 763 42.63 18.77 -18.74
C GLY C 763 43.89 18.86 -19.56
N PRO C 764 43.78 18.57 -20.86
CA PRO C 764 44.98 18.57 -21.72
C PRO C 764 45.64 19.94 -21.83
N SER C 765 45.02 21.00 -21.34
CA SER C 765 45.62 22.33 -21.41
C SER C 765 46.97 22.38 -20.71
N ALA C 766 47.20 21.51 -19.72
CA ALA C 766 48.47 21.48 -19.00
C ALA C 766 49.52 20.66 -19.73
N GLY C 767 49.16 19.96 -20.80
CA GLY C 767 50.11 19.05 -21.44
C GLY C 767 51.41 19.74 -21.78
N CYS C 768 51.33 20.93 -22.39
CA CYS C 768 52.55 21.66 -22.75
C CYS C 768 53.47 21.76 -21.54
N THR C 769 52.93 22.21 -20.40
CA THR C 769 53.75 22.31 -19.20
C THR C 769 54.44 20.98 -18.93
N ILE C 770 53.68 19.89 -18.88
CA ILE C 770 54.25 18.58 -18.62
C ILE C 770 55.52 18.40 -19.46
N VAL C 771 55.42 18.68 -20.76
CA VAL C 771 56.55 18.46 -21.66
C VAL C 771 57.79 19.11 -21.07
N THR C 772 57.75 20.42 -20.87
CA THR C 772 58.97 21.11 -20.46
C THR C 772 59.51 20.55 -19.16
N ALA C 773 58.61 20.14 -18.26
CA ALA C 773 59.07 19.58 -16.99
C ALA C 773 60.03 18.42 -17.25
N LEU C 774 59.60 17.47 -18.07
CA LEU C 774 60.47 16.36 -18.42
C LEU C 774 61.80 16.87 -18.95
N LEU C 775 61.73 17.81 -19.90
CA LEU C 775 62.95 18.36 -20.48
C LEU C 775 63.85 18.93 -19.39
N SER C 776 63.27 19.68 -18.46
CA SER C 776 64.06 20.18 -17.35
C SER C 776 64.72 19.02 -16.61
N LEU C 777 63.92 18.04 -16.21
CA LEU C 777 64.47 16.88 -15.52
C LEU C 777 65.47 16.15 -16.40
N ALA C 778 65.34 16.27 -17.73
CA ALA C 778 66.30 15.65 -18.62
C ALA C 778 67.67 16.31 -18.50
N MET C 779 67.70 17.64 -18.41
CA MET C 779 68.96 18.38 -18.35
C MET C 779 69.25 18.96 -16.98
N GLY C 780 68.34 18.79 -16.02
CA GLY C 780 68.55 19.29 -14.68
C GLY C 780 68.65 20.80 -14.63
N ARG C 781 68.21 21.48 -15.69
CA ARG C 781 68.20 22.93 -15.71
C ARG C 781 66.86 23.43 -15.18
N PRO C 782 66.82 24.16 -14.06
CA PRO C 782 65.54 24.69 -13.60
C PRO C 782 64.95 25.64 -14.63
N VAL C 783 63.62 25.55 -14.81
CA VAL C 783 62.96 26.47 -15.70
C VAL C 783 63.07 27.88 -15.15
N ARG C 784 63.09 28.87 -16.04
CA ARG C 784 63.28 30.25 -15.61
C ARG C 784 62.19 30.63 -14.61
N GLN C 785 62.61 31.35 -13.57
CA GLN C 785 61.70 31.70 -12.49
C GLN C 785 60.49 32.46 -13.03
N ASN C 786 59.39 32.37 -12.30
CA ASN C 786 58.14 33.07 -12.61
C ASN C 786 57.83 33.01 -14.10
N LEU C 787 57.62 31.79 -14.59
CA LEU C 787 57.25 31.55 -15.98
C LEU C 787 56.13 30.51 -15.99
N ALA C 788 54.91 30.96 -16.25
CA ALA C 788 53.75 30.09 -16.36
C ALA C 788 53.34 29.94 -17.81
N MET C 789 52.69 28.82 -18.12
CA MET C 789 52.31 28.52 -19.49
C MET C 789 51.21 27.47 -19.49
N THR C 790 50.53 27.36 -20.63
CA THR C 790 49.44 26.42 -20.80
C THR C 790 49.25 26.16 -22.29
N GLY C 791 48.96 24.92 -22.64
CA GLY C 791 48.75 24.57 -24.03
C GLY C 791 48.56 23.08 -24.20
N GLU C 792 48.19 22.70 -25.41
CA GLU C 792 47.96 21.31 -25.78
C GLU C 792 48.91 20.92 -26.90
N VAL C 793 49.57 19.77 -26.75
CA VAL C 793 50.53 19.29 -27.73
C VAL C 793 49.89 18.18 -28.53
N SER C 794 50.35 18.03 -29.78
CA SER C 794 49.75 17.08 -30.72
C SER C 794 50.81 16.18 -31.33
N LEU C 795 51.73 15.67 -30.51
CA LEU C 795 52.72 14.67 -30.87
C LEU C 795 53.71 15.16 -31.92
N THR C 796 53.62 16.42 -32.38
CA THR C 796 54.56 16.94 -33.35
C THR C 796 55.02 18.35 -32.98
N GLY C 797 54.58 18.87 -31.84
CA GLY C 797 55.10 20.11 -31.30
C GLY C 797 54.23 21.32 -31.46
N LYS C 798 53.22 21.30 -32.34
CA LYS C 798 52.38 22.48 -32.52
C LYS C 798 51.42 22.58 -31.35
N ILE C 799 51.30 23.78 -30.79
CA ILE C 799 50.39 24.02 -29.68
C ILE C 799 49.01 24.33 -30.21
N LEU C 800 47.99 23.95 -29.44
CA LEU C 800 46.60 24.14 -29.84
C LEU C 800 45.88 25.05 -28.86
N PRO C 801 44.84 25.74 -29.29
CA PRO C 801 44.16 26.69 -28.40
C PRO C 801 43.53 26.00 -27.21
N VAL C 802 43.44 26.75 -26.10
CA VAL C 802 42.84 26.28 -24.86
C VAL C 802 41.79 27.29 -24.43
N GLY C 803 40.81 26.79 -23.65
CA GLY C 803 39.71 27.61 -23.20
C GLY C 803 39.97 28.25 -21.84
N GLY C 804 39.05 29.13 -21.46
CA GLY C 804 39.13 29.81 -20.18
C GLY C 804 40.40 30.61 -20.01
N ILE C 805 40.77 31.39 -21.04
CA ILE C 805 42.03 32.12 -20.98
C ILE C 805 41.98 33.22 -19.92
N LYS C 806 40.83 33.87 -19.74
CA LYS C 806 40.77 34.99 -18.81
C LYS C 806 41.00 34.53 -17.38
N GLU C 807 40.39 33.39 -17.01
CA GLU C 807 40.55 32.88 -15.65
C GLU C 807 42.00 32.52 -15.38
N LYS C 808 42.65 31.86 -16.33
CA LYS C 808 44.07 31.52 -16.15
C LYS C 808 44.92 32.78 -16.08
N THR C 809 44.59 33.80 -16.88
CA THR C 809 45.36 35.04 -16.86
C THR C 809 45.24 35.74 -15.50
N ILE C 810 44.02 35.81 -14.97
CA ILE C 810 43.84 36.46 -13.67
C ILE C 810 44.53 35.66 -12.58
N ALA C 811 44.46 34.33 -12.64
CA ALA C 811 45.15 33.51 -11.67
C ALA C 811 46.66 33.73 -11.75
N ALA C 812 47.19 33.82 -12.96
CA ALA C 812 48.61 34.07 -13.14
C ALA C 812 49.01 35.41 -12.54
N LYS C 813 48.23 36.46 -12.83
CA LYS C 813 48.54 37.76 -12.26
C LYS C 813 48.48 37.72 -10.74
N ARG C 814 47.50 37.00 -10.19
CA ARG C 814 47.42 36.86 -8.74
C ARG C 814 48.65 36.16 -8.18
N ALA C 815 49.13 35.12 -8.87
CA ALA C 815 50.32 34.41 -8.44
C ALA C 815 51.58 35.23 -8.58
N GLY C 816 51.53 36.36 -9.30
CA GLY C 816 52.68 37.23 -9.45
C GLY C 816 53.58 36.92 -10.62
N VAL C 817 53.30 35.86 -11.39
CA VAL C 817 54.14 35.54 -12.53
C VAL C 817 54.14 36.70 -13.52
N THR C 818 55.24 36.82 -14.27
CA THR C 818 55.44 37.94 -15.18
C THR C 818 55.48 37.54 -16.65
N CYS C 819 55.76 36.27 -16.98
CA CYS C 819 55.91 35.83 -18.36
C CYS C 819 54.93 34.69 -18.61
N ILE C 820 53.78 35.01 -19.17
CA ILE C 820 52.79 34.00 -19.56
C ILE C 820 53.04 33.58 -21.00
N VAL C 821 52.87 32.29 -21.26
CA VAL C 821 53.00 31.73 -22.60
C VAL C 821 51.65 31.12 -22.99
N LEU C 822 51.14 31.51 -24.15
CA LEU C 822 49.83 31.09 -24.61
C LEU C 822 49.91 30.60 -26.04
N PRO C 823 48.98 29.75 -26.47
CA PRO C 823 48.95 29.33 -27.87
C PRO C 823 48.67 30.53 -28.77
N ALA C 824 49.24 30.48 -29.98
CA ALA C 824 49.05 31.58 -30.92
C ALA C 824 47.57 31.82 -31.22
N GLU C 825 46.81 30.73 -31.35
CA GLU C 825 45.39 30.88 -31.68
C GLU C 825 44.66 31.67 -30.61
N ASN C 826 44.97 31.42 -29.33
CA ASN C 826 44.34 32.13 -28.24
C ASN C 826 44.84 33.56 -28.10
N LYS C 827 45.85 33.97 -28.89
CA LYS C 827 46.44 35.29 -28.73
C LYS C 827 45.37 36.37 -28.62
N LYS C 828 44.54 36.49 -29.65
CA LYS C 828 43.53 37.56 -29.66
C LYS C 828 42.64 37.49 -28.43
N ASP C 829 42.31 36.28 -27.98
CA ASP C 829 41.42 36.14 -26.82
C ASP C 829 42.03 36.84 -25.61
N PHE C 830 43.35 36.78 -25.47
CA PHE C 830 44.01 37.46 -24.36
C PHE C 830 43.95 38.98 -24.52
N TYR C 831 43.97 39.47 -25.76
CA TYR C 831 43.88 40.91 -26.00
C TYR C 831 42.49 41.45 -25.76
N ASP C 832 41.45 40.62 -25.88
CA ASP C 832 40.09 41.07 -25.59
C ASP C 832 39.90 41.40 -24.12
N LEU C 833 40.84 41.00 -23.27
CA LEU C 833 40.70 41.25 -21.84
C LEU C 833 40.82 42.74 -21.53
N ALA C 834 40.32 43.12 -20.36
CA ALA C 834 40.44 44.52 -19.93
C ALA C 834 41.91 44.90 -19.81
N ALA C 835 42.20 46.17 -20.09
CA ALA C 835 43.58 46.62 -20.08
C ALA C 835 44.21 46.47 -18.70
N PHE C 836 43.48 46.86 -17.65
CA PHE C 836 44.08 46.95 -16.32
C PHE C 836 44.55 45.60 -15.80
N ILE C 837 44.12 44.50 -16.40
CA ILE C 837 44.53 43.18 -15.93
C ILE C 837 45.84 42.71 -16.58
N THR C 838 46.31 43.38 -17.62
CA THR C 838 47.47 42.94 -18.38
C THR C 838 48.74 43.72 -18.06
N GLU C 839 48.74 44.51 -16.99
CA GLU C 839 49.92 45.32 -16.67
C GLU C 839 50.99 44.49 -16.00
N GLY C 840 52.24 44.71 -16.42
CA GLY C 840 53.39 44.14 -15.75
C GLY C 840 53.79 42.75 -16.21
N LEU C 841 53.04 42.15 -17.13
CA LEU C 841 53.34 40.80 -17.60
C LEU C 841 53.82 40.85 -19.04
N GLU C 842 54.80 39.99 -19.34
CA GLU C 842 55.38 39.88 -20.68
C GLU C 842 54.78 38.65 -21.35
N VAL C 843 53.61 38.84 -21.96
CA VAL C 843 52.94 37.73 -22.62
C VAL C 843 53.75 37.25 -23.81
N HIS C 844 53.61 35.97 -24.13
CA HIS C 844 54.30 35.37 -25.27
C HIS C 844 53.34 34.45 -25.99
N PHE C 845 53.15 34.69 -27.28
CA PHE C 845 52.26 33.89 -28.12
C PHE C 845 53.10 33.00 -29.03
N VAL C 846 52.76 31.70 -29.05
CA VAL C 846 53.48 30.72 -29.84
C VAL C 846 52.48 29.72 -30.40
N GLU C 847 52.91 29.02 -31.45
CA GLU C 847 52.12 27.95 -32.06
C GLU C 847 52.88 26.65 -32.16
N HIS C 848 54.20 26.70 -32.35
CA HIS C 848 55.04 25.52 -32.37
C HIS C 848 55.86 25.48 -31.09
N TYR C 849 55.87 24.32 -30.43
CA TYR C 849 56.52 24.22 -29.12
C TYR C 849 58.01 24.54 -29.19
N ARG C 850 58.61 24.45 -30.37
CA ARG C 850 60.04 24.71 -30.50
C ARG C 850 60.40 26.04 -29.85
N GLU C 851 59.65 27.10 -30.18
CA GLU C 851 59.93 28.42 -29.61
C GLU C 851 59.98 28.36 -28.09
N ILE C 852 59.03 27.65 -27.47
CA ILE C 852 58.99 27.58 -26.02
C ILE C 852 60.30 27.04 -25.47
N PHE C 853 60.85 26.02 -26.13
CA PHE C 853 62.09 25.44 -25.64
C PHE C 853 63.20 26.48 -25.60
N ASP C 854 63.19 27.43 -26.53
CA ASP C 854 64.20 28.48 -26.56
C ASP C 854 63.89 29.63 -25.60
N ILE C 855 62.66 29.71 -25.10
CA ILE C 855 62.28 30.80 -24.20
C ILE C 855 62.49 30.41 -22.75
N ALA C 856 61.94 29.28 -22.33
CA ALA C 856 62.08 28.85 -20.94
C ALA C 856 63.52 28.49 -20.61
N PHE C 857 64.32 28.15 -21.62
CA PHE C 857 65.69 27.70 -21.43
C PHE C 857 66.62 28.55 -22.29
N PRO C 858 66.83 29.82 -21.89
CA PRO C 858 67.72 30.72 -22.64
C PRO C 858 69.19 30.31 -22.54
N HIS D 33 -86.79 -7.44 55.24
CA HIS D 33 -87.55 -8.64 54.78
C HIS D 33 -86.95 -9.17 53.47
N LEU D 34 -85.64 -9.36 53.47
CA LEU D 34 -84.92 -9.81 52.29
C LEU D 34 -84.00 -10.97 52.65
N PRO D 35 -83.69 -11.83 51.69
CA PRO D 35 -82.77 -12.94 51.96
C PRO D 35 -81.34 -12.46 52.12
N LEU D 36 -80.53 -13.30 52.76
CA LEU D 36 -79.14 -12.96 53.03
C LEU D 36 -78.31 -13.10 51.76
N ILE D 37 -77.45 -12.09 51.52
CA ILE D 37 -76.60 -12.12 50.33
C ILE D 37 -75.42 -13.06 50.56
N ALA D 38 -74.88 -13.56 49.45
CA ALA D 38 -73.72 -14.46 49.48
C ALA D 38 -72.46 -13.60 49.45
N ILE D 39 -71.77 -13.52 50.59
CA ILE D 39 -70.56 -12.70 50.68
C ILE D 39 -69.48 -13.25 49.74
N THR D 40 -69.26 -14.55 49.77
CA THR D 40 -68.29 -15.21 48.91
C THR D 40 -66.91 -14.59 49.07
N ARG D 41 -66.50 -14.39 50.33
CA ARG D 41 -65.16 -13.91 50.66
C ARG D 41 -64.90 -12.53 50.04
N ASN D 42 -65.80 -11.60 50.32
CA ASN D 42 -65.69 -10.22 49.85
C ASN D 42 -65.91 -9.28 51.03
N PRO D 43 -64.91 -9.13 51.91
CA PRO D 43 -65.09 -8.25 53.07
C PRO D 43 -65.34 -6.82 52.65
N VAL D 44 -66.18 -6.14 53.43
CA VAL D 44 -66.56 -4.74 53.17
C VAL D 44 -66.24 -3.97 54.45
N PHE D 45 -65.10 -3.29 54.47
CA PHE D 45 -64.73 -2.49 55.62
C PHE D 45 -65.65 -1.28 55.74
N PRO D 46 -65.88 -0.79 56.96
CA PRO D 46 -66.70 0.42 57.10
C PRO D 46 -66.09 1.59 56.36
N ARG D 47 -66.95 2.39 55.73
CA ARG D 47 -66.53 3.58 54.98
C ARG D 47 -65.46 3.22 53.96
N PHE D 48 -65.67 2.09 53.27
CA PHE D 48 -64.75 1.64 52.24
C PHE D 48 -65.54 1.07 51.08
N ILE D 49 -65.18 1.48 49.86
CA ILE D 49 -65.86 0.97 48.68
C ILE D 49 -65.29 -0.39 48.30
N LYS D 50 -66.19 -1.34 48.00
CA LYS D 50 -65.77 -2.68 47.64
C LYS D 50 -66.64 -3.18 46.50
N ILE D 51 -66.12 -4.19 45.80
CA ILE D 51 -66.78 -4.82 44.67
C ILE D 51 -67.07 -6.28 45.02
N ILE D 52 -68.32 -6.68 44.87
CA ILE D 52 -68.75 -8.05 45.14
C ILE D 52 -69.18 -8.68 43.82
N GLU D 53 -68.61 -9.85 43.51
CA GLU D 53 -68.89 -10.58 42.27
C GLU D 53 -69.14 -12.03 42.65
N VAL D 54 -70.41 -12.39 42.79
CA VAL D 54 -70.80 -13.75 43.15
C VAL D 54 -71.13 -14.52 41.88
N LYS D 55 -70.57 -15.73 41.76
CA LYS D 55 -70.75 -16.52 40.55
C LYS D 55 -72.22 -16.84 40.28
N ASN D 56 -73.04 -16.86 41.33
CA ASN D 56 -74.44 -17.24 41.17
C ASN D 56 -75.20 -16.19 40.37
N LYS D 57 -76.30 -16.63 39.75
CA LYS D 57 -77.16 -15.75 38.96
C LYS D 57 -78.50 -15.47 39.63
N LYS D 58 -78.92 -16.31 40.58
CA LYS D 58 -80.22 -16.09 41.22
C LYS D 58 -80.30 -14.70 41.84
N LEU D 59 -79.17 -14.20 42.35
CA LEU D 59 -79.19 -12.86 42.95
C LEU D 59 -79.61 -11.80 41.95
N VAL D 60 -79.37 -12.05 40.66
CA VAL D 60 -79.81 -11.10 39.63
C VAL D 60 -81.32 -10.97 39.64
N GLU D 61 -82.04 -12.04 39.97
CA GLU D 61 -83.48 -11.95 40.11
C GLU D 61 -83.87 -10.99 41.22
N LEU D 62 -83.20 -11.11 42.38
CA LEU D 62 -83.44 -10.18 43.47
C LEU D 62 -83.13 -8.74 43.04
N LEU D 63 -82.05 -8.56 42.27
CA LEU D 63 -81.71 -7.22 41.82
C LEU D 63 -82.80 -6.65 40.92
N ARG D 64 -83.26 -7.44 39.95
CA ARG D 64 -84.32 -6.97 39.05
C ARG D 64 -85.63 -6.78 39.81
N ARG D 65 -85.77 -7.40 40.98
CA ARG D 65 -86.97 -7.20 41.80
C ARG D 65 -86.90 -5.94 42.65
N LYS D 66 -85.70 -5.45 42.98
CA LYS D 66 -85.57 -4.23 43.78
C LYS D 66 -85.53 -2.97 42.92
N VAL D 67 -85.43 -3.10 41.59
CA VAL D 67 -85.45 -1.92 40.74
C VAL D 67 -86.77 -1.18 40.90
N ARG D 68 -87.87 -1.93 41.06
CA ARG D 68 -89.19 -1.33 41.21
C ARG D 68 -89.46 -0.84 42.63
N LEU D 69 -88.62 -1.20 43.58
CA LEU D 69 -88.82 -0.76 44.96
C LEU D 69 -88.64 0.76 45.06
N ALA D 70 -89.48 1.38 45.87
CA ALA D 70 -89.43 2.84 46.00
C ALA D 70 -88.16 3.30 46.72
N GLN D 71 -87.62 2.45 47.60
CA GLN D 71 -86.45 2.81 48.40
C GLN D 71 -85.36 1.76 48.20
N PRO D 72 -84.51 1.91 47.17
CA PRO D 72 -83.47 0.91 46.94
C PRO D 72 -82.35 1.01 47.97
N TYR D 73 -82.09 -0.12 48.64
CA TYR D 73 -80.96 -0.21 49.56
C TYR D 73 -80.52 -1.67 49.64
N VAL D 74 -79.23 -1.87 49.86
CA VAL D 74 -78.62 -3.19 49.88
C VAL D 74 -77.83 -3.35 51.17
N GLY D 75 -77.97 -4.51 51.80
CA GLY D 75 -77.29 -4.80 53.05
C GLY D 75 -76.01 -5.59 52.85
N VAL D 76 -75.17 -5.59 53.89
CA VAL D 76 -73.91 -6.31 53.88
C VAL D 76 -73.70 -6.92 55.26
N PHE D 77 -73.17 -8.14 55.28
CA PHE D 77 -72.88 -8.83 56.54
C PHE D 77 -71.50 -9.48 56.48
N LEU D 78 -71.15 -10.24 57.52
CA LEU D 78 -69.89 -10.97 57.57
C LEU D 78 -70.17 -12.41 57.98
N LYS D 79 -69.34 -13.32 57.49
CA LYS D 79 -69.52 -14.74 57.77
C LYS D 79 -68.71 -15.15 59.01
N ARG D 80 -68.86 -16.41 59.39
CA ARG D 80 -68.10 -17.01 60.46
C ARG D 80 -67.05 -17.95 59.89
N ASP D 81 -66.32 -18.65 60.75
CA ASP D 81 -65.30 -19.58 60.30
C ASP D 81 -65.94 -20.80 59.64
N ASP D 82 -65.12 -21.53 58.89
CA ASP D 82 -65.58 -22.70 58.14
C ASP D 82 -66.69 -22.31 57.15
N SER D 83 -66.32 -21.44 56.21
CA SER D 83 -67.28 -20.96 55.22
C SER D 83 -67.79 -22.12 54.38
N ASN D 84 -69.10 -22.14 54.15
CA ASN D 84 -69.73 -23.18 53.35
C ASN D 84 -70.88 -22.56 52.56
N GLU D 85 -70.81 -22.65 51.23
CA GLU D 85 -71.86 -22.08 50.40
C GLU D 85 -73.20 -22.76 50.65
N SER D 86 -73.20 -24.08 50.80
CA SER D 86 -74.45 -24.80 51.04
C SER D 86 -75.09 -24.37 52.35
N ASP D 87 -74.28 -24.19 53.40
CA ASP D 87 -74.79 -23.79 54.70
C ASP D 87 -75.38 -22.39 54.69
N VAL D 88 -74.99 -21.55 53.73
CA VAL D 88 -75.59 -20.22 53.65
C VAL D 88 -77.08 -20.31 53.34
N VAL D 89 -77.45 -21.18 52.40
CA VAL D 89 -78.86 -21.36 52.06
C VAL D 89 -79.57 -22.35 52.98
N GLU D 90 -78.85 -23.30 53.56
CA GLU D 90 -79.48 -24.27 54.45
C GLU D 90 -79.78 -23.66 55.82
N SER D 91 -78.89 -22.78 56.31
CA SER D 91 -79.06 -22.16 57.61
C SER D 91 -78.75 -20.67 57.52
N LEU D 92 -79.52 -19.88 58.27
CA LEU D 92 -79.34 -18.44 58.34
C LEU D 92 -78.46 -18.01 59.51
N ASP D 93 -78.03 -18.95 60.36
CA ASP D 93 -77.25 -18.61 61.54
C ASP D 93 -75.75 -18.59 61.27
N GLU D 94 -75.31 -18.93 60.06
CA GLU D 94 -73.88 -18.91 59.78
C GLU D 94 -73.34 -17.48 59.71
N ILE D 95 -74.14 -16.55 59.20
CA ILE D 95 -73.70 -15.17 59.03
C ILE D 95 -73.53 -14.52 60.39
N GLU D 96 -72.55 -13.62 60.50
CA GLU D 96 -72.39 -12.83 61.70
C GLU D 96 -73.59 -11.92 61.89
N HIS D 97 -74.00 -11.77 63.16
CA HIS D 97 -75.21 -10.99 63.43
C HIS D 97 -75.07 -9.54 63.00
N THR D 98 -73.85 -9.00 63.02
CA THR D 98 -73.64 -7.61 62.62
C THR D 98 -73.99 -7.42 61.15
N GLY D 99 -74.62 -6.29 60.84
CA GLY D 99 -74.97 -5.97 59.48
C GLY D 99 -74.61 -4.52 59.16
N THR D 100 -74.52 -4.24 57.86
CA THR D 100 -74.14 -2.91 57.37
C THR D 100 -75.01 -2.59 56.16
N PHE D 101 -76.11 -1.88 56.40
CA PHE D 101 -76.97 -1.43 55.30
C PHE D 101 -76.32 -0.27 54.55
N ALA D 102 -76.50 -0.26 53.23
CA ALA D 102 -75.93 0.78 52.38
C ALA D 102 -76.76 0.88 51.12
N GLN D 103 -76.43 1.89 50.32
CA GLN D 103 -77.17 2.19 49.10
C GLN D 103 -76.42 1.70 47.87
N ILE D 104 -77.16 1.16 46.91
CA ILE D 104 -76.58 0.70 45.65
C ILE D 104 -76.16 1.90 44.83
N HIS D 105 -74.93 1.84 44.29
CA HIS D 105 -74.39 2.97 43.54
C HIS D 105 -74.66 2.83 42.04
N GLU D 106 -74.19 1.73 41.43
CA GLU D 106 -74.36 1.54 39.99
C GLU D 106 -74.10 0.08 39.65
N MET D 107 -74.78 -0.39 38.60
CA MET D 107 -74.57 -1.74 38.10
C MET D 107 -73.83 -1.69 36.76
N GLN D 108 -72.75 -2.45 36.66
CA GLN D 108 -71.92 -2.49 35.47
C GLN D 108 -71.97 -3.83 34.76
N ASP D 109 -71.67 -4.92 35.46
CA ASP D 109 -71.66 -6.26 34.89
C ASP D 109 -70.74 -6.31 33.67
N LEU D 110 -69.46 -6.02 33.90
CA LEU D 110 -68.48 -5.97 32.82
C LEU D 110 -68.05 -7.37 32.40
N GLY D 111 -67.44 -8.11 33.32
CA GLY D 111 -66.98 -9.45 33.01
C GLY D 111 -68.00 -10.51 33.33
N ASP D 112 -68.75 -10.30 34.42
CA ASP D 112 -69.81 -11.20 34.83
C ASP D 112 -71.10 -10.41 35.02
N LYS D 113 -72.20 -11.13 35.27
CA LYS D 113 -73.52 -10.54 35.42
C LYS D 113 -73.77 -9.99 36.81
N LEU D 114 -72.74 -9.80 37.63
CA LEU D 114 -72.91 -9.33 39.00
C LEU D 114 -71.62 -8.65 39.43
N ARG D 115 -71.67 -7.32 39.54
CA ARG D 115 -70.52 -6.50 39.94
C ARG D 115 -70.96 -5.47 40.97
N MET D 116 -71.62 -5.94 42.04
CA MET D 116 -72.04 -5.05 43.12
C MET D 116 -70.94 -4.09 43.52
N ILE D 117 -71.32 -2.83 43.69
CA ILE D 117 -70.52 -1.83 44.38
C ILE D 117 -71.18 -1.59 45.74
N VAL D 118 -70.46 -1.89 46.82
CA VAL D 118 -71.00 -1.84 48.16
C VAL D 118 -70.13 -0.94 49.03
N MET D 119 -70.74 -0.41 50.09
CA MET D 119 -70.10 0.54 50.98
C MET D 119 -70.62 0.33 52.39
N GLY D 120 -69.85 0.78 53.38
CA GLY D 120 -70.29 0.74 54.76
C GLY D 120 -70.87 2.07 55.19
N HIS D 121 -72.20 2.14 55.30
CA HIS D 121 -72.90 3.38 55.59
C HIS D 121 -73.65 3.35 56.90
N ARG D 122 -74.43 2.30 57.16
CA ARG D 122 -75.28 2.22 58.35
C ARG D 122 -75.06 0.87 59.03
N ARG D 123 -74.19 0.85 60.05
CA ARG D 123 -73.97 -0.37 60.81
C ARG D 123 -75.13 -0.62 61.77
N VAL D 124 -75.31 -1.88 62.14
CA VAL D 124 -76.38 -2.27 63.05
C VAL D 124 -76.08 -3.66 63.59
N HIS D 125 -76.61 -3.95 64.78
CA HIS D 125 -76.51 -5.27 65.39
C HIS D 125 -77.93 -5.72 65.72
N ILE D 126 -78.30 -6.90 65.24
CA ILE D 126 -79.64 -7.44 65.47
C ILE D 126 -79.61 -8.37 66.68
N SER D 127 -80.55 -8.16 67.59
CA SER D 127 -80.60 -8.99 68.79
C SER D 127 -80.86 -10.44 68.44
N ARG D 128 -81.75 -10.70 67.49
CA ARG D 128 -82.05 -12.06 67.05
C ARG D 128 -82.28 -12.04 65.55
N GLN D 129 -81.35 -12.61 64.79
CA GLN D 129 -81.50 -12.66 63.33
C GLN D 129 -82.53 -13.70 62.92
N LEU D 130 -82.77 -14.72 63.74
CA LEU D 130 -83.73 -15.76 63.38
C LEU D 130 -85.11 -15.18 63.15
N GLU D 131 -85.46 -14.11 63.85
CA GLU D 131 -86.77 -13.47 63.68
C GLU D 131 -86.63 -12.21 62.82
N MET D 182 -88.02 -7.82 60.26
CA MET D 182 -87.04 -8.12 61.29
C MET D 182 -86.72 -6.86 62.09
N VAL D 183 -86.88 -6.95 63.41
CA VAL D 183 -86.68 -5.79 64.27
C VAL D 183 -85.25 -5.31 64.18
N GLU D 184 -85.07 -4.00 64.01
CA GLU D 184 -83.76 -3.39 64.00
C GLU D 184 -83.84 -2.01 64.64
N VAL D 185 -82.76 -1.62 65.31
CA VAL D 185 -82.68 -0.34 65.99
C VAL D 185 -81.31 0.28 65.71
N GLU D 186 -81.31 1.58 65.43
CA GLU D 186 -80.07 2.31 65.12
C GLU D 186 -79.31 2.58 66.42
N ASN D 187 -78.72 1.51 66.95
CA ASN D 187 -77.93 1.59 68.18
C ASN D 187 -76.49 1.99 67.86
N VAL D 188 -76.36 3.16 67.26
CA VAL D 188 -75.04 3.72 66.92
C VAL D 188 -74.60 4.54 68.13
N VAL D 189 -73.98 3.85 69.09
CA VAL D 189 -73.55 4.48 70.33
C VAL D 189 -72.23 5.20 70.09
N HIS D 190 -72.22 6.51 70.28
CA HIS D 190 -71.05 7.35 70.06
C HIS D 190 -70.86 8.32 71.22
N GLU D 191 -70.94 7.80 72.45
CA GLU D 191 -70.69 8.63 73.61
C GLU D 191 -69.26 9.14 73.59
N ASP D 192 -69.09 10.44 73.83
CA ASP D 192 -67.78 11.09 73.78
C ASP D 192 -67.57 11.89 75.06
N PHE D 193 -66.38 11.76 75.64
CA PHE D 193 -66.03 12.54 76.82
C PHE D 193 -66.12 14.03 76.51
N GLN D 194 -66.70 14.78 77.45
CA GLN D 194 -66.79 16.22 77.26
C GLN D 194 -65.43 16.89 77.16
N VAL D 195 -64.40 16.29 77.76
CA VAL D 195 -63.04 16.85 77.70
C VAL D 195 -62.39 16.27 76.45
N THR D 196 -62.63 16.92 75.32
CA THR D 196 -62.02 16.53 74.05
C THR D 196 -60.81 17.40 73.76
N GLU D 197 -59.86 17.37 74.69
CA GLU D 197 -58.64 18.17 74.59
C GLU D 197 -57.39 17.32 74.49
N GLU D 198 -57.20 16.36 75.40
CA GLU D 198 -56.01 15.52 75.40
C GLU D 198 -56.22 14.17 74.74
N VAL D 199 -57.46 13.70 74.63
CA VAL D 199 -57.71 12.40 74.00
C VAL D 199 -57.28 12.39 72.55
N LYS D 200 -57.30 13.55 71.88
CA LYS D 200 -56.91 13.63 70.47
C LYS D 200 -55.42 13.42 70.26
N ALA D 201 -54.61 13.41 71.32
CA ALA D 201 -53.19 13.15 71.16
C ALA D 201 -52.91 11.78 70.55
N LEU D 202 -53.78 10.80 70.83
CA LEU D 202 -53.60 9.48 70.24
C LEU D 202 -53.72 9.52 68.73
N THR D 203 -54.64 10.33 68.20
CA THR D 203 -54.83 10.42 66.76
C THR D 203 -53.51 10.78 66.06
N ALA D 204 -52.70 11.64 66.68
CA ALA D 204 -51.39 11.96 66.12
C ALA D 204 -50.55 10.70 65.97
N GLU D 205 -50.63 9.78 66.92
CA GLU D 205 -49.94 8.50 66.81
C GLU D 205 -50.59 7.56 65.82
N ILE D 206 -51.92 7.59 65.70
CA ILE D 206 -52.60 6.73 64.73
C ILE D 206 -52.19 7.09 63.31
N VAL D 207 -52.21 8.39 63.00
CA VAL D 207 -51.82 8.83 61.66
C VAL D 207 -50.35 8.51 61.41
N LYS D 208 -49.50 8.68 62.42
CA LYS D 208 -48.09 8.37 62.27
C LYS D 208 -47.88 6.87 62.00
N THR D 209 -48.63 6.02 62.70
CA THR D 209 -48.53 4.59 62.47
C THR D 209 -48.99 4.23 61.07
N ILE D 210 -50.07 4.85 60.60
CA ILE D 210 -50.52 4.61 59.23
C ILE D 210 -49.45 5.04 58.24
N ARG D 211 -48.84 6.20 58.48
CA ARG D 211 -47.74 6.67 57.64
C ARG D 211 -46.61 5.66 57.60
N ASP D 212 -46.22 5.13 58.77
CA ASP D 212 -45.15 4.15 58.83
C ASP D 212 -45.50 2.89 58.05
N ILE D 213 -46.73 2.40 58.21
CA ILE D 213 -47.13 1.19 57.52
C ILE D 213 -47.11 1.40 56.01
N ILE D 214 -47.65 2.52 55.54
CA ILE D 214 -47.69 2.74 54.10
C ILE D 214 -46.29 2.95 53.54
N ALA D 215 -45.41 3.64 54.28
CA ALA D 215 -44.06 3.89 53.78
C ALA D 215 -43.24 2.61 53.73
N LEU D 216 -43.24 1.83 54.81
CA LEU D 216 -42.47 0.60 54.84
C LEU D 216 -43.20 -0.55 54.15
N ASN D 217 -44.54 -0.57 54.22
CA ASN D 217 -45.35 -1.63 53.62
C ASN D 217 -46.47 -0.98 52.80
N PRO D 218 -46.13 -0.40 51.65
CA PRO D 218 -47.16 0.27 50.84
C PRO D 218 -48.23 -0.71 50.38
N LEU D 219 -49.47 -0.24 50.39
CA LEU D 219 -50.61 -1.01 49.90
C LEU D 219 -51.49 -0.22 48.96
N TYR D 220 -51.51 1.11 49.06
CA TYR D 220 -52.30 1.97 48.20
C TYR D 220 -51.54 3.26 47.97
N ARG D 221 -52.15 4.16 47.18
CA ARG D 221 -51.54 5.44 46.89
C ARG D 221 -51.65 6.38 48.09
N GLU D 222 -50.88 7.46 48.05
CA GLU D 222 -50.83 8.42 49.14
C GLU D 222 -51.74 9.62 48.92
N SER D 223 -52.19 9.86 47.69
CA SER D 223 -53.05 11.01 47.43
C SER D 223 -54.33 10.94 48.24
N VAL D 224 -54.85 9.73 48.44
CA VAL D 224 -56.06 9.57 49.25
C VAL D 224 -55.83 10.07 50.66
N LEU D 225 -54.68 9.74 51.25
CA LEU D 225 -54.36 10.25 52.57
C LEU D 225 -54.17 11.76 52.56
N GLN D 226 -53.52 12.28 51.51
CA GLN D 226 -53.32 13.73 51.41
C GLN D 226 -54.65 14.46 51.36
N MET D 227 -55.68 13.84 50.76
CA MET D 227 -56.98 14.49 50.67
C MET D 227 -57.50 14.86 52.05
N MET D 228 -57.19 14.06 53.06
CA MET D 228 -57.62 14.31 54.44
C MET D 228 -56.41 14.74 55.27
N GLN D 229 -56.55 15.82 56.01
CA GLN D 229 -55.49 16.34 56.87
C GLN D 229 -56.08 16.79 58.19
N ALA D 230 -55.36 16.53 59.28
CA ALA D 230 -55.86 16.86 60.61
C ALA D 230 -55.93 18.37 60.85
N GLY D 231 -55.22 19.16 60.05
CA GLY D 231 -55.21 20.60 60.23
C GLY D 231 -56.31 21.36 59.53
N GLN D 232 -57.21 20.66 58.84
CA GLN D 232 -58.29 21.32 58.11
C GLN D 232 -59.60 21.37 58.89
N ARG D 233 -59.76 20.51 59.90
CA ARG D 233 -60.94 20.48 60.77
C ARG D 233 -62.18 19.91 60.08
N VAL D 234 -62.07 19.52 58.81
CA VAL D 234 -63.22 18.92 58.12
C VAL D 234 -63.63 17.59 58.71
N VAL D 235 -62.76 16.96 59.50
CA VAL D 235 -63.08 15.68 60.14
C VAL D 235 -64.18 15.91 61.16
N ASP D 236 -65.38 15.40 60.87
CA ASP D 236 -66.53 15.55 61.76
C ASP D 236 -66.87 14.26 62.49
N ASN D 237 -66.39 13.11 62.01
CA ASN D 237 -66.69 11.81 62.62
C ASN D 237 -65.38 11.06 62.81
N PRO D 238 -64.64 11.37 63.88
CA PRO D 238 -63.35 10.69 64.09
C PRO D 238 -63.46 9.18 64.23
N ILE D 239 -64.62 8.67 64.66
CA ILE D 239 -64.79 7.21 64.73
C ILE D 239 -64.70 6.60 63.34
N TYR D 240 -65.31 7.26 62.34
CA TYR D 240 -65.17 6.80 60.97
C TYR D 240 -63.72 6.85 60.51
N LEU D 241 -63.00 7.90 60.91
CA LEU D 241 -61.58 8.01 60.57
C LEU D 241 -60.81 6.83 61.12
N SER D 242 -61.03 6.49 62.39
CA SER D 242 -60.36 5.34 62.99
C SER D 242 -60.75 4.05 62.28
N ASP D 243 -62.02 3.92 61.93
CA ASP D 243 -62.48 2.71 61.25
C ASP D 243 -61.78 2.53 59.90
N MET D 244 -61.70 3.61 59.11
CA MET D 244 -61.03 3.50 57.82
C MET D 244 -59.53 3.29 57.99
N GLY D 245 -58.93 3.90 59.01
CA GLY D 245 -57.51 3.66 59.27
C GLY D 245 -57.24 2.21 59.61
N ALA D 246 -58.11 1.60 60.42
CA ALA D 246 -57.96 0.19 60.76
C ALA D 246 -58.35 -0.73 59.60
N ALA D 247 -59.13 -0.24 58.65
CA ALA D 247 -59.53 -1.06 57.51
C ALA D 247 -58.32 -1.50 56.69
N LEU D 248 -57.31 -0.63 56.59
CA LEU D 248 -56.12 -0.97 55.81
C LEU D 248 -55.37 -2.15 56.40
N THR D 249 -55.61 -2.48 57.67
CA THR D 249 -54.93 -3.60 58.30
C THR D 249 -55.33 -4.91 57.63
N GLY D 250 -54.40 -5.86 57.62
CA GLY D 250 -54.65 -7.17 57.04
C GLY D 250 -55.22 -8.15 58.05
N ALA D 251 -55.72 -7.63 59.16
CA ALA D 251 -56.27 -8.48 60.21
C ALA D 251 -57.38 -9.35 59.65
N GLU D 252 -57.40 -10.61 60.07
CA GLU D 252 -58.37 -11.56 59.56
C GLU D 252 -59.78 -11.18 60.00
N SER D 253 -60.77 -11.72 59.29
CA SER D 253 -62.16 -11.41 59.60
C SER D 253 -62.49 -11.70 61.04
N HIS D 254 -61.90 -12.76 61.61
CA HIS D 254 -62.12 -13.06 63.02
C HIS D 254 -61.63 -11.92 63.90
N GLU D 255 -60.45 -11.38 63.59
CA GLU D 255 -59.92 -10.26 64.37
C GLU D 255 -60.79 -9.02 64.22
N LEU D 256 -61.29 -8.76 63.01
CA LEU D 256 -62.17 -7.63 62.80
C LEU D 256 -63.46 -7.78 63.61
N GLN D 257 -64.02 -8.98 63.62
CA GLN D 257 -65.21 -9.22 64.44
C GLN D 257 -64.90 -9.04 65.92
N ASP D 258 -63.73 -9.49 66.36
CA ASP D 258 -63.34 -9.30 67.75
C ASP D 258 -63.25 -7.82 68.09
N VAL D 259 -62.69 -7.02 67.18
CA VAL D 259 -62.65 -5.58 67.40
C VAL D 259 -64.06 -5.01 67.48
N LEU D 260 -64.95 -5.45 66.59
CA LEU D 260 -66.33 -4.98 66.61
C LEU D 260 -67.02 -5.37 67.91
N GLU D 261 -66.62 -6.48 68.53
CA GLU D 261 -67.26 -6.92 69.76
C GLU D 261 -67.05 -5.92 70.89
N GLU D 262 -65.84 -5.34 70.97
CA GLU D 262 -65.54 -4.38 72.03
C GLU D 262 -66.54 -3.22 72.00
N THR D 263 -66.98 -2.82 73.19
CA THR D 263 -67.98 -1.75 73.34
C THR D 263 -67.35 -0.41 73.66
N ASN D 264 -66.56 -0.32 74.72
CA ASN D 264 -65.94 0.94 75.10
C ASN D 264 -65.04 1.44 73.99
N ILE D 265 -65.13 2.75 73.70
CA ILE D 265 -64.27 3.34 72.67
C ILE D 265 -62.79 3.16 72.99
N PRO D 266 -62.33 3.44 74.21
CA PRO D 266 -60.92 3.17 74.53
C PRO D 266 -60.55 1.71 74.37
N LYS D 267 -61.46 0.79 74.70
CA LYS D 267 -61.15 -0.62 74.56
C LYS D 267 -60.88 -0.99 73.10
N ARG D 268 -61.77 -0.56 72.19
CA ARG D 268 -61.58 -0.87 70.79
C ARG D 268 -60.38 -0.13 70.21
N LEU D 269 -60.12 1.09 70.68
CA LEU D 269 -58.92 1.80 70.23
C LEU D 269 -57.66 1.05 70.62
N TYR D 270 -57.59 0.57 71.87
CA TYR D 270 -56.43 -0.19 72.31
C TYR D 270 -56.32 -1.50 71.54
N LYS D 271 -57.45 -2.17 71.30
CA LYS D 271 -57.41 -3.42 70.53
C LYS D 271 -56.91 -3.17 69.11
N ALA D 272 -57.36 -2.09 68.48
CA ALA D 272 -56.89 -1.76 67.14
C ALA D 272 -55.40 -1.45 67.14
N LEU D 273 -54.93 -0.69 68.14
CA LEU D 273 -53.52 -0.39 68.23
C LEU D 273 -52.69 -1.65 68.42
N SER D 274 -53.16 -2.56 69.27
CA SER D 274 -52.44 -3.82 69.48
C SER D 274 -52.46 -4.69 68.23
N LEU D 275 -53.57 -4.71 67.50
CA LEU D 275 -53.63 -5.45 66.24
C LEU D 275 -52.64 -4.86 65.24
N LEU D 276 -52.57 -3.54 65.16
CA LEU D 276 -51.58 -2.90 64.30
C LEU D 276 -50.17 -3.28 64.73
N LYS D 277 -49.92 -3.31 66.04
CA LYS D 277 -48.60 -3.71 66.54
C LYS D 277 -48.27 -5.12 66.10
N LYS D 278 -49.23 -6.05 66.26
CA LYS D 278 -48.98 -7.45 65.93
C LYS D 278 -48.72 -7.62 64.43
N GLU D 279 -49.58 -7.01 63.59
CA GLU D 279 -49.40 -7.15 62.15
C GLU D 279 -48.12 -6.47 61.69
N PHE D 280 -47.78 -5.32 62.28
CA PHE D 280 -46.53 -4.65 61.94
C PHE D 280 -45.33 -5.49 62.33
N GLU D 281 -45.38 -6.15 63.49
CA GLU D 281 -44.30 -7.04 63.88
C GLU D 281 -44.19 -8.22 62.93
N LEU D 282 -45.31 -8.79 62.52
CA LEU D 282 -45.28 -9.88 61.55
C LEU D 282 -44.65 -9.42 60.24
N SER D 283 -45.07 -8.26 59.74
CA SER D 283 -44.53 -7.74 58.49
C SER D 283 -43.05 -7.42 58.62
N LYS D 284 -42.64 -6.87 59.76
CA LYS D 284 -41.23 -6.54 59.98
C LYS D 284 -40.38 -7.80 60.05
N LEU D 285 -40.86 -8.84 60.73
CA LEU D 285 -40.14 -10.10 60.77
C LEU D 285 -40.02 -10.71 59.37
N GLN D 286 -41.11 -10.67 58.60
CA GLN D 286 -41.05 -11.17 57.23
C GLN D 286 -40.06 -10.37 56.39
N GLN D 287 -40.06 -9.05 56.56
CA GLN D 287 -39.12 -8.20 55.82
C GLN D 287 -37.68 -8.52 56.19
N ARG D 288 -37.41 -8.71 57.49
CA ARG D 288 -36.05 -9.00 57.92
C ARG D 288 -35.60 -10.36 57.42
N LEU D 289 -36.48 -11.37 57.48
CA LEU D 289 -36.13 -12.68 56.94
C LEU D 289 -35.90 -12.61 55.44
N GLY D 290 -36.74 -11.85 54.73
CA GLY D 290 -36.53 -11.69 53.30
C GLY D 290 -35.24 -11.00 52.96
N ARG D 291 -34.87 -9.98 53.74
CA ARG D 291 -33.58 -9.32 53.53
C ARG D 291 -32.42 -10.27 53.83
N GLU D 292 -32.56 -11.10 54.86
CA GLU D 292 -31.53 -12.09 55.15
C GLU D 292 -31.37 -13.06 53.99
N VAL D 293 -32.49 -13.54 53.43
CA VAL D 293 -32.42 -14.46 52.31
C VAL D 293 -31.86 -13.76 51.08
N GLU D 294 -32.22 -12.49 50.87
CA GLU D 294 -31.67 -11.74 49.74
C GLU D 294 -30.17 -11.58 49.86
N GLU D 295 -29.67 -11.31 51.08
CA GLU D 295 -28.23 -11.19 51.27
C GLU D 295 -27.54 -12.54 51.08
N LYS D 296 -28.15 -13.62 51.56
CA LYS D 296 -27.54 -14.94 51.41
C LYS D 296 -27.50 -15.37 49.95
N ILE D 297 -28.54 -15.06 49.18
CA ILE D 297 -28.48 -15.29 47.74
C ILE D 297 -27.44 -14.37 47.10
N LYS D 298 -27.34 -13.15 47.61
CA LYS D 298 -26.32 -12.22 47.16
C LYS D 298 -24.92 -12.72 47.52
N GLN D 299 -24.82 -13.70 48.41
CA GLN D 299 -23.53 -14.34 48.65
C GLN D 299 -22.94 -14.87 47.35
N THR D 300 -23.79 -15.28 46.41
CA THR D 300 -23.32 -15.59 45.07
C THR D 300 -22.47 -14.44 44.55
N HIS D 301 -21.20 -14.73 44.30
CA HIS D 301 -20.24 -13.67 44.01
C HIS D 301 -20.70 -12.83 42.83
N ARG D 302 -20.17 -11.61 42.76
CA ARG D 302 -20.47 -10.73 41.62
C ARG D 302 -20.08 -11.38 40.31
N LYS D 303 -19.13 -12.31 40.33
CA LYS D 303 -18.75 -13.03 39.12
C LYS D 303 -19.94 -13.76 38.52
N TYR D 304 -20.93 -14.13 39.33
CA TYR D 304 -22.12 -14.78 38.79
C TYR D 304 -22.92 -13.82 37.90
N LEU D 305 -23.13 -12.58 38.38
CA LEU D 305 -23.79 -11.58 37.56
C LEU D 305 -22.95 -11.24 36.33
N LEU D 306 -21.63 -11.17 36.50
CA LEU D 306 -20.75 -10.92 35.37
C LEU D 306 -20.85 -12.02 34.33
N GLN D 307 -20.95 -13.28 34.75
CA GLN D 307 -21.14 -14.38 33.82
C GLN D 307 -22.50 -14.34 33.16
N GLU D 308 -23.54 -13.93 33.89
CA GLU D 308 -24.84 -13.71 33.26
C GLU D 308 -24.71 -12.69 32.15
N GLN D 309 -23.99 -11.60 32.40
CA GLN D 309 -23.75 -10.60 31.36
C GLN D 309 -22.96 -11.20 30.20
N LEU D 310 -21.94 -11.99 30.50
CA LEU D 310 -21.12 -12.58 29.45
C LEU D 310 -21.96 -13.44 28.52
N LYS D 311 -22.83 -14.28 29.09
CA LYS D 311 -23.74 -15.06 28.26
C LYS D 311 -24.73 -14.17 27.52
N ILE D 312 -25.15 -13.07 28.15
CA ILE D 312 -26.09 -12.16 27.51
C ILE D 312 -25.46 -11.49 26.30
N ILE D 313 -24.13 -11.37 26.27
CA ILE D 313 -23.42 -10.72 25.18
C ILE D 313 -24.01 -11.16 23.85
N LYS D 314 -24.28 -12.46 23.72
CA LYS D 314 -24.95 -12.99 22.53
C LYS D 314 -26.45 -12.72 22.50
N LYS D 315 -26.81 -11.55 21.97
CA LYS D 315 -28.21 -11.13 21.86
C LYS D 315 -28.50 -10.81 20.41
N GLU D 316 -28.83 -11.86 19.64
CA GLU D 316 -29.28 -11.77 18.25
C GLU D 316 -28.19 -11.31 17.28
N LEU D 317 -26.93 -11.18 17.73
CA LEU D 317 -25.84 -10.78 16.85
C LEU D 317 -25.14 -12.02 16.32
N GLY D 318 -24.86 -12.03 15.02
CA GLY D 318 -24.22 -13.15 14.35
C GLY D 318 -22.84 -12.79 13.86
N LEU D 319 -21.98 -13.81 13.75
CA LEU D 319 -20.62 -13.68 13.23
C LEU D 319 -19.87 -12.50 13.82
N GLU D 320 -20.25 -12.10 15.04
CA GLU D 320 -19.57 -11.06 15.78
C GLU D 320 -19.46 -11.50 17.24
N LYS D 321 -18.32 -11.20 17.87
CA LYS D 321 -17.97 -11.69 19.19
C LYS D 321 -17.76 -13.19 19.21
N ASP D 322 -17.75 -13.84 18.05
CA ASP D 322 -17.54 -15.28 17.95
C ASP D 322 -16.74 -15.55 16.69
N ASP D 323 -16.65 -16.82 16.32
CA ASP D 323 -15.92 -17.18 15.11
C ASP D 323 -16.59 -16.59 13.89
N LYS D 324 -15.81 -15.91 13.07
CA LYS D 324 -16.33 -15.34 11.82
C LYS D 324 -16.71 -16.47 10.86
N ASP D 325 -17.96 -16.45 10.39
CA ASP D 325 -18.41 -17.51 9.50
C ASP D 325 -17.62 -17.51 8.20
N ALA D 326 -17.36 -16.33 7.64
CA ALA D 326 -16.72 -16.27 6.32
C ALA D 326 -15.31 -16.85 6.35
N ILE D 327 -14.54 -16.53 7.38
CA ILE D 327 -13.11 -16.87 7.40
C ILE D 327 -12.79 -17.73 8.62
N GLU D 328 -13.01 -17.16 9.82
CA GLU D 328 -12.57 -17.81 11.05
C GLU D 328 -13.23 -19.18 11.21
N GLU D 329 -14.55 -19.20 11.35
CA GLU D 329 -15.26 -20.46 11.49
C GLU D 329 -15.09 -21.31 10.24
N LYS D 330 -14.97 -20.68 9.07
CA LYS D 330 -14.79 -21.44 7.84
C LYS D 330 -13.53 -22.27 7.89
N PHE D 331 -12.43 -21.70 8.40
CA PHE D 331 -11.17 -22.40 8.48
C PHE D 331 -11.02 -23.24 9.74
N ARG D 332 -11.86 -23.00 10.76
CA ARG D 332 -11.82 -23.88 11.93
C ARG D 332 -12.20 -25.30 11.56
N GLU D 333 -13.24 -25.47 10.74
CA GLU D 333 -13.60 -26.81 10.27
C GLU D 333 -12.50 -27.38 9.38
N ARG D 334 -11.83 -26.54 8.60
CA ARG D 334 -10.70 -27.01 7.81
C ARG D 334 -9.60 -27.56 8.71
N LEU D 335 -9.32 -26.86 9.82
CA LEU D 335 -8.31 -27.33 10.76
C LEU D 335 -8.79 -28.56 11.53
N LYS D 336 -10.10 -28.76 11.63
CA LYS D 336 -10.63 -29.85 12.46
C LYS D 336 -10.05 -31.20 12.07
N GLU D 337 -10.15 -31.55 10.78
CA GLU D 337 -9.70 -32.87 10.34
C GLU D 337 -8.20 -33.04 10.51
N LEU D 338 -7.43 -31.97 10.30
CA LEU D 338 -5.98 -32.07 10.36
C LEU D 338 -5.53 -32.37 11.79
N VAL D 339 -4.41 -33.09 11.89
CA VAL D 339 -3.75 -33.32 13.18
C VAL D 339 -2.82 -32.13 13.38
N VAL D 340 -3.38 -31.05 13.91
CA VAL D 340 -2.72 -29.75 13.96
C VAL D 340 -1.64 -29.76 15.04
N PRO D 341 -0.39 -29.46 14.71
CA PRO D 341 0.63 -29.28 15.75
C PRO D 341 0.34 -28.08 16.63
N LYS D 342 0.84 -28.14 17.86
CA LYS D 342 0.56 -27.08 18.83
C LYS D 342 1.12 -25.74 18.38
N HIS D 343 2.30 -25.73 17.78
CA HIS D 343 2.91 -24.48 17.33
C HIS D 343 1.98 -23.75 16.37
N VAL D 344 1.62 -24.40 15.26
CA VAL D 344 0.71 -23.79 14.30
C VAL D 344 -0.65 -23.56 14.95
N MET D 345 -1.03 -24.38 15.91
CA MET D 345 -2.29 -24.16 16.62
C MET D 345 -2.31 -22.78 17.25
N ASP D 346 -1.30 -22.46 18.05
CA ASP D 346 -1.27 -21.17 18.73
C ASP D 346 -1.06 -20.03 17.74
N VAL D 347 -0.24 -20.24 16.71
CA VAL D 347 -0.02 -19.20 15.71
C VAL D 347 -1.34 -18.87 15.03
N VAL D 348 -2.10 -19.89 14.65
CA VAL D 348 -3.38 -19.68 13.98
C VAL D 348 -4.38 -19.03 14.92
N ASP D 349 -4.37 -19.44 16.21
CA ASP D 349 -5.28 -18.81 17.15
C ASP D 349 -4.99 -17.31 17.27
N GLU D 350 -3.72 -16.95 17.37
CA GLU D 350 -3.37 -15.53 17.44
C GLU D 350 -3.78 -14.81 16.16
N GLU D 351 -3.54 -15.43 15.01
CA GLU D 351 -3.91 -14.80 13.74
C GLU D 351 -5.41 -14.59 13.63
N LEU D 352 -6.20 -15.59 14.07
CA LEU D 352 -7.65 -15.46 14.05
C LEU D 352 -8.12 -14.38 15.01
N SER D 353 -7.49 -14.27 16.18
CA SER D 353 -7.83 -13.18 17.10
C SER D 353 -7.57 -11.83 16.46
N LYS D 354 -6.41 -11.69 15.79
CA LYS D 354 -6.12 -10.44 15.10
C LYS D 354 -7.14 -10.17 14.00
N LEU D 355 -7.51 -11.20 13.26
CA LEU D 355 -8.53 -11.04 12.21
C LEU D 355 -9.84 -10.54 12.82
N GLY D 356 -10.25 -11.12 13.94
CA GLY D 356 -11.45 -10.65 14.62
C GLY D 356 -11.33 -9.21 15.07
N LEU D 357 -10.15 -8.79 15.52
CA LEU D 357 -9.97 -7.41 15.94
C LEU D 357 -9.89 -6.45 14.77
N LEU D 358 -9.67 -6.95 13.56
CA LEU D 358 -9.52 -6.10 12.39
C LEU D 358 -10.81 -6.06 11.56
N ASP D 359 -11.04 -4.93 10.91
CA ASP D 359 -12.23 -4.75 10.08
C ASP D 359 -12.08 -5.50 8.77
N ASN D 360 -13.23 -5.91 8.21
CA ASN D 360 -13.22 -6.79 7.04
C ASN D 360 -12.55 -6.13 5.84
N HIS D 361 -12.82 -4.84 5.62
CA HIS D 361 -12.43 -4.17 4.38
C HIS D 361 -11.04 -3.52 4.45
N SER D 362 -10.27 -3.80 5.49
CA SER D 362 -8.94 -3.22 5.61
C SER D 362 -7.91 -4.08 4.89
N SER D 363 -6.84 -3.42 4.41
CA SER D 363 -5.78 -4.13 3.70
C SER D 363 -5.05 -5.10 4.63
N GLU D 364 -4.78 -4.67 5.87
CA GLU D 364 -4.15 -5.57 6.83
C GLU D 364 -5.03 -6.78 7.10
N PHE D 365 -6.34 -6.57 7.18
CA PHE D 365 -7.27 -7.69 7.33
C PHE D 365 -7.16 -8.65 6.15
N ASN D 366 -7.07 -8.11 4.93
CA ASN D 366 -6.95 -8.97 3.76
C ASN D 366 -5.65 -9.77 3.80
N VAL D 367 -4.55 -9.12 4.19
CA VAL D 367 -3.27 -9.82 4.28
C VAL D 367 -3.34 -10.92 5.33
N THR D 368 -3.96 -10.63 6.48
CA THR D 368 -4.12 -11.65 7.51
C THR D 368 -4.94 -12.82 7.01
N ARG D 369 -6.03 -12.53 6.29
CA ARG D 369 -6.87 -13.60 5.75
C ARG D 369 -6.10 -14.44 4.73
N ASN D 370 -5.30 -13.79 3.88
CA ASN D 370 -4.52 -14.54 2.89
C ASN D 370 -3.48 -15.43 3.56
N TYR D 371 -2.82 -14.90 4.59
CA TYR D 371 -1.86 -15.72 5.34
C TYR D 371 -2.56 -16.89 6.01
N LEU D 372 -3.75 -16.66 6.55
CA LEU D 372 -4.52 -17.76 7.13
C LEU D 372 -4.86 -18.81 6.08
N ASP D 373 -5.24 -18.37 4.88
CA ASP D 373 -5.51 -19.31 3.80
C ASP D 373 -4.28 -20.16 3.51
N TRP D 374 -3.12 -19.50 3.36
CA TRP D 374 -1.90 -20.23 3.07
C TRP D 374 -1.57 -21.22 4.17
N LEU D 375 -1.69 -20.80 5.43
CA LEU D 375 -1.32 -21.65 6.56
C LEU D 375 -2.26 -22.85 6.66
N THR D 376 -3.57 -22.61 6.65
CA THR D 376 -4.53 -23.70 6.80
C THR D 376 -4.58 -24.59 5.57
N SER D 377 -4.08 -24.13 4.42
CA SER D 377 -4.07 -24.96 3.23
C SER D 377 -2.95 -26.00 3.27
N ILE D 378 -1.98 -25.85 4.18
CA ILE D 378 -0.88 -26.81 4.26
C ILE D 378 -1.37 -28.08 4.96
N PRO D 379 -1.23 -29.25 4.36
CA PRO D 379 -1.62 -30.48 5.06
C PRO D 379 -0.81 -30.67 6.33
N TRP D 380 -1.48 -31.17 7.37
CA TRP D 380 -0.85 -31.39 8.67
C TRP D 380 -1.28 -32.75 9.19
N GLY D 381 -0.30 -33.60 9.52
CA GLY D 381 -0.57 -34.95 9.95
C GLY D 381 -1.10 -35.88 8.88
N LYS D 382 -1.37 -35.37 7.67
CA LYS D 382 -1.88 -36.21 6.58
C LYS D 382 -0.72 -36.93 5.92
N TYR D 383 -0.74 -38.26 5.98
CA TYR D 383 0.32 -39.08 5.41
C TYR D 383 -0.30 -40.04 4.40
N SER D 384 0.00 -39.84 3.12
CA SER D 384 -0.53 -40.70 2.08
C SER D 384 -0.10 -42.14 2.33
N ASN D 385 -1.04 -43.08 2.16
CA ASN D 385 -0.74 -44.48 2.41
C ASN D 385 0.39 -44.95 1.51
N GLU D 386 1.35 -45.65 2.09
CA GLU D 386 2.49 -46.17 1.36
C GLU D 386 2.31 -47.66 1.09
N ASN D 387 2.70 -48.08 -0.11
CA ASN D 387 2.63 -49.49 -0.47
C ASN D 387 3.69 -50.28 0.28
N LEU D 388 3.33 -51.49 0.71
CA LEU D 388 4.25 -52.39 1.38
C LEU D 388 4.49 -53.68 0.62
N ASP D 389 3.59 -54.07 -0.28
CA ASP D 389 3.83 -55.25 -1.09
C ASP D 389 5.09 -55.07 -1.91
N LEU D 390 5.96 -56.08 -1.88
CA LEU D 390 7.25 -55.99 -2.55
C LEU D 390 7.19 -56.52 -3.99
N ALA D 391 6.51 -57.64 -4.20
CA ALA D 391 6.39 -58.18 -5.55
C ALA D 391 5.63 -57.23 -6.46
N ARG D 392 4.54 -56.64 -5.96
CA ARG D 392 3.76 -55.71 -6.78
C ARG D 392 4.60 -54.52 -7.19
N ALA D 393 5.33 -53.92 -6.24
CA ALA D 393 6.16 -52.76 -6.57
C ALA D 393 7.27 -53.15 -7.54
N GLN D 394 7.89 -54.32 -7.33
CA GLN D 394 8.95 -54.75 -8.23
C GLN D 394 8.42 -54.93 -9.65
N ALA D 395 7.25 -55.56 -9.78
CA ALA D 395 6.66 -55.72 -11.11
C ALA D 395 6.32 -54.37 -11.73
N VAL D 396 5.75 -53.47 -10.94
CA VAL D 396 5.40 -52.15 -11.46
C VAL D 396 6.65 -51.47 -12.02
N LEU D 397 7.74 -51.50 -11.26
CA LEU D 397 8.97 -50.87 -11.72
C LEU D 397 9.54 -51.57 -12.94
N GLU D 398 9.47 -52.91 -12.98
CA GLU D 398 9.99 -53.65 -14.11
C GLU D 398 9.21 -53.36 -15.39
N GLU D 399 7.92 -53.05 -15.26
CA GLU D 399 7.10 -52.74 -16.43
C GLU D 399 7.22 -51.30 -16.89
N ASP D 400 8.02 -50.48 -16.20
CA ASP D 400 8.21 -49.09 -16.57
C ASP D 400 9.57 -48.78 -17.18
N HIS D 401 10.62 -49.48 -16.79
CA HIS D 401 11.97 -49.16 -17.26
C HIS D 401 12.80 -50.42 -17.31
N TYR D 402 13.19 -50.82 -18.51
CA TYR D 402 14.00 -52.03 -18.69
C TYR D 402 15.38 -51.85 -18.08
N GLY D 403 15.95 -52.96 -17.64
CA GLY D 403 17.30 -52.96 -17.12
C GLY D 403 17.43 -52.02 -15.94
N MET D 404 18.57 -51.34 -15.86
CA MET D 404 18.83 -50.38 -14.79
C MET D 404 18.65 -51.05 -13.43
N GLU D 405 19.09 -52.32 -13.36
CA GLU D 405 18.76 -53.16 -12.22
C GLU D 405 19.41 -52.68 -10.93
N ASP D 406 20.49 -51.90 -11.01
CA ASP D 406 21.11 -51.40 -9.78
C ASP D 406 20.15 -50.49 -9.03
N VAL D 407 19.55 -49.52 -9.73
CA VAL D 407 18.58 -48.64 -9.09
C VAL D 407 17.37 -49.42 -8.60
N LYS D 408 16.90 -50.37 -9.41
CA LYS D 408 15.72 -51.14 -9.02
C LYS D 408 15.98 -51.91 -7.74
N LYS D 409 17.13 -52.58 -7.65
CA LYS D 409 17.46 -53.33 -6.44
C LYS D 409 17.67 -52.39 -5.25
N ARG D 410 18.28 -51.22 -5.49
CA ARG D 410 18.45 -50.28 -4.40
C ARG D 410 17.11 -49.84 -3.83
N ILE D 411 16.15 -49.53 -4.70
CA ILE D 411 14.84 -49.09 -4.23
C ILE D 411 14.08 -50.24 -3.59
N LEU D 412 14.25 -51.46 -4.11
CA LEU D 412 13.64 -52.62 -3.46
C LEU D 412 14.17 -52.79 -2.04
N GLU D 413 15.49 -52.65 -1.88
CA GLU D 413 16.10 -52.76 -0.56
C GLU D 413 15.62 -51.65 0.36
N PHE D 414 15.50 -50.43 -0.17
CA PHE D 414 14.93 -49.33 0.61
C PHE D 414 13.52 -49.66 1.07
N ILE D 415 12.68 -50.15 0.16
CA ILE D 415 11.30 -50.46 0.50
C ILE D 415 11.26 -51.51 1.61
N ALA D 416 12.08 -52.56 1.46
CA ALA D 416 12.08 -53.63 2.45
C ALA D 416 12.52 -53.11 3.81
N VAL D 417 13.61 -52.34 3.86
CA VAL D 417 14.11 -51.87 5.15
C VAL D 417 13.12 -50.91 5.79
N SER D 418 12.50 -50.04 4.98
CA SER D 418 11.50 -49.12 5.53
C SER D 418 10.30 -49.89 6.08
N GLN D 419 9.86 -50.93 5.37
CA GLN D 419 8.75 -51.73 5.86
C GLN D 419 9.11 -52.41 7.17
N LEU D 420 10.31 -52.98 7.26
CA LEU D 420 10.71 -53.68 8.48
C LEU D 420 10.75 -52.74 9.67
N ARG D 421 11.30 -51.55 9.48
CA ARG D 421 11.44 -50.58 10.57
C ARG D 421 10.19 -49.72 10.72
N GLY D 422 9.03 -50.38 10.83
CA GLY D 422 7.78 -49.69 11.06
C GLY D 422 7.54 -48.54 10.10
N SER D 423 7.55 -47.32 10.63
CA SER D 423 7.34 -46.14 9.82
C SER D 423 8.35 -46.07 8.67
N THR D 424 8.02 -45.27 7.67
CA THR D 424 8.84 -45.12 6.46
C THR D 424 9.53 -43.76 6.53
N GLN D 425 10.85 -43.76 6.41
CA GLN D 425 11.62 -42.53 6.41
C GLN D 425 12.02 -42.16 4.99
N GLY D 426 12.23 -40.86 4.77
CA GLY D 426 12.66 -40.38 3.47
C GLY D 426 14.14 -40.05 3.43
N LYS D 427 14.93 -40.94 2.83
CA LYS D 427 16.36 -40.75 2.71
C LYS D 427 16.71 -40.20 1.33
N ILE D 428 17.78 -39.43 1.26
CA ILE D 428 18.15 -38.76 0.03
C ILE D 428 19.12 -39.62 -0.76
N LEU D 429 18.96 -39.58 -2.09
CA LEU D 429 19.92 -40.20 -3.00
C LEU D 429 19.93 -39.39 -4.28
N CYS D 430 21.07 -39.41 -4.97
CA CYS D 430 21.29 -38.57 -6.15
C CYS D 430 21.68 -39.45 -7.32
N PHE D 431 20.76 -39.62 -8.27
CA PHE D 431 21.11 -40.27 -9.53
C PHE D 431 22.03 -39.37 -10.34
N TYR D 432 22.96 -40.00 -11.06
CA TYR D 432 23.88 -39.23 -11.90
C TYR D 432 24.34 -40.09 -13.07
N GLY D 433 24.38 -39.49 -14.25
CA GLY D 433 24.79 -40.17 -15.46
C GLY D 433 24.56 -39.28 -16.66
N PRO D 434 24.83 -39.80 -17.85
CA PRO D 434 24.61 -39.01 -19.08
C PRO D 434 23.17 -38.55 -19.17
N PRO D 435 22.87 -37.62 -20.07
CA PRO D 435 21.51 -37.10 -20.18
C PRO D 435 20.65 -37.91 -21.14
N GLY D 436 19.35 -37.90 -20.87
CA GLY D 436 18.40 -38.64 -21.67
C GLY D 436 18.38 -40.11 -21.33
N VAL D 437 19.13 -40.49 -20.29
CA VAL D 437 19.23 -41.89 -19.89
C VAL D 437 17.97 -42.40 -19.22
N GLY D 438 17.11 -41.51 -18.73
CA GLY D 438 15.88 -41.90 -18.06
C GLY D 438 15.83 -41.56 -16.58
N LYS D 439 16.60 -40.58 -16.12
CA LYS D 439 16.66 -40.28 -14.70
C LYS D 439 15.35 -39.66 -14.19
N THR D 440 14.73 -38.80 -14.99
CA THR D 440 13.43 -38.24 -14.58
C THR D 440 12.33 -39.28 -14.71
N SER D 441 12.39 -40.09 -15.79
CA SER D 441 11.38 -41.13 -15.98
C SER D 441 11.45 -42.16 -14.85
N ILE D 442 12.65 -42.56 -14.44
CA ILE D 442 12.76 -43.50 -13.33
C ILE D 442 12.31 -42.85 -12.03
N ALA D 443 12.54 -41.56 -11.86
CA ALA D 443 12.02 -40.88 -10.66
C ALA D 443 10.49 -40.97 -10.63
N ARG D 444 9.85 -40.72 -11.77
CA ARG D 444 8.39 -40.82 -11.83
C ARG D 444 7.95 -42.27 -11.58
N SER D 445 8.66 -43.24 -12.14
CA SER D 445 8.31 -44.63 -11.93
C SER D 445 8.44 -45.02 -10.46
N ILE D 446 9.49 -44.54 -9.79
CA ILE D 446 9.66 -44.82 -8.36
C ILE D 446 8.51 -44.20 -7.57
N ALA D 447 8.15 -42.96 -7.90
CA ALA D 447 7.04 -42.32 -7.21
C ALA D 447 5.75 -43.12 -7.38
N ARG D 448 5.50 -43.60 -8.60
CA ARG D 448 4.30 -44.39 -8.83
C ARG D 448 4.34 -45.70 -8.05
N ALA D 449 5.45 -46.43 -8.15
CA ALA D 449 5.54 -47.76 -7.55
C ALA D 449 5.45 -47.70 -6.03
N LEU D 450 6.12 -46.75 -5.40
CA LEU D 450 6.12 -46.66 -3.94
C LEU D 450 4.76 -46.21 -3.40
N ASN D 451 3.89 -45.67 -4.26
CA ASN D 451 2.53 -45.25 -3.96
C ASN D 451 2.47 -43.82 -3.43
N ARG D 452 3.59 -43.13 -3.24
CA ARG D 452 3.55 -41.77 -2.72
C ARG D 452 3.46 -40.76 -3.88
N GLU D 453 3.12 -39.53 -3.52
CA GLU D 453 2.88 -38.50 -4.52
C GLU D 453 4.17 -38.11 -5.21
N TYR D 454 4.08 -37.75 -6.49
CA TYR D 454 5.21 -37.29 -7.29
C TYR D 454 5.19 -35.78 -7.45
N PHE D 455 6.39 -35.20 -7.57
CA PHE D 455 6.53 -33.79 -7.89
C PHE D 455 7.93 -33.55 -8.40
N ARG D 456 8.06 -32.72 -9.44
CA ARG D 456 9.36 -32.38 -10.00
C ARG D 456 9.71 -30.94 -9.65
N PHE D 457 11.02 -30.67 -9.60
CA PHE D 457 11.52 -29.34 -9.25
C PHE D 457 12.85 -29.13 -9.94
N SER D 458 13.06 -27.93 -10.46
CA SER D 458 14.26 -27.57 -11.21
C SER D 458 15.06 -26.56 -10.40
N VAL D 459 16.37 -26.79 -10.28
CA VAL D 459 17.22 -25.90 -9.50
C VAL D 459 18.45 -25.49 -10.32
N GLY D 460 18.63 -26.09 -11.50
CA GLY D 460 19.80 -25.80 -12.29
C GLY D 460 19.94 -24.33 -12.63
N GLY D 461 21.10 -23.75 -12.33
CA GLY D 461 21.33 -22.34 -12.58
C GLY D 461 20.45 -21.41 -11.77
N MET D 462 20.12 -21.75 -10.53
CA MET D 462 19.17 -20.98 -9.76
C MET D 462 19.91 -20.11 -8.76
N THR D 463 19.39 -18.89 -8.51
CA THR D 463 20.15 -17.88 -7.80
C THR D 463 19.40 -17.13 -6.70
N ASP D 464 18.08 -17.20 -6.64
CA ASP D 464 17.29 -16.37 -5.73
C ASP D 464 16.63 -17.24 -4.66
N VAL D 465 17.34 -17.47 -3.56
CA VAL D 465 16.89 -18.41 -2.54
C VAL D 465 15.43 -18.18 -2.14
N ALA D 466 14.89 -16.98 -2.38
CA ALA D 466 13.51 -16.70 -2.00
C ALA D 466 12.54 -17.68 -2.65
N GLU D 467 12.86 -18.19 -3.85
CA GLU D 467 11.95 -19.14 -4.50
C GLU D 467 11.75 -20.38 -3.65
N ILE D 468 12.72 -20.73 -2.81
CA ILE D 468 12.59 -21.83 -1.88
C ILE D 468 12.23 -21.36 -0.47
N LYS D 469 12.38 -20.06 -0.19
CA LYS D 469 12.11 -19.51 1.13
C LYS D 469 10.95 -18.53 1.18
N GLY D 470 10.52 -18.00 0.04
CA GLY D 470 9.47 -16.99 0.05
C GLY D 470 10.00 -15.65 0.51
N HIS D 471 9.10 -14.83 1.04
CA HIS D 471 9.43 -13.51 1.54
C HIS D 471 8.87 -13.36 2.95
N ARG D 472 9.24 -12.27 3.61
CA ARG D 472 8.85 -12.06 5.00
C ARG D 472 7.35 -11.93 5.20
N ARG D 473 6.56 -11.89 4.13
CA ARG D 473 5.11 -11.71 4.10
C ARG D 473 4.71 -10.26 4.38
N THR D 474 5.64 -9.40 4.76
CA THR D 474 5.33 -7.99 4.94
C THR D 474 5.38 -7.21 3.63
N TYR D 475 5.74 -7.87 2.53
CA TYR D 475 5.83 -7.19 1.25
C TYR D 475 4.44 -6.82 0.75
N VAL D 476 4.39 -6.02 -0.31
CA VAL D 476 3.17 -5.85 -1.08
C VAL D 476 3.20 -6.91 -2.17
N GLY D 477 2.82 -8.14 -1.83
CA GLY D 477 2.82 -9.23 -2.78
C GLY D 477 3.89 -10.27 -2.51
N ALA D 478 4.13 -10.57 -1.25
CA ALA D 478 5.06 -11.64 -0.87
C ALA D 478 4.48 -13.00 -1.23
N MET D 479 5.37 -13.96 -1.39
CA MET D 479 5.02 -15.35 -1.68
C MET D 479 5.84 -16.26 -0.78
N PRO D 480 5.35 -17.47 -0.51
CA PRO D 480 6.17 -18.45 0.19
C PRO D 480 7.08 -19.21 -0.78
N GLY D 481 8.03 -19.94 -0.19
CA GLY D 481 8.92 -20.78 -0.98
C GLY D 481 8.15 -21.74 -1.86
N LYS D 482 8.82 -22.33 -2.85
CA LYS D 482 8.12 -23.23 -3.76
C LYS D 482 7.87 -24.59 -3.11
N ILE D 483 8.62 -24.91 -2.05
CA ILE D 483 8.40 -26.19 -1.35
C ILE D 483 7.06 -26.18 -0.64
N ILE D 484 6.66 -25.03 -0.09
CA ILE D 484 5.32 -24.95 0.52
C ILE D 484 4.25 -25.07 -0.55
N GLN D 485 4.51 -24.54 -1.75
CA GLN D 485 3.59 -24.77 -2.86
C GLN D 485 3.51 -26.24 -3.20
N CYS D 486 4.65 -26.95 -3.19
CA CYS D 486 4.64 -28.38 -3.37
C CYS D 486 3.77 -29.07 -2.32
N LEU D 487 3.95 -28.72 -1.05
CA LEU D 487 3.18 -29.36 0.01
C LEU D 487 1.69 -29.09 -0.18
N LYS D 488 1.34 -27.86 -0.56
CA LYS D 488 -0.06 -27.51 -0.74
C LYS D 488 -0.69 -28.26 -1.90
N LYS D 489 -0.04 -28.23 -3.07
CA LYS D 489 -0.60 -28.90 -4.23
C LYS D 489 -0.66 -30.41 -4.04
N THR D 490 0.42 -30.99 -3.48
CA THR D 490 0.48 -32.43 -3.29
C THR D 490 -0.59 -32.92 -2.33
N LYS D 491 -1.00 -32.07 -1.39
CA LYS D 491 -2.02 -32.40 -0.38
C LYS D 491 -1.54 -33.47 0.58
N THR D 492 -0.23 -33.78 0.57
CA THR D 492 0.33 -34.78 1.46
C THR D 492 1.65 -34.27 2.03
N GLU D 493 2.00 -34.78 3.20
CA GLU D 493 3.21 -34.37 3.90
C GLU D 493 4.40 -35.30 3.64
N ASN D 494 4.21 -36.33 2.82
CA ASN D 494 5.29 -37.27 2.52
C ASN D 494 5.36 -37.56 1.03
N PRO D 495 5.40 -36.55 0.17
CA PRO D 495 5.51 -36.78 -1.27
C PRO D 495 6.94 -37.13 -1.66
N LEU D 496 7.16 -37.31 -2.96
CA LEU D 496 8.48 -37.55 -3.52
C LEU D 496 8.88 -36.29 -4.28
N ILE D 497 9.81 -35.53 -3.70
CA ILE D 497 10.29 -34.30 -4.33
C ILE D 497 11.54 -34.63 -5.15
N LEU D 498 11.52 -34.21 -6.42
CA LEU D 498 12.60 -34.50 -7.37
C LEU D 498 13.34 -33.19 -7.64
N ILE D 499 14.65 -33.21 -7.45
CA ILE D 499 15.50 -32.05 -7.71
C ILE D 499 16.26 -32.31 -9.00
N ASP D 500 16.29 -31.30 -9.87
CA ASP D 500 16.86 -31.44 -11.21
C ASP D 500 18.04 -30.51 -11.38
N GLU D 501 19.11 -31.02 -11.99
CA GLU D 501 20.32 -30.26 -12.27
C GLU D 501 20.86 -29.61 -11.00
N VAL D 502 21.12 -30.44 -10.00
CA VAL D 502 21.67 -29.93 -8.74
C VAL D 502 23.05 -29.32 -8.96
N ASP D 503 23.89 -30.00 -9.77
CA ASP D 503 25.26 -29.55 -9.97
C ASP D 503 25.36 -28.22 -10.70
N LYS D 504 24.27 -27.74 -11.29
CA LYS D 504 24.28 -26.47 -12.02
C LYS D 504 24.09 -25.26 -11.11
N ILE D 505 23.92 -25.46 -9.81
CA ILE D 505 23.72 -24.33 -8.91
C ILE D 505 24.94 -23.42 -8.96
N GLY D 506 24.68 -22.11 -9.02
CA GLY D 506 25.75 -21.13 -9.09
C GLY D 506 26.20 -20.64 -7.72
N ARG D 507 25.25 -20.44 -6.82
CA ARG D 507 25.57 -19.95 -5.48
C ARG D 507 26.29 -18.61 -5.56
N GLY D 508 25.98 -17.82 -6.58
CA GLY D 508 26.64 -16.56 -6.83
C GLY D 508 26.18 -15.43 -5.93
N TYR D 509 26.28 -14.21 -6.46
CA TYR D 509 26.00 -13.01 -5.68
C TYR D 509 24.57 -13.01 -5.16
N GLN D 510 24.43 -12.70 -3.87
CA GLN D 510 23.13 -12.49 -3.23
C GLN D 510 22.34 -13.79 -3.14
N GLY D 511 22.84 -14.86 -3.75
CA GLY D 511 22.09 -16.10 -3.84
C GLY D 511 22.52 -17.11 -2.80
N ASP D 512 23.38 -18.03 -3.20
CA ASP D 512 23.83 -19.10 -2.31
C ASP D 512 22.64 -19.94 -1.85
N PRO D 513 21.78 -20.40 -2.76
CA PRO D 513 20.70 -21.31 -2.34
C PRO D 513 21.23 -22.65 -1.87
N SER D 514 22.52 -22.94 -2.05
CA SER D 514 23.08 -24.20 -1.58
C SER D 514 22.90 -24.36 -0.08
N SER D 515 22.97 -23.26 0.66
CA SER D 515 22.79 -23.34 2.11
C SER D 515 21.40 -23.85 2.46
N ALA D 516 20.36 -23.22 1.90
CA ALA D 516 19.00 -23.67 2.17
C ALA D 516 18.78 -25.08 1.64
N LEU D 517 19.41 -25.42 0.52
CA LEU D 517 19.24 -26.74 -0.06
C LEU D 517 19.82 -27.81 0.87
N LEU D 518 21.02 -27.56 1.41
CA LEU D 518 21.57 -28.41 2.44
C LEU D 518 20.64 -28.50 3.64
N GLU D 519 20.09 -27.36 4.05
CA GLU D 519 19.08 -27.37 5.11
C GLU D 519 17.98 -28.37 4.80
N LEU D 520 17.53 -28.40 3.55
CA LEU D 520 16.52 -29.39 3.15
C LEU D 520 17.04 -30.80 3.33
N LEU D 521 18.25 -31.08 2.82
CA LEU D 521 18.82 -32.41 2.97
C LEU D 521 19.37 -32.67 4.37
N ASP D 522 19.46 -31.67 5.24
CA ASP D 522 19.98 -31.89 6.57
C ASP D 522 19.13 -32.97 7.26
N PRO D 523 19.72 -34.08 7.71
CA PRO D 523 18.88 -35.19 8.19
C PRO D 523 17.98 -34.82 9.36
N GLU D 524 18.34 -33.82 10.15
CA GLU D 524 17.53 -33.45 11.32
C GLU D 524 16.87 -32.09 11.18
N GLN D 525 17.54 -31.11 10.58
CA GLN D 525 16.92 -29.79 10.45
C GLN D 525 15.70 -29.84 9.53
N ASN D 526 15.66 -30.80 8.60
CA ASN D 526 14.49 -30.96 7.76
C ASN D 526 13.26 -31.25 8.60
N ALA D 527 13.44 -31.94 9.72
CA ALA D 527 12.31 -32.23 10.61
C ALA D 527 11.72 -30.97 11.22
N ASN D 528 12.44 -29.85 11.18
CA ASN D 528 11.92 -28.58 11.66
C ASN D 528 12.28 -27.44 10.71
N PHE D 529 12.30 -27.72 9.41
CA PHE D 529 12.56 -26.68 8.42
C PHE D 529 11.45 -25.62 8.45
N LEU D 530 11.86 -24.37 8.28
CA LEU D 530 10.94 -23.24 8.25
C LEU D 530 11.36 -22.29 7.14
N ASP D 531 10.38 -21.71 6.46
CA ASP D 531 10.62 -20.73 5.42
C ASP D 531 10.37 -19.32 5.96
N HIS D 532 10.91 -18.33 5.24
CA HIS D 532 10.80 -16.95 5.70
C HIS D 532 9.35 -16.48 5.71
N TYR D 533 8.52 -16.93 4.77
CA TYR D 533 7.12 -16.52 4.74
C TYR D 533 6.33 -17.21 5.85
N LEU D 534 6.28 -18.53 5.81
CA LEU D 534 5.72 -19.32 6.92
C LEU D 534 6.89 -19.79 7.77
N ASP D 535 7.07 -19.16 8.93
CA ASP D 535 8.20 -19.44 9.80
C ASP D 535 7.94 -20.59 10.77
N VAL D 536 6.76 -21.20 10.72
CA VAL D 536 6.49 -22.35 11.57
C VAL D 536 7.29 -23.54 11.07
N PRO D 537 8.08 -24.21 11.91
CA PRO D 537 8.85 -25.36 11.43
C PRO D 537 7.95 -26.44 10.87
N VAL D 538 8.40 -27.07 9.79
CA VAL D 538 7.66 -28.13 9.10
C VAL D 538 8.57 -29.35 8.98
N ASP D 539 8.01 -30.51 9.29
CA ASP D 539 8.78 -31.76 9.25
C ASP D 539 8.99 -32.18 7.80
N LEU D 540 10.23 -32.54 7.47
CA LEU D 540 10.59 -33.01 6.13
C LEU D 540 11.48 -34.24 6.23
N SER D 541 11.18 -35.13 7.18
CA SER D 541 11.94 -36.36 7.35
C SER D 541 11.42 -37.49 6.46
N LYS D 542 10.10 -37.55 6.24
CA LYS D 542 9.52 -38.61 5.44
C LYS D 542 9.58 -38.31 3.94
N VAL D 543 9.87 -37.06 3.56
CA VAL D 543 9.96 -36.73 2.14
C VAL D 543 11.17 -37.43 1.53
N LEU D 544 10.97 -38.04 0.37
CA LEU D 544 11.99 -38.83 -0.32
C LEU D 544 12.60 -37.96 -1.42
N PHE D 545 13.67 -37.25 -1.09
CA PHE D 545 14.34 -36.40 -2.05
C PHE D 545 15.08 -37.22 -3.10
N ILE D 546 15.19 -36.65 -4.29
CA ILE D 546 15.99 -37.21 -5.38
C ILE D 546 16.68 -36.08 -6.10
N CYS D 547 17.92 -36.33 -6.51
CA CYS D 547 18.74 -35.34 -7.21
C CYS D 547 19.28 -35.95 -8.49
N THR D 548 19.43 -35.10 -9.51
CA THR D 548 19.93 -35.53 -10.80
C THR D 548 21.04 -34.59 -11.25
N ALA D 549 22.14 -35.16 -11.75
CA ALA D 549 23.26 -34.37 -12.25
C ALA D 549 24.06 -35.23 -13.19
N ASN D 550 24.57 -34.62 -14.26
CA ASN D 550 25.33 -35.35 -15.27
C ASN D 550 26.77 -35.63 -14.86
N VAL D 551 27.26 -34.98 -13.81
CA VAL D 551 28.62 -35.23 -13.32
C VAL D 551 28.66 -34.87 -11.84
N THR D 552 29.43 -35.64 -11.08
CA THR D 552 29.53 -35.47 -9.64
C THR D 552 30.62 -34.50 -9.22
N ASP D 553 31.35 -33.90 -10.16
CA ASP D 553 32.47 -33.05 -9.81
C ASP D 553 32.00 -31.68 -9.35
N THR D 554 31.27 -30.96 -10.21
CA THR D 554 30.92 -29.58 -9.92
C THR D 554 29.95 -29.44 -8.75
N ILE D 555 29.29 -30.51 -8.33
CA ILE D 555 28.37 -30.40 -7.19
C ILE D 555 29.17 -30.06 -5.93
N PRO D 556 28.70 -29.13 -5.10
CA PRO D 556 29.47 -28.78 -3.91
C PRO D 556 29.71 -29.98 -3.00
N GLU D 557 30.90 -30.04 -2.43
CA GLU D 557 31.23 -31.14 -1.52
C GLU D 557 30.32 -31.20 -0.30
N PRO D 558 29.98 -30.08 0.36
CA PRO D 558 29.07 -30.19 1.52
C PRO D 558 27.75 -30.85 1.16
N LEU D 559 27.24 -30.58 -0.05
CA LEU D 559 26.06 -31.30 -0.52
C LEU D 559 26.42 -32.72 -0.91
N ARG D 560 27.55 -32.90 -1.59
CA ARG D 560 27.95 -34.23 -2.06
C ARG D 560 28.00 -35.24 -0.93
N ASP D 561 28.38 -34.80 0.28
CA ASP D 561 28.59 -35.75 1.37
C ASP D 561 27.29 -36.32 1.93
N ARG D 562 26.15 -35.70 1.60
CA ARG D 562 24.92 -35.96 2.33
C ARG D 562 24.04 -37.04 1.72
N MET D 563 24.48 -37.71 0.66
CA MET D 563 23.71 -38.84 0.15
C MET D 563 24.59 -39.72 -0.71
N GLU D 564 24.18 -40.98 -0.83
CA GLU D 564 24.78 -41.88 -1.81
C GLU D 564 24.40 -41.47 -3.22
N MET D 565 25.28 -41.77 -4.17
CA MET D 565 25.10 -41.37 -5.56
C MET D 565 25.17 -42.63 -6.42
N ILE D 566 23.99 -43.09 -6.87
CA ILE D 566 23.91 -44.31 -7.66
C ILE D 566 24.22 -43.96 -9.11
N ASN D 567 25.15 -44.70 -9.71
CA ASN D 567 25.57 -44.46 -11.10
C ASN D 567 24.62 -45.20 -12.02
N VAL D 568 23.65 -44.47 -12.56
CA VAL D 568 22.74 -44.98 -13.58
C VAL D 568 23.14 -44.34 -14.90
N SER D 569 23.61 -45.16 -15.84
CA SER D 569 24.23 -44.62 -17.03
C SER D 569 24.35 -45.69 -18.10
N GLY D 570 24.49 -45.25 -19.35
CA GLY D 570 24.95 -46.10 -20.43
C GLY D 570 23.94 -47.09 -20.98
N TYR D 571 23.96 -47.28 -22.29
CA TYR D 571 23.18 -48.32 -22.96
C TYR D 571 23.95 -48.77 -24.18
N VAL D 572 24.29 -50.06 -24.23
CA VAL D 572 24.96 -50.60 -25.40
C VAL D 572 24.00 -50.61 -26.59
N ALA D 573 24.58 -50.70 -27.80
CA ALA D 573 23.76 -50.72 -29.00
C ALA D 573 22.66 -51.78 -28.91
N GLN D 574 23.02 -52.98 -28.43
CA GLN D 574 22.01 -54.02 -28.23
C GLN D 574 21.00 -53.58 -27.18
N GLU D 575 21.49 -53.01 -26.07
CA GLU D 575 20.58 -52.53 -25.03
C GLU D 575 19.68 -51.42 -25.55
N LYS D 576 20.25 -50.49 -26.32
CA LYS D 576 19.45 -49.40 -26.87
C LYS D 576 18.39 -49.94 -27.82
N LEU D 577 18.75 -50.93 -28.65
CA LEU D 577 17.78 -51.52 -29.57
C LEU D 577 16.65 -52.19 -28.79
N ALA D 578 16.99 -52.95 -27.75
CA ALA D 578 15.97 -53.59 -26.94
C ALA D 578 15.03 -52.55 -26.35
N ILE D 579 15.59 -51.50 -25.74
CA ILE D 579 14.77 -50.45 -25.14
C ILE D 579 13.86 -49.83 -26.19
N ALA D 580 14.42 -49.50 -27.35
CA ALA D 580 13.65 -48.83 -28.38
C ALA D 580 12.49 -49.69 -28.86
N GLU D 581 12.74 -50.98 -29.09
CA GLU D 581 11.69 -51.82 -29.65
C GLU D 581 10.61 -52.14 -28.61
N ARG D 582 11.00 -52.29 -27.34
CA ARG D 582 10.03 -52.74 -26.35
C ARG D 582 9.28 -51.59 -25.67
N TYR D 583 9.93 -50.44 -25.45
CA TYR D 583 9.33 -49.35 -24.68
C TYR D 583 9.10 -48.08 -25.49
N LEU D 584 10.12 -47.55 -26.15
CA LEU D 584 9.98 -46.26 -26.82
C LEU D 584 8.98 -46.34 -27.97
N VAL D 585 9.08 -47.39 -28.79
CA VAL D 585 8.24 -47.47 -29.98
C VAL D 585 6.76 -47.50 -29.63
N PRO D 586 6.28 -48.37 -28.72
CA PRO D 586 4.86 -48.29 -28.34
C PRO D 586 4.46 -46.96 -27.74
N GLN D 587 5.35 -46.33 -26.97
CA GLN D 587 5.01 -45.05 -26.36
C GLN D 587 4.77 -43.99 -27.43
N ALA D 588 5.71 -43.86 -28.37
CA ALA D 588 5.54 -42.90 -29.44
C ALA D 588 4.34 -43.26 -30.31
N ARG D 589 4.11 -44.55 -30.53
CA ARG D 589 2.98 -44.99 -31.33
C ARG D 589 1.66 -44.55 -30.71
N ALA D 590 1.52 -44.75 -29.40
CA ALA D 590 0.32 -44.29 -28.71
C ALA D 590 0.24 -42.77 -28.74
N LEU D 591 1.37 -42.08 -28.60
CA LEU D 591 1.37 -40.62 -28.65
C LEU D 591 0.87 -40.12 -30.00
N CYS D 592 1.17 -40.85 -31.08
CA CYS D 592 0.76 -40.47 -32.42
C CYS D 592 -0.60 -41.06 -32.81
N GLY D 593 -1.11 -42.02 -32.05
CA GLY D 593 -2.41 -42.61 -32.32
C GLY D 593 -2.40 -43.73 -33.35
N LEU D 594 -1.29 -43.96 -34.03
CA LEU D 594 -1.25 -45.00 -35.05
C LEU D 594 -1.40 -46.37 -34.43
N ASP D 595 -2.14 -47.25 -35.11
CA ASP D 595 -2.31 -48.62 -34.66
C ASP D 595 -1.06 -49.43 -34.97
N GLU D 596 -0.84 -50.48 -34.17
CA GLU D 596 0.34 -51.31 -34.32
C GLU D 596 0.45 -51.86 -35.73
N SER D 597 -0.64 -52.42 -36.26
CA SER D 597 -0.58 -53.04 -37.57
C SER D 597 -0.29 -52.02 -38.66
N LYS D 598 -0.86 -50.81 -38.54
CA LYS D 598 -0.72 -49.82 -39.60
C LYS D 598 0.72 -49.43 -39.81
N ALA D 599 1.47 -49.22 -38.72
CA ALA D 599 2.86 -48.75 -38.77
C ALA D 599 3.76 -49.86 -38.24
N LYS D 600 4.21 -50.73 -39.13
CA LYS D 600 5.15 -51.79 -38.76
C LYS D 600 6.57 -51.25 -38.83
N LEU D 601 7.37 -51.55 -37.80
CA LEU D 601 8.75 -51.09 -37.72
C LEU D 601 9.61 -52.29 -37.33
N SER D 602 10.32 -52.84 -38.30
CA SER D 602 11.13 -54.03 -38.06
C SER D 602 12.30 -53.70 -37.13
N SER D 603 12.73 -54.72 -36.38
CA SER D 603 13.85 -54.53 -35.45
C SER D 603 15.13 -54.16 -36.17
N ASP D 604 15.36 -54.75 -37.36
CA ASP D 604 16.57 -54.43 -38.11
C ASP D 604 16.62 -52.95 -38.46
N VAL D 605 15.47 -52.36 -38.77
CA VAL D 605 15.43 -50.93 -39.07
C VAL D 605 15.86 -50.12 -37.85
N LEU D 606 15.38 -50.50 -36.66
CA LEU D 606 15.78 -49.81 -35.45
C LEU D 606 17.29 -49.97 -35.20
N THR D 607 17.81 -51.17 -35.45
CA THR D 607 19.25 -51.39 -35.28
C THR D 607 20.04 -50.50 -36.22
N LEU D 608 19.60 -50.40 -37.48
CA LEU D 608 20.29 -49.52 -38.43
C LEU D 608 20.20 -48.07 -38.00
N LEU D 609 19.03 -47.65 -37.50
CA LEU D 609 18.87 -46.29 -37.01
C LEU D 609 19.85 -46.00 -35.88
N ILE D 610 19.97 -46.94 -34.94
CA ILE D 610 20.91 -46.76 -33.83
C ILE D 610 22.34 -46.68 -34.35
N LYS D 611 22.69 -47.57 -35.28
CA LYS D 611 24.07 -47.64 -35.74
C LYS D 611 24.47 -46.39 -36.52
N GLN D 612 23.59 -45.89 -37.38
CA GLN D 612 23.98 -44.87 -38.35
C GLN D 612 23.50 -43.47 -37.99
N TYR D 613 22.36 -43.32 -37.31
CA TYR D 613 21.76 -42.02 -37.08
C TYR D 613 21.97 -41.51 -35.66
N CYS D 614 21.59 -42.30 -34.65
CA CYS D 614 21.75 -41.92 -33.25
C CYS D 614 23.02 -42.57 -32.71
N ARG D 615 24.03 -41.74 -32.40
CA ARG D 615 25.28 -42.21 -31.80
C ARG D 615 25.58 -41.29 -30.62
N GLU D 616 25.14 -41.69 -29.43
CA GLU D 616 25.41 -40.97 -28.21
C GLU D 616 24.87 -41.78 -27.04
N SER D 617 25.46 -41.57 -25.86
CA SER D 617 25.06 -42.35 -24.70
C SER D 617 23.59 -42.14 -24.36
N GLY D 618 23.06 -40.95 -24.62
CA GLY D 618 21.65 -40.69 -24.39
C GLY D 618 20.78 -41.50 -25.32
N VAL D 619 19.48 -41.31 -25.17
CA VAL D 619 18.49 -42.06 -25.95
C VAL D 619 17.46 -41.10 -26.54
N ARG D 620 17.52 -39.82 -26.17
CA ARG D 620 16.52 -38.86 -26.65
C ARG D 620 16.56 -38.74 -28.17
N ASN D 621 17.76 -38.71 -28.75
CA ASN D 621 17.85 -38.55 -30.20
C ASN D 621 17.17 -39.70 -30.92
N LEU D 622 17.29 -40.92 -30.39
CA LEU D 622 16.54 -42.04 -30.95
C LEU D 622 15.04 -41.80 -30.85
N GLN D 623 14.59 -41.20 -29.75
CA GLN D 623 13.18 -40.84 -29.64
C GLN D 623 12.78 -39.86 -30.73
N LYS D 624 13.64 -38.88 -31.00
CA LYS D 624 13.35 -37.92 -32.06
C LYS D 624 13.23 -38.61 -33.40
N GLN D 625 14.16 -39.52 -33.71
CA GLN D 625 14.13 -40.21 -35.00
C GLN D 625 12.88 -41.08 -35.14
N VAL D 626 12.55 -41.83 -34.08
CA VAL D 626 11.38 -42.71 -34.15
C VAL D 626 10.11 -41.87 -34.28
N GLU D 627 10.04 -40.75 -33.55
CA GLU D 627 8.89 -39.87 -33.69
C GLU D 627 8.78 -39.30 -35.09
N LYS D 628 9.92 -38.94 -35.69
CA LYS D 628 9.91 -38.42 -37.06
C LYS D 628 9.36 -39.45 -38.04
N VAL D 629 9.87 -40.69 -37.95
CA VAL D 629 9.40 -41.71 -38.89
C VAL D 629 7.93 -42.02 -38.65
N LEU D 630 7.50 -42.05 -37.40
CA LEU D 630 6.09 -42.29 -37.11
C LEU D 630 5.22 -41.18 -37.67
N ARG D 631 5.65 -39.92 -37.53
CA ARG D 631 4.88 -38.81 -38.07
C ARG D 631 4.79 -38.89 -39.59
N LYS D 632 5.90 -39.23 -40.26
CA LYS D 632 5.88 -39.33 -41.71
C LYS D 632 4.97 -40.48 -42.16
N SER D 633 4.99 -41.60 -41.43
CA SER D 633 4.08 -42.69 -41.74
C SER D 633 2.63 -42.27 -41.55
N ALA D 634 2.35 -41.52 -40.48
CA ALA D 634 1.00 -41.02 -40.25
C ALA D 634 0.55 -40.12 -41.39
N TYR D 635 1.45 -39.26 -41.87
CA TYR D 635 1.13 -38.46 -43.06
C TYR D 635 0.81 -39.36 -44.24
N LYS D 636 1.67 -40.35 -44.51
CA LYS D 636 1.46 -41.21 -45.66
C LYS D 636 0.19 -42.03 -45.54
N ILE D 637 -0.33 -42.21 -44.33
CA ILE D 637 -1.57 -42.96 -44.15
C ILE D 637 -2.80 -42.06 -44.27
N VAL D 638 -2.79 -40.92 -43.57
CA VAL D 638 -3.99 -40.09 -43.48
C VAL D 638 -4.45 -39.67 -44.87
N SER D 639 -3.53 -39.12 -45.66
CA SER D 639 -3.86 -38.65 -47.00
C SER D 639 -3.22 -39.47 -48.10
N GLY D 640 -2.11 -40.16 -47.83
CA GLY D 640 -1.44 -40.95 -48.84
C GLY D 640 -2.25 -42.14 -49.28
N GLU D 641 -1.67 -42.96 -50.16
CA GLU D 641 -2.36 -44.10 -50.75
C GLU D 641 -2.39 -45.33 -49.85
N ALA D 642 -1.32 -45.58 -49.08
CA ALA D 642 -1.23 -46.79 -48.29
C ALA D 642 -1.93 -46.62 -46.96
N GLU D 643 -2.91 -47.49 -46.68
CA GLU D 643 -3.58 -47.48 -45.39
C GLU D 643 -2.66 -47.91 -44.25
N SER D 644 -1.55 -48.59 -44.55
CA SER D 644 -0.59 -48.99 -43.55
C SER D 644 0.81 -48.81 -44.10
N VAL D 645 1.76 -48.54 -43.20
CA VAL D 645 3.15 -48.33 -43.57
C VAL D 645 3.98 -49.48 -43.04
N GLU D 646 4.77 -50.09 -43.93
CA GLU D 646 5.65 -51.21 -43.61
C GLU D 646 7.07 -50.72 -43.79
N VAL D 647 7.72 -50.37 -42.68
CA VAL D 647 9.04 -49.74 -42.73
C VAL D 647 10.10 -50.81 -42.93
N THR D 648 10.94 -50.61 -43.93
CA THR D 648 12.09 -51.45 -44.22
C THR D 648 13.30 -50.55 -44.43
N PRO D 649 14.52 -51.08 -44.26
CA PRO D 649 15.70 -50.21 -44.40
C PRO D 649 15.75 -49.48 -45.73
N GLU D 650 15.37 -50.15 -46.82
CA GLU D 650 15.38 -49.50 -48.13
C GLU D 650 14.50 -48.27 -48.14
N ASN D 651 13.31 -48.36 -47.53
CA ASN D 651 12.45 -47.20 -47.45
C ASN D 651 13.02 -46.13 -46.53
N LEU D 652 13.77 -46.56 -45.51
CA LEU D 652 14.15 -45.64 -44.44
C LEU D 652 14.81 -44.37 -44.99
N GLN D 653 15.57 -44.51 -46.08
CA GLN D 653 16.30 -43.38 -46.63
C GLN D 653 15.39 -42.17 -46.84
N ASP D 654 14.17 -42.39 -47.31
CA ASP D 654 13.27 -41.26 -47.55
C ASP D 654 12.72 -40.70 -46.25
N PHE D 655 12.34 -41.60 -45.32
CA PHE D 655 11.67 -41.17 -44.10
C PHE D 655 12.57 -40.29 -43.24
N VAL D 656 13.67 -40.85 -42.74
CA VAL D 656 14.55 -40.10 -41.86
C VAL D 656 15.64 -39.35 -42.62
N GLY D 657 15.83 -39.66 -43.89
CA GLY D 657 16.91 -39.07 -44.67
C GLY D 657 18.13 -39.96 -44.68
N LYS D 658 19.24 -39.35 -45.12
CA LYS D 658 20.49 -40.09 -45.23
C LYS D 658 21.10 -40.30 -43.85
N PRO D 659 21.97 -41.32 -43.70
CA PRO D 659 22.57 -41.60 -42.39
C PRO D 659 23.61 -40.56 -42.01
N VAL D 660 23.28 -39.73 -41.02
CA VAL D 660 24.09 -38.56 -40.71
C VAL D 660 25.52 -38.96 -40.39
N PHE D 661 25.71 -40.11 -39.76
CA PHE D 661 27.03 -40.56 -39.33
C PHE D 661 27.50 -41.66 -40.29
N THR D 662 28.55 -41.34 -41.06
CA THR D 662 29.03 -42.27 -42.08
C THR D 662 30.17 -43.14 -41.55
N VAL D 663 31.17 -42.51 -40.94
CA VAL D 663 32.38 -43.19 -40.51
C VAL D 663 32.26 -43.55 -39.04
N GLU D 664 32.67 -44.77 -38.70
CA GLU D 664 32.60 -45.22 -37.32
C GLU D 664 33.49 -44.38 -36.41
N ARG D 665 34.69 -44.05 -36.87
CA ARG D 665 35.66 -43.31 -36.07
C ARG D 665 36.29 -42.21 -36.91
N MET D 666 36.99 -41.31 -36.23
CA MET D 666 37.72 -40.24 -36.91
C MET D 666 38.75 -40.82 -37.87
N TYR D 667 39.53 -41.79 -37.40
CA TYR D 667 40.55 -42.46 -38.21
C TYR D 667 40.28 -43.96 -38.26
N ASP D 668 40.77 -44.59 -39.33
CA ASP D 668 40.68 -46.03 -39.48
C ASP D 668 41.99 -46.79 -39.60
N VAL D 669 43.13 -46.10 -39.69
CA VAL D 669 44.43 -46.74 -39.73
C VAL D 669 45.41 -46.17 -38.72
N THR D 670 45.06 -45.06 -38.05
CA THR D 670 45.91 -44.44 -37.04
C THR D 670 47.34 -44.27 -37.55
N PRO D 671 47.57 -43.32 -38.44
CA PRO D 671 48.94 -43.08 -38.93
C PRO D 671 49.87 -42.75 -37.78
N PRO D 672 51.17 -42.68 -38.03
CA PRO D 672 52.12 -42.46 -36.92
C PRO D 672 51.86 -41.12 -36.24
N GLY D 673 52.05 -41.10 -34.93
CA GLY D 673 51.84 -39.91 -34.14
C GLY D 673 50.43 -39.68 -33.66
N VAL D 674 49.52 -40.64 -33.86
CA VAL D 674 48.14 -40.52 -33.40
C VAL D 674 47.78 -41.77 -32.63
N VAL D 675 46.79 -41.64 -31.74
CA VAL D 675 46.25 -42.80 -31.03
C VAL D 675 44.93 -42.38 -30.40
N MET D 676 43.97 -43.31 -30.39
CA MET D 676 42.69 -43.08 -29.76
C MET D 676 42.83 -43.15 -28.24
N GLY D 677 41.79 -42.69 -27.54
CA GLY D 677 41.77 -42.77 -26.10
C GLY D 677 40.38 -42.54 -25.55
N LEU D 678 39.96 -43.40 -24.63
CA LEU D 678 38.64 -43.26 -24.04
C LEU D 678 38.63 -42.15 -23.01
N ALA D 679 37.60 -41.32 -23.05
CA ALA D 679 37.46 -40.19 -22.14
C ALA D 679 36.05 -40.15 -21.59
N TRP D 680 35.94 -39.98 -20.27
CA TRP D 680 34.65 -39.85 -19.60
C TRP D 680 34.22 -38.38 -19.68
N THR D 681 33.73 -38.00 -20.86
CA THR D 681 33.31 -36.63 -21.07
C THR D 681 32.13 -36.27 -20.16
N ALA D 682 31.77 -34.99 -20.17
CA ALA D 682 30.71 -34.51 -19.30
C ALA D 682 29.41 -35.25 -19.54
N MET D 683 29.18 -35.71 -20.77
CA MET D 683 27.97 -36.46 -21.12
C MET D 683 28.38 -37.74 -21.82
N GLY D 684 28.24 -38.87 -21.13
CA GLY D 684 28.66 -40.13 -21.69
C GLY D 684 30.17 -40.24 -21.81
N GLY D 685 30.58 -41.20 -22.64
CA GLY D 685 31.98 -41.39 -22.93
C GLY D 685 32.25 -41.20 -24.41
N SER D 686 33.49 -40.82 -24.73
CA SER D 686 33.88 -40.55 -26.10
C SER D 686 35.24 -41.17 -26.38
N THR D 687 35.50 -41.40 -27.67
CA THR D 687 36.80 -41.91 -28.12
C THR D 687 37.57 -40.74 -28.73
N LEU D 688 38.22 -39.97 -27.87
CA LEU D 688 38.95 -38.79 -28.33
C LEU D 688 40.30 -39.21 -28.89
N PHE D 689 40.65 -38.66 -30.05
CA PHE D 689 41.88 -39.03 -30.74
C PHE D 689 42.98 -38.06 -30.33
N VAL D 690 43.86 -38.49 -29.43
CA VAL D 690 45.04 -37.70 -29.12
C VAL D 690 46.04 -37.87 -30.24
N GLU D 691 46.76 -36.81 -30.58
CA GLU D 691 47.66 -36.88 -31.72
C GLU D 691 48.86 -35.98 -31.47
N THR D 692 49.95 -36.25 -32.17
CA THR D 692 51.13 -35.42 -32.09
C THR D 692 51.84 -35.41 -33.43
N SER D 693 52.62 -34.36 -33.66
CA SER D 693 53.39 -34.24 -34.90
C SER D 693 54.50 -33.21 -34.72
N LEU D 694 55.53 -33.34 -35.53
CA LEU D 694 56.60 -32.35 -35.56
C LEU D 694 56.06 -31.03 -36.08
N ARG D 695 56.50 -29.93 -35.46
CA ARG D 695 56.04 -28.60 -35.84
C ARG D 695 57.17 -27.63 -36.09
N ARG D 696 58.42 -28.08 -36.10
CA ARG D 696 59.56 -27.23 -36.42
C ARG D 696 60.78 -28.11 -36.61
N PRO D 697 61.65 -27.85 -37.59
CA PRO D 697 62.65 -28.85 -37.96
C PRO D 697 63.57 -29.22 -36.81
N GLN D 698 63.84 -30.52 -36.71
CA GLN D 698 64.76 -31.04 -35.69
C GLN D 698 66.19 -30.56 -35.92
N ASP D 699 66.49 -30.05 -37.10
CA ASP D 699 67.85 -29.71 -37.50
C ASP D 699 68.12 -28.21 -37.47
N LYS D 700 67.65 -27.51 -36.43
CA LYS D 700 68.04 -26.12 -36.23
C LYS D 700 69.55 -25.99 -36.39
N ASP D 701 70.28 -26.95 -35.83
CA ASP D 701 71.71 -27.08 -36.05
C ASP D 701 72.09 -28.52 -35.78
N ALA D 702 72.95 -29.07 -36.65
CA ALA D 702 73.34 -30.47 -36.50
C ALA D 702 73.96 -30.72 -35.14
N LYS D 703 74.58 -29.70 -34.55
CA LYS D 703 75.22 -29.83 -33.25
C LYS D 703 74.36 -29.26 -32.11
N GLY D 704 73.33 -28.48 -32.42
CA GLY D 704 72.52 -27.86 -31.40
C GLY D 704 71.95 -28.85 -30.40
N ASP D 705 72.12 -28.58 -29.12
CA ASP D 705 71.67 -29.45 -28.05
C ASP D 705 70.38 -28.95 -27.40
N LYS D 706 69.71 -27.97 -27.99
CA LYS D 706 68.49 -27.44 -27.41
C LYS D 706 67.44 -28.53 -27.28
N ASP D 707 66.75 -28.55 -26.14
CA ASP D 707 65.76 -29.57 -25.89
C ASP D 707 64.53 -29.36 -26.78
N GLY D 708 63.77 -30.43 -26.95
CA GLY D 708 62.57 -30.39 -27.77
C GLY D 708 61.37 -29.85 -27.02
N SER D 709 61.32 -28.53 -26.86
CA SER D 709 60.21 -27.90 -26.14
C SER D 709 58.88 -28.32 -26.74
N LEU D 710 57.93 -28.65 -25.88
CA LEU D 710 56.63 -29.16 -26.30
C LEU D 710 55.55 -28.09 -26.11
N GLU D 711 54.67 -28.00 -27.08
CA GLU D 711 53.52 -27.09 -27.04
C GLU D 711 52.26 -27.92 -26.93
N VAL D 712 51.43 -27.63 -25.94
CA VAL D 712 50.19 -28.34 -25.69
C VAL D 712 49.02 -27.42 -25.97
N THR D 713 48.07 -27.91 -26.77
CA THR D 713 46.88 -27.15 -27.13
C THR D 713 45.65 -27.94 -26.69
N GLY D 714 44.48 -27.44 -27.06
CA GLY D 714 43.23 -28.04 -26.65
C GLY D 714 42.75 -27.52 -25.31
N GLN D 715 42.71 -26.20 -25.18
CA GLN D 715 42.29 -25.53 -23.95
C GLN D 715 42.95 -26.18 -22.74
N LEU D 716 44.28 -26.11 -22.72
CA LEU D 716 45.06 -26.72 -21.66
C LEU D 716 44.65 -26.18 -20.30
N GLY D 717 44.50 -27.08 -19.34
CA GLY D 717 44.36 -26.73 -17.95
C GLY D 717 45.69 -26.89 -17.23
N GLU D 718 45.86 -26.13 -16.16
CA GLU D 718 47.11 -26.20 -15.40
C GLU D 718 47.45 -27.63 -15.00
N VAL D 719 46.47 -28.37 -14.48
CA VAL D 719 46.69 -29.78 -14.17
C VAL D 719 46.99 -30.54 -15.44
N MET D 720 46.26 -30.25 -16.52
CA MET D 720 46.56 -30.89 -17.80
C MET D 720 47.95 -30.53 -18.30
N LYS D 721 48.36 -29.28 -18.15
CA LYS D 721 49.71 -28.89 -18.59
C LYS D 721 50.77 -29.67 -17.82
N GLU D 722 50.60 -29.77 -16.50
CA GLU D 722 51.58 -30.49 -15.69
C GLU D 722 51.59 -31.97 -16.01
N SER D 723 50.41 -32.57 -16.23
CA SER D 723 50.35 -33.97 -16.60
C SER D 723 51.02 -34.20 -17.95
N ALA D 724 50.81 -33.30 -18.90
CA ALA D 724 51.46 -33.42 -20.20
C ALA D 724 52.97 -33.32 -20.06
N ARG D 725 53.45 -32.41 -19.21
CA ARG D 725 54.90 -32.32 -18.99
C ARG D 725 55.44 -33.60 -18.37
N ILE D 726 54.71 -34.16 -17.40
CA ILE D 726 55.13 -35.43 -16.80
C ILE D 726 55.21 -36.52 -17.85
N ALA D 727 54.20 -36.60 -18.71
CA ALA D 727 54.19 -37.61 -19.76
C ALA D 727 55.35 -37.40 -20.72
N TYR D 728 55.64 -36.15 -21.06
CA TYR D 728 56.76 -35.85 -21.96
C TYR D 728 58.08 -36.33 -21.35
N THR D 729 58.30 -36.01 -20.08
CA THR D 729 59.54 -36.44 -19.42
C THR D 729 59.63 -37.96 -19.35
N PHE D 730 58.52 -38.62 -19.02
CA PHE D 730 58.54 -40.07 -18.94
C PHE D 730 58.80 -40.70 -20.31
N ALA D 731 58.21 -40.14 -21.35
CA ALA D 731 58.45 -40.65 -22.69
C ALA D 731 59.91 -40.49 -23.09
N ARG D 732 60.50 -39.34 -22.77
CA ARG D 732 61.92 -39.16 -23.04
C ARG D 732 62.75 -40.20 -22.31
N ALA D 733 62.46 -40.43 -21.03
CA ALA D 733 63.23 -41.40 -20.26
C ALA D 733 63.05 -42.81 -20.81
N PHE D 734 61.83 -43.16 -21.19
CA PHE D 734 61.56 -44.51 -21.72
C PHE D 734 62.29 -44.72 -23.03
N LEU D 735 62.25 -43.73 -23.92
CA LEU D 735 62.97 -43.85 -25.19
C LEU D 735 64.47 -43.95 -24.94
N MET D 736 64.97 -43.21 -23.96
CA MET D 736 66.36 -43.34 -23.56
C MET D 736 66.68 -44.78 -23.18
N GLN D 737 65.87 -45.35 -22.27
CA GLN D 737 66.16 -46.69 -21.76
C GLN D 737 66.08 -47.73 -22.87
N HIS D 738 65.07 -47.63 -23.74
CA HIS D 738 64.89 -48.64 -24.77
C HIS D 738 65.91 -48.50 -25.89
N ALA D 739 65.91 -47.36 -26.56
CA ALA D 739 66.79 -47.12 -27.71
C ALA D 739 67.53 -45.80 -27.50
N PRO D 740 68.68 -45.83 -26.82
CA PRO D 740 69.45 -44.60 -26.64
C PRO D 740 69.92 -44.00 -27.97
N ALA D 741 70.00 -44.82 -29.03
CA ALA D 741 70.44 -44.30 -30.32
C ALA D 741 69.51 -43.20 -30.82
N ASN D 742 68.20 -43.41 -30.69
CA ASN D 742 67.24 -42.40 -31.12
C ASN D 742 67.23 -41.23 -30.15
N ASP D 743 67.29 -40.02 -30.70
CA ASP D 743 67.16 -38.80 -29.91
C ASP D 743 66.14 -37.83 -30.50
N TYR D 744 65.31 -38.27 -31.44
CA TYR D 744 64.30 -37.41 -32.03
C TYR D 744 63.46 -36.73 -30.95
N LEU D 745 62.79 -37.52 -30.12
CA LEU D 745 62.00 -36.95 -29.03
C LEU D 745 62.86 -36.16 -28.06
N VAL D 746 64.15 -36.48 -27.94
CA VAL D 746 65.02 -35.76 -27.03
C VAL D 746 65.19 -34.32 -27.49
N THR D 747 65.49 -34.11 -28.77
CA THR D 747 65.73 -32.79 -29.34
C THR D 747 64.87 -32.64 -30.59
N SER D 748 63.64 -32.17 -30.40
CA SER D 748 62.74 -31.84 -31.49
C SER D 748 61.47 -31.24 -30.91
N HIS D 749 61.02 -30.13 -31.50
CA HIS D 749 59.84 -29.44 -31.01
C HIS D 749 58.60 -30.10 -31.58
N ILE D 750 57.76 -30.65 -30.70
CA ILE D 750 56.61 -31.47 -31.07
C ILE D 750 55.35 -30.79 -30.58
N HIS D 751 54.34 -30.71 -31.44
CA HIS D 751 53.02 -30.21 -31.06
C HIS D 751 52.05 -31.38 -30.91
N LEU D 752 51.32 -31.41 -29.81
CA LEU D 752 50.32 -32.44 -29.57
C LEU D 752 48.97 -31.79 -29.36
N HIS D 753 47.93 -32.46 -29.85
CA HIS D 753 46.55 -32.05 -29.66
C HIS D 753 45.82 -33.13 -28.90
N VAL D 754 45.20 -32.75 -27.79
CA VAL D 754 44.34 -33.63 -26.99
C VAL D 754 42.94 -33.06 -27.04
N PRO D 755 42.02 -33.62 -27.82
CA PRO D 755 40.69 -33.02 -27.95
C PRO D 755 40.00 -32.88 -26.60
N GLU D 756 39.30 -31.76 -26.42
CA GLU D 756 38.62 -31.48 -25.18
C GLU D 756 37.27 -32.20 -25.14
N GLY D 757 36.63 -32.13 -23.98
CA GLY D 757 35.38 -32.82 -23.73
C GLY D 757 35.44 -33.58 -22.43
N ALA D 758 36.61 -34.09 -22.09
CA ALA D 758 36.81 -34.75 -20.80
C ALA D 758 36.65 -33.75 -19.67
N THR D 759 35.91 -34.12 -18.65
CA THR D 759 35.78 -33.27 -17.48
C THR D 759 37.14 -33.10 -16.82
N PRO D 760 37.38 -31.99 -16.12
CA PRO D 760 38.70 -31.82 -15.50
C PRO D 760 39.12 -32.98 -14.62
N LYS D 761 38.19 -33.56 -13.86
CA LYS D 761 38.56 -34.60 -12.90
C LYS D 761 39.23 -35.78 -13.60
N ASP D 762 38.63 -36.26 -14.69
CA ASP D 762 39.21 -37.36 -15.45
C ASP D 762 40.18 -36.87 -16.51
N GLY D 763 40.43 -35.56 -16.60
CA GLY D 763 41.28 -35.01 -17.62
C GLY D 763 42.63 -35.71 -17.68
N PRO D 764 43.27 -35.91 -16.53
CA PRO D 764 44.57 -36.60 -16.53
C PRO D 764 44.52 -38.01 -17.08
N SER D 765 43.34 -38.63 -17.14
CA SER D 765 43.25 -40.03 -17.55
C SER D 765 43.85 -40.26 -18.93
N ALA D 766 43.72 -39.29 -19.84
CA ALA D 766 44.24 -39.45 -21.20
C ALA D 766 45.77 -39.43 -21.25
N GLY D 767 46.43 -39.05 -20.16
CA GLY D 767 47.88 -38.84 -20.21
C GLY D 767 48.62 -40.06 -20.73
N CYS D 768 48.23 -41.25 -20.30
CA CYS D 768 48.89 -42.46 -20.78
C CYS D 768 48.94 -42.47 -22.30
N THR D 769 47.80 -42.24 -22.95
CA THR D 769 47.78 -42.19 -24.41
C THR D 769 48.85 -41.24 -24.93
N ILE D 770 48.88 -40.03 -24.38
CA ILE D 770 49.84 -39.01 -24.81
C ILE D 770 51.20 -39.68 -24.93
N VAL D 771 51.62 -40.36 -23.85
CA VAL D 771 52.96 -40.96 -23.83
C VAL D 771 53.18 -41.77 -25.10
N THR D 772 52.34 -42.81 -25.29
CA THR D 772 52.57 -43.69 -26.43
C THR D 772 52.57 -42.90 -27.73
N ALA D 773 51.66 -41.93 -27.84
CA ALA D 773 51.62 -41.09 -29.03
C ALA D 773 53.03 -40.57 -29.33
N LEU D 774 53.61 -39.85 -28.38
CA LEU D 774 54.96 -39.34 -28.57
C LEU D 774 55.90 -40.47 -28.97
N LEU D 775 55.86 -41.57 -28.23
CA LEU D 775 56.73 -42.70 -28.54
C LEU D 775 56.52 -43.15 -29.97
N SER D 776 55.25 -43.30 -30.38
CA SER D 776 54.97 -43.64 -31.77
C SER D 776 55.63 -42.62 -32.70
N LEU D 777 55.37 -41.34 -32.46
CA LEU D 777 55.97 -40.30 -33.27
C LEU D 777 57.49 -40.35 -33.20
N ALA D 778 58.04 -40.82 -32.08
CA ALA D 778 59.48 -40.95 -31.96
C ALA D 778 60.02 -41.98 -32.95
N MET D 779 59.29 -43.09 -33.13
CA MET D 779 59.71 -44.16 -34.02
C MET D 779 58.96 -44.18 -35.34
N GLY D 780 57.89 -43.40 -35.47
CA GLY D 780 57.11 -43.39 -36.69
C GLY D 780 56.34 -44.66 -36.94
N ARG D 781 56.30 -45.58 -35.99
CA ARG D 781 55.55 -46.81 -36.16
C ARG D 781 54.08 -46.57 -35.77
N PRO D 782 53.13 -46.79 -36.67
CA PRO D 782 51.72 -46.63 -36.26
C PRO D 782 51.36 -47.59 -35.15
N VAL D 783 50.56 -47.10 -34.20
CA VAL D 783 50.09 -47.97 -33.13
C VAL D 783 49.21 -49.06 -33.73
N ARG D 784 49.19 -50.22 -33.06
CA ARG D 784 48.39 -51.33 -33.57
C ARG D 784 46.94 -50.90 -33.71
N GLN D 785 46.33 -51.26 -34.84
CA GLN D 785 45.02 -50.71 -35.18
C GLN D 785 43.99 -51.05 -34.12
N ASN D 786 43.02 -50.14 -33.98
CA ASN D 786 41.91 -50.29 -33.03
C ASN D 786 42.40 -50.81 -31.68
N LEU D 787 43.24 -49.98 -31.05
CA LEU D 787 43.76 -50.25 -29.71
C LEU D 787 43.47 -49.03 -28.83
N ALA D 788 42.42 -49.11 -28.02
CA ALA D 788 42.08 -48.05 -27.08
C ALA D 788 42.79 -48.28 -25.76
N MET D 789 43.09 -47.19 -25.07
CA MET D 789 43.82 -47.27 -23.81
C MET D 789 43.55 -46.00 -23.00
N THR D 790 43.90 -46.07 -21.71
CA THR D 790 43.78 -44.94 -20.81
C THR D 790 44.46 -45.31 -19.49
N GLY D 791 44.97 -44.30 -18.81
CA GLY D 791 45.62 -44.51 -17.54
C GLY D 791 46.34 -43.25 -17.08
N GLU D 792 46.94 -43.37 -15.90
CA GLU D 792 47.66 -42.26 -15.28
C GLU D 792 49.09 -42.69 -15.03
N VAL D 793 50.04 -42.01 -15.66
CA VAL D 793 51.46 -42.28 -15.47
C VAL D 793 51.98 -41.36 -14.39
N SER D 794 52.96 -41.85 -13.62
CA SER D 794 53.50 -41.14 -12.47
C SER D 794 54.99 -40.92 -12.61
N LEU D 795 55.44 -40.51 -13.80
CA LEU D 795 56.82 -40.16 -14.10
C LEU D 795 57.75 -41.37 -14.09
N THR D 796 57.23 -42.58 -13.81
CA THR D 796 58.07 -43.77 -13.80
C THR D 796 57.42 -44.95 -14.50
N GLY D 797 56.19 -44.82 -14.99
CA GLY D 797 55.52 -45.90 -15.69
C GLY D 797 54.49 -46.65 -14.88
N LYS D 798 54.47 -46.48 -13.56
CA LYS D 798 53.51 -47.18 -12.70
C LYS D 798 52.15 -46.54 -12.91
N ILE D 799 51.32 -47.16 -13.74
CA ILE D 799 50.02 -46.60 -14.06
C ILE D 799 49.15 -46.60 -12.81
N LEU D 800 48.20 -45.67 -12.77
CA LEU D 800 47.29 -45.48 -11.65
C LEU D 800 45.86 -45.63 -12.11
N PRO D 801 44.94 -45.92 -11.19
CA PRO D 801 43.54 -46.13 -11.58
C PRO D 801 42.88 -44.86 -12.07
N VAL D 802 41.80 -45.04 -12.85
CA VAL D 802 41.01 -43.94 -13.37
C VAL D 802 39.54 -44.24 -13.09
N GLY D 803 38.74 -43.17 -13.05
CA GLY D 803 37.32 -43.27 -12.80
C GLY D 803 36.50 -43.32 -14.08
N GLY D 804 35.20 -43.55 -13.89
CA GLY D 804 34.29 -43.63 -15.02
C GLY D 804 34.65 -44.72 -16.01
N ILE D 805 35.02 -45.89 -15.50
CA ILE D 805 35.49 -46.96 -16.37
C ILE D 805 34.36 -47.47 -17.25
N LYS D 806 33.14 -47.54 -16.70
CA LYS D 806 32.02 -48.09 -17.45
C LYS D 806 31.68 -47.22 -18.65
N GLU D 807 31.67 -45.91 -18.47
CA GLU D 807 31.35 -45.01 -19.59
C GLU D 807 32.38 -45.14 -20.70
N LYS D 808 33.67 -45.18 -20.34
CA LYS D 808 34.71 -45.35 -21.35
C LYS D 808 34.57 -46.69 -22.04
N THR D 809 34.22 -47.74 -21.29
CA THR D 809 34.05 -49.06 -21.89
C THR D 809 32.92 -49.07 -22.92
N ILE D 810 31.78 -48.47 -22.57
CA ILE D 810 30.65 -48.46 -23.49
C ILE D 810 30.99 -47.61 -24.72
N ALA D 811 31.68 -46.48 -24.52
CA ALA D 811 32.07 -45.67 -25.66
C ALA D 811 33.03 -46.43 -26.58
N ALA D 812 33.97 -47.16 -25.99
CA ALA D 812 34.89 -47.97 -26.80
C ALA D 812 34.13 -49.04 -27.57
N LYS D 813 33.17 -49.71 -26.93
CA LYS D 813 32.38 -50.71 -27.62
C LYS D 813 31.62 -50.08 -28.79
N ARG D 814 31.05 -48.90 -28.58
CA ARG D 814 30.35 -48.21 -29.66
C ARG D 814 31.32 -47.90 -30.81
N ALA D 815 32.52 -47.44 -30.49
CA ALA D 815 33.50 -47.11 -31.52
C ALA D 815 34.00 -48.33 -32.27
N GLY D 816 33.74 -49.54 -31.76
CA GLY D 816 34.14 -50.76 -32.44
C GLY D 816 35.54 -51.24 -32.12
N VAL D 817 36.30 -50.49 -31.30
CA VAL D 817 37.64 -50.94 -30.95
C VAL D 817 37.56 -52.29 -30.23
N THR D 818 38.59 -53.10 -30.42
CA THR D 818 38.61 -54.46 -29.90
C THR D 818 39.48 -54.63 -28.65
N CYS D 819 40.55 -53.87 -28.52
CA CYS D 819 41.49 -54.03 -27.40
C CYS D 819 41.41 -52.80 -26.52
N ILE D 820 41.17 -53.01 -25.24
CA ILE D 820 41.10 -51.94 -24.25
C ILE D 820 42.16 -52.20 -23.18
N VAL D 821 43.03 -51.22 -22.96
CA VAL D 821 44.14 -51.33 -22.02
C VAL D 821 43.87 -50.40 -20.86
N LEU D 822 43.71 -50.96 -19.67
CA LEU D 822 43.31 -50.24 -18.47
C LEU D 822 44.27 -50.55 -17.34
N PRO D 823 44.34 -49.69 -16.32
CA PRO D 823 45.21 -49.98 -15.18
C PRO D 823 44.77 -51.24 -14.46
N ALA D 824 45.74 -51.97 -13.90
CA ALA D 824 45.43 -53.20 -13.20
C ALA D 824 44.52 -52.94 -12.01
N GLU D 825 44.70 -51.79 -11.34
CA GLU D 825 43.86 -51.46 -10.19
C GLU D 825 42.39 -51.46 -10.57
N ASN D 826 42.06 -50.86 -11.71
CA ASN D 826 40.67 -50.79 -12.15
C ASN D 826 40.14 -52.13 -12.68
N LYS D 827 41.00 -53.14 -12.79
CA LYS D 827 40.60 -54.43 -13.35
C LYS D 827 39.27 -54.90 -12.77
N LYS D 828 39.22 -55.07 -11.45
CA LYS D 828 38.01 -55.58 -10.81
C LYS D 828 36.79 -54.76 -11.22
N ASP D 829 36.94 -53.44 -11.30
CA ASP D 829 35.79 -52.60 -11.63
C ASP D 829 35.24 -52.94 -13.00
N PHE D 830 36.12 -53.22 -13.97
CA PHE D 830 35.66 -53.57 -15.30
C PHE D 830 34.86 -54.87 -15.28
N TYR D 831 35.11 -55.73 -14.29
CA TYR D 831 34.39 -57.00 -14.20
C TYR D 831 32.99 -56.83 -13.61
N ASP D 832 32.73 -55.72 -12.91
CA ASP D 832 31.37 -55.46 -12.44
C ASP D 832 30.41 -55.20 -13.60
N LEU D 833 30.94 -54.83 -14.77
CA LEU D 833 30.08 -54.56 -15.92
C LEU D 833 29.27 -55.80 -16.27
N ALA D 834 28.00 -55.58 -16.66
CA ALA D 834 27.16 -56.67 -17.12
C ALA D 834 27.90 -57.47 -18.19
N ALA D 835 27.59 -58.76 -18.26
CA ALA D 835 28.31 -59.63 -19.18
C ALA D 835 28.18 -59.14 -20.61
N PHE D 836 26.96 -58.84 -21.06
CA PHE D 836 26.70 -58.60 -22.47
C PHE D 836 27.43 -57.39 -23.02
N ILE D 837 27.95 -56.51 -22.15
CA ILE D 837 28.67 -55.34 -22.65
C ILE D 837 30.14 -55.63 -22.94
N THR D 838 30.68 -56.72 -22.40
CA THR D 838 32.11 -56.99 -22.50
C THR D 838 32.48 -57.97 -23.61
N GLU D 839 31.52 -58.38 -24.44
CA GLU D 839 31.83 -59.34 -25.49
C GLU D 839 32.60 -58.68 -26.63
N GLY D 840 33.45 -59.48 -27.28
CA GLY D 840 34.13 -59.05 -28.48
C GLY D 840 35.35 -58.18 -28.27
N LEU D 841 35.76 -57.94 -27.03
CA LEU D 841 36.92 -57.12 -26.74
C LEU D 841 37.94 -57.90 -25.92
N GLU D 842 39.21 -57.72 -26.26
CA GLU D 842 40.32 -58.35 -25.53
C GLU D 842 40.84 -57.36 -24.50
N VAL D 843 40.19 -57.33 -23.35
CA VAL D 843 40.59 -56.41 -22.29
C VAL D 843 42.02 -56.71 -21.86
N HIS D 844 42.72 -55.67 -21.42
CA HIS D 844 44.09 -55.79 -20.93
C HIS D 844 44.22 -55.02 -19.63
N PHE D 845 44.97 -55.60 -18.68
CA PHE D 845 45.21 -54.97 -17.39
C PHE D 845 46.71 -54.85 -17.19
N VAL D 846 47.15 -53.69 -16.70
CA VAL D 846 48.56 -53.37 -16.57
C VAL D 846 48.74 -52.38 -15.42
N GLU D 847 49.95 -52.37 -14.87
CA GLU D 847 50.32 -51.41 -13.83
C GLU D 847 51.58 -50.64 -14.17
N HIS D 848 52.53 -51.26 -14.84
CA HIS D 848 53.76 -50.61 -15.28
C HIS D 848 53.64 -50.35 -16.78
N TYR D 849 53.94 -49.12 -17.20
CA TYR D 849 53.72 -48.75 -18.60
C TYR D 849 54.55 -49.62 -19.53
N ARG D 850 55.61 -50.24 -19.02
CA ARG D 850 56.43 -51.13 -19.86
C ARG D 850 55.55 -52.12 -20.61
N GLU D 851 54.64 -52.78 -19.89
CA GLU D 851 53.78 -53.78 -20.51
C GLU D 851 53.04 -53.17 -21.70
N ILE D 852 52.52 -51.95 -21.56
CA ILE D 852 51.80 -51.32 -22.65
C ILE D 852 52.68 -51.21 -23.88
N PHE D 853 53.95 -50.82 -23.69
CA PHE D 853 54.83 -50.67 -24.84
C PHE D 853 55.04 -52.00 -25.55
N ASP D 854 54.87 -53.12 -24.84
CA ASP D 854 55.02 -54.43 -25.45
C ASP D 854 53.75 -54.90 -26.15
N ILE D 855 52.63 -54.22 -25.95
CA ILE D 855 51.37 -54.57 -26.58
C ILE D 855 51.07 -53.68 -27.78
N ALA D 856 51.27 -52.36 -27.62
CA ALA D 856 51.00 -51.44 -28.71
C ALA D 856 51.95 -51.67 -29.88
N PHE D 857 53.22 -51.96 -29.59
CA PHE D 857 54.28 -52.07 -30.59
C PHE D 857 54.91 -53.45 -30.49
N PRO D 858 54.33 -54.47 -31.16
CA PRO D 858 54.91 -55.82 -31.12
C PRO D 858 56.21 -55.92 -31.90
N HIS E 33 -89.13 22.00 51.77
CA HIS E 33 -88.50 22.23 53.10
C HIS E 33 -87.06 21.74 53.12
N LEU E 34 -86.12 22.69 53.00
CA LEU E 34 -84.70 22.38 53.03
C LEU E 34 -83.95 23.63 53.47
N PRO E 35 -82.74 23.47 54.01
CA PRO E 35 -81.95 24.64 54.38
C PRO E 35 -81.44 25.39 53.16
N LEU E 36 -81.14 26.66 53.35
CA LEU E 36 -80.66 27.49 52.26
C LEU E 36 -79.31 27.00 51.76
N ILE E 37 -79.11 27.05 50.45
CA ILE E 37 -77.89 26.59 49.81
C ILE E 37 -76.88 27.73 49.81
N ALA E 38 -75.61 27.39 50.01
CA ALA E 38 -74.53 28.37 50.10
C ALA E 38 -73.98 28.63 48.71
N ILE E 39 -74.21 29.83 48.18
CA ILE E 39 -73.68 30.19 46.87
C ILE E 39 -72.15 30.28 46.92
N THR E 40 -71.63 31.01 47.91
CA THR E 40 -70.19 31.15 48.11
C THR E 40 -69.49 31.55 46.81
N ARG E 41 -70.02 32.60 46.17
CA ARG E 41 -69.43 33.17 44.96
C ARG E 41 -69.46 32.18 43.80
N ASN E 42 -70.62 31.57 43.60
CA ASN E 42 -70.86 30.66 42.47
C ASN E 42 -72.15 31.09 41.77
N PRO E 43 -72.10 32.19 41.02
CA PRO E 43 -73.31 32.68 40.35
C PRO E 43 -73.80 31.70 39.30
N VAL E 44 -75.12 31.71 39.07
CA VAL E 44 -75.74 30.83 38.10
C VAL E 44 -76.72 31.64 37.25
N PHE E 45 -76.35 31.87 35.99
CA PHE E 45 -77.22 32.63 35.10
C PHE E 45 -78.39 31.76 34.65
N PRO E 46 -79.54 32.37 34.33
CA PRO E 46 -80.65 31.59 33.81
C PRO E 46 -80.28 30.88 32.51
N ARG E 47 -80.76 29.65 32.36
CA ARG E 47 -80.52 28.85 31.16
C ARG E 47 -79.03 28.81 30.81
N PHE E 48 -78.21 28.54 31.82
CA PHE E 48 -76.77 28.44 31.63
C PHE E 48 -76.20 27.50 32.69
N ILE E 49 -75.63 26.38 32.26
CA ILE E 49 -75.10 25.40 33.18
C ILE E 49 -73.90 25.98 33.91
N LYS E 50 -73.85 25.75 35.23
CA LYS E 50 -72.74 26.21 36.05
C LYS E 50 -72.38 25.11 37.03
N ILE E 51 -71.24 25.29 37.69
CA ILE E 51 -70.69 24.31 38.63
C ILE E 51 -70.57 24.96 40.00
N ILE E 52 -71.11 24.30 41.02
CA ILE E 52 -70.98 24.73 42.40
C ILE E 52 -70.01 23.79 43.10
N GLU E 53 -68.99 24.36 43.73
CA GLU E 53 -67.97 23.62 44.46
C GLU E 53 -67.80 24.29 45.82
N VAL E 54 -68.42 23.71 46.85
CA VAL E 54 -68.38 24.25 48.20
C VAL E 54 -67.53 23.33 49.07
N LYS E 55 -66.62 23.92 49.84
CA LYS E 55 -65.75 23.12 50.69
C LYS E 55 -66.54 22.37 51.75
N ASN E 56 -67.58 23.01 52.28
CA ASN E 56 -68.32 22.44 53.41
C ASN E 56 -68.88 21.07 53.05
N LYS E 57 -68.75 20.13 53.98
CA LYS E 57 -69.29 18.79 53.83
C LYS E 57 -70.71 18.66 54.35
N LYS E 58 -71.30 19.75 54.87
CA LYS E 58 -72.67 19.70 55.35
C LYS E 58 -73.67 19.61 54.20
N LEU E 59 -73.33 20.15 53.03
CA LEU E 59 -74.20 20.03 51.88
C LEU E 59 -74.18 18.63 51.28
N VAL E 60 -73.09 17.89 51.50
CA VAL E 60 -73.02 16.52 51.00
C VAL E 60 -74.07 15.65 51.70
N GLU E 61 -74.29 15.89 52.99
CA GLU E 61 -75.32 15.15 53.71
C GLU E 61 -76.69 15.43 53.12
N LEU E 62 -76.99 16.69 52.81
CA LEU E 62 -78.26 17.03 52.18
C LEU E 62 -78.40 16.36 50.82
N LEU E 63 -77.33 16.38 50.02
CA LEU E 63 -77.39 15.75 48.70
C LEU E 63 -77.64 14.24 48.83
N ARG E 64 -76.99 13.60 49.80
CA ARG E 64 -77.24 12.19 50.04
C ARG E 64 -78.67 11.94 50.48
N ARG E 65 -79.22 12.83 51.32
CA ARG E 65 -80.57 12.64 51.84
C ARG E 65 -81.64 12.77 50.77
N LYS E 66 -81.34 13.42 49.64
CA LYS E 66 -82.33 13.60 48.59
C LYS E 66 -82.29 12.49 47.54
N VAL E 67 -81.32 11.57 47.62
CA VAL E 67 -81.31 10.44 46.70
C VAL E 67 -82.53 9.55 46.96
N ARG E 68 -82.86 9.32 48.23
CA ARG E 68 -84.04 8.54 48.55
C ARG E 68 -85.32 9.26 48.19
N LEU E 69 -85.32 10.59 48.24
CA LEU E 69 -86.52 11.35 47.92
C LEU E 69 -86.97 11.06 46.49
N ALA E 70 -88.28 10.97 46.29
CA ALA E 70 -88.82 10.57 45.00
C ALA E 70 -88.40 11.52 43.89
N GLN E 71 -88.46 12.82 44.15
CA GLN E 71 -88.13 13.84 43.15
C GLN E 71 -86.90 14.62 43.60
N PRO E 72 -85.71 14.35 43.07
CA PRO E 72 -84.53 15.16 43.44
C PRO E 72 -84.57 16.50 42.73
N TYR E 73 -84.24 17.56 43.47
CA TYR E 73 -84.29 18.92 42.94
C TYR E 73 -83.32 19.78 43.73
N VAL E 74 -83.22 21.05 43.35
CA VAL E 74 -82.36 22.00 44.05
C VAL E 74 -82.78 23.40 43.66
N GLY E 75 -82.68 24.32 44.61
CA GLY E 75 -83.02 25.72 44.39
C GLY E 75 -81.77 26.58 44.46
N VAL E 76 -81.54 27.35 43.40
CA VAL E 76 -80.39 28.24 43.30
C VAL E 76 -80.85 29.66 43.58
N PHE E 77 -80.09 30.37 44.42
CA PHE E 77 -80.39 31.73 44.82
C PHE E 77 -79.17 32.62 44.56
N LEU E 78 -79.34 33.90 44.86
CA LEU E 78 -78.25 34.87 44.79
C LEU E 78 -78.21 35.65 46.10
N LYS E 79 -77.02 35.86 46.64
CA LYS E 79 -76.87 36.59 47.89
C LYS E 79 -76.97 38.09 47.64
N ARG E 80 -76.79 38.86 48.71
CA ARG E 80 -76.67 40.30 48.62
C ARG E 80 -75.21 40.70 48.88
N ASP E 81 -74.95 42.00 48.82
CA ASP E 81 -73.60 42.49 49.04
C ASP E 81 -73.11 42.10 50.43
N ASP E 82 -71.80 42.22 50.64
CA ASP E 82 -71.16 41.85 51.90
C ASP E 82 -71.40 40.37 52.22
N SER E 83 -70.86 39.51 51.35
CA SER E 83 -70.97 38.07 51.56
C SER E 83 -70.31 37.67 52.87
N ASN E 84 -70.98 36.80 53.62
CA ASN E 84 -70.48 36.35 54.92
C ASN E 84 -70.94 34.93 55.15
N GLU E 85 -69.99 34.00 55.26
CA GLU E 85 -70.34 32.61 55.50
C GLU E 85 -71.06 32.43 56.82
N SER E 86 -70.59 33.10 57.88
CA SER E 86 -71.23 32.97 59.19
C SER E 86 -72.66 33.49 59.16
N ASP E 87 -72.89 34.62 58.50
CA ASP E 87 -74.23 35.20 58.47
C ASP E 87 -75.22 34.32 57.71
N VAL E 88 -74.76 33.46 56.82
CA VAL E 88 -75.67 32.58 56.09
C VAL E 88 -76.39 31.65 57.06
N VAL E 89 -75.65 31.07 58.01
CA VAL E 89 -76.27 30.21 59.01
C VAL E 89 -76.86 31.00 60.16
N GLU E 90 -76.29 32.16 60.48
CA GLU E 90 -76.81 33.00 61.56
C GLU E 90 -78.10 33.71 61.16
N SER E 91 -78.18 34.20 59.93
CA SER E 91 -79.36 34.89 59.42
C SER E 91 -79.70 34.36 58.04
N LEU E 92 -81.00 34.42 57.70
CA LEU E 92 -81.50 33.86 56.45
C LEU E 92 -81.92 34.93 55.44
N ASP E 93 -82.06 36.18 55.86
CA ASP E 93 -82.50 37.24 54.95
C ASP E 93 -81.41 37.67 53.97
N GLU E 94 -80.17 37.23 54.16
CA GLU E 94 -79.11 37.60 53.23
C GLU E 94 -79.40 37.09 51.83
N ILE E 95 -79.87 35.84 51.72
CA ILE E 95 -80.15 35.25 50.42
C ILE E 95 -81.30 36.01 49.76
N GLU E 96 -81.17 36.25 48.45
CA GLU E 96 -82.20 36.97 47.71
C GLU E 96 -83.51 36.20 47.73
N HIS E 97 -84.61 36.94 47.74
CA HIS E 97 -85.93 36.31 47.76
C HIS E 97 -86.16 35.49 46.50
N THR E 98 -85.75 36.01 45.35
CA THR E 98 -85.92 35.29 44.10
C THR E 98 -85.06 34.02 44.08
N GLY E 99 -85.63 32.94 43.55
CA GLY E 99 -84.92 31.69 43.43
C GLY E 99 -85.27 31.00 42.12
N THR E 100 -84.52 29.93 41.85
CA THR E 100 -84.72 29.14 40.64
C THR E 100 -84.64 27.66 41.01
N PHE E 101 -85.77 26.97 40.94
CA PHE E 101 -85.82 25.54 41.20
C PHE E 101 -85.53 24.76 39.92
N ALA E 102 -84.77 23.68 40.06
CA ALA E 102 -84.43 22.85 38.91
C ALA E 102 -84.16 21.43 39.40
N GLN E 103 -83.93 20.53 38.45
CA GLN E 103 -83.70 19.12 38.73
C GLN E 103 -82.22 18.81 38.60
N ILE E 104 -81.67 18.12 39.61
CA ILE E 104 -80.25 17.79 39.61
C ILE E 104 -79.96 16.80 38.49
N HIS E 105 -78.81 16.99 37.83
CA HIS E 105 -78.42 16.13 36.72
C HIS E 105 -77.63 14.92 37.20
N GLU E 106 -76.47 15.14 37.81
CA GLU E 106 -75.64 14.04 38.28
C GLU E 106 -74.47 14.56 39.11
N MET E 107 -74.02 13.74 40.08
CA MET E 107 -72.85 14.06 40.88
C MET E 107 -71.61 13.44 40.24
N GLN E 108 -70.55 14.24 40.12
CA GLN E 108 -69.29 13.78 39.56
C GLN E 108 -68.17 13.74 40.58
N ASP E 109 -67.88 14.86 41.24
CA ASP E 109 -66.90 14.93 42.32
C ASP E 109 -65.56 14.34 41.88
N LEU E 110 -64.96 14.99 40.88
CA LEU E 110 -63.68 14.53 40.34
C LEU E 110 -62.59 14.57 41.41
N GLY E 111 -62.28 15.75 41.91
CA GLY E 111 -61.28 15.91 42.95
C GLY E 111 -61.87 16.54 44.19
N ASP E 112 -62.89 17.37 44.01
CA ASP E 112 -63.62 17.98 45.11
C ASP E 112 -64.82 17.09 45.46
N LYS E 113 -65.09 16.98 46.76
CA LYS E 113 -66.22 16.17 47.21
C LYS E 113 -67.57 16.77 46.84
N LEU E 114 -67.60 18.00 46.34
CA LEU E 114 -68.85 18.62 45.89
C LEU E 114 -68.56 19.39 44.61
N ARG E 115 -69.09 18.91 43.50
CA ARG E 115 -68.92 19.54 42.18
C ARG E 115 -70.26 19.55 41.46
N MET E 116 -71.30 20.01 42.16
CA MET E 116 -72.66 19.82 41.67
C MET E 116 -72.91 20.70 40.45
N ILE E 117 -73.80 20.25 39.57
CA ILE E 117 -74.14 20.95 38.34
C ILE E 117 -75.48 21.64 38.50
N VAL E 118 -75.50 22.96 38.31
CA VAL E 118 -76.69 23.78 38.57
C VAL E 118 -77.15 24.42 37.27
N MET E 119 -78.44 24.32 36.99
CA MET E 119 -79.07 24.96 35.84
C MET E 119 -80.39 25.55 36.29
N GLY E 120 -80.69 26.74 35.77
CA GLY E 120 -81.92 27.43 36.12
C GLY E 120 -83.08 27.04 35.21
N HIS E 121 -84.13 26.45 35.79
CA HIS E 121 -85.28 25.99 35.03
C HIS E 121 -86.56 26.76 35.37
N ARG E 122 -86.95 26.80 36.64
CA ARG E 122 -88.21 27.41 37.06
C ARG E 122 -87.91 28.57 38.00
N ARG E 123 -88.06 29.79 37.49
CA ARG E 123 -87.88 30.98 38.31
C ARG E 123 -89.09 31.18 39.20
N VAL E 124 -88.86 31.80 40.36
CA VAL E 124 -89.93 32.07 41.32
C VAL E 124 -89.45 33.14 42.28
N HIS E 125 -90.40 33.82 42.93
CA HIS E 125 -90.10 34.78 43.99
C HIS E 125 -90.96 34.41 45.20
N ILE E 126 -90.31 33.94 46.27
CA ILE E 126 -91.04 33.58 47.48
C ILE E 126 -91.57 34.85 48.13
N SER E 127 -92.83 34.80 48.58
CA SER E 127 -93.45 35.97 49.19
C SER E 127 -92.63 36.47 50.37
N ARG E 128 -92.49 35.65 51.40
CA ARG E 128 -91.67 35.97 52.56
C ARG E 128 -90.87 34.73 52.92
N GLN E 129 -89.58 34.74 52.57
CA GLN E 129 -88.73 33.58 52.84
C GLN E 129 -88.64 33.28 54.33
N LEU E 130 -88.84 34.29 55.17
CA LEU E 130 -88.77 34.07 56.62
C LEU E 130 -89.91 33.20 57.10
N GLU E 131 -91.11 33.41 56.58
CA GLU E 131 -92.30 32.66 57.01
C GLU E 131 -92.05 31.16 56.90
N MET E 182 -93.15 26.51 52.84
CA MET E 182 -93.28 27.86 52.32
C MET E 182 -94.16 27.91 51.09
N VAL E 183 -95.13 28.81 51.07
CA VAL E 183 -96.00 28.96 49.91
C VAL E 183 -95.21 29.55 48.75
N GLU E 184 -95.30 28.90 47.60
CA GLU E 184 -94.61 29.37 46.39
C GLU E 184 -95.49 29.08 45.19
N VAL E 185 -95.59 30.07 44.29
CA VAL E 185 -96.39 29.95 43.09
C VAL E 185 -95.53 30.38 41.91
N GLU E 186 -95.86 29.83 40.73
CA GLU E 186 -95.09 30.09 39.51
C GLU E 186 -95.66 31.34 38.85
N ASN E 187 -95.22 32.50 39.35
CA ASN E 187 -95.66 33.80 38.82
C ASN E 187 -94.64 34.32 37.80
N VAL E 188 -94.52 33.58 36.70
CA VAL E 188 -93.62 33.97 35.60
C VAL E 188 -94.46 34.83 34.66
N VAL E 189 -94.50 36.13 34.94
CA VAL E 189 -95.25 37.06 34.10
C VAL E 189 -94.64 37.06 32.70
N HIS E 190 -95.43 36.64 31.72
CA HIS E 190 -94.97 36.52 30.34
C HIS E 190 -96.01 37.09 29.38
N GLU E 191 -96.65 38.19 29.78
CA GLU E 191 -97.59 38.83 28.89
C GLU E 191 -96.87 39.51 27.73
N ASP E 192 -97.41 39.34 26.52
CA ASP E 192 -96.84 39.92 25.32
C ASP E 192 -97.94 40.60 24.52
N PHE E 193 -97.60 41.70 23.87
CA PHE E 193 -98.57 42.43 23.07
C PHE E 193 -99.02 41.57 21.89
N GLN E 194 -100.29 41.76 21.50
CA GLN E 194 -100.84 40.96 20.42
C GLN E 194 -100.06 41.17 19.13
N VAL E 195 -99.68 42.41 18.83
CA VAL E 195 -98.88 42.70 17.65
C VAL E 195 -97.46 42.22 17.90
N THR E 196 -96.93 41.42 16.98
CA THR E 196 -95.58 40.86 17.07
C THR E 196 -94.84 41.06 15.75
N GLU E 197 -94.92 42.27 15.21
CA GLU E 197 -94.31 42.61 13.93
C GLU E 197 -93.02 43.42 14.09
N GLU E 198 -93.07 44.51 14.87
CA GLU E 198 -91.93 45.41 14.98
C GLU E 198 -91.01 45.08 16.15
N VAL E 199 -91.53 44.43 17.20
CA VAL E 199 -90.71 44.14 18.38
C VAL E 199 -89.56 43.22 17.99
N LYS E 200 -89.86 42.16 17.24
CA LYS E 200 -88.83 41.19 16.88
C LYS E 200 -87.64 41.86 16.19
N ALA E 201 -87.90 42.93 15.43
CA ALA E 201 -86.81 43.62 14.76
C ALA E 201 -85.72 44.01 15.74
N LEU E 202 -86.11 44.54 16.91
CA LEU E 202 -85.12 44.94 17.90
C LEU E 202 -84.19 43.78 18.24
N THR E 203 -84.77 42.59 18.41
CA THR E 203 -83.95 41.42 18.75
C THR E 203 -82.79 41.27 17.79
N ALA E 204 -83.03 41.53 16.50
CA ALA E 204 -81.93 41.48 15.53
C ALA E 204 -80.74 42.26 16.03
N GLU E 205 -80.92 43.57 16.26
CA GLU E 205 -79.81 44.38 16.73
C GLU E 205 -79.16 43.75 17.95
N ILE E 206 -79.97 43.22 18.87
CA ILE E 206 -79.43 42.62 20.08
C ILE E 206 -78.35 41.60 19.72
N VAL E 207 -78.71 40.63 18.86
CA VAL E 207 -77.74 39.58 18.54
C VAL E 207 -76.52 40.20 17.88
N LYS E 208 -76.73 41.20 17.01
CA LYS E 208 -75.60 41.88 16.41
C LYS E 208 -74.67 42.44 17.47
N THR E 209 -75.24 43.10 18.49
CA THR E 209 -74.43 43.56 19.60
C THR E 209 -73.65 42.41 20.21
N ILE E 210 -74.33 41.29 20.47
CA ILE E 210 -73.62 40.10 20.95
C ILE E 210 -72.60 39.65 19.91
N ARG E 211 -73.00 39.62 18.63
CA ARG E 211 -72.05 39.32 17.57
C ARG E 211 -70.88 40.29 17.61
N ASP E 212 -71.12 41.54 17.99
CA ASP E 212 -70.04 42.50 18.16
C ASP E 212 -69.28 42.27 19.46
N ILE E 213 -69.97 41.85 20.53
CA ILE E 213 -69.32 41.65 21.81
C ILE E 213 -68.33 40.49 21.73
N ILE E 214 -68.76 39.36 21.17
CA ILE E 214 -67.88 38.20 21.07
C ILE E 214 -66.72 38.48 20.13
N ALA E 215 -66.94 39.23 19.06
CA ALA E 215 -65.88 39.52 18.10
C ALA E 215 -64.78 40.35 18.75
N LEU E 216 -65.13 41.53 19.26
CA LEU E 216 -64.14 42.42 19.84
C LEU E 216 -63.52 41.82 21.11
N ASN E 217 -64.32 41.17 21.95
CA ASN E 217 -63.86 40.56 23.19
C ASN E 217 -64.32 39.11 23.22
N PRO E 218 -63.63 38.21 22.53
CA PRO E 218 -64.03 36.80 22.53
C PRO E 218 -63.87 36.19 23.91
N LEU E 219 -65.00 35.77 24.49
CA LEU E 219 -65.01 35.11 25.80
C LEU E 219 -65.33 33.64 25.72
N TYR E 220 -66.06 33.19 24.69
CA TYR E 220 -66.45 31.79 24.56
C TYR E 220 -66.58 31.45 23.08
N ARG E 221 -66.57 30.15 22.80
CA ARG E 221 -66.71 29.70 21.42
C ARG E 221 -68.05 30.12 20.86
N GLU E 222 -68.08 30.42 19.56
CA GLU E 222 -69.27 30.91 18.89
C GLU E 222 -70.12 29.78 18.29
N SER E 223 -69.70 28.52 18.42
CA SER E 223 -70.50 27.42 17.90
C SER E 223 -71.89 27.40 18.52
N VAL E 224 -72.01 27.83 19.78
CA VAL E 224 -73.33 27.91 20.40
C VAL E 224 -74.23 28.86 19.61
N LEU E 225 -73.69 30.00 19.19
CA LEU E 225 -74.46 30.93 18.37
C LEU E 225 -74.79 30.31 17.02
N GLN E 226 -73.93 29.44 16.50
CA GLN E 226 -74.27 28.70 15.29
C GLN E 226 -75.46 27.78 15.51
N MET E 227 -75.53 27.14 16.68
CA MET E 227 -76.66 26.25 16.97
C MET E 227 -77.96 27.03 17.02
N MET E 228 -77.95 28.20 17.65
CA MET E 228 -79.14 29.00 17.89
C MET E 228 -79.13 30.21 16.96
N GLN E 229 -80.18 30.36 16.15
CA GLN E 229 -80.27 31.45 15.19
C GLN E 229 -81.71 31.94 15.11
N ALA E 230 -81.87 33.19 14.68
CA ALA E 230 -83.20 33.77 14.51
C ALA E 230 -83.92 33.23 13.28
N GLY E 231 -83.20 32.95 12.19
CA GLY E 231 -83.83 32.44 10.99
C GLY E 231 -84.31 31.00 11.09
N GLN E 232 -83.72 30.22 12.00
CA GLN E 232 -84.16 28.85 12.18
C GLN E 232 -85.58 28.75 12.70
N ARG E 233 -86.11 29.82 13.31
CA ARG E 233 -87.42 29.83 13.94
C ARG E 233 -87.49 28.94 15.17
N VAL E 234 -86.33 28.46 15.66
CA VAL E 234 -86.31 27.60 16.84
C VAL E 234 -86.37 28.40 18.14
N VAL E 235 -86.55 29.71 18.07
CA VAL E 235 -86.61 30.55 19.28
C VAL E 235 -88.07 30.50 19.73
N ASP E 236 -88.40 29.45 20.48
CA ASP E 236 -89.76 29.32 21.00
C ASP E 236 -90.01 30.28 22.14
N ASN E 237 -89.00 30.53 22.97
CA ASN E 237 -89.12 31.43 24.12
C ASN E 237 -87.99 32.46 24.03
N PRO E 238 -88.19 33.53 23.26
CA PRO E 238 -87.11 34.51 23.08
C PRO E 238 -86.66 35.17 24.38
N ILE E 239 -87.48 35.13 25.44
CA ILE E 239 -87.05 35.69 26.71
C ILE E 239 -85.84 34.90 27.24
N TYR E 240 -85.87 33.58 27.10
CA TYR E 240 -84.71 32.78 27.48
C TYR E 240 -83.49 33.17 26.65
N LEU E 241 -83.68 33.41 25.36
CA LEU E 241 -82.58 33.82 24.50
C LEU E 241 -81.97 35.14 24.98
N SER E 242 -82.84 36.11 25.30
CA SER E 242 -82.34 37.40 25.77
C SER E 242 -81.61 37.26 27.10
N ASP E 243 -82.15 36.45 28.01
CA ASP E 243 -81.48 36.25 29.30
C ASP E 243 -80.13 35.60 29.12
N MET E 244 -80.04 34.58 28.25
CA MET E 244 -78.76 33.93 28.01
C MET E 244 -77.77 34.92 27.40
N GLY E 245 -78.21 35.70 26.42
CA GLY E 245 -77.32 36.70 25.83
C GLY E 245 -76.83 37.70 26.85
N ALA E 246 -77.71 38.15 27.74
CA ALA E 246 -77.30 39.07 28.81
C ALA E 246 -76.36 38.40 29.80
N ALA E 247 -76.44 37.07 29.95
CA ALA E 247 -75.55 36.38 30.87
C ALA E 247 -74.09 36.53 30.47
N LEU E 248 -73.82 36.76 29.18
CA LEU E 248 -72.45 36.91 28.71
C LEU E 248 -71.80 38.19 29.22
N THR E 249 -72.58 39.15 29.71
CA THR E 249 -72.03 40.39 30.23
C THR E 249 -71.43 40.17 31.62
N GLY E 250 -70.33 40.86 31.88
CA GLY E 250 -69.66 40.80 33.17
C GLY E 250 -70.16 41.79 34.19
N ALA E 251 -71.33 42.38 33.97
CA ALA E 251 -71.85 43.38 34.89
C ALA E 251 -72.00 42.80 36.29
N GLU E 252 -72.13 43.70 37.27
CA GLU E 252 -72.18 43.28 38.67
C GLU E 252 -73.43 42.45 38.94
N SER E 253 -73.34 41.56 39.92
CA SER E 253 -74.49 40.77 40.31
C SER E 253 -75.64 41.66 40.79
N HIS E 254 -75.31 42.81 41.39
CA HIS E 254 -76.35 43.75 41.77
C HIS E 254 -77.09 44.27 40.54
N GLU E 255 -76.37 44.49 39.44
CA GLU E 255 -77.03 44.87 38.20
C GLU E 255 -77.97 43.77 37.72
N LEU E 256 -77.55 42.52 37.83
CA LEU E 256 -78.42 41.41 37.45
C LEU E 256 -79.69 41.39 38.29
N GLN E 257 -79.55 41.57 39.61
CA GLN E 257 -80.72 41.57 40.48
C GLN E 257 -81.63 42.74 40.18
N ASP E 258 -81.05 43.92 39.92
CA ASP E 258 -81.87 45.08 39.58
C ASP E 258 -82.59 44.90 38.25
N VAL E 259 -81.95 44.23 37.30
CA VAL E 259 -82.64 43.88 36.06
C VAL E 259 -83.80 42.95 36.36
N LEU E 260 -83.58 41.97 37.24
CA LEU E 260 -84.65 41.05 37.62
C LEU E 260 -85.80 41.81 38.29
N GLU E 261 -85.48 42.90 39.00
CA GLU E 261 -86.53 43.65 39.69
C GLU E 261 -87.58 44.17 38.72
N GLU E 262 -87.14 44.64 37.55
CA GLU E 262 -88.07 45.22 36.60
C GLU E 262 -89.12 44.19 36.18
N THR E 263 -90.36 44.65 36.04
CA THR E 263 -91.50 43.80 35.71
C THR E 263 -91.90 43.89 34.25
N ASN E 264 -92.14 45.10 33.75
CA ASN E 264 -92.55 45.27 32.37
C ASN E 264 -91.42 44.89 31.41
N ILE E 265 -91.77 44.24 30.31
CA ILE E 265 -90.76 43.79 29.35
C ILE E 265 -89.95 44.96 28.79
N PRO E 266 -90.57 46.05 28.32
CA PRO E 266 -89.76 47.13 27.74
C PRO E 266 -88.75 47.72 28.72
N LYS E 267 -89.12 47.86 29.99
CA LYS E 267 -88.20 48.45 30.96
C LYS E 267 -86.99 47.56 31.19
N ARG E 268 -87.20 46.25 31.33
CA ARG E 268 -86.07 45.34 31.52
C ARG E 268 -85.21 45.26 30.27
N LEU E 269 -85.84 45.30 29.10
CA LEU E 269 -85.06 45.33 27.85
C LEU E 269 -84.21 46.58 27.77
N TYR E 270 -84.77 47.74 28.14
CA TYR E 270 -84.00 48.97 28.15
C TYR E 270 -82.85 48.91 29.14
N LYS E 271 -83.10 48.36 30.33
CA LYS E 271 -82.04 48.25 31.32
C LYS E 271 -80.93 47.34 30.83
N ALA E 272 -81.29 46.20 30.23
CA ALA E 272 -80.28 45.29 29.70
C ALA E 272 -79.47 45.95 28.59
N LEU E 273 -80.14 46.69 27.70
CA LEU E 273 -79.42 47.36 26.62
C LEU E 273 -78.47 48.41 27.18
N SER E 274 -78.92 49.17 28.19
CA SER E 274 -78.04 50.17 28.80
C SER E 274 -76.86 49.52 29.50
N LEU E 275 -77.09 48.40 30.19
CA LEU E 275 -75.98 47.68 30.83
C LEU E 275 -74.97 47.20 29.80
N LEU E 276 -75.46 46.65 28.69
CA LEU E 276 -74.57 46.23 27.62
C LEU E 276 -73.79 47.42 27.06
N LYS E 277 -74.46 48.56 26.87
CA LYS E 277 -73.78 49.75 26.38
C LYS E 277 -72.66 50.16 27.32
N LYS E 278 -72.94 50.21 28.63
CA LYS E 278 -71.93 50.65 29.58
C LYS E 278 -70.77 49.67 29.66
N GLU E 279 -71.07 48.36 29.68
CA GLU E 279 -69.99 47.38 29.73
C GLU E 279 -69.14 47.43 28.48
N PHE E 280 -69.76 47.56 27.31
CA PHE E 280 -69.00 47.68 26.08
C PHE E 280 -68.18 48.96 26.05
N GLU E 281 -68.71 50.06 26.59
CA GLU E 281 -67.94 51.30 26.65
C GLU E 281 -66.73 51.15 27.57
N LEU E 282 -66.90 50.49 28.71
CA LEU E 282 -65.77 50.25 29.59
C LEU E 282 -64.71 49.38 28.91
N SER E 283 -65.15 48.32 28.23
CA SER E 283 -64.21 47.48 27.51
C SER E 283 -63.52 48.25 26.39
N LYS E 284 -64.25 49.12 25.70
CA LYS E 284 -63.68 49.94 24.64
C LYS E 284 -62.63 50.90 25.20
N LEU E 285 -62.93 51.52 26.35
CA LEU E 285 -61.96 52.41 26.97
C LEU E 285 -60.69 51.66 27.37
N GLN E 286 -60.87 50.47 27.96
CA GLN E 286 -59.71 49.68 28.34
C GLN E 286 -58.90 49.27 27.11
N GLN E 287 -59.58 48.88 26.04
CA GLN E 287 -58.89 48.48 24.82
C GLN E 287 -58.14 49.65 24.19
N ARG E 288 -58.75 50.84 24.19
CA ARG E 288 -58.08 52.02 23.63
C ARG E 288 -56.86 52.40 24.46
N LEU E 289 -56.99 52.36 25.79
CA LEU E 289 -55.85 52.65 26.64
C LEU E 289 -54.75 51.62 26.43
N GLY E 290 -55.12 50.34 26.28
CA GLY E 290 -54.13 49.32 26.02
C GLY E 290 -53.45 49.50 24.68
N ARG E 291 -54.20 49.91 23.66
CA ARG E 291 -53.60 50.20 22.36
C ARG E 291 -52.61 51.35 22.46
N GLU E 292 -52.98 52.39 23.21
CA GLU E 292 -52.05 53.51 23.40
C GLU E 292 -50.79 53.08 24.13
N VAL E 293 -50.95 52.26 25.17
CA VAL E 293 -49.78 51.79 25.92
C VAL E 293 -48.91 50.90 25.06
N GLU E 294 -49.52 50.04 24.25
CA GLU E 294 -48.75 49.19 23.34
C GLU E 294 -48.01 50.03 22.32
N GLU E 295 -48.64 51.08 21.80
CA GLU E 295 -47.95 51.98 20.86
C GLU E 295 -46.77 52.66 21.54
N LYS E 296 -46.97 53.13 22.77
CA LYS E 296 -45.86 53.77 23.49
C LYS E 296 -44.72 52.80 23.74
N ILE E 297 -45.03 51.57 24.10
CA ILE E 297 -44.00 50.55 24.29
C ILE E 297 -43.29 50.27 22.96
N LYS E 298 -44.05 50.29 21.86
CA LYS E 298 -43.48 50.08 20.54
C LYS E 298 -42.53 51.21 20.14
N GLN E 299 -42.65 52.38 20.79
CA GLN E 299 -41.69 53.44 20.55
C GLN E 299 -40.27 53.00 20.91
N THR E 300 -40.13 51.99 21.76
CA THR E 300 -38.83 51.38 21.97
C THR E 300 -38.25 50.96 20.62
N HIS E 301 -37.02 51.36 20.37
CA HIS E 301 -36.45 51.22 19.04
C HIS E 301 -36.45 49.76 18.60
N ARG E 302 -36.73 49.53 17.32
CA ARG E 302 -36.63 48.19 16.76
C ARG E 302 -35.23 47.63 16.92
N LYS E 303 -34.23 48.50 17.09
CA LYS E 303 -32.91 48.05 17.49
C LYS E 303 -32.98 47.21 18.76
N TYR E 304 -33.92 47.52 19.66
CA TYR E 304 -34.05 46.72 20.89
C TYR E 304 -34.52 45.31 20.57
N LEU E 305 -35.47 45.16 19.65
CA LEU E 305 -35.91 43.82 19.26
C LEU E 305 -34.79 43.07 18.53
N LEU E 306 -34.06 43.76 17.67
CA LEU E 306 -32.94 43.12 16.99
C LEU E 306 -31.88 42.66 17.99
N GLN E 307 -31.59 43.47 19.00
CA GLN E 307 -30.65 43.06 20.04
C GLN E 307 -31.21 41.93 20.90
N GLU E 308 -32.53 41.91 21.11
CA GLU E 308 -33.15 40.78 21.78
C GLU E 308 -32.90 39.50 21.01
N GLN E 309 -33.10 39.53 19.69
CA GLN E 309 -32.80 38.37 18.86
C GLN E 309 -31.32 38.02 18.94
N LEU E 310 -30.45 39.04 18.94
CA LEU E 310 -29.02 38.81 19.11
C LEU E 310 -28.72 38.06 20.40
N LYS E 311 -29.45 38.38 21.47
CA LYS E 311 -29.22 37.80 22.78
C LYS E 311 -30.07 36.57 23.06
N ILE E 312 -30.90 36.14 22.11
CA ILE E 312 -31.84 35.05 22.34
C ILE E 312 -31.31 33.71 21.86
N ILE E 313 -30.55 33.70 20.76
CA ILE E 313 -30.22 32.43 20.11
C ILE E 313 -29.11 31.68 20.84
N LYS E 314 -28.34 32.35 21.69
CA LYS E 314 -27.22 31.71 22.38
C LYS E 314 -27.25 32.03 23.85
N LYS E 315 -26.61 31.16 24.63
CA LYS E 315 -26.37 31.36 26.05
C LYS E 315 -24.98 31.95 26.25
N GLU E 316 -24.85 32.79 27.27
CA GLU E 316 -23.57 33.43 27.58
C GLU E 316 -23.07 34.24 26.40
N LEU E 317 -23.89 35.20 25.97
CA LEU E 317 -23.59 35.98 24.79
C LEU E 317 -22.49 37.00 25.07
N GLY E 318 -22.04 37.66 24.01
CA GLY E 318 -20.79 38.38 24.06
C GLY E 318 -19.59 37.48 24.01
N LEU E 319 -19.79 36.18 23.79
CA LEU E 319 -18.75 35.18 23.81
C LEU E 319 -19.19 34.04 22.88
N GLU E 320 -18.50 32.91 22.97
CA GLU E 320 -18.87 31.74 22.18
C GLU E 320 -20.02 30.99 22.82
N LYS E 321 -20.93 30.50 21.99
CA LYS E 321 -22.03 29.68 22.47
C LYS E 321 -21.53 28.29 22.87
N ASP E 322 -22.36 27.59 23.64
CA ASP E 322 -22.04 26.20 23.99
C ASP E 322 -21.81 25.37 22.74
N ASP E 323 -22.77 25.42 21.81
CA ASP E 323 -22.62 24.81 20.48
C ASP E 323 -22.10 23.38 20.57
N LYS E 324 -22.85 22.54 21.29
CA LYS E 324 -22.61 21.11 21.40
C LYS E 324 -21.31 20.79 22.14
N ASP E 325 -20.58 21.80 22.62
CA ASP E 325 -19.26 21.58 23.21
C ASP E 325 -18.99 22.72 24.17
N ALA E 326 -19.13 22.47 25.47
CA ALA E 326 -18.95 23.52 26.46
C ALA E 326 -17.53 24.05 26.46
N ILE E 327 -16.54 23.16 26.39
CA ILE E 327 -15.14 23.58 26.42
C ILE E 327 -14.85 24.61 25.34
N GLU E 328 -15.72 24.75 24.35
CA GLU E 328 -15.64 25.85 23.40
C GLU E 328 -15.26 27.14 24.13
N GLU E 329 -16.10 27.55 25.08
CA GLU E 329 -15.83 28.79 25.81
C GLU E 329 -14.43 28.78 26.39
N LYS E 330 -14.07 27.67 27.04
CA LYS E 330 -12.72 27.55 27.59
C LYS E 330 -11.67 27.85 26.53
N PHE E 331 -11.76 27.17 25.38
CA PHE E 331 -10.79 27.41 24.32
C PHE E 331 -10.72 28.89 23.98
N ARG E 332 -11.88 29.56 23.95
CA ARG E 332 -11.89 30.97 23.60
C ARG E 332 -11.01 31.77 24.57
N GLU E 333 -11.17 31.53 25.87
CA GLU E 333 -10.33 32.24 26.83
C GLU E 333 -8.88 31.83 26.66
N ARG E 334 -8.64 30.55 26.33
CA ARG E 334 -7.28 30.10 26.05
C ARG E 334 -6.67 30.85 24.88
N LEU E 335 -7.50 31.46 24.02
CA LEU E 335 -7.02 32.30 22.94
C LEU E 335 -7.14 33.79 23.24
N LYS E 336 -7.85 34.17 24.29
CA LYS E 336 -8.05 35.60 24.57
C LYS E 336 -6.73 36.28 24.91
N GLU E 337 -5.96 35.70 25.82
CA GLU E 337 -4.68 36.28 26.19
C GLU E 337 -3.72 36.28 25.00
N LEU E 338 -3.90 35.36 24.06
CA LEU E 338 -3.05 35.28 22.89
C LEU E 338 -3.43 36.33 21.86
N VAL E 339 -2.42 36.87 21.18
CA VAL E 339 -2.64 37.78 20.06
C VAL E 339 -2.82 36.89 18.83
N VAL E 340 -4.06 36.46 18.61
CA VAL E 340 -4.38 35.47 17.59
C VAL E 340 -4.22 36.08 16.20
N PRO E 341 -3.37 35.52 15.33
CA PRO E 341 -3.34 35.98 13.94
C PRO E 341 -4.67 35.73 13.25
N LYS E 342 -4.97 36.58 12.26
CA LYS E 342 -6.28 36.53 11.61
C LYS E 342 -6.50 35.22 10.89
N HIS E 343 -5.47 34.70 10.20
CA HIS E 343 -5.63 33.46 9.45
C HIS E 343 -5.99 32.30 10.39
N VAL E 344 -5.23 32.13 11.47
CA VAL E 344 -5.57 31.09 12.42
C VAL E 344 -6.90 31.40 13.09
N MET E 345 -7.23 32.68 13.24
CA MET E 345 -8.52 33.05 13.79
C MET E 345 -9.66 32.50 12.95
N ASP E 346 -9.62 32.72 11.64
CA ASP E 346 -10.70 32.23 10.79
C ASP E 346 -10.70 30.72 10.71
N VAL E 347 -9.51 30.10 10.68
CA VAL E 347 -9.46 28.64 10.68
C VAL E 347 -10.10 28.09 11.96
N VAL E 348 -9.81 28.71 13.10
CA VAL E 348 -10.37 28.27 14.37
C VAL E 348 -11.88 28.48 14.38
N ASP E 349 -12.36 29.62 13.86
CA ASP E 349 -13.79 29.86 13.83
C ASP E 349 -14.50 28.80 12.99
N GLU E 350 -13.95 28.51 11.80
CA GLU E 350 -14.57 27.50 10.95
C GLU E 350 -14.55 26.14 11.64
N GLU E 351 -13.43 25.77 12.28
CA GLU E 351 -13.35 24.48 12.93
C GLU E 351 -14.27 24.39 14.14
N LEU E 352 -14.47 25.50 14.85
CA LEU E 352 -15.42 25.52 15.95
C LEU E 352 -16.84 25.32 15.44
N SER E 353 -17.19 25.96 14.33
CA SER E 353 -18.48 25.71 13.71
C SER E 353 -18.63 24.24 13.32
N LYS E 354 -17.58 23.68 12.72
CA LYS E 354 -17.61 22.27 12.34
C LYS E 354 -17.82 21.38 13.56
N LEU E 355 -17.11 21.67 14.64
CA LEU E 355 -17.25 20.89 15.87
C LEU E 355 -18.67 20.97 16.41
N GLY E 356 -19.25 22.17 16.39
CA GLY E 356 -20.63 22.33 16.80
C GLY E 356 -21.62 21.63 15.89
N LEU E 357 -21.24 21.40 14.63
CA LEU E 357 -22.13 20.69 13.71
C LEU E 357 -22.20 19.20 13.99
N LEU E 358 -21.17 18.61 14.58
CA LEU E 358 -21.09 17.17 14.78
C LEU E 358 -21.50 16.79 16.19
N ASP E 359 -21.95 15.54 16.33
CA ASP E 359 -22.33 15.01 17.63
C ASP E 359 -21.10 14.81 18.51
N ASN E 360 -21.31 14.90 19.82
CA ASN E 360 -20.18 14.93 20.76
C ASN E 360 -19.41 13.61 20.75
N HIS E 361 -20.10 12.47 20.65
CA HIS E 361 -19.48 11.18 20.84
C HIS E 361 -18.97 10.55 19.55
N SER E 362 -19.07 11.24 18.43
CA SER E 362 -18.59 10.68 17.17
C SER E 362 -17.06 10.73 17.10
N SER E 363 -16.51 9.79 16.33
CA SER E 363 -15.06 9.75 16.15
C SER E 363 -14.57 10.99 15.41
N GLU E 364 -15.32 11.45 14.41
CA GLU E 364 -14.96 12.68 13.71
C GLU E 364 -14.96 13.86 14.67
N PHE E 365 -15.94 13.91 15.58
CA PHE E 365 -15.96 14.94 16.59
C PHE E 365 -14.73 14.85 17.49
N ASN E 366 -14.31 13.62 17.80
CA ASN E 366 -13.11 13.44 18.62
C ASN E 366 -11.88 13.97 17.90
N VAL E 367 -11.76 13.70 16.60
CA VAL E 367 -10.62 14.21 15.83
C VAL E 367 -10.68 15.72 15.76
N THR E 368 -11.87 16.29 15.59
CA THR E 368 -12.02 17.74 15.58
C THR E 368 -11.57 18.33 16.92
N ARG E 369 -11.96 17.69 18.02
CA ARG E 369 -11.54 18.15 19.34
C ARG E 369 -10.03 18.08 19.49
N ASN E 370 -9.42 16.99 19.03
CA ASN E 370 -7.97 16.87 19.12
C ASN E 370 -7.27 17.98 18.35
N TYR E 371 -7.72 18.22 17.11
CA TYR E 371 -7.11 19.27 16.30
C TYR E 371 -7.30 20.63 16.94
N LEU E 372 -8.50 20.89 17.48
CA LEU E 372 -8.78 22.18 18.11
C LEU E 372 -7.90 22.39 19.33
N ASP E 373 -7.75 21.35 20.17
CA ASP E 373 -6.88 21.47 21.34
C ASP E 373 -5.44 21.72 20.92
N TRP E 374 -4.97 21.00 19.90
CA TRP E 374 -3.60 21.23 19.45
C TRP E 374 -3.41 22.65 18.94
N LEU E 375 -4.38 23.16 18.17
CA LEU E 375 -4.26 24.51 17.64
C LEU E 375 -4.27 25.55 18.75
N THR E 376 -5.18 25.41 19.72
CA THR E 376 -5.27 26.39 20.80
C THR E 376 -4.17 26.23 21.84
N SER E 377 -3.44 25.11 21.82
CA SER E 377 -2.34 24.93 22.75
C SER E 377 -1.11 25.72 22.35
N ILE E 378 -0.95 26.01 21.05
CA ILE E 378 0.25 26.69 20.58
C ILE E 378 0.28 28.12 21.14
N PRO E 379 1.38 28.56 21.73
CA PRO E 379 1.43 29.96 22.21
C PRO E 379 1.40 30.93 21.04
N TRP E 380 0.44 31.86 21.09
CA TRP E 380 0.26 32.86 20.05
C TRP E 380 0.43 34.23 20.66
N GLY E 381 1.30 35.05 20.07
CA GLY E 381 1.52 36.40 20.53
C GLY E 381 2.29 36.52 21.83
N LYS E 382 2.86 35.43 22.33
CA LYS E 382 3.63 35.48 23.57
C LYS E 382 5.11 35.53 23.24
N TYR E 383 5.81 36.55 23.75
CA TYR E 383 7.20 36.79 23.44
C TYR E 383 7.98 36.90 24.74
N SER E 384 8.74 35.86 25.08
CA SER E 384 9.58 35.90 26.26
C SER E 384 10.59 37.03 26.13
N ASN E 385 10.71 37.84 27.17
CA ASN E 385 11.63 38.97 27.14
C ASN E 385 13.07 38.48 27.01
N GLU E 386 13.82 39.09 26.11
CA GLU E 386 15.20 38.72 25.87
C GLU E 386 16.14 39.49 26.80
N ASN E 387 17.31 38.91 27.04
CA ASN E 387 18.33 39.58 27.84
C ASN E 387 18.93 40.73 27.05
N LEU E 388 19.10 41.86 27.72
CA LEU E 388 19.68 43.06 27.11
C LEU E 388 20.97 43.51 27.78
N ASP E 389 21.06 43.42 29.10
CA ASP E 389 22.29 43.80 29.78
C ASP E 389 23.44 42.93 29.28
N LEU E 390 24.54 43.58 28.92
CA LEU E 390 25.67 42.88 28.31
C LEU E 390 26.63 42.32 29.36
N ALA E 391 26.90 43.10 30.41
CA ALA E 391 27.81 42.63 31.46
C ALA E 391 27.22 41.42 32.17
N ARG E 392 25.91 41.41 32.41
CA ARG E 392 25.29 40.29 33.10
C ARG E 392 25.44 39.01 32.29
N ALA E 393 25.13 39.06 31.00
CA ALA E 393 25.27 37.87 30.16
C ALA E 393 26.73 37.46 30.03
N GLN E 394 27.64 38.43 29.94
CA GLN E 394 29.06 38.12 29.89
C GLN E 394 29.50 37.35 31.12
N ALA E 395 29.09 37.82 32.30
CA ALA E 395 29.45 37.13 33.54
C ALA E 395 28.80 35.77 33.60
N VAL E 396 27.56 35.65 33.14
CA VAL E 396 26.88 34.36 33.16
C VAL E 396 27.63 33.35 32.30
N LEU E 397 28.04 33.77 31.11
CA LEU E 397 28.83 32.87 30.25
C LEU E 397 30.16 32.53 30.90
N GLU E 398 30.83 33.52 31.49
CA GLU E 398 32.11 33.25 32.13
C GLU E 398 31.99 32.36 33.35
N GLU E 399 30.79 32.25 33.93
CA GLU E 399 30.57 31.45 35.13
C GLU E 399 30.25 29.99 34.83
N ASP E 400 30.05 29.63 33.57
CA ASP E 400 29.62 28.27 33.21
C ASP E 400 30.66 27.50 32.41
N HIS E 401 31.66 28.17 31.82
CA HIS E 401 32.66 27.48 31.01
C HIS E 401 33.98 28.24 31.12
N TYR E 402 35.08 27.50 31.05
CA TYR E 402 36.41 28.09 31.13
C TYR E 402 37.10 28.02 29.77
N GLY E 403 37.62 29.15 29.32
CA GLY E 403 38.30 29.21 28.04
C GLY E 403 37.39 29.63 26.90
N MET E 404 37.64 29.09 25.72
CA MET E 404 36.86 29.40 24.52
C MET E 404 36.50 30.88 24.46
N GLU E 405 37.53 31.72 24.63
CA GLU E 405 37.31 33.16 24.60
C GLU E 405 36.78 33.60 23.24
N ASP E 406 37.20 32.92 22.17
CA ASP E 406 36.71 33.28 20.84
C ASP E 406 35.21 33.09 20.73
N VAL E 407 34.69 31.97 21.24
CA VAL E 407 33.26 31.72 21.18
C VAL E 407 32.50 32.76 22.00
N LYS E 408 33.01 33.09 23.20
CA LYS E 408 32.34 34.08 24.04
C LYS E 408 32.34 35.44 23.36
N LYS E 409 33.44 35.83 22.74
CA LYS E 409 33.49 37.11 22.04
C LYS E 409 32.54 37.13 20.85
N ARG E 410 32.44 36.01 20.13
CA ARG E 410 31.49 35.93 19.03
C ARG E 410 30.06 36.09 19.52
N ILE E 411 29.73 35.43 20.64
CA ILE E 411 28.39 35.56 21.20
C ILE E 411 28.14 37.00 21.64
N LEU E 412 29.15 37.64 22.25
CA LEU E 412 29.01 39.02 22.67
C LEU E 412 28.79 39.95 21.48
N GLU E 413 29.49 39.68 20.37
CA GLU E 413 29.23 40.44 19.15
C GLU E 413 27.81 40.22 18.66
N PHE E 414 27.32 38.99 18.76
CA PHE E 414 25.92 38.72 18.43
C PHE E 414 24.99 39.61 19.25
N ILE E 415 25.19 39.65 20.57
CA ILE E 415 24.32 40.46 21.41
C ILE E 415 24.44 41.93 21.05
N ALA E 416 25.67 42.40 20.82
CA ALA E 416 25.89 43.81 20.52
C ALA E 416 25.17 44.20 19.23
N VAL E 417 25.30 43.39 18.18
CA VAL E 417 24.67 43.73 16.91
C VAL E 417 23.16 43.62 17.02
N SER E 418 22.66 42.61 17.75
CA SER E 418 21.21 42.46 17.91
C SER E 418 20.62 43.66 18.64
N GLN E 419 21.26 44.09 19.73
CA GLN E 419 20.77 45.25 20.47
C GLN E 419 20.88 46.52 19.64
N LEU E 420 21.99 46.67 18.91
CA LEU E 420 22.20 47.87 18.12
C LEU E 420 21.12 48.05 17.05
N ARG E 421 20.82 46.97 16.33
CA ARG E 421 19.81 47.03 15.26
C ARG E 421 18.45 46.56 15.78
N GLY E 422 17.99 47.24 16.82
CA GLY E 422 16.65 47.03 17.34
C GLY E 422 16.33 45.58 17.67
N SER E 423 15.44 44.98 16.89
CA SER E 423 15.00 43.61 17.16
C SER E 423 16.19 42.66 17.17
N THR E 424 16.18 41.75 18.14
CA THR E 424 17.24 40.75 18.27
C THR E 424 16.97 39.60 17.31
N GLN E 425 17.23 39.87 16.03
CA GLN E 425 16.99 38.88 15.00
C GLN E 425 17.84 37.64 15.26
N GLY E 426 17.26 36.47 14.99
CA GLY E 426 17.96 35.22 15.20
C GLY E 426 18.71 34.76 13.97
N LYS E 427 20.02 35.01 13.94
CA LYS E 427 20.89 34.55 12.87
C LYS E 427 21.49 33.22 13.27
N ILE E 428 21.34 32.21 12.41
CA ILE E 428 21.80 30.87 12.75
C ILE E 428 23.32 30.86 12.81
N LEU E 429 23.86 29.96 13.64
CA LEU E 429 25.30 29.77 13.75
C LEU E 429 25.56 28.38 14.28
N CYS E 430 26.54 27.69 13.70
CA CYS E 430 26.82 26.29 13.98
C CYS E 430 28.16 26.18 14.68
N PHE E 431 28.21 25.40 15.76
CA PHE E 431 29.46 25.14 16.46
C PHE E 431 30.06 23.81 16.00
N TYR E 432 31.12 23.89 15.20
CA TYR E 432 31.79 22.69 14.71
C TYR E 432 33.13 22.56 15.42
N GLY E 433 33.39 21.36 15.95
CA GLY E 433 34.60 21.11 16.70
C GLY E 433 34.68 19.68 17.16
N PRO E 434 35.57 19.41 18.12
CA PRO E 434 35.71 18.04 18.64
C PRO E 434 34.46 17.62 19.39
N PRO E 435 34.36 16.37 19.80
CA PRO E 435 33.19 15.91 20.54
C PRO E 435 33.30 16.24 22.02
N GLY E 436 32.14 16.25 22.68
CA GLY E 436 32.13 16.42 24.13
C GLY E 436 32.84 17.68 24.59
N VAL E 437 32.61 18.79 23.90
CA VAL E 437 33.24 20.06 24.26
C VAL E 437 32.22 20.92 24.99
N GLY E 438 31.21 20.27 25.58
CA GLY E 438 30.16 21.02 26.23
C GLY E 438 29.28 21.79 25.27
N LYS E 439 29.17 21.33 24.02
CA LYS E 439 28.35 22.05 23.05
C LYS E 439 26.91 22.17 23.53
N THR E 440 26.36 21.07 24.04
CA THR E 440 25.02 21.13 24.62
C THR E 440 24.99 22.03 25.84
N SER E 441 25.98 21.89 26.73
CA SER E 441 26.03 22.70 27.93
C SER E 441 26.25 24.17 27.61
N ILE E 442 27.13 24.47 26.66
CA ILE E 442 27.38 25.86 26.31
C ILE E 442 26.16 26.47 25.63
N ALA E 443 25.47 25.68 24.80
CA ALA E 443 24.23 26.16 24.21
C ALA E 443 23.20 26.47 25.30
N ARG E 444 23.10 25.59 26.30
CA ARG E 444 22.19 25.84 27.42
C ARG E 444 22.58 27.12 28.16
N SER E 445 23.89 27.32 28.36
CA SER E 445 24.35 28.51 29.08
C SER E 445 24.02 29.78 28.31
N ILE E 446 24.23 29.77 26.99
CA ILE E 446 23.91 30.95 26.20
C ILE E 446 22.40 31.18 26.16
N ALA E 447 21.61 30.09 26.12
CA ALA E 447 20.16 30.25 26.18
C ALA E 447 19.74 30.89 27.49
N ARG E 448 20.33 30.46 28.60
CA ARG E 448 20.03 31.06 29.90
C ARG E 448 20.44 32.53 29.92
N ALA E 449 21.65 32.84 29.47
CA ALA E 449 22.14 34.22 29.53
C ALA E 449 21.29 35.14 28.67
N LEU E 450 20.93 34.70 27.46
CA LEU E 450 20.12 35.50 26.56
C LEU E 450 18.68 35.63 27.03
N ASN E 451 18.26 34.81 27.99
CA ASN E 451 16.96 34.85 28.67
C ASN E 451 15.85 34.21 27.84
N ARG E 452 16.13 33.73 26.62
CA ARG E 452 15.11 33.03 25.86
C ARG E 452 15.13 31.55 26.22
N GLU E 453 13.95 30.92 26.16
CA GLU E 453 13.81 29.55 26.61
C GLU E 453 14.66 28.61 25.77
N TYR E 454 15.18 27.57 26.42
CA TYR E 454 16.09 26.63 25.78
C TYR E 454 15.36 25.38 25.33
N PHE E 455 15.89 24.75 24.27
CA PHE E 455 15.39 23.47 23.79
C PHE E 455 16.41 22.86 22.83
N ARG E 456 16.77 21.59 23.06
CA ARG E 456 17.69 20.89 22.19
C ARG E 456 16.93 20.02 21.20
N PHE E 457 17.60 19.68 20.11
CA PHE E 457 16.97 18.93 19.02
C PHE E 457 18.05 18.08 18.36
N SER E 458 17.81 16.78 18.25
CA SER E 458 18.74 15.84 17.63
C SER E 458 18.22 15.47 16.25
N VAL E 459 19.04 15.67 15.22
CA VAL E 459 18.63 15.37 13.86
C VAL E 459 19.52 14.31 13.21
N GLY E 460 20.71 14.06 13.76
CA GLY E 460 21.64 13.12 13.17
C GLY E 460 21.08 11.71 13.03
N GLY E 461 21.23 11.12 11.84
CA GLY E 461 20.74 9.78 11.58
C GLY E 461 19.27 9.70 11.25
N MET E 462 18.53 10.80 11.38
CA MET E 462 17.11 10.78 11.09
C MET E 462 16.86 10.62 9.60
N THR E 463 15.76 9.95 9.26
CA THR E 463 15.34 9.77 7.88
C THR E 463 13.89 10.18 7.65
N ASP E 464 13.04 10.06 8.66
CA ASP E 464 11.63 10.39 8.53
C ASP E 464 11.45 11.89 8.62
N VAL E 465 11.26 12.54 7.46
CA VAL E 465 11.00 13.96 7.43
C VAL E 465 9.69 14.30 8.13
N ALA E 466 8.79 13.33 8.25
CA ALA E 466 7.51 13.59 8.91
C ALA E 466 7.69 14.03 10.34
N GLU E 467 8.83 13.70 10.96
CA GLU E 467 9.08 14.15 12.33
C GLU E 467 9.11 15.67 12.44
N ILE E 468 9.38 16.37 11.33
CA ILE E 468 9.29 17.83 11.29
C ILE E 468 7.98 18.30 10.71
N LYS E 469 7.23 17.42 10.04
CA LYS E 469 5.98 17.79 9.38
C LYS E 469 4.75 17.10 9.96
N GLY E 470 4.91 16.07 10.79
CA GLY E 470 3.77 15.33 11.27
C GLY E 470 3.01 14.69 10.12
N HIS E 471 1.68 14.71 10.22
CA HIS E 471 0.80 14.19 9.19
C HIS E 471 -0.47 15.02 9.15
N ARG E 472 -1.19 14.93 8.04
CA ARG E 472 -2.31 15.82 7.76
C ARG E 472 -3.38 15.81 8.84
N ARG E 473 -3.30 14.93 9.84
CA ARG E 473 -4.24 14.71 10.93
C ARG E 473 -5.40 13.84 10.47
N THR E 474 -5.50 13.49 9.19
CA THR E 474 -6.51 12.53 8.77
C THR E 474 -6.19 11.13 9.29
N TYR E 475 -4.90 10.81 9.40
CA TYR E 475 -4.50 9.53 9.97
C TYR E 475 -4.89 9.46 11.44
N VAL E 476 -5.26 8.26 11.89
CA VAL E 476 -5.65 8.08 13.27
C VAL E 476 -4.42 8.19 14.16
N GLY E 477 -4.50 9.04 15.18
CA GLY E 477 -3.38 9.25 16.07
C GLY E 477 -2.27 10.09 15.52
N ALA E 478 -2.47 10.74 14.38
CA ALA E 478 -1.43 11.57 13.78
C ALA E 478 -1.07 12.73 14.71
N MET E 479 0.20 13.10 14.70
CA MET E 479 0.73 14.17 15.53
C MET E 479 1.49 15.15 14.64
N PRO E 480 1.60 16.40 15.06
CA PRO E 480 2.28 17.41 14.24
C PRO E 480 3.79 17.23 14.28
N GLY E 481 4.47 18.11 13.55
CA GLY E 481 5.91 18.12 13.51
C GLY E 481 6.50 18.39 14.88
N LYS E 482 7.72 17.89 15.13
CA LYS E 482 8.31 18.03 16.45
C LYS E 482 8.51 19.50 16.83
N ILE E 483 8.59 20.39 15.85
CA ILE E 483 8.74 21.82 16.15
C ILE E 483 7.48 22.38 16.79
N ILE E 484 6.31 21.90 16.37
CA ILE E 484 5.07 22.32 17.02
C ILE E 484 5.08 21.90 18.49
N GLN E 485 5.51 20.67 18.76
CA GLN E 485 5.63 20.21 20.14
C GLN E 485 6.63 21.06 20.91
N CYS E 486 7.75 21.41 20.28
CA CYS E 486 8.74 22.26 20.94
C CYS E 486 8.14 23.60 21.32
N LEU E 487 7.42 24.23 20.38
CA LEU E 487 6.80 25.52 20.68
C LEU E 487 5.78 25.39 21.79
N LYS E 488 4.97 24.32 21.76
CA LYS E 488 3.95 24.12 22.79
C LYS E 488 4.59 23.95 24.16
N LYS E 489 5.59 23.08 24.27
CA LYS E 489 6.24 22.84 25.55
C LYS E 489 6.96 24.08 26.05
N THR E 490 7.68 24.76 25.16
CA THR E 490 8.42 25.95 25.57
C THR E 490 7.49 27.08 26.00
N LYS E 491 6.28 27.11 25.45
CA LYS E 491 5.26 28.11 25.77
C LYS E 491 5.63 29.50 25.25
N THR E 492 6.77 29.64 24.57
CA THR E 492 7.22 30.91 24.05
C THR E 492 7.43 30.80 22.55
N GLU E 493 7.29 31.93 21.86
CA GLU E 493 7.44 31.99 20.41
C GLU E 493 8.85 32.32 19.96
N ASN E 494 9.78 32.52 20.90
CA ASN E 494 11.17 32.81 20.55
C ASN E 494 12.15 31.97 21.36
N PRO E 495 12.02 30.65 21.35
CA PRO E 495 13.00 29.79 22.04
C PRO E 495 14.31 29.71 21.27
N LEU E 496 15.29 29.06 21.90
CA LEU E 496 16.61 28.85 21.31
C LEU E 496 16.68 27.40 20.84
N ILE E 497 16.22 27.15 19.61
CA ILE E 497 16.27 25.82 19.05
C ILE E 497 17.71 25.44 18.77
N LEU E 498 18.08 24.21 19.12
CA LEU E 498 19.44 23.70 18.96
C LEU E 498 19.37 22.35 18.25
N ILE E 499 19.74 22.34 16.97
CA ILE E 499 19.87 21.09 16.23
C ILE E 499 21.22 20.48 16.55
N ASP E 500 21.29 19.15 16.53
CA ASP E 500 22.50 18.42 16.88
C ASP E 500 22.79 17.36 15.83
N GLU E 501 24.07 17.22 15.48
CA GLU E 501 24.52 16.23 14.51
C GLU E 501 23.81 16.41 13.17
N VAL E 502 23.84 17.65 12.66
CA VAL E 502 23.23 17.93 11.37
C VAL E 502 23.94 17.18 10.26
N ASP E 503 25.28 17.13 10.32
CA ASP E 503 26.06 16.51 9.26
C ASP E 503 25.71 15.04 9.07
N LYS E 504 25.21 14.37 10.11
CA LYS E 504 24.89 12.95 10.01
C LYS E 504 23.65 12.68 9.16
N ILE E 505 22.91 13.71 8.77
CA ILE E 505 21.70 13.50 7.97
C ILE E 505 22.08 12.78 6.68
N GLY E 506 21.51 11.59 6.48
CA GLY E 506 21.80 10.80 5.30
C GLY E 506 21.14 11.32 4.04
N ARG E 507 19.93 11.86 4.17
CA ARG E 507 19.14 12.29 3.02
C ARG E 507 19.13 11.19 1.95
N GLY E 508 18.49 10.08 2.30
CA GLY E 508 18.41 8.92 1.46
C GLY E 508 17.03 8.70 0.87
N TYR E 509 16.71 7.45 0.58
CA TYR E 509 15.42 7.12 -0.02
C TYR E 509 14.28 7.54 0.89
N GLN E 510 13.26 8.17 0.30
CA GLN E 510 12.04 8.59 0.98
C GLN E 510 12.30 9.56 2.12
N GLY E 511 13.53 10.09 2.23
CA GLY E 511 13.86 11.00 3.31
C GLY E 511 14.15 12.40 2.81
N ASP E 512 15.44 12.73 2.69
CA ASP E 512 15.87 14.04 2.25
C ASP E 512 15.33 15.12 3.18
N PRO E 513 15.50 14.97 4.50
CA PRO E 513 15.01 16.02 5.42
C PRO E 513 15.76 17.33 5.27
N SER E 514 16.91 17.34 4.60
CA SER E 514 17.68 18.56 4.45
C SER E 514 16.86 19.65 3.76
N SER E 515 15.94 19.27 2.88
CA SER E 515 15.07 20.27 2.26
C SER E 515 14.20 20.97 3.29
N ALA E 516 13.60 20.18 4.19
CA ALA E 516 12.80 20.77 5.26
C ALA E 516 13.67 21.63 6.18
N LEU E 517 14.90 21.18 6.45
CA LEU E 517 15.78 21.96 7.29
C LEU E 517 16.11 23.29 6.64
N LEU E 518 16.40 23.29 5.34
CA LEU E 518 16.66 24.54 4.63
C LEU E 518 15.44 25.44 4.66
N GLU E 519 14.25 24.87 4.50
CA GLU E 519 13.03 25.66 4.63
C GLU E 519 12.94 26.30 6.01
N LEU E 520 13.29 25.54 7.06
CA LEU E 520 13.23 26.07 8.41
C LEU E 520 14.21 27.21 8.62
N LEU E 521 15.46 27.02 8.21
CA LEU E 521 16.49 28.05 8.38
C LEU E 521 16.30 29.22 7.43
N ASP E 522 15.39 29.13 6.48
CA ASP E 522 15.19 30.24 5.55
C ASP E 522 14.84 31.50 6.32
N PRO E 523 15.57 32.61 6.12
CA PRO E 523 15.27 33.81 6.90
C PRO E 523 13.85 34.32 6.74
N GLU E 524 13.21 34.09 5.60
CA GLU E 524 11.88 34.62 5.33
C GLU E 524 10.79 33.56 5.31
N GLN E 525 11.04 32.39 4.73
CA GLN E 525 10.01 31.35 4.70
C GLN E 525 9.68 30.87 6.11
N ASN E 526 10.65 30.93 7.02
CA ASN E 526 10.38 30.58 8.41
C ASN E 526 9.26 31.43 8.99
N ALA E 527 9.17 32.69 8.56
CA ALA E 527 8.09 33.55 9.04
C ALA E 527 6.72 33.01 8.68
N ASN E 528 6.62 32.25 7.59
CA ASN E 528 5.36 31.67 7.15
C ASN E 528 5.43 30.15 7.09
N PHE E 529 6.34 29.55 7.87
CA PHE E 529 6.48 28.10 7.86
C PHE E 529 5.21 27.42 8.34
N LEU E 530 4.88 26.30 7.71
CA LEU E 530 3.71 25.52 8.07
C LEU E 530 4.07 24.03 8.02
N ASP E 531 3.30 23.24 8.75
CA ASP E 531 3.48 21.79 8.80
C ASP E 531 2.24 21.09 8.26
N HIS E 532 2.41 19.83 7.85
CA HIS E 532 1.31 19.10 7.24
C HIS E 532 0.13 18.96 8.20
N TYR E 533 0.41 18.63 9.46
CA TYR E 533 -0.67 18.51 10.44
C TYR E 533 -1.39 19.84 10.62
N LEU E 534 -0.67 20.85 11.10
CA LEU E 534 -1.19 22.20 11.22
C LEU E 534 -0.61 23.02 10.07
N ASP E 535 -1.37 23.12 8.98
CA ASP E 535 -0.96 23.90 7.82
C ASP E 535 -0.97 25.40 8.09
N VAL E 536 -1.31 25.82 9.31
CA VAL E 536 -1.32 27.24 9.66
C VAL E 536 0.12 27.76 9.64
N PRO E 537 0.42 28.81 8.86
CA PRO E 537 1.77 29.38 8.92
C PRO E 537 2.10 29.90 10.31
N VAL E 538 3.36 29.76 10.69
CA VAL E 538 3.85 30.17 12.00
C VAL E 538 5.11 31.00 11.83
N ASP E 539 5.20 32.10 12.58
CA ASP E 539 6.35 32.99 12.52
C ASP E 539 7.52 32.37 13.26
N LEU E 540 8.57 32.03 12.53
CA LEU E 540 9.80 31.47 13.10
C LEU E 540 10.98 32.40 12.84
N SER E 541 10.73 33.70 12.77
CA SER E 541 11.80 34.67 12.60
C SER E 541 12.55 34.92 13.90
N LYS E 542 11.91 34.76 15.05
CA LYS E 542 12.52 35.04 16.33
C LYS E 542 13.12 33.79 16.98
N VAL E 543 13.00 32.63 16.35
CA VAL E 543 13.60 31.41 16.91
C VAL E 543 15.05 31.34 16.48
N LEU E 544 15.97 31.48 17.43
CA LEU E 544 17.39 31.46 17.16
C LEU E 544 17.85 30.02 17.07
N PHE E 545 18.30 29.61 15.88
CA PHE E 545 18.73 28.24 15.66
C PHE E 545 20.22 28.09 15.92
N ILE E 546 20.60 26.92 16.44
CA ILE E 546 21.99 26.54 16.63
C ILE E 546 22.19 25.12 16.13
N CYS E 547 23.38 24.85 15.62
CA CYS E 547 23.73 23.53 15.11
C CYS E 547 25.11 23.14 15.62
N THR E 548 25.34 21.83 15.70
CA THR E 548 26.62 21.29 16.13
C THR E 548 27.00 20.10 15.27
N ALA E 549 28.29 19.96 15.01
CA ALA E 549 28.80 18.85 14.22
C ALA E 549 30.27 18.65 14.54
N ASN E 550 30.78 17.47 14.22
CA ASN E 550 32.18 17.14 14.46
C ASN E 550 33.07 17.45 13.26
N VAL E 551 32.50 17.79 12.11
CA VAL E 551 33.29 18.12 10.92
C VAL E 551 32.38 18.81 9.91
N THR E 552 32.93 19.79 9.19
CA THR E 552 32.16 20.59 8.25
C THR E 552 32.14 20.01 6.83
N ASP E 553 32.90 18.96 6.57
CA ASP E 553 32.99 18.43 5.22
C ASP E 553 31.66 17.81 4.78
N THR E 554 31.04 17.03 5.65
CA THR E 554 29.87 16.25 5.28
C THR E 554 28.56 17.02 5.39
N ILE E 555 28.55 18.20 6.00
CA ILE E 555 27.30 18.96 6.13
C ILE E 555 26.86 19.42 4.75
N PRO E 556 25.56 19.44 4.45
CA PRO E 556 25.12 19.89 3.12
C PRO E 556 25.60 21.31 2.82
N GLU E 557 26.04 21.50 1.57
CA GLU E 557 26.47 22.83 1.14
C GLU E 557 25.35 23.86 1.19
N PRO E 558 24.14 23.57 0.69
CA PRO E 558 23.07 24.59 0.79
C PRO E 558 22.81 25.03 2.22
N LEU E 559 22.88 24.10 3.17
CA LEU E 559 22.75 24.48 4.57
C LEU E 559 24.02 25.16 5.06
N ARG E 560 25.18 24.66 4.64
CA ARG E 560 26.45 25.22 5.09
C ARG E 560 26.53 26.72 4.81
N ASP E 561 26.22 27.12 3.58
CA ASP E 561 26.36 28.52 3.21
C ASP E 561 25.39 29.42 3.95
N ARG E 562 24.27 28.86 4.43
CA ARG E 562 23.22 29.70 5.01
C ARG E 562 23.71 30.44 6.26
N MET E 563 24.43 29.76 7.14
CA MET E 563 24.83 30.34 8.41
C MET E 563 26.34 30.29 8.55
N GLU E 564 26.84 30.98 9.58
CA GLU E 564 28.28 31.06 9.83
C GLU E 564 28.72 29.98 10.81
N MET E 565 29.98 29.56 10.66
CA MET E 565 30.54 28.47 11.46
C MET E 565 31.39 29.05 12.59
N ILE E 566 31.17 28.56 13.80
CA ILE E 566 32.05 28.82 14.93
C ILE E 566 32.59 27.50 15.43
N ASN E 567 33.74 27.54 16.11
CA ASN E 567 34.38 26.34 16.61
C ASN E 567 34.71 26.50 18.09
N VAL E 568 34.65 25.39 18.80
CA VAL E 568 34.94 25.33 20.23
C VAL E 568 36.29 24.65 20.42
N SER E 569 37.02 25.08 21.45
CA SER E 569 38.38 24.61 21.65
C SER E 569 38.70 24.54 23.14
N GLY E 570 39.74 23.77 23.45
CA GLY E 570 40.22 23.64 24.82
C GLY E 570 40.10 22.24 25.36
N TYR E 571 40.04 22.12 26.69
CA TYR E 571 39.84 20.84 27.37
C TYR E 571 41.03 19.89 27.15
N VAL E 572 42.23 20.39 27.44
CA VAL E 572 43.39 19.52 27.57
C VAL E 572 43.39 18.89 28.96
N ALA E 573 44.12 17.78 29.10
CA ALA E 573 44.02 16.97 30.30
C ALA E 573 44.20 17.80 31.58
N GLN E 574 45.09 18.79 31.57
CA GLN E 574 45.33 19.60 32.76
C GLN E 574 44.20 20.59 32.99
N GLU E 575 43.96 21.48 32.02
CA GLU E 575 42.84 22.39 32.14
C GLU E 575 41.52 21.65 32.21
N LYS E 576 41.43 20.49 31.56
CA LYS E 576 40.21 19.69 31.68
C LYS E 576 40.04 19.14 33.08
N LEU E 577 41.14 18.73 33.73
CA LEU E 577 41.08 18.34 35.12
C LEU E 577 40.58 19.48 35.99
N ALA E 578 41.11 20.67 35.76
CA ALA E 578 40.67 21.84 36.53
C ALA E 578 39.18 22.08 36.34
N ILE E 579 38.73 22.07 35.09
CA ILE E 579 37.32 22.31 34.79
C ILE E 579 36.44 21.25 35.46
N ALA E 580 36.84 19.99 35.34
CA ALA E 580 36.05 18.90 35.89
C ALA E 580 35.93 19.02 37.40
N GLU E 581 37.04 19.32 38.08
CA GLU E 581 36.99 19.45 39.53
C GLU E 581 36.13 20.64 39.94
N ARG E 582 36.18 21.73 39.18
CA ARG E 582 35.38 22.90 39.54
C ARG E 582 33.94 22.79 39.03
N TYR E 583 33.70 22.08 37.93
CA TYR E 583 32.37 22.01 37.32
C TYR E 583 31.76 20.63 37.39
N LEU E 584 32.44 19.61 36.85
CA LEU E 584 31.82 18.28 36.77
C LEU E 584 31.64 17.67 38.16
N VAL E 585 32.64 17.81 39.03
CA VAL E 585 32.56 17.16 40.34
C VAL E 585 31.39 17.69 41.16
N PRO E 586 31.26 19.01 41.40
CA PRO E 586 30.10 19.49 42.17
C PRO E 586 28.77 19.20 41.50
N GLN E 587 28.70 19.27 40.16
CA GLN E 587 27.45 19.01 39.48
C GLN E 587 27.01 17.56 39.67
N ALA E 588 27.92 16.62 39.47
CA ALA E 588 27.60 15.21 39.69
C ALA E 588 27.27 14.95 41.16
N ARG E 589 27.98 15.61 42.07
CA ARG E 589 27.71 15.45 43.50
C ARG E 589 26.28 15.88 43.83
N ALA E 590 25.87 17.03 43.29
CA ALA E 590 24.50 17.50 43.50
C ALA E 590 23.50 16.56 42.87
N LEU E 591 23.80 16.05 41.67
CA LEU E 591 22.88 15.13 41.01
C LEU E 591 22.68 13.87 41.85
N CYS E 592 23.76 13.33 42.40
CA CYS E 592 23.67 12.16 43.26
C CYS E 592 23.15 12.48 44.65
N GLY E 593 23.07 13.76 45.02
CA GLY E 593 22.57 14.15 46.31
C GLY E 593 23.54 13.99 47.45
N LEU E 594 24.79 13.62 47.17
CA LEU E 594 25.77 13.43 48.23
C LEU E 594 26.26 14.77 48.77
N ASP E 595 26.85 14.74 49.96
CA ASP E 595 27.42 15.93 50.56
C ASP E 595 28.91 16.04 50.21
N GLU E 596 29.40 17.28 50.21
CA GLU E 596 30.81 17.50 49.91
C GLU E 596 31.72 16.74 50.86
N SER E 597 31.30 16.54 52.11
CA SER E 597 32.09 15.80 53.08
C SER E 597 31.73 14.33 53.15
N LYS E 598 30.53 13.95 52.69
CA LYS E 598 30.13 12.55 52.73
C LYS E 598 31.02 11.69 51.83
N ALA E 599 31.32 12.18 50.63
CA ALA E 599 32.14 11.45 49.66
C ALA E 599 33.26 12.37 49.18
N LYS E 600 34.35 12.41 49.92
CA LYS E 600 35.50 13.23 49.53
C LYS E 600 36.13 12.68 48.25
N LEU E 601 36.53 13.57 47.36
CA LEU E 601 37.17 13.21 46.10
C LEU E 601 38.39 14.11 45.91
N SER E 602 39.58 13.56 46.13
CA SER E 602 40.81 14.34 46.02
C SER E 602 41.15 14.60 44.56
N SER E 603 41.94 15.66 44.34
CA SER E 603 42.33 16.01 42.98
C SER E 603 43.16 14.91 42.33
N ASP E 604 44.04 14.26 43.11
CA ASP E 604 44.88 13.21 42.55
C ASP E 604 44.03 12.06 42.01
N VAL E 605 42.88 11.80 42.60
CA VAL E 605 41.98 10.78 42.08
C VAL E 605 41.51 11.17 40.68
N LEU E 606 41.14 12.44 40.50
CA LEU E 606 40.72 12.90 39.18
C LEU E 606 41.86 12.83 38.18
N THR E 607 43.08 13.17 38.62
CA THR E 607 44.23 13.06 37.74
C THR E 607 44.44 11.61 37.31
N LEU E 608 44.31 10.68 38.25
CA LEU E 608 44.43 9.27 37.91
C LEU E 608 43.35 8.85 36.91
N LEU E 609 42.11 9.30 37.15
CA LEU E 609 41.04 8.96 36.22
C LEU E 609 41.34 9.45 34.81
N ILE E 610 41.83 10.70 34.70
CA ILE E 610 42.10 11.27 33.39
C ILE E 610 43.27 10.55 32.72
N LYS E 611 44.35 10.33 33.46
CA LYS E 611 45.56 9.78 32.85
C LYS E 611 45.41 8.30 32.53
N GLN E 612 44.58 7.58 33.29
CA GLN E 612 44.52 6.13 33.19
C GLN E 612 43.28 5.61 32.47
N TYR E 613 42.20 6.39 32.39
CA TYR E 613 40.94 5.91 31.84
C TYR E 613 40.48 6.72 30.64
N CYS E 614 40.49 8.04 30.72
CA CYS E 614 39.93 8.91 29.69
C CYS E 614 41.08 9.58 28.95
N ARG E 615 41.32 9.15 27.71
CA ARG E 615 42.31 9.77 26.82
C ARG E 615 41.61 10.09 25.51
N GLU E 616 40.99 11.27 25.45
CA GLU E 616 40.28 11.72 24.25
C GLU E 616 39.87 13.17 24.47
N SER E 617 39.62 13.86 23.35
CA SER E 617 39.14 15.24 23.44
C SER E 617 37.75 15.29 24.06
N GLY E 618 36.99 14.20 23.97
CA GLY E 618 35.66 14.20 24.54
C GLY E 618 35.69 14.33 26.05
N VAL E 619 34.69 15.02 26.59
CA VAL E 619 34.56 15.22 28.02
C VAL E 619 33.52 14.30 28.64
N ARG E 620 32.58 13.77 27.85
CA ARG E 620 31.52 12.93 28.41
C ARG E 620 32.08 11.76 29.18
N ASN E 621 33.23 11.22 28.76
CA ASN E 621 33.80 10.07 29.44
C ASN E 621 34.13 10.39 30.90
N LEU E 622 34.73 11.55 31.15
CA LEU E 622 35.03 11.94 32.52
C LEU E 622 33.76 12.09 33.34
N GLN E 623 32.72 12.65 32.73
CA GLN E 623 31.44 12.77 33.44
C GLN E 623 30.91 11.38 33.80
N LYS E 624 30.99 10.43 32.88
CA LYS E 624 30.53 9.07 33.19
C LYS E 624 31.35 8.46 34.32
N GLN E 625 32.68 8.65 34.31
CA GLN E 625 33.51 8.07 35.36
C GLN E 625 33.17 8.67 36.72
N VAL E 626 33.06 9.99 36.80
CA VAL E 626 32.76 10.63 38.07
C VAL E 626 31.36 10.24 38.55
N GLU E 627 30.41 10.15 37.62
CA GLU E 627 29.07 9.71 38.00
C GLU E 627 29.09 8.27 38.51
N LYS E 628 29.90 7.41 37.89
CA LYS E 628 29.99 6.02 38.35
C LYS E 628 30.54 5.95 39.77
N VAL E 629 31.64 6.66 40.02
CA VAL E 629 32.25 6.59 41.35
C VAL E 629 31.30 7.19 42.39
N LEU E 630 30.64 8.30 42.06
CA LEU E 630 29.70 8.90 43.00
C LEU E 630 28.50 8.00 43.24
N ARG E 631 28.01 7.32 42.20
CA ARG E 631 26.89 6.41 42.36
C ARG E 631 27.26 5.25 43.27
N LYS E 632 28.46 4.68 43.09
CA LYS E 632 28.89 3.59 43.95
C LYS E 632 29.05 4.08 45.38
N SER E 633 29.62 5.27 45.57
CA SER E 633 29.77 5.82 46.91
C SER E 633 28.41 6.02 47.58
N ALA E 634 27.44 6.56 46.84
CA ALA E 634 26.11 6.78 47.39
C ALA E 634 25.44 5.47 47.74
N TYR E 635 25.55 4.47 46.87
CA TYR E 635 24.94 3.17 47.17
C TYR E 635 25.57 2.57 48.42
N LYS E 636 26.89 2.66 48.55
CA LYS E 636 27.55 2.14 49.74
C LYS E 636 27.09 2.87 50.98
N ILE E 637 27.01 4.19 50.92
CA ILE E 637 26.60 4.97 52.10
C ILE E 637 25.17 4.60 52.49
N VAL E 638 24.27 4.48 51.52
CA VAL E 638 22.88 4.17 51.83
C VAL E 638 22.76 2.80 52.48
N SER E 639 23.49 1.81 51.94
CA SER E 639 23.40 0.43 52.42
C SER E 639 24.75 -0.16 52.78
N GLY E 640 25.65 0.62 53.36
CA GLY E 640 26.94 0.13 53.82
C GLY E 640 27.17 0.37 55.30
N GLU E 641 28.44 0.33 55.68
CA GLU E 641 28.84 0.45 57.09
C GLU E 641 29.28 1.87 57.45
N ALA E 642 29.94 2.58 56.54
CA ALA E 642 30.48 3.89 56.85
C ALA E 642 29.57 5.00 56.31
N GLU E 643 29.36 6.02 57.13
CA GLU E 643 28.53 7.15 56.72
C GLU E 643 29.12 7.92 55.55
N SER E 644 30.44 7.88 55.37
CA SER E 644 31.12 8.65 54.34
C SER E 644 32.04 7.73 53.54
N VAL E 645 32.34 8.15 52.31
CA VAL E 645 33.27 7.43 51.44
C VAL E 645 34.52 8.28 51.28
N GLU E 646 35.68 7.67 51.52
CA GLU E 646 36.98 8.33 51.37
C GLU E 646 37.75 7.58 50.30
N VAL E 647 37.57 8.00 49.05
CA VAL E 647 38.17 7.30 47.91
C VAL E 647 39.61 7.75 47.75
N THR E 648 40.51 6.78 47.64
CA THR E 648 41.91 6.99 47.35
C THR E 648 42.28 6.20 46.10
N PRO E 649 43.37 6.56 45.42
CA PRO E 649 43.73 5.83 44.20
C PRO E 649 43.83 4.32 44.41
N GLU E 650 44.41 3.89 45.53
CA GLU E 650 44.49 2.46 45.80
C GLU E 650 43.10 1.84 45.86
N ASN E 651 42.15 2.50 46.51
CA ASN E 651 40.78 2.00 46.53
C ASN E 651 40.13 2.11 45.16
N LEU E 652 40.55 3.09 44.35
CA LEU E 652 39.85 3.36 43.10
C LEU E 652 39.74 2.10 42.24
N GLN E 653 40.74 1.22 42.32
CA GLN E 653 40.76 0.05 41.46
C GLN E 653 39.49 -0.78 41.59
N ASP E 654 38.85 -0.76 42.75
CA ASP E 654 37.60 -1.51 42.92
C ASP E 654 36.39 -0.71 42.49
N PHE E 655 36.39 0.61 42.73
CA PHE E 655 35.23 1.42 42.39
C PHE E 655 35.05 1.54 40.89
N VAL E 656 36.13 1.86 40.17
CA VAL E 656 36.04 2.03 38.71
C VAL E 656 36.42 0.76 37.96
N GLY E 657 37.11 -0.18 38.58
CA GLY E 657 37.50 -1.41 37.93
C GLY E 657 38.91 -1.34 37.36
N LYS E 658 39.11 -2.09 36.28
CA LYS E 658 40.43 -2.17 35.67
C LYS E 658 40.64 -0.97 34.75
N PRO E 659 41.84 -0.37 34.75
CA PRO E 659 42.09 0.76 33.84
C PRO E 659 42.13 0.31 32.39
N VAL E 660 41.78 1.24 31.51
CA VAL E 660 41.77 1.01 30.07
C VAL E 660 42.74 1.96 29.36
N PHE E 661 43.79 2.39 30.06
CA PHE E 661 44.65 3.44 29.50
C PHE E 661 45.34 3.01 28.22
N THR E 662 45.86 1.79 28.18
CA THR E 662 46.94 1.45 27.25
C THR E 662 48.03 2.52 27.34
N VAL E 663 48.34 2.90 28.57
CA VAL E 663 49.22 4.05 28.81
C VAL E 663 50.56 3.86 28.13
N GLU E 664 51.10 2.64 28.19
CA GLU E 664 52.33 2.33 27.48
C GLU E 664 51.99 1.93 26.05
N ARG E 665 51.18 2.75 25.36
CA ARG E 665 50.93 2.51 23.95
C ARG E 665 52.17 2.83 23.13
N MET E 666 52.86 3.91 23.47
CA MET E 666 54.15 4.20 22.86
C MET E 666 55.10 3.05 23.13
N TYR E 667 55.73 2.56 22.07
CA TYR E 667 56.58 1.37 22.18
C TYR E 667 57.94 1.75 22.75
N ASP E 668 58.27 1.18 23.91
CA ASP E 668 59.63 1.33 24.43
C ASP E 668 60.62 0.68 23.48
N VAL E 669 60.27 -0.48 22.93
CA VAL E 669 61.12 -1.11 21.92
C VAL E 669 61.26 -0.20 20.70
N THR E 670 60.17 0.42 20.27
CA THR E 670 60.16 1.31 19.12
C THR E 670 60.86 0.67 17.93
N PRO E 671 60.26 -0.35 17.32
CA PRO E 671 60.92 -1.04 16.21
C PRO E 671 61.15 -0.10 15.03
N PRO E 672 62.23 -0.27 14.28
CA PRO E 672 62.43 0.57 13.10
C PRO E 672 61.37 0.28 12.04
N GLY E 673 61.05 1.31 11.26
CA GLY E 673 59.99 1.21 10.28
C GLY E 673 58.61 1.58 10.77
N VAL E 674 58.48 1.98 12.03
CA VAL E 674 57.21 2.41 12.60
C VAL E 674 57.41 3.78 13.22
N VAL E 675 56.34 4.57 13.24
CA VAL E 675 56.40 5.88 13.87
C VAL E 675 55.00 6.42 14.11
N MET E 676 54.81 7.13 15.21
CA MET E 676 53.53 7.77 15.47
C MET E 676 53.38 9.02 14.59
N GLY E 677 52.14 9.43 14.41
CA GLY E 677 51.84 10.59 13.60
C GLY E 677 50.49 11.18 13.94
N LEU E 678 50.41 12.51 13.94
CA LEU E 678 49.19 13.19 14.33
C LEU E 678 48.20 13.18 13.17
N ALA E 679 47.06 12.52 13.39
CA ALA E 679 45.98 12.47 12.41
C ALA E 679 44.76 13.16 13.00
N TRP E 680 44.24 14.14 12.27
CA TRP E 680 43.02 14.84 12.68
C TRP E 680 41.84 13.94 12.37
N THR E 681 41.59 12.99 13.26
CA THR E 681 40.52 12.02 13.06
C THR E 681 39.16 12.70 13.05
N ALA E 682 38.10 11.92 12.79
CA ALA E 682 36.76 12.50 12.70
C ALA E 682 36.39 13.23 13.99
N MET E 683 36.87 12.74 15.13
CA MET E 683 36.60 13.37 16.42
C MET E 683 37.92 13.67 17.12
N GLY E 684 38.15 14.94 17.44
CA GLY E 684 39.41 15.33 18.05
C GLY E 684 40.59 14.97 17.17
N GLY E 685 41.70 14.65 17.82
CA GLY E 685 42.89 14.21 17.13
C GLY E 685 43.43 12.94 17.75
N SER E 686 44.22 12.22 16.96
CA SER E 686 44.77 10.94 17.39
C SER E 686 46.23 10.84 17.00
N THR E 687 46.98 10.03 17.76
CA THR E 687 48.37 9.72 17.45
C THR E 687 48.41 8.33 16.81
N LEU E 688 48.09 8.28 15.52
CA LEU E 688 48.02 7.01 14.81
C LEU E 688 49.42 6.53 14.46
N PHE E 689 49.69 5.26 14.69
CA PHE E 689 51.01 4.69 14.47
C PHE E 689 51.08 4.12 13.06
N VAL E 690 51.84 4.79 12.18
CA VAL E 690 52.08 4.24 10.85
C VAL E 690 53.18 3.20 10.94
N GLU E 691 52.88 2.00 10.46
CA GLU E 691 53.80 0.86 10.54
C GLU E 691 54.23 0.48 9.13
N THR E 692 55.49 0.08 8.98
CA THR E 692 56.02 -0.43 7.73
C THR E 692 56.81 -1.70 8.02
N SER E 693 56.78 -2.65 7.09
CA SER E 693 57.49 -3.90 7.30
C SER E 693 57.62 -4.66 5.99
N LEU E 694 58.70 -5.42 5.86
CA LEU E 694 58.89 -6.29 4.72
C LEU E 694 57.90 -7.44 4.78
N ARG E 695 56.94 -7.45 3.84
CA ARG E 695 55.85 -8.42 3.84
C ARG E 695 56.18 -9.68 3.04
N ARG E 696 57.33 -9.73 2.38
CA ARG E 696 57.67 -10.86 1.53
C ARG E 696 59.18 -10.82 1.28
N PRO E 697 59.88 -11.96 1.39
CA PRO E 697 61.35 -11.90 1.29
C PRO E 697 61.81 -11.16 0.04
N GLN E 698 62.70 -10.20 0.24
CA GLN E 698 63.23 -9.41 -0.87
C GLN E 698 63.99 -10.28 -1.86
N ASP E 699 64.42 -11.47 -1.45
CA ASP E 699 65.30 -12.30 -2.27
C ASP E 699 64.49 -13.23 -3.19
N LYS E 700 63.66 -12.60 -4.04
CA LYS E 700 63.09 -13.34 -5.15
C LYS E 700 64.20 -13.83 -6.08
N ASP E 701 65.15 -12.94 -6.38
CA ASP E 701 66.35 -13.30 -7.12
C ASP E 701 67.35 -12.17 -6.91
N ALA E 702 68.53 -12.50 -6.39
CA ALA E 702 69.52 -11.46 -6.10
C ALA E 702 69.77 -10.58 -7.31
N LYS E 703 69.83 -11.18 -8.50
CA LYS E 703 70.02 -10.41 -9.71
C LYS E 703 68.72 -9.74 -10.18
N GLY E 704 67.58 -10.17 -9.65
CA GLY E 704 66.30 -9.62 -10.08
C GLY E 704 66.21 -8.12 -9.94
N ASP E 705 65.80 -7.45 -11.01
CA ASP E 705 65.64 -6.00 -11.03
C ASP E 705 64.20 -5.57 -10.76
N LYS E 706 63.33 -6.50 -10.39
CA LYS E 706 61.92 -6.18 -10.22
C LYS E 706 61.75 -5.10 -9.16
N ASP E 707 60.92 -4.11 -9.46
CA ASP E 707 60.68 -3.02 -8.54
C ASP E 707 59.94 -3.53 -7.31
N GLY E 708 60.33 -2.99 -6.14
CA GLY E 708 59.68 -3.36 -4.89
C GLY E 708 58.33 -2.71 -4.73
N SER E 709 57.36 -3.13 -5.54
CA SER E 709 56.03 -2.53 -5.50
C SER E 709 55.46 -2.59 -4.09
N LEU E 710 54.88 -1.47 -3.66
CA LEU E 710 54.32 -1.36 -2.32
C LEU E 710 52.87 -1.80 -2.32
N GLU E 711 52.41 -2.26 -1.16
CA GLU E 711 51.03 -2.71 -0.96
C GLU E 711 50.48 -2.00 0.27
N VAL E 712 49.86 -0.84 0.06
CA VAL E 712 49.25 -0.11 1.15
C VAL E 712 47.97 -0.81 1.59
N THR E 713 47.62 -0.65 2.87
CA THR E 713 46.42 -1.27 3.42
C THR E 713 45.81 -0.33 4.44
N GLY E 714 44.69 -0.76 5.03
CA GLY E 714 43.97 0.06 5.98
C GLY E 714 42.90 0.89 5.30
N GLN E 715 42.04 0.24 4.52
CA GLN E 715 40.98 0.91 3.76
C GLN E 715 41.55 2.10 2.99
N LEU E 716 42.47 1.79 2.07
CA LEU E 716 43.10 2.83 1.27
C LEU E 716 42.06 3.57 0.45
N GLY E 717 42.12 4.90 0.50
CA GLY E 717 41.27 5.72 -0.34
C GLY E 717 41.92 6.01 -1.69
N GLU E 718 41.12 6.54 -2.61
CA GLU E 718 41.64 6.86 -3.93
C GLU E 718 42.75 7.88 -3.84
N VAL E 719 42.54 8.95 -3.07
CA VAL E 719 43.58 9.93 -2.85
C VAL E 719 44.71 9.35 -1.99
N MET E 720 44.35 8.46 -1.06
CA MET E 720 45.35 7.87 -0.18
C MET E 720 46.37 7.05 -0.98
N LYS E 721 45.89 6.28 -1.96
CA LYS E 721 46.81 5.48 -2.77
C LYS E 721 47.79 6.38 -3.52
N GLU E 722 47.28 7.48 -4.10
CA GLU E 722 48.15 8.38 -4.84
C GLU E 722 49.16 9.06 -3.92
N SER E 723 48.72 9.48 -2.73
CA SER E 723 49.64 10.08 -1.78
C SER E 723 50.71 9.09 -1.34
N ALA E 724 50.31 7.84 -1.10
CA ALA E 724 51.28 6.82 -0.73
C ALA E 724 52.29 6.59 -1.85
N ARG E 725 51.83 6.57 -3.10
CA ARG E 725 52.76 6.41 -4.21
C ARG E 725 53.71 7.59 -4.30
N ILE E 726 53.21 8.81 -4.10
CA ILE E 726 54.06 9.99 -4.15
C ILE E 726 55.14 9.89 -3.07
N ALA E 727 54.74 9.55 -1.85
CA ALA E 727 55.70 9.42 -0.76
C ALA E 727 56.70 8.31 -1.06
N TYR E 728 56.23 7.20 -1.62
CA TYR E 728 57.11 6.08 -1.96
C TYR E 728 58.18 6.52 -2.94
N THR E 729 57.79 7.16 -4.04
CA THR E 729 58.76 7.59 -5.03
C THR E 729 59.71 8.64 -4.47
N PHE E 730 59.19 9.60 -3.69
CA PHE E 730 60.06 10.61 -3.11
C PHE E 730 61.07 9.99 -2.16
N ALA E 731 60.63 9.03 -1.34
CA ALA E 731 61.55 8.36 -0.42
C ALA E 731 62.60 7.57 -1.18
N ARG E 732 62.21 6.92 -2.28
CA ARG E 732 63.17 6.22 -3.11
C ARG E 732 64.24 7.19 -3.63
N ALA E 733 63.80 8.32 -4.19
CA ALA E 733 64.75 9.30 -4.72
C ALA E 733 65.64 9.85 -3.61
N PHE E 734 65.08 10.08 -2.43
CA PHE E 734 65.85 10.62 -1.33
C PHE E 734 66.91 9.63 -0.86
N LEU E 735 66.52 8.36 -0.71
CA LEU E 735 67.49 7.32 -0.35
C LEU E 735 68.59 7.25 -1.39
N MET E 736 68.23 7.29 -2.67
CA MET E 736 69.23 7.38 -3.74
C MET E 736 70.22 8.50 -3.45
N GLN E 737 69.72 9.73 -3.34
CA GLN E 737 70.60 10.88 -3.21
C GLN E 737 71.48 10.76 -1.97
N HIS E 738 70.93 10.24 -0.88
CA HIS E 738 71.67 10.21 0.38
C HIS E 738 72.69 9.08 0.40
N ALA E 739 72.25 7.84 0.20
CA ALA E 739 73.12 6.67 0.24
C ALA E 739 72.94 5.89 -1.05
N PRO E 740 73.68 6.26 -2.11
CA PRO E 740 73.51 5.55 -3.39
C PRO E 740 73.77 4.06 -3.28
N ALA E 741 74.70 3.63 -2.42
CA ALA E 741 74.96 2.20 -2.28
C ALA E 741 73.72 1.46 -1.78
N ASN E 742 73.01 2.03 -0.81
CA ASN E 742 71.81 1.40 -0.28
C ASN E 742 70.77 1.25 -1.39
N ASP E 743 70.15 0.07 -1.45
CA ASP E 743 69.10 -0.19 -2.42
C ASP E 743 67.93 -0.97 -1.83
N TYR E 744 67.85 -1.10 -0.50
CA TYR E 744 66.79 -1.89 0.11
C TYR E 744 65.41 -1.38 -0.30
N LEU E 745 65.17 -0.09 -0.12
CA LEU E 745 63.86 0.46 -0.46
C LEU E 745 63.62 0.46 -1.96
N VAL E 746 64.69 0.49 -2.76
CA VAL E 746 64.53 0.53 -4.21
C VAL E 746 63.83 -0.73 -4.70
N THR E 747 64.31 -1.90 -4.27
CA THR E 747 63.72 -3.19 -4.66
C THR E 747 63.50 -4.00 -3.39
N SER E 748 62.33 -3.81 -2.78
CA SER E 748 61.88 -4.66 -1.67
C SER E 748 60.40 -4.39 -1.45
N HIS E 749 59.58 -5.42 -1.59
CA HIS E 749 58.14 -5.25 -1.40
C HIS E 749 57.84 -4.98 0.07
N ILE E 750 57.15 -3.87 0.34
CA ILE E 750 56.93 -3.38 1.69
C ILE E 750 55.44 -3.20 1.91
N HIS E 751 54.93 -3.74 3.02
CA HIS E 751 53.56 -3.50 3.44
C HIS E 751 53.55 -2.52 4.60
N LEU E 752 52.73 -1.49 4.49
CA LEU E 752 52.56 -0.51 5.55
C LEU E 752 51.10 -0.41 5.92
N HIS E 753 50.84 -0.22 7.21
CA HIS E 753 49.51 -0.03 7.74
C HIS E 753 49.43 1.34 8.40
N VAL E 754 48.49 2.15 7.95
CA VAL E 754 48.16 3.43 8.57
C VAL E 754 46.78 3.30 9.19
N PRO E 755 46.65 3.34 10.52
CA PRO E 755 45.32 3.18 11.12
C PRO E 755 44.35 4.22 10.60
N GLU E 756 43.11 3.80 10.38
CA GLU E 756 42.08 4.67 9.83
C GLU E 756 41.42 5.46 10.95
N GLY E 757 40.43 6.27 10.58
CA GLY E 757 39.81 7.21 11.48
C GLY E 757 40.04 8.63 11.04
N ALA E 758 41.08 8.83 10.23
CA ALA E 758 41.37 10.15 9.68
C ALA E 758 40.39 10.48 8.56
N THR E 759 39.80 11.68 8.64
CA THR E 759 38.92 12.12 7.59
C THR E 759 39.69 12.25 6.27
N PRO E 760 39.04 12.00 5.13
CA PRO E 760 39.78 12.04 3.86
C PRO E 760 40.54 13.32 3.63
N LYS E 761 39.96 14.47 3.99
CA LYS E 761 40.64 15.74 3.76
C LYS E 761 41.99 15.77 4.47
N ASP E 762 42.05 15.23 5.68
CA ASP E 762 43.29 15.20 6.45
C ASP E 762 44.17 14.01 6.10
N GLY E 763 43.78 13.18 5.14
CA GLY E 763 44.54 12.01 4.78
C GLY E 763 45.96 12.32 4.35
N PRO E 764 46.13 13.31 3.47
CA PRO E 764 47.48 13.65 3.01
C PRO E 764 48.41 14.12 4.12
N SER E 765 47.86 14.58 5.25
CA SER E 765 48.71 15.05 6.34
C SER E 765 49.62 13.95 6.88
N ALA E 766 49.27 12.69 6.66
CA ALA E 766 50.11 11.59 7.11
C ALA E 766 51.26 11.29 6.15
N GLY E 767 51.21 11.83 4.93
CA GLY E 767 52.19 11.44 3.93
C GLY E 767 53.62 11.60 4.41
N CYS E 768 53.94 12.76 4.97
CA CYS E 768 55.29 12.99 5.47
C CYS E 768 55.73 11.85 6.38
N THR E 769 54.87 11.50 7.35
CA THR E 769 55.21 10.41 8.25
C THR E 769 55.60 9.17 7.47
N ILE E 770 54.75 8.77 6.52
CA ILE E 770 55.00 7.59 5.71
C ILE E 770 56.46 7.63 5.26
N VAL E 771 56.86 8.76 4.68
CA VAL E 771 58.21 8.87 4.12
C VAL E 771 59.23 8.40 5.15
N THR E 772 59.27 9.07 6.31
CA THR E 772 60.32 8.76 7.27
C THR E 772 60.26 7.30 7.66
N ALA E 773 59.05 6.75 7.81
CA ALA E 773 58.91 5.34 8.13
C ALA E 773 59.76 4.50 7.19
N LEU E 774 59.51 4.61 5.89
CA LEU E 774 60.29 3.84 4.92
C LEU E 774 61.77 4.06 5.15
N LEU E 775 62.18 5.32 5.30
CA LEU E 775 63.60 5.60 5.49
C LEU E 775 64.14 4.85 6.69
N SER E 776 63.41 4.87 7.81
CA SER E 776 63.82 4.06 8.95
C SER E 776 63.91 2.59 8.55
N LEU E 777 62.85 2.06 7.96
CA LEU E 777 62.87 0.68 7.51
C LEU E 777 63.93 0.46 6.45
N ALA E 778 64.37 1.52 5.78
CA ALA E 778 65.46 1.38 4.82
C ALA E 778 66.79 1.16 5.51
N MET E 779 67.04 1.90 6.60
CA MET E 779 68.29 1.78 7.34
C MET E 779 68.13 1.07 8.67
N GLY E 780 66.91 0.68 9.04
CA GLY E 780 66.70 -0.03 10.28
C GLY E 780 66.96 0.77 11.53
N ARG E 781 67.17 2.08 11.41
CA ARG E 781 67.39 2.91 12.58
C ARG E 781 66.04 3.40 13.10
N PRO E 782 65.63 3.01 14.30
CA PRO E 782 64.35 3.51 14.82
C PRO E 782 64.35 5.03 14.94
N VAL E 783 63.20 5.63 14.61
CA VAL E 783 63.07 7.07 14.74
C VAL E 783 63.25 7.45 16.20
N ARG E 784 63.76 8.65 16.44
CA ARG E 784 63.96 9.12 17.80
C ARG E 784 62.65 9.07 18.57
N GLN E 785 62.72 8.56 19.80
CA GLN E 785 61.52 8.29 20.56
C GLN E 785 60.72 9.57 20.79
N ASN E 786 59.40 9.42 20.87
CA ASN E 786 58.47 10.51 21.15
C ASN E 786 58.80 11.73 20.30
N LEU E 787 58.67 11.56 18.99
CA LEU E 787 58.87 12.62 18.02
C LEU E 787 57.70 12.59 17.03
N ALA E 788 56.72 13.46 17.24
CA ALA E 788 55.59 13.56 16.34
C ALA E 788 55.91 14.49 15.19
N MET E 789 55.30 14.21 14.04
CA MET E 789 55.52 15.02 12.85
C MET E 789 54.36 14.81 11.89
N THR E 790 53.84 15.91 11.36
CA THR E 790 52.72 15.84 10.42
C THR E 790 52.97 16.82 9.27
N GLY E 791 52.45 16.48 8.11
CA GLY E 791 52.60 17.34 6.95
C GLY E 791 52.33 16.56 5.68
N GLU E 792 52.40 17.29 4.56
CA GLU E 792 52.19 16.72 3.24
C GLU E 792 53.42 16.95 2.38
N VAL E 793 53.82 15.92 1.64
CA VAL E 793 54.96 16.00 0.74
C VAL E 793 54.46 16.00 -0.69
N SER E 794 55.26 16.57 -1.59
CA SER E 794 54.85 16.81 -2.96
C SER E 794 55.93 16.37 -3.94
N LEU E 795 56.48 15.17 -3.71
CA LEU E 795 57.41 14.52 -4.62
C LEU E 795 58.74 15.26 -4.75
N THR E 796 58.94 16.34 -4.01
CA THR E 796 60.20 17.08 -4.06
C THR E 796 60.68 17.51 -2.68
N GLY E 797 60.03 17.06 -1.60
CA GLY E 797 60.47 17.38 -0.27
C GLY E 797 59.95 18.68 0.31
N LYS E 798 59.23 19.47 -0.49
CA LYS E 798 58.65 20.72 0.01
C LYS E 798 57.35 20.39 0.74
N ILE E 799 57.32 20.64 2.04
CA ILE E 799 56.16 20.30 2.85
C ILE E 799 55.07 21.35 2.65
N LEU E 800 53.82 20.92 2.82
CA LEU E 800 52.67 21.77 2.56
C LEU E 800 51.85 21.97 3.84
N PRO E 801 51.12 23.07 3.95
CA PRO E 801 50.33 23.31 5.16
C PRO E 801 49.20 22.30 5.30
N VAL E 802 48.81 22.05 6.56
CA VAL E 802 47.68 21.19 6.88
C VAL E 802 46.78 21.92 7.87
N GLY E 803 45.49 21.56 7.84
CA GLY E 803 44.51 22.20 8.68
C GLY E 803 44.31 21.46 10.00
N GLY E 804 43.50 22.08 10.86
CA GLY E 804 43.19 21.49 12.16
C GLY E 804 44.42 21.24 13.00
N ILE E 805 45.35 22.20 13.04
CA ILE E 805 46.58 22.00 13.81
C ILE E 805 46.27 21.92 15.30
N LYS E 806 45.24 22.62 15.76
CA LYS E 806 44.95 22.64 17.20
C LYS E 806 44.63 21.24 17.72
N GLU E 807 43.75 20.51 17.03
CA GLU E 807 43.34 19.20 17.51
C GLU E 807 44.52 18.23 17.54
N LYS E 808 45.34 18.25 16.50
CA LYS E 808 46.52 17.39 16.47
C LYS E 808 47.50 17.79 17.57
N THR E 809 47.67 19.08 17.84
CA THR E 809 48.56 19.52 18.89
C THR E 809 48.09 19.02 20.26
N ILE E 810 46.80 19.16 20.54
CA ILE E 810 46.29 18.70 21.83
C ILE E 810 46.38 17.18 21.94
N ALA E 811 46.14 16.47 20.83
CA ALA E 811 46.30 15.02 20.85
C ALA E 811 47.74 14.63 21.13
N ALA E 812 48.70 15.34 20.52
CA ALA E 812 50.11 15.07 20.76
C ALA E 812 50.47 15.33 22.22
N LYS E 813 49.98 16.44 22.78
CA LYS E 813 50.25 16.72 24.18
C LYS E 813 49.67 15.64 25.08
N ARG E 814 48.45 15.19 24.78
CA ARG E 814 47.86 14.10 25.56
C ARG E 814 48.70 12.83 25.43
N ALA E 815 49.27 12.59 24.25
CA ALA E 815 50.13 11.43 24.03
C ALA E 815 51.44 11.52 24.79
N GLY E 816 51.81 12.71 25.29
CA GLY E 816 53.04 12.88 26.04
C GLY E 816 54.28 13.10 25.19
N VAL E 817 54.14 13.17 23.87
CA VAL E 817 55.29 13.41 23.01
C VAL E 817 55.89 14.78 23.32
N THR E 818 57.22 14.85 23.33
CA THR E 818 57.93 16.08 23.65
C THR E 818 58.36 16.87 22.43
N CYS E 819 58.36 16.25 21.25
CA CYS E 819 58.83 16.91 20.02
C CYS E 819 57.75 16.77 18.96
N ILE E 820 57.36 17.90 18.37
CA ILE E 820 56.39 17.94 17.28
C ILE E 820 56.98 18.75 16.14
N VAL E 821 56.88 18.20 14.93
CA VAL E 821 57.41 18.83 13.72
C VAL E 821 56.23 19.23 12.84
N LEU E 822 56.24 20.48 12.39
CA LEU E 822 55.12 21.04 11.63
C LEU E 822 55.64 21.73 10.38
N PRO E 823 54.80 21.87 9.35
CA PRO E 823 55.21 22.64 8.17
C PRO E 823 55.43 24.10 8.54
N ALA E 824 56.33 24.75 7.78
CA ALA E 824 56.65 26.15 8.07
C ALA E 824 55.42 27.04 7.92
N GLU E 825 54.61 26.79 6.89
CA GLU E 825 53.45 27.64 6.64
C GLU E 825 52.48 27.62 7.83
N ASN E 826 52.30 26.44 8.44
CA ASN E 826 51.41 26.32 9.58
C ASN E 826 52.00 26.88 10.87
N LYS E 827 53.26 27.34 10.83
CA LYS E 827 53.93 27.79 12.04
C LYS E 827 53.04 28.72 12.86
N LYS E 828 52.69 29.87 12.29
CA LYS E 828 51.89 30.85 13.02
C LYS E 828 50.58 30.25 13.51
N ASP E 829 49.99 29.33 12.75
CA ASP E 829 48.73 28.74 13.18
C ASP E 829 48.88 28.06 14.53
N PHE E 830 50.02 27.39 14.75
CA PHE E 830 50.26 26.78 16.05
C PHE E 830 50.44 27.84 17.14
N TYR E 831 51.04 28.98 16.79
CA TYR E 831 51.22 30.05 17.76
C TYR E 831 49.89 30.60 18.24
N ASP E 832 48.87 30.59 17.39
CA ASP E 832 47.56 31.09 17.79
C ASP E 832 46.96 30.27 18.93
N LEU E 833 47.44 29.05 19.15
CA LEU E 833 46.91 28.21 20.21
C LEU E 833 47.16 28.86 21.57
N ALA E 834 46.29 28.53 22.53
CA ALA E 834 46.43 29.06 23.87
C ALA E 834 47.78 28.69 24.45
N ALA E 835 48.37 29.63 25.20
CA ALA E 835 49.72 29.42 25.71
C ALA E 835 49.80 28.20 26.63
N PHE E 836 48.79 28.02 27.48
CA PHE E 836 48.87 27.00 28.52
C PHE E 836 49.02 25.59 27.95
N ILE E 837 48.67 25.40 26.67
CA ILE E 837 48.76 24.07 26.08
C ILE E 837 50.08 23.84 25.34
N THR E 838 50.90 24.88 25.16
CA THR E 838 52.13 24.77 24.39
C THR E 838 53.36 24.49 25.25
N GLU E 839 53.19 24.29 26.55
CA GLU E 839 54.35 24.10 27.42
C GLU E 839 55.02 22.78 27.13
N GLY E 840 56.35 22.76 27.25
CA GLY E 840 57.16 21.56 27.17
C GLY E 840 57.57 21.12 25.79
N LEU E 841 56.62 20.95 24.88
CA LEU E 841 56.93 20.38 23.58
C LEU E 841 57.92 21.25 22.82
N GLU E 842 58.83 20.59 22.09
CA GLU E 842 59.82 21.28 21.26
C GLU E 842 59.30 21.30 19.83
N VAL E 843 58.49 22.32 19.53
CA VAL E 843 57.90 22.43 18.21
C VAL E 843 58.96 22.80 17.19
N HIS E 844 58.99 22.06 16.09
CA HIS E 844 59.94 22.28 15.01
C HIS E 844 59.18 22.63 13.73
N PHE E 845 59.55 23.74 13.11
CA PHE E 845 58.90 24.21 11.89
C PHE E 845 59.86 24.05 10.72
N VAL E 846 59.38 23.41 9.65
CA VAL E 846 60.20 23.12 8.48
C VAL E 846 59.38 23.38 7.22
N GLU E 847 60.09 23.54 6.11
CA GLU E 847 59.48 23.68 4.78
C GLU E 847 59.95 22.61 3.82
N HIS E 848 61.23 22.24 3.86
CA HIS E 848 61.77 21.17 3.05
C HIS E 848 61.89 19.90 3.89
N TYR E 849 61.76 18.74 3.23
CA TYR E 849 61.80 17.49 3.97
C TYR E 849 63.20 17.17 4.47
N ARG E 850 64.23 17.69 3.78
CA ARG E 850 65.60 17.39 4.18
C ARG E 850 65.82 17.67 5.66
N GLU E 851 65.32 18.82 6.14
CA GLU E 851 65.49 19.16 7.55
C GLU E 851 64.93 18.08 8.45
N ILE E 852 63.75 17.55 8.12
CA ILE E 852 63.17 16.48 8.92
C ILE E 852 64.13 15.29 8.99
N PHE E 853 64.76 14.95 7.86
CA PHE E 853 65.70 13.84 7.86
C PHE E 853 66.88 14.13 8.78
N ASP E 854 67.24 15.39 8.93
CA ASP E 854 68.31 15.77 9.86
C ASP E 854 67.86 15.77 11.31
N ILE E 855 66.55 15.73 11.57
CA ILE E 855 66.02 15.76 12.92
C ILE E 855 65.62 14.37 13.40
N ALA E 856 64.85 13.64 12.58
CA ALA E 856 64.40 12.31 12.98
C ALA E 856 65.58 11.35 13.15
N PHE E 857 66.62 11.52 12.34
CA PHE E 857 67.78 10.62 12.35
C PHE E 857 69.04 11.48 12.50
N PRO E 858 69.31 11.99 13.71
CA PRO E 858 70.47 12.84 13.94
C PRO E 858 71.79 12.10 13.78
N HIS F 33 -78.47 27.80 -27.63
CA HIS F 33 -77.54 28.12 -28.75
C HIS F 33 -76.38 28.98 -28.26
N LEU F 34 -75.46 28.36 -27.51
CA LEU F 34 -74.31 29.05 -26.95
C LEU F 34 -73.04 28.26 -27.24
N PRO F 35 -71.89 28.93 -27.29
CA PRO F 35 -70.64 28.21 -27.54
C PRO F 35 -70.32 27.25 -26.41
N LEU F 36 -69.64 26.16 -26.76
CA LEU F 36 -69.30 25.15 -25.78
C LEU F 36 -68.31 25.69 -24.77
N ILE F 37 -68.50 25.31 -23.50
CA ILE F 37 -67.63 25.78 -22.43
C ILE F 37 -66.28 25.10 -22.52
N ALA F 38 -65.22 25.84 -22.18
CA ALA F 38 -63.86 25.31 -22.18
C ALA F 38 -63.59 24.70 -20.80
N ILE F 39 -63.71 23.38 -20.71
CA ILE F 39 -63.56 22.71 -19.42
C ILE F 39 -62.11 22.84 -18.92
N THR F 40 -61.15 22.53 -19.77
CA THR F 40 -59.73 22.64 -19.42
C THR F 40 -59.39 21.82 -18.17
N ARG F 41 -59.58 20.50 -18.30
CA ARG F 41 -59.25 19.55 -17.22
C ARG F 41 -59.99 19.93 -15.93
N ASN F 42 -61.32 19.99 -16.02
CA ASN F 42 -62.18 20.33 -14.89
C ASN F 42 -63.31 19.31 -14.83
N PRO F 43 -63.06 18.14 -14.24
CA PRO F 43 -64.14 17.15 -14.12
C PRO F 43 -65.23 17.64 -13.17
N VAL F 44 -66.48 17.50 -13.59
CA VAL F 44 -67.63 18.00 -12.84
C VAL F 44 -68.52 16.79 -12.57
N PHE F 45 -68.40 16.22 -11.37
CA PHE F 45 -69.27 15.12 -10.99
C PHE F 45 -70.70 15.63 -10.80
N PRO F 46 -71.71 14.85 -11.19
CA PRO F 46 -73.09 15.34 -11.04
C PRO F 46 -73.42 15.70 -9.61
N ARG F 47 -74.16 16.79 -9.45
CA ARG F 47 -74.60 17.25 -8.12
C ARG F 47 -73.41 17.50 -7.21
N PHE F 48 -72.30 17.95 -7.78
CA PHE F 48 -71.10 18.29 -7.02
C PHE F 48 -70.66 19.69 -7.39
N ILE F 49 -70.36 20.50 -6.37
CA ILE F 49 -69.92 21.87 -6.60
C ILE F 49 -68.45 21.87 -6.99
N LYS F 50 -68.12 22.57 -8.07
CA LYS F 50 -66.77 22.64 -8.57
C LYS F 50 -66.47 24.07 -9.01
N ILE F 51 -65.18 24.37 -9.15
CA ILE F 51 -64.73 25.69 -9.59
C ILE F 51 -63.93 25.52 -10.88
N ILE F 52 -64.18 26.42 -11.83
CA ILE F 52 -63.52 26.40 -13.13
C ILE F 52 -62.83 27.74 -13.34
N GLU F 53 -61.58 27.69 -13.80
CA GLU F 53 -60.78 28.89 -14.08
C GLU F 53 -60.06 28.65 -15.40
N VAL F 54 -60.53 29.32 -16.45
CA VAL F 54 -59.92 29.21 -17.78
C VAL F 54 -59.03 30.42 -18.00
N LYS F 55 -57.81 30.18 -18.49
CA LYS F 55 -56.86 31.27 -18.68
C LYS F 55 -57.38 32.29 -19.70
N ASN F 56 -57.99 31.81 -20.78
CA ASN F 56 -58.51 32.72 -21.79
C ASN F 56 -59.58 33.62 -21.20
N LYS F 57 -59.58 34.89 -21.62
CA LYS F 57 -60.52 35.89 -21.13
C LYS F 57 -61.76 36.00 -22.00
N LYS F 58 -61.89 35.18 -23.05
CA LYS F 58 -63.02 35.29 -23.95
C LYS F 58 -64.30 34.72 -23.34
N LEU F 59 -64.18 33.69 -22.49
CA LEU F 59 -65.36 33.14 -21.85
C LEU F 59 -66.02 34.15 -20.91
N VAL F 60 -65.23 35.06 -20.35
CA VAL F 60 -65.81 36.10 -19.51
C VAL F 60 -66.79 36.94 -20.30
N GLU F 61 -66.52 37.13 -21.59
CA GLU F 61 -67.49 37.83 -22.45
C GLU F 61 -68.80 37.05 -22.53
N LEU F 62 -68.71 35.73 -22.66
CA LEU F 62 -69.92 34.91 -22.67
C LEU F 62 -70.69 35.05 -21.36
N LEU F 63 -69.97 35.04 -20.24
CA LEU F 63 -70.64 35.21 -18.95
C LEU F 63 -71.30 36.58 -18.83
N ARG F 64 -70.61 37.62 -19.29
CA ARG F 64 -71.16 38.97 -19.19
C ARG F 64 -72.36 39.16 -20.11
N ARG F 65 -72.37 38.52 -21.28
CA ARG F 65 -73.50 38.64 -22.19
C ARG F 65 -74.78 38.05 -21.62
N LYS F 66 -74.71 37.22 -20.58
CA LYS F 66 -75.88 36.62 -19.97
C LYS F 66 -76.23 37.25 -18.63
N VAL F 67 -75.51 38.28 -18.20
CA VAL F 67 -75.85 38.95 -16.94
C VAL F 67 -77.18 39.67 -17.07
N ARG F 68 -77.46 40.24 -18.24
CA ARG F 68 -78.73 40.95 -18.43
C ARG F 68 -79.92 40.01 -18.30
N LEU F 69 -79.77 38.75 -18.71
CA LEU F 69 -80.88 37.82 -18.68
C LEU F 69 -81.40 37.64 -17.26
N ALA F 70 -82.73 37.58 -17.13
CA ALA F 70 -83.34 37.38 -15.82
C ALA F 70 -83.04 36.00 -15.25
N GLN F 71 -82.68 35.04 -16.09
CA GLN F 71 -82.40 33.67 -15.67
C GLN F 71 -81.08 33.23 -16.30
N PRO F 72 -79.96 33.74 -15.82
CA PRO F 72 -78.66 33.33 -16.38
C PRO F 72 -78.41 31.85 -16.15
N TYR F 73 -77.66 31.25 -17.08
CA TYR F 73 -77.42 29.81 -17.06
C TYR F 73 -76.09 29.51 -17.73
N VAL F 74 -75.60 28.30 -17.49
CA VAL F 74 -74.38 27.81 -18.13
C VAL F 74 -74.45 26.29 -18.17
N GLY F 75 -74.00 25.72 -19.27
CA GLY F 75 -73.99 24.28 -19.45
C GLY F 75 -72.62 23.69 -19.20
N VAL F 76 -72.60 22.46 -18.72
CA VAL F 76 -71.36 21.75 -18.38
C VAL F 76 -71.32 20.45 -19.18
N PHE F 77 -70.20 20.21 -19.85
CA PHE F 77 -69.99 18.97 -20.58
C PHE F 77 -68.66 18.33 -20.17
N LEU F 78 -68.27 17.27 -20.85
CA LEU F 78 -67.04 16.54 -20.54
C LEU F 78 -66.24 16.32 -21.81
N LYS F 79 -64.92 16.53 -21.71
CA LYS F 79 -64.05 16.39 -22.85
C LYS F 79 -63.66 14.92 -23.08
N ARG F 80 -63.25 14.61 -24.30
CA ARG F 80 -62.83 13.27 -24.66
C ARG F 80 -61.32 13.15 -24.49
N ASP F 81 -60.75 12.05 -24.98
CA ASP F 81 -59.32 11.81 -24.85
C ASP F 81 -58.53 12.76 -25.74
N ASP F 82 -57.26 12.96 -25.38
CA ASP F 82 -56.34 13.80 -26.14
C ASP F 82 -56.89 15.22 -26.28
N SER F 83 -57.02 15.89 -25.13
CA SER F 83 -57.52 17.25 -25.12
C SER F 83 -56.63 18.16 -25.94
N ASN F 84 -57.25 18.99 -26.79
CA ASN F 84 -56.52 19.96 -27.60
C ASN F 84 -57.39 21.20 -27.76
N GLU F 85 -56.96 22.31 -27.16
CA GLU F 85 -57.76 23.53 -27.23
C GLU F 85 -57.91 24.04 -28.66
N SER F 86 -56.93 23.74 -29.52
CA SER F 86 -57.02 24.15 -30.92
C SER F 86 -58.22 23.49 -31.59
N ASP F 87 -58.44 22.21 -31.32
CA ASP F 87 -59.59 21.52 -31.90
C ASP F 87 -60.91 22.06 -31.35
N VAL F 88 -60.90 22.57 -30.12
CA VAL F 88 -62.14 23.08 -29.52
C VAL F 88 -62.70 24.22 -30.36
N VAL F 89 -61.83 25.16 -30.75
CA VAL F 89 -62.27 26.29 -31.59
C VAL F 89 -62.37 25.91 -33.05
N GLU F 90 -61.82 24.77 -33.46
CA GLU F 90 -61.86 24.34 -34.84
C GLU F 90 -63.00 23.37 -35.11
N SER F 91 -63.22 22.41 -34.20
CA SER F 91 -64.27 21.42 -34.33
C SER F 91 -65.03 21.31 -33.02
N LEU F 92 -66.34 21.12 -33.12
CA LEU F 92 -67.21 21.00 -31.96
C LEU F 92 -67.49 19.56 -31.56
N ASP F 93 -66.89 18.59 -32.26
CA ASP F 93 -67.13 17.18 -31.95
C ASP F 93 -66.32 16.67 -30.78
N GLU F 94 -65.30 17.42 -30.33
CA GLU F 94 -64.48 16.95 -29.21
C GLU F 94 -65.30 16.83 -27.94
N ILE F 95 -66.18 17.79 -27.68
CA ILE F 95 -67.00 17.74 -26.47
C ILE F 95 -68.04 16.64 -26.61
N GLU F 96 -68.12 15.79 -25.58
CA GLU F 96 -69.08 14.70 -25.61
C GLU F 96 -70.51 15.23 -25.62
N HIS F 97 -71.40 14.49 -26.29
CA HIS F 97 -72.77 14.94 -26.46
C HIS F 97 -73.48 15.10 -25.12
N THR F 98 -73.09 14.31 -24.11
CA THR F 98 -73.70 14.44 -22.79
C THR F 98 -73.46 15.83 -22.23
N GLY F 99 -74.52 16.44 -21.70
CA GLY F 99 -74.44 17.77 -21.16
C GLY F 99 -75.17 17.88 -19.84
N THR F 100 -74.87 18.95 -19.11
CA THR F 100 -75.43 19.18 -17.79
C THR F 100 -75.80 20.66 -17.67
N PHE F 101 -77.10 20.95 -17.77
CA PHE F 101 -77.59 22.30 -17.61
C PHE F 101 -77.81 22.61 -16.14
N ALA F 102 -77.38 23.80 -15.72
CA ALA F 102 -77.49 24.21 -14.32
C ALA F 102 -77.42 25.73 -14.26
N GLN F 103 -77.78 26.26 -13.09
CA GLN F 103 -77.79 27.69 -12.86
C GLN F 103 -76.42 28.18 -12.41
N ILE F 104 -76.18 29.47 -12.56
CA ILE F 104 -74.92 30.09 -12.14
C ILE F 104 -75.09 30.65 -10.74
N HIS F 105 -74.12 30.35 -9.87
CA HIS F 105 -74.19 30.75 -8.47
C HIS F 105 -73.68 32.17 -8.26
N GLU F 106 -72.41 32.43 -8.59
CA GLU F 106 -71.82 33.73 -8.33
C GLU F 106 -70.42 33.81 -8.93
N MET F 107 -69.97 35.02 -9.27
CA MET F 107 -68.61 35.25 -9.71
C MET F 107 -67.76 35.74 -8.54
N GLN F 108 -66.64 35.05 -8.31
CA GLN F 108 -65.74 35.40 -7.22
C GLN F 108 -64.51 36.13 -7.72
N ASP F 109 -63.76 35.54 -8.65
CA ASP F 109 -62.58 36.16 -9.25
C ASP F 109 -61.68 36.78 -8.19
N LEU F 110 -61.28 35.95 -7.22
CA LEU F 110 -60.42 36.40 -6.15
C LEU F 110 -59.05 36.81 -6.70
N GLY F 111 -58.35 35.87 -7.33
CA GLY F 111 -57.06 36.15 -7.92
C GLY F 111 -57.12 36.20 -9.43
N ASP F 112 -57.91 35.32 -10.03
CA ASP F 112 -58.07 35.25 -11.47
C ASP F 112 -59.31 36.02 -11.91
N LYS F 113 -59.23 36.60 -13.11
CA LYS F 113 -60.37 37.34 -13.66
C LYS F 113 -61.50 36.42 -14.09
N LEU F 114 -61.28 35.11 -14.11
CA LEU F 114 -62.32 34.15 -14.53
C LEU F 114 -62.30 32.99 -13.55
N ARG F 115 -63.29 32.95 -12.65
CA ARG F 115 -63.44 31.89 -11.66
C ARG F 115 -64.94 31.66 -11.46
N MET F 116 -65.47 30.63 -12.12
CA MET F 116 -66.89 30.30 -12.05
C MET F 116 -67.11 29.09 -11.16
N ILE F 117 -68.34 28.97 -10.66
CA ILE F 117 -68.76 27.83 -9.85
C ILE F 117 -69.82 27.07 -10.65
N VAL F 118 -69.62 25.76 -10.79
CA VAL F 118 -70.48 24.92 -11.62
C VAL F 118 -71.01 23.77 -10.77
N MET F 119 -72.22 23.33 -11.10
CA MET F 119 -72.88 22.23 -10.41
C MET F 119 -73.76 21.50 -11.41
N GLY F 120 -73.96 20.21 -11.17
CA GLY F 120 -74.77 19.40 -12.06
C GLY F 120 -76.22 19.30 -11.61
N HIS F 121 -77.13 19.83 -12.40
CA HIS F 121 -78.56 19.83 -12.05
C HIS F 121 -79.38 18.98 -13.01
N ARG F 122 -79.34 19.26 -14.31
CA ARG F 122 -80.20 18.61 -15.29
C ARG F 122 -79.32 17.96 -16.35
N ARG F 123 -79.25 16.63 -16.33
CA ARG F 123 -78.46 15.89 -17.31
C ARG F 123 -79.27 15.69 -18.59
N VAL F 124 -78.58 15.76 -19.72
CA VAL F 124 -79.22 15.66 -21.03
C VAL F 124 -78.27 14.98 -21.99
N HIS F 125 -78.84 14.34 -23.02
CA HIS F 125 -78.08 13.65 -24.06
C HIS F 125 -78.61 14.13 -25.41
N ILE F 126 -77.93 15.10 -26.02
CA ILE F 126 -78.36 15.64 -27.30
C ILE F 126 -78.21 14.56 -28.36
N SER F 127 -79.24 14.39 -29.19
CA SER F 127 -79.19 13.37 -30.23
C SER F 127 -78.08 13.66 -31.22
N ARG F 128 -77.92 14.92 -31.62
CA ARG F 128 -76.88 15.31 -32.57
C ARG F 128 -76.54 16.77 -32.33
N GLN F 129 -75.37 17.02 -31.73
CA GLN F 129 -74.93 18.38 -31.51
C GLN F 129 -74.67 19.12 -32.82
N LEU F 130 -74.29 18.40 -33.88
CA LEU F 130 -74.02 19.05 -35.16
C LEU F 130 -75.28 19.71 -35.72
N GLU F 131 -76.41 19.03 -35.60
CA GLU F 131 -77.67 19.57 -36.11
C GLU F 131 -78.05 20.86 -35.39
N MET F 182 -80.07 24.90 -29.63
CA MET F 182 -80.12 23.55 -30.16
C MET F 182 -81.26 22.76 -29.51
N VAL F 183 -81.79 21.78 -30.24
CA VAL F 183 -82.89 20.97 -29.73
C VAL F 183 -82.39 20.08 -28.60
N GLU F 184 -83.20 19.95 -27.55
CA GLU F 184 -82.84 19.12 -26.40
C GLU F 184 -84.12 18.67 -25.72
N VAL F 185 -83.99 17.66 -24.86
CA VAL F 185 -85.13 17.10 -24.14
C VAL F 185 -84.64 16.58 -22.81
N GLU F 186 -85.53 16.57 -21.82
CA GLU F 186 -85.20 16.09 -20.48
C GLU F 186 -85.32 14.57 -20.44
N ASN F 187 -84.39 13.93 -21.15
CA ASN F 187 -84.37 12.46 -21.27
C ASN F 187 -83.59 11.84 -20.11
N VAL F 188 -84.18 11.95 -18.92
CA VAL F 188 -83.60 11.38 -17.70
C VAL F 188 -84.45 10.15 -17.36
N VAL F 189 -83.98 8.99 -17.79
CA VAL F 189 -84.69 7.74 -17.57
C VAL F 189 -84.31 7.19 -16.19
N HIS F 190 -85.31 6.90 -15.38
CA HIS F 190 -85.10 6.38 -14.03
C HIS F 190 -86.06 5.24 -13.75
N GLU F 191 -86.20 4.32 -14.70
CA GLU F 191 -87.12 3.20 -14.53
C GLU F 191 -86.66 2.31 -13.38
N ASP F 192 -87.63 1.82 -12.61
CA ASP F 192 -87.34 0.97 -11.46
C ASP F 192 -88.47 -0.04 -11.28
N PHE F 193 -88.16 -1.13 -10.58
CA PHE F 193 -89.14 -2.15 -10.30
C PHE F 193 -90.13 -1.68 -9.25
N GLN F 194 -91.38 -2.13 -9.37
CA GLN F 194 -92.41 -1.73 -8.43
C GLN F 194 -92.11 -2.26 -7.02
N VAL F 195 -91.44 -3.39 -6.92
CA VAL F 195 -91.13 -3.98 -5.61
C VAL F 195 -89.88 -3.31 -5.05
N THR F 196 -90.08 -2.20 -4.33
CA THR F 196 -88.98 -1.45 -3.72
C THR F 196 -88.78 -1.89 -2.28
N GLU F 197 -88.54 -3.18 -2.09
CA GLU F 197 -88.32 -3.75 -0.76
C GLU F 197 -86.91 -4.29 -0.58
N GLU F 198 -86.45 -5.19 -1.46
CA GLU F 198 -85.10 -5.71 -1.39
C GLU F 198 -84.12 -4.93 -2.26
N VAL F 199 -84.60 -3.99 -3.07
CA VAL F 199 -83.71 -3.19 -3.90
C VAL F 199 -82.83 -2.27 -3.06
N LYS F 200 -83.23 -1.97 -1.83
CA LYS F 200 -82.46 -1.09 -0.97
C LYS F 200 -81.37 -1.82 -0.20
N ALA F 201 -81.25 -3.14 -0.37
CA ALA F 201 -80.19 -3.88 0.31
C ALA F 201 -78.82 -3.42 -0.17
N LEU F 202 -78.66 -3.20 -1.47
CA LEU F 202 -77.38 -2.77 -2.00
C LEU F 202 -76.97 -1.40 -1.49
N THR F 203 -77.93 -0.60 -1.00
CA THR F 203 -77.59 0.69 -0.42
C THR F 203 -76.70 0.52 0.81
N ALA F 204 -77.00 -0.48 1.64
CA ALA F 204 -76.16 -0.75 2.81
C ALA F 204 -74.74 -1.10 2.38
N GLU F 205 -74.60 -1.96 1.37
CA GLU F 205 -73.28 -2.31 0.88
C GLU F 205 -72.54 -1.08 0.36
N ILE F 206 -73.24 -0.23 -0.39
CA ILE F 206 -72.61 0.96 -0.96
C ILE F 206 -72.12 1.89 0.14
N VAL F 207 -72.97 2.13 1.14
CA VAL F 207 -72.59 3.04 2.21
C VAL F 207 -71.44 2.46 3.04
N LYS F 208 -71.46 1.16 3.28
CA LYS F 208 -70.36 0.54 4.02
C LYS F 208 -69.06 0.62 3.24
N THR F 209 -69.12 0.39 1.92
CA THR F 209 -67.93 0.51 1.10
C THR F 209 -67.39 1.94 1.11
N ILE F 210 -68.27 2.93 1.01
CA ILE F 210 -67.84 4.32 1.05
C ILE F 210 -67.20 4.63 2.41
N ARG F 211 -67.80 4.12 3.48
CA ARG F 211 -67.23 4.30 4.81
C ARG F 211 -65.82 3.73 4.88
N ASP F 212 -65.64 2.52 4.35
CA ASP F 212 -64.31 1.90 4.37
C ASP F 212 -63.32 2.71 3.54
N ILE F 213 -63.75 3.21 2.38
CA ILE F 213 -62.84 3.99 1.54
C ILE F 213 -62.41 5.26 2.25
N ILE F 214 -63.36 5.98 2.85
CA ILE F 214 -63.02 7.22 3.53
C ILE F 214 -62.21 6.96 4.80
N ALA F 215 -62.36 5.79 5.42
CA ALA F 215 -61.59 5.49 6.62
C ALA F 215 -60.15 5.13 6.26
N LEU F 216 -59.96 4.19 5.34
CA LEU F 216 -58.63 3.76 4.94
C LEU F 216 -57.99 4.68 3.90
N ASN F 217 -58.80 5.42 3.13
CA ASN F 217 -58.31 6.37 2.14
C ASN F 217 -59.08 7.68 2.29
N PRO F 218 -58.85 8.41 3.39
CA PRO F 218 -59.59 9.67 3.59
C PRO F 218 -59.26 10.67 2.50
N LEU F 219 -60.30 11.22 1.89
CA LEU F 219 -60.16 12.26 0.87
C LEU F 219 -60.79 13.58 1.29
N TYR F 220 -62.05 13.56 1.72
CA TYR F 220 -62.77 14.75 2.16
C TYR F 220 -63.26 14.54 3.59
N ARG F 221 -63.98 15.54 4.10
CA ARG F 221 -64.50 15.46 5.46
C ARG F 221 -65.58 14.40 5.56
N GLU F 222 -65.59 13.71 6.71
CA GLU F 222 -66.66 12.74 6.98
C GLU F 222 -67.98 13.42 7.35
N SER F 223 -67.97 14.74 7.57
CA SER F 223 -69.19 15.43 7.97
C SER F 223 -70.27 15.31 6.91
N VAL F 224 -69.89 15.43 5.64
CA VAL F 224 -70.87 15.34 4.56
C VAL F 224 -71.60 14.01 4.62
N LEU F 225 -70.87 12.93 4.93
CA LEU F 225 -71.52 11.64 5.12
C LEU F 225 -72.52 11.69 6.27
N GLN F 226 -72.14 12.36 7.37
CA GLN F 226 -73.04 12.46 8.51
C GLN F 226 -74.32 13.20 8.15
N MET F 227 -74.23 14.24 7.32
CA MET F 227 -75.43 14.99 6.97
C MET F 227 -76.46 14.11 6.28
N MET F 228 -76.00 13.25 5.35
CA MET F 228 -76.89 12.38 4.58
C MET F 228 -76.70 10.95 5.07
N GLN F 229 -77.71 10.44 5.79
CA GLN F 229 -77.71 9.07 6.28
C GLN F 229 -78.92 8.34 5.73
N ALA F 230 -78.74 7.05 5.43
CA ALA F 230 -79.80 6.27 4.79
C ALA F 230 -81.00 6.04 5.70
N GLY F 231 -80.83 6.20 7.01
CA GLY F 231 -81.90 5.94 7.97
C GLY F 231 -82.82 7.09 8.26
N GLN F 232 -82.56 8.28 7.73
CA GLN F 232 -83.37 9.46 8.01
C GLN F 232 -84.45 9.69 6.98
N ARG F 233 -84.54 8.86 5.94
CA ARG F 233 -85.60 8.94 4.94
C ARG F 233 -85.59 10.26 4.19
N VAL F 234 -84.42 10.92 4.10
CA VAL F 234 -84.33 12.20 3.41
C VAL F 234 -83.81 12.07 1.98
N VAL F 235 -83.49 10.86 1.54
CA VAL F 235 -82.91 10.66 0.20
C VAL F 235 -84.09 10.45 -0.74
N ASP F 236 -84.65 11.57 -1.22
CA ASP F 236 -85.73 11.52 -2.18
C ASP F 236 -85.26 11.13 -3.58
N ASN F 237 -83.97 11.30 -3.86
CA ASN F 237 -83.41 11.05 -5.19
C ASN F 237 -82.20 10.12 -5.00
N PRO F 238 -82.45 8.81 -4.85
CA PRO F 238 -81.33 7.89 -4.54
C PRO F 238 -80.24 7.88 -5.60
N ILE F 239 -80.57 8.09 -6.87
CA ILE F 239 -79.55 8.10 -7.90
C ILE F 239 -78.57 9.25 -7.66
N TYR F 240 -79.08 10.39 -7.17
CA TYR F 240 -78.18 11.49 -6.83
C TYR F 240 -77.22 11.08 -5.71
N LEU F 241 -77.72 10.37 -4.70
CA LEU F 241 -76.85 9.92 -3.62
C LEU F 241 -75.78 8.96 -4.15
N SER F 242 -76.18 8.01 -4.99
CA SER F 242 -75.20 7.09 -5.56
C SER F 242 -74.16 7.85 -6.38
N ASP F 243 -74.60 8.86 -7.14
CA ASP F 243 -73.69 9.63 -7.95
C ASP F 243 -72.69 10.41 -7.10
N MET F 244 -73.16 11.05 -6.02
CA MET F 244 -72.23 11.84 -5.21
C MET F 244 -71.28 10.92 -4.45
N GLY F 245 -71.75 9.73 -4.06
CA GLY F 245 -70.85 8.76 -3.45
C GLY F 245 -69.78 8.28 -4.43
N ALA F 246 -70.18 8.04 -5.68
CA ALA F 246 -69.20 7.64 -6.69
C ALA F 246 -68.26 8.77 -7.05
N ALA F 247 -68.70 10.02 -6.89
CA ALA F 247 -67.84 11.16 -7.21
C ALA F 247 -66.52 11.09 -6.44
N LEU F 248 -66.53 10.55 -5.22
CA LEU F 248 -65.30 10.37 -4.48
C LEU F 248 -64.36 9.37 -5.15
N THR F 249 -64.87 8.57 -6.09
CA THR F 249 -64.04 7.62 -6.79
C THR F 249 -62.95 8.32 -7.58
N GLY F 250 -61.77 7.72 -7.61
CA GLY F 250 -60.66 8.20 -8.41
C GLY F 250 -60.66 7.74 -9.84
N ALA F 251 -61.75 7.14 -10.30
CA ALA F 251 -61.81 6.64 -11.67
C ALA F 251 -61.66 7.78 -12.66
N GLU F 252 -61.00 7.48 -13.78
CA GLU F 252 -60.72 8.49 -14.79
C GLU F 252 -62.01 8.92 -15.49
N SER F 253 -61.95 10.09 -16.12
CA SER F 253 -63.12 10.61 -16.82
C SER F 253 -63.63 9.64 -17.87
N HIS F 254 -62.72 8.86 -18.48
CA HIS F 254 -63.15 7.84 -19.44
C HIS F 254 -64.06 6.82 -18.78
N GLU F 255 -63.69 6.37 -17.58
CA GLU F 255 -64.54 5.42 -16.85
C GLU F 255 -65.87 6.05 -16.49
N LEU F 256 -65.87 7.32 -16.08
CA LEU F 256 -67.12 7.99 -15.75
C LEU F 256 -68.03 8.07 -16.96
N GLN F 257 -67.49 8.44 -18.12
CA GLN F 257 -68.30 8.50 -19.33
C GLN F 257 -68.84 7.12 -19.71
N ASP F 258 -67.99 6.09 -19.60
CA ASP F 258 -68.45 4.74 -19.91
C ASP F 258 -69.58 4.31 -18.98
N VAL F 259 -69.47 4.66 -17.70
CA VAL F 259 -70.55 4.35 -16.76
C VAL F 259 -71.82 5.11 -17.14
N LEU F 260 -71.67 6.38 -17.51
CA LEU F 260 -72.83 7.16 -17.94
C LEU F 260 -73.50 6.51 -19.14
N GLU F 261 -72.71 5.90 -20.03
CA GLU F 261 -73.28 5.24 -21.20
C GLU F 261 -74.22 4.10 -20.82
N GLU F 262 -74.06 3.53 -19.64
CA GLU F 262 -74.93 2.42 -19.22
C GLU F 262 -76.36 2.90 -19.08
N THR F 263 -77.30 2.02 -19.43
CA THR F 263 -78.73 2.33 -19.39
C THR F 263 -79.46 1.62 -18.26
N ASN F 264 -79.17 0.34 -18.03
CA ASN F 264 -79.85 -0.41 -16.98
C ASN F 264 -79.34 0.01 -15.62
N ILE F 265 -80.27 0.23 -14.68
CA ILE F 265 -79.88 0.67 -13.34
C ILE F 265 -78.96 -0.33 -12.66
N PRO F 266 -79.27 -1.64 -12.64
CA PRO F 266 -78.32 -2.58 -12.02
C PRO F 266 -76.95 -2.56 -12.68
N LYS F 267 -76.90 -2.40 -14.00
CA LYS F 267 -75.61 -2.38 -14.69
C LYS F 267 -74.77 -1.20 -14.24
N ARG F 268 -75.38 -0.01 -14.17
CA ARG F 268 -74.61 1.17 -13.75
C ARG F 268 -74.21 1.08 -12.29
N LEU F 269 -75.08 0.53 -11.43
CA LEU F 269 -74.72 0.34 -10.04
C LEU F 269 -73.55 -0.63 -9.90
N TYR F 270 -73.58 -1.73 -10.66
CA TYR F 270 -72.46 -2.67 -10.65
C TYR F 270 -71.18 -2.01 -11.14
N LYS F 271 -71.26 -1.19 -12.19
CA LYS F 271 -70.07 -0.53 -12.69
C LYS F 271 -69.51 0.46 -11.69
N ALA F 272 -70.39 1.19 -10.99
CA ALA F 272 -69.92 2.11 -9.95
C ALA F 272 -69.23 1.35 -8.82
N LEU F 273 -69.82 0.24 -8.37
CA LEU F 273 -69.19 -0.56 -7.32
C LEU F 273 -67.85 -1.12 -7.80
N SER F 274 -67.79 -1.55 -9.06
CA SER F 274 -66.55 -2.07 -9.61
C SER F 274 -65.48 -0.98 -9.71
N LEU F 275 -65.86 0.24 -10.05
CA LEU F 275 -64.91 1.34 -10.05
C LEU F 275 -64.40 1.64 -8.64
N LEU F 276 -65.31 1.60 -7.66
CA LEU F 276 -64.87 1.77 -6.28
C LEU F 276 -63.88 0.68 -5.89
N LYS F 277 -64.15 -0.56 -6.28
CA LYS F 277 -63.21 -1.65 -6.01
C LYS F 277 -61.90 -1.45 -6.74
N LYS F 278 -61.95 -0.93 -7.97
CA LYS F 278 -60.74 -0.67 -8.74
C LYS F 278 -59.85 0.33 -8.03
N GLU F 279 -60.42 1.42 -7.53
CA GLU F 279 -59.63 2.39 -6.78
C GLU F 279 -59.16 1.81 -5.44
N PHE F 280 -60.01 1.00 -4.80
CA PHE F 280 -59.66 0.44 -3.51
C PHE F 280 -58.49 -0.53 -3.64
N GLU F 281 -58.41 -1.26 -4.74
CA GLU F 281 -57.29 -2.17 -4.94
C GLU F 281 -55.96 -1.42 -4.95
N LEU F 282 -55.90 -0.31 -5.71
CA LEU F 282 -54.68 0.47 -5.75
C LEU F 282 -54.38 1.10 -4.40
N SER F 283 -55.41 1.61 -3.71
CA SER F 283 -55.18 2.20 -2.40
C SER F 283 -54.64 1.18 -1.41
N LYS F 284 -55.21 -0.02 -1.42
CA LYS F 284 -54.74 -1.08 -0.53
C LYS F 284 -53.31 -1.49 -0.86
N LEU F 285 -53.01 -1.62 -2.15
CA LEU F 285 -51.64 -1.97 -2.54
C LEU F 285 -50.66 -0.91 -2.06
N GLN F 286 -51.00 0.36 -2.26
CA GLN F 286 -50.10 1.44 -1.81
C GLN F 286 -49.92 1.41 -0.30
N GLN F 287 -51.02 1.24 0.45
CA GLN F 287 -50.93 1.23 1.90
C GLN F 287 -50.08 0.05 2.38
N ARG F 288 -50.31 -1.14 1.80
CA ARG F 288 -49.54 -2.31 2.21
C ARG F 288 -48.07 -2.14 1.88
N LEU F 289 -47.75 -1.59 0.70
CA LEU F 289 -46.35 -1.37 0.35
C LEU F 289 -45.71 -0.37 1.29
N GLY F 290 -46.43 0.71 1.62
CA GLY F 290 -45.88 1.71 2.51
C GLY F 290 -45.60 1.16 3.90
N ARG F 291 -46.56 0.42 4.46
CA ARG F 291 -46.36 -0.13 5.79
C ARG F 291 -45.30 -1.23 5.78
N GLU F 292 -45.21 -1.99 4.68
CA GLU F 292 -44.16 -2.99 4.56
C GLU F 292 -42.78 -2.35 4.57
N VAL F 293 -42.60 -1.28 3.78
CA VAL F 293 -41.32 -0.59 3.76
C VAL F 293 -41.03 0.03 5.12
N GLU F 294 -42.05 0.59 5.77
CA GLU F 294 -41.86 1.17 7.09
C GLU F 294 -41.38 0.12 8.09
N GLU F 295 -42.02 -1.05 8.11
CA GLU F 295 -41.61 -2.10 9.02
C GLU F 295 -40.24 -2.64 8.66
N LYS F 296 -39.90 -2.70 7.37
CA LYS F 296 -38.55 -3.09 6.99
C LYS F 296 -37.52 -2.12 7.54
N ILE F 297 -37.81 -0.82 7.46
CA ILE F 297 -36.91 0.18 8.05
C ILE F 297 -36.84 0.00 9.56
N LYS F 298 -37.97 -0.29 10.21
CA LYS F 298 -37.97 -0.48 11.65
C LYS F 298 -37.10 -1.66 12.05
N GLN F 299 -37.17 -2.76 11.31
CA GLN F 299 -36.35 -3.92 11.62
C GLN F 299 -34.87 -3.64 11.34
N THR F 300 -34.57 -2.97 10.23
CA THR F 300 -33.20 -2.61 9.94
C THR F 300 -32.62 -1.73 11.03
N HIS F 301 -33.42 -0.83 11.59
CA HIS F 301 -32.98 0.01 12.70
C HIS F 301 -32.91 -0.75 14.01
N ARG F 302 -33.80 -1.72 14.23
CA ARG F 302 -33.76 -2.49 15.46
C ARG F 302 -32.50 -3.36 15.53
N LYS F 303 -32.08 -3.92 14.40
CA LYS F 303 -30.83 -4.67 14.41
C LYS F 303 -29.66 -3.77 14.75
N TYR F 304 -29.64 -2.55 14.20
CA TYR F 304 -28.60 -1.60 14.56
C TYR F 304 -28.66 -1.24 16.03
N LEU F 305 -29.87 -1.12 16.57
CA LEU F 305 -30.02 -0.84 18.00
C LEU F 305 -29.46 -1.98 18.84
N LEU F 306 -29.69 -3.23 18.41
CA LEU F 306 -29.11 -4.37 19.13
C LEU F 306 -27.59 -4.34 19.05
N GLN F 307 -27.03 -4.02 17.89
CA GLN F 307 -25.59 -3.89 17.78
C GLN F 307 -25.06 -2.79 18.70
N GLU F 308 -25.75 -1.65 18.73
CA GLU F 308 -25.34 -0.56 19.61
C GLU F 308 -25.43 -0.98 21.08
N GLN F 309 -26.45 -1.75 21.43
CA GLN F 309 -26.55 -2.26 22.80
C GLN F 309 -25.39 -3.18 23.13
N LEU F 310 -24.99 -4.02 22.17
CA LEU F 310 -23.82 -4.87 22.39
C LEU F 310 -22.56 -4.03 22.61
N LYS F 311 -22.38 -2.99 21.81
CA LYS F 311 -21.22 -2.13 21.99
C LYS F 311 -21.25 -1.42 23.33
N ILE F 312 -22.43 -0.95 23.75
CA ILE F 312 -22.55 -0.27 25.04
C ILE F 312 -22.27 -1.25 26.17
N ILE F 313 -22.71 -2.50 26.04
CA ILE F 313 -22.40 -3.50 27.05
C ILE F 313 -20.89 -3.72 27.12
N LYS F 314 -20.24 -3.82 25.95
CA LYS F 314 -18.80 -4.05 25.93
C LYS F 314 -18.03 -2.89 26.58
N LYS F 315 -18.42 -1.65 26.29
CA LYS F 315 -17.68 -0.49 26.77
C LYS F 315 -18.01 -0.15 28.23
N GLU F 316 -19.30 -0.08 28.57
CA GLU F 316 -19.69 0.37 29.89
C GLU F 316 -19.27 -0.61 30.98
N LEU F 317 -19.16 -1.90 30.64
CA LEU F 317 -18.88 -2.91 31.65
C LEU F 317 -17.53 -2.70 32.34
N GLY F 318 -16.63 -1.92 31.74
CA GLY F 318 -15.31 -1.71 32.28
C GLY F 318 -14.19 -2.26 31.44
N LEU F 319 -14.49 -2.83 30.27
CA LEU F 319 -13.48 -3.34 29.36
C LEU F 319 -12.92 -2.27 28.44
N GLU F 320 -13.38 -1.02 28.57
CA GLU F 320 -12.84 0.06 27.76
C GLU F 320 -11.34 0.19 28.01
N LYS F 321 -10.63 0.73 27.01
CA LYS F 321 -9.18 0.83 26.95
C LYS F 321 -8.50 -0.53 26.80
N ASP F 322 -9.27 -1.62 26.75
CA ASP F 322 -8.68 -2.93 26.55
C ASP F 322 -8.21 -3.13 25.10
N ASP F 323 -8.58 -2.22 24.20
CA ASP F 323 -8.10 -2.30 22.83
C ASP F 323 -6.57 -2.31 22.81
N LYS F 324 -6.03 -2.79 21.70
CA LYS F 324 -4.59 -2.90 21.45
C LYS F 324 -3.86 -3.66 22.56
N ASP F 325 -4.59 -4.41 23.40
CA ASP F 325 -3.95 -5.15 24.48
C ASP F 325 -3.18 -6.35 23.95
N ALA F 326 -3.70 -6.99 22.90
CA ALA F 326 -3.01 -8.14 22.32
C ALA F 326 -1.59 -7.77 21.90
N ILE F 327 -1.41 -6.54 21.42
CA ILE F 327 -0.09 -6.05 21.03
C ILE F 327 0.58 -5.25 22.14
N GLU F 328 -0.13 -4.96 23.24
CA GLU F 328 0.42 -4.19 24.35
C GLU F 328 0.52 -5.01 25.63
N GLU F 329 -0.58 -5.60 26.09
CA GLU F 329 -0.56 -6.31 27.37
C GLU F 329 0.19 -7.63 27.25
N LYS F 330 -0.03 -8.38 26.16
CA LYS F 330 0.61 -9.68 26.02
C LYS F 330 2.12 -9.53 25.97
N PHE F 331 2.62 -8.53 25.24
CA PHE F 331 4.07 -8.32 25.15
C PHE F 331 4.63 -7.83 26.49
N ARG F 332 3.88 -7.00 27.20
CA ARG F 332 4.31 -6.57 28.53
C ARG F 332 4.46 -7.77 29.47
N GLU F 333 3.48 -8.68 29.44
CA GLU F 333 3.60 -9.89 30.24
C GLU F 333 4.78 -10.73 29.78
N ARG F 334 4.96 -10.86 28.47
CA ARG F 334 6.09 -11.61 27.93
C ARG F 334 7.41 -11.09 28.48
N LEU F 335 7.54 -9.76 28.57
CA LEU F 335 8.74 -9.16 29.14
C LEU F 335 8.78 -9.29 30.66
N LYS F 336 7.62 -9.44 31.30
CA LYS F 336 7.59 -9.43 32.76
C LYS F 336 8.46 -10.55 33.35
N GLU F 337 8.29 -11.78 32.84
CA GLU F 337 9.12 -12.87 33.34
C GLU F 337 10.60 -12.61 33.07
N LEU F 338 10.91 -11.94 31.97
CA LEU F 338 12.28 -11.61 31.64
C LEU F 338 12.80 -10.48 32.52
N VAL F 339 14.04 -10.60 32.97
CA VAL F 339 14.70 -9.54 33.73
C VAL F 339 15.19 -8.49 32.75
N VAL F 340 14.36 -7.50 32.48
CA VAL F 340 14.59 -6.55 31.40
C VAL F 340 15.69 -5.56 31.77
N PRO F 341 16.76 -5.47 30.98
CA PRO F 341 17.72 -4.36 31.18
C PRO F 341 17.08 -3.02 30.87
N LYS F 342 17.69 -1.97 31.41
CA LYS F 342 17.13 -0.62 31.26
C LYS F 342 17.09 -0.20 29.80
N HIS F 343 18.14 -0.49 29.04
CA HIS F 343 18.19 -0.05 27.64
C HIS F 343 17.04 -0.63 26.84
N VAL F 344 16.89 -1.96 26.88
CA VAL F 344 15.81 -2.60 26.13
C VAL F 344 14.47 -2.22 26.73
N MET F 345 14.42 -1.98 28.04
CA MET F 345 13.17 -1.56 28.66
C MET F 345 12.68 -0.24 28.05
N ASP F 346 13.56 0.76 27.98
CA ASP F 346 13.16 2.05 27.43
C ASP F 346 12.89 1.95 25.94
N VAL F 347 13.67 1.15 25.23
CA VAL F 347 13.40 0.96 23.79
C VAL F 347 12.02 0.34 23.60
N VAL F 348 11.67 -0.65 24.41
CA VAL F 348 10.36 -1.27 24.31
C VAL F 348 9.26 -0.29 24.65
N ASP F 349 9.47 0.54 25.67
CA ASP F 349 8.47 1.55 26.02
C ASP F 349 8.25 2.52 24.86
N GLU F 350 9.34 2.98 24.24
CA GLU F 350 9.21 3.90 23.10
C GLU F 350 8.48 3.22 21.95
N GLU F 351 8.83 1.97 21.66
CA GLU F 351 8.17 1.25 20.57
C GLU F 351 6.69 1.05 20.86
N LEU F 352 6.34 0.74 22.11
CA LEU F 352 4.94 0.59 22.48
C LEU F 352 4.18 1.90 22.32
N SER F 353 4.81 3.01 22.72
CA SER F 353 4.17 4.32 22.54
C SER F 353 3.93 4.60 21.06
N LYS F 354 4.93 4.34 20.21
CA LYS F 354 4.76 4.56 18.78
C LYS F 354 3.66 3.67 18.22
N LEU F 355 3.61 2.42 18.66
CA LEU F 355 2.54 1.52 18.22
C LEU F 355 1.18 2.05 18.62
N GLY F 356 1.05 2.52 19.86
CA GLY F 356 -0.22 3.05 20.31
C GLY F 356 -0.66 4.27 19.53
N LEU F 357 0.28 5.17 19.25
CA LEU F 357 -0.06 6.37 18.48
C LEU F 357 -0.50 6.01 17.07
N LEU F 358 0.19 5.07 16.43
CA LEU F 358 -0.12 4.72 15.05
C LEU F 358 -1.41 3.92 14.96
N ASP F 359 -2.09 4.07 13.83
CA ASP F 359 -3.33 3.33 13.60
C ASP F 359 -3.05 1.84 13.44
N ASN F 360 -3.99 1.03 13.92
CA ASN F 360 -3.77 -0.41 13.94
C ASN F 360 -3.69 -1.00 12.53
N HIS F 361 -4.15 -0.27 11.52
CA HIS F 361 -4.29 -0.80 10.16
C HIS F 361 -3.44 -0.04 9.15
N SER F 362 -2.17 0.21 9.45
CA SER F 362 -1.25 0.83 8.50
C SER F 362 0.07 0.08 8.46
N SER F 363 0.81 0.27 7.36
CA SER F 363 2.06 -0.45 7.17
C SER F 363 3.08 -0.10 8.25
N GLU F 364 3.18 1.18 8.62
CA GLU F 364 4.09 1.57 9.68
C GLU F 364 3.72 0.87 11.00
N PHE F 365 2.41 0.74 11.26
CA PHE F 365 1.98 0.00 12.44
C PHE F 365 2.41 -1.47 12.36
N ASN F 366 2.31 -2.06 11.17
CA ASN F 366 2.74 -3.44 11.01
C ASN F 366 4.24 -3.59 11.26
N VAL F 367 5.03 -2.65 10.77
CA VAL F 367 6.48 -2.69 11.01
C VAL F 367 6.77 -2.54 12.50
N THR F 368 6.07 -1.61 13.16
CA THR F 368 6.25 -1.43 14.60
C THR F 368 5.91 -2.71 15.35
N ARG F 369 4.81 -3.36 14.97
CA ARG F 369 4.42 -4.61 15.60
C ARG F 369 5.46 -5.69 15.38
N ASN F 370 6.00 -5.77 14.16
CA ASN F 370 7.01 -6.79 13.87
C ASN F 370 8.26 -6.57 14.71
N TYR F 371 8.72 -5.32 14.80
CA TYR F 371 9.90 -5.04 15.63
C TYR F 371 9.61 -5.32 17.09
N LEU F 372 8.41 -4.98 17.57
CA LEU F 372 8.05 -5.26 18.95
C LEU F 372 8.08 -6.76 19.22
N ASP F 373 7.51 -7.55 18.30
CA ASP F 373 7.52 -9.00 18.48
C ASP F 373 8.95 -9.54 18.50
N TRP F 374 9.78 -9.05 17.58
CA TRP F 374 11.16 -9.53 17.53
C TRP F 374 11.91 -9.19 18.81
N LEU F 375 11.75 -7.95 19.30
CA LEU F 375 12.46 -7.54 20.51
C LEU F 375 11.97 -8.33 21.72
N THR F 376 10.65 -8.54 21.83
CA THR F 376 10.11 -9.22 23.00
C THR F 376 10.40 -10.71 22.97
N SER F 377 10.52 -11.29 21.77
CA SER F 377 10.76 -12.74 21.68
C SER F 377 12.13 -13.13 22.22
N ILE F 378 13.05 -12.17 22.30
CA ILE F 378 14.40 -12.49 22.80
C ILE F 378 14.31 -12.78 24.29
N PRO F 379 14.78 -13.93 24.77
CA PRO F 379 14.75 -14.20 26.21
C PRO F 379 15.77 -13.32 26.93
N TRP F 380 15.30 -12.60 27.94
CA TRP F 380 16.13 -11.67 28.70
C TRP F 380 16.19 -12.13 30.15
N GLY F 381 17.40 -12.23 30.69
CA GLY F 381 17.59 -12.67 32.05
C GLY F 381 17.49 -14.17 32.27
N LYS F 382 17.14 -14.94 31.24
CA LYS F 382 17.06 -16.39 31.36
C LYS F 382 18.43 -17.00 31.08
N TYR F 383 18.95 -17.75 32.05
CA TYR F 383 20.27 -18.37 31.96
C TYR F 383 20.12 -19.85 32.28
N SER F 384 20.30 -20.70 31.26
CA SER F 384 20.16 -22.14 31.44
C SER F 384 21.09 -22.64 32.53
N ASN F 385 20.56 -23.46 33.43
CA ASN F 385 21.35 -23.97 34.54
C ASN F 385 22.42 -24.92 34.03
N GLU F 386 23.67 -24.48 34.08
CA GLU F 386 24.80 -25.31 33.68
C GLU F 386 25.07 -26.37 34.74
N ASN F 387 25.28 -27.60 34.28
CA ASN F 387 25.67 -28.67 35.18
C ASN F 387 27.07 -28.42 35.72
N LEU F 388 27.26 -28.71 37.01
CA LEU F 388 28.55 -28.55 37.67
C LEU F 388 29.17 -29.86 38.12
N ASP F 389 28.39 -30.94 38.24
CA ASP F 389 28.97 -32.22 38.62
C ASP F 389 29.99 -32.65 37.58
N LEU F 390 31.16 -33.08 38.05
CA LEU F 390 32.25 -33.45 37.16
C LEU F 390 32.14 -34.90 36.70
N ALA F 391 31.82 -35.82 37.61
CA ALA F 391 31.75 -37.23 37.25
C ALA F 391 30.67 -37.49 36.23
N ARG F 392 29.49 -36.88 36.41
CA ARG F 392 28.38 -37.13 35.48
C ARG F 392 28.72 -36.64 34.08
N ALA F 393 29.25 -35.43 33.97
CA ALA F 393 29.63 -34.90 32.66
C ALA F 393 30.73 -35.73 32.03
N GLN F 394 31.71 -36.15 32.84
CA GLN F 394 32.79 -36.98 32.33
C GLN F 394 32.26 -38.29 31.77
N ALA F 395 31.36 -38.94 32.51
CA ALA F 395 30.78 -40.19 32.04
C ALA F 395 29.95 -39.98 30.78
N VAL F 396 29.19 -38.88 30.72
CA VAL F 396 28.38 -38.59 29.54
C VAL F 396 29.27 -38.42 28.33
N LEU F 397 30.37 -37.68 28.48
CA LEU F 397 31.31 -37.50 27.37
C LEU F 397 31.93 -38.82 26.97
N GLU F 398 32.29 -39.65 27.95
CA GLU F 398 32.87 -40.96 27.64
C GLU F 398 31.91 -41.83 26.85
N GLU F 399 30.63 -41.83 27.23
CA GLU F 399 29.66 -42.71 26.60
C GLU F 399 29.34 -42.32 25.16
N ASP F 400 29.53 -41.05 24.79
CA ASP F 400 29.21 -40.59 23.44
C ASP F 400 30.34 -40.79 22.44
N HIS F 401 31.56 -41.11 22.89
CA HIS F 401 32.70 -41.18 21.98
C HIS F 401 33.71 -42.15 22.55
N TYR F 402 34.59 -42.67 21.69
CA TYR F 402 35.62 -43.60 22.10
C TYR F 402 37.00 -42.98 21.87
N GLY F 403 37.81 -42.96 22.92
CA GLY F 403 39.18 -42.47 22.81
C GLY F 403 39.25 -40.97 23.07
N MET F 404 39.99 -40.27 22.22
CA MET F 404 40.26 -38.83 22.36
C MET F 404 40.44 -38.45 23.83
N GLU F 405 41.39 -39.12 24.48
CA GLU F 405 41.63 -38.88 25.90
C GLU F 405 42.09 -37.44 26.15
N ASP F 406 42.98 -36.92 25.31
CA ASP F 406 43.52 -35.58 25.53
C ASP F 406 42.42 -34.53 25.47
N VAL F 407 41.52 -34.65 24.50
CA VAL F 407 40.44 -33.67 24.36
C VAL F 407 39.50 -33.76 25.56
N LYS F 408 39.22 -34.98 26.02
CA LYS F 408 38.38 -35.14 27.20
C LYS F 408 39.04 -34.48 28.41
N LYS F 409 40.34 -34.67 28.58
CA LYS F 409 41.04 -34.01 29.67
C LYS F 409 40.96 -32.50 29.54
N ARG F 410 41.09 -31.98 28.32
CA ARG F 410 41.01 -30.53 28.12
C ARG F 410 39.64 -29.99 28.51
N ILE F 411 38.57 -30.68 28.11
CA ILE F 411 37.23 -30.20 28.45
C ILE F 411 36.99 -30.31 29.96
N LEU F 412 37.50 -31.39 30.57
CA LEU F 412 37.38 -31.52 32.02
C LEU F 412 38.09 -30.37 32.74
N GLU F 413 39.29 -30.03 32.28
CA GLU F 413 40.02 -28.91 32.87
C GLU F 413 39.26 -27.60 32.68
N PHE F 414 38.68 -27.40 31.49
CA PHE F 414 37.91 -26.19 31.24
C PHE F 414 36.73 -26.09 32.20
N ILE F 415 36.01 -27.20 32.37
CA ILE F 415 34.87 -27.20 33.28
C ILE F 415 35.33 -26.92 34.71
N ALA F 416 36.44 -27.54 35.12
CA ALA F 416 36.95 -27.33 36.48
C ALA F 416 37.32 -25.88 36.72
N VAL F 417 38.03 -25.26 35.77
CA VAL F 417 38.46 -23.88 35.95
C VAL F 417 37.26 -22.95 35.94
N SER F 418 36.27 -23.21 35.08
CA SER F 418 35.06 -22.40 35.09
C SER F 418 34.33 -22.53 36.43
N GLN F 419 34.24 -23.75 36.96
CA GLN F 419 33.55 -23.96 38.23
C GLN F 419 34.27 -23.25 39.37
N LEU F 420 35.59 -23.35 39.42
CA LEU F 420 36.34 -22.76 40.54
C LEU F 420 36.16 -21.25 40.60
N ARG F 421 36.24 -20.58 39.45
CA ARG F 421 36.16 -19.12 39.40
C ARG F 421 34.72 -18.66 39.12
N GLY F 422 33.82 -19.08 40.01
CA GLY F 422 32.44 -18.63 39.97
C GLY F 422 31.75 -18.85 38.65
N SER F 423 31.43 -17.76 37.95
CA SER F 423 30.66 -17.84 36.72
C SER F 423 31.41 -18.66 35.67
N THR F 424 30.66 -19.43 34.90
CA THR F 424 31.22 -20.24 33.82
C THR F 424 31.36 -19.35 32.58
N GLN F 425 32.51 -18.68 32.49
CA GLN F 425 32.75 -17.81 31.35
C GLN F 425 32.85 -18.63 30.06
N GLY F 426 32.38 -18.05 28.97
CA GLY F 426 32.51 -18.69 27.67
C GLY F 426 33.80 -18.28 26.98
N LYS F 427 34.84 -19.12 27.09
CA LYS F 427 36.12 -18.86 26.46
C LYS F 427 36.25 -19.73 25.22
N ILE F 428 36.76 -19.12 24.15
CA ILE F 428 36.78 -19.78 22.85
C ILE F 428 37.93 -20.76 22.79
N LEU F 429 37.64 -21.96 22.26
CA LEU F 429 38.66 -22.93 21.93
C LEU F 429 38.28 -23.57 20.59
N CYS F 430 39.29 -23.90 19.79
CA CYS F 430 39.09 -24.34 18.42
C CYS F 430 39.65 -25.74 18.23
N PHE F 431 38.87 -26.60 17.60
CA PHE F 431 39.36 -27.90 17.16
C PHE F 431 39.76 -27.84 15.69
N TYR F 432 40.69 -28.70 15.31
CA TYR F 432 41.11 -28.78 13.92
C TYR F 432 41.70 -30.15 13.65
N GLY F 433 41.66 -30.56 12.38
CA GLY F 433 42.21 -31.83 11.97
C GLY F 433 41.41 -32.48 10.86
N PRO F 434 41.71 -33.75 10.58
CA PRO F 434 41.04 -34.45 9.47
C PRO F 434 39.53 -34.41 9.61
N PRO F 435 38.81 -34.78 8.56
CA PRO F 435 37.34 -34.82 8.63
C PRO F 435 36.83 -36.16 9.12
N GLY F 436 35.53 -36.22 9.38
CA GLY F 436 34.93 -37.44 9.87
C GLY F 436 35.43 -37.89 11.22
N VAL F 437 36.11 -37.01 11.95
CA VAL F 437 36.65 -37.36 13.26
C VAL F 437 35.64 -37.17 14.38
N GLY F 438 34.52 -36.51 14.11
CA GLY F 438 33.53 -36.24 15.14
C GLY F 438 33.73 -34.93 15.88
N LYS F 439 34.49 -33.99 15.33
CA LYS F 439 34.71 -32.72 16.01
C LYS F 439 33.38 -32.06 16.39
N THR F 440 32.49 -31.91 15.42
CA THR F 440 31.16 -31.41 15.74
C THR F 440 30.40 -32.40 16.62
N SER F 441 30.67 -33.69 16.49
CA SER F 441 30.04 -34.68 17.36
C SER F 441 30.49 -34.49 18.80
N ILE F 442 31.79 -34.30 19.03
CA ILE F 442 32.25 -34.06 20.39
C ILE F 442 31.74 -32.73 20.89
N ALA F 443 31.59 -31.74 20.01
CA ALA F 443 30.98 -30.47 20.43
C ALA F 443 29.55 -30.69 20.90
N ARG F 444 28.79 -31.50 20.17
CA ARG F 444 27.41 -31.80 20.57
C ARG F 444 27.38 -32.54 21.91
N SER F 445 28.28 -33.51 22.08
CA SER F 445 28.35 -34.24 23.33
C SER F 445 28.71 -33.33 24.49
N ILE F 446 29.62 -32.38 24.26
CA ILE F 446 29.99 -31.42 25.29
C ILE F 446 28.82 -30.52 25.62
N ALA F 447 28.05 -30.12 24.61
CA ALA F 447 26.86 -29.30 24.85
C ALA F 447 25.87 -30.07 25.72
N ARG F 448 25.67 -31.36 25.43
CA ARG F 448 24.74 -32.14 26.24
C ARG F 448 25.24 -32.29 27.67
N ALA F 449 26.50 -32.69 27.84
CA ALA F 449 27.04 -32.93 29.17
C ALA F 449 27.04 -31.66 30.00
N LEU F 450 27.48 -30.55 29.40
CA LEU F 450 27.48 -29.27 30.10
C LEU F 450 26.08 -28.77 30.39
N ASN F 451 25.07 -29.33 29.73
CA ASN F 451 23.65 -29.08 29.93
C ASN F 451 23.19 -27.77 29.29
N ARG F 452 24.08 -26.96 28.75
CA ARG F 452 23.65 -25.75 28.06
C ARG F 452 23.20 -26.09 26.64
N GLU F 453 22.30 -25.26 26.11
CA GLU F 453 21.67 -25.55 24.83
C GLU F 453 22.71 -25.59 23.71
N TYR F 454 22.47 -26.45 22.73
CA TYR F 454 23.36 -26.64 21.60
C TYR F 454 22.83 -25.92 20.37
N PHE F 455 23.76 -25.51 19.51
CA PHE F 455 23.42 -24.93 18.21
C PHE F 455 24.65 -24.95 17.29
N ARG F 456 24.51 -25.52 16.10
CA ARG F 456 25.60 -25.54 15.14
C ARG F 456 25.51 -24.31 14.23
N PHE F 457 26.69 -23.85 13.81
CA PHE F 457 26.77 -22.67 12.95
C PHE F 457 27.84 -22.91 11.90
N SER F 458 27.48 -22.71 10.63
CA SER F 458 28.39 -22.91 9.51
C SER F 458 28.66 -21.54 8.89
N VAL F 459 29.87 -21.02 9.13
CA VAL F 459 30.25 -19.72 8.57
C VAL F 459 31.06 -19.87 7.30
N GLY F 460 31.61 -21.06 7.04
CA GLY F 460 32.45 -21.26 5.88
C GLY F 460 31.77 -20.92 4.57
N GLY F 461 32.43 -20.11 3.75
CA GLY F 461 31.90 -19.70 2.47
C GLY F 461 30.89 -18.58 2.54
N MET F 462 30.47 -18.16 3.74
CA MET F 462 29.52 -17.07 3.85
C MET F 462 30.13 -15.80 3.28
N THR F 463 29.36 -15.12 2.43
CA THR F 463 29.83 -13.93 1.73
C THR F 463 29.28 -12.63 2.31
N ASP F 464 27.98 -12.55 2.53
CA ASP F 464 27.35 -11.34 3.05
C ASP F 464 27.34 -11.38 4.57
N VAL F 465 27.92 -10.35 5.20
CA VAL F 465 27.90 -10.26 6.66
C VAL F 465 26.51 -9.98 7.18
N ALA F 466 25.59 -9.52 6.32
CA ALA F 466 24.24 -9.19 6.76
C ALA F 466 23.55 -10.38 7.39
N GLU F 467 23.95 -11.60 7.02
CA GLU F 467 23.37 -12.78 7.63
C GLU F 467 23.62 -12.81 9.13
N ILE F 468 24.84 -12.46 9.54
CA ILE F 468 25.16 -12.37 10.97
C ILE F 468 24.65 -11.07 11.57
N LYS F 469 24.44 -10.03 10.77
CA LYS F 469 24.03 -8.73 11.26
C LYS F 469 22.61 -8.34 10.88
N GLY F 470 21.93 -9.15 10.07
CA GLY F 470 20.57 -8.79 9.66
C GLY F 470 20.58 -7.58 8.75
N HIS F 471 19.51 -6.80 8.83
CA HIS F 471 19.36 -5.59 8.02
C HIS F 471 18.87 -4.47 8.92
N ARG F 472 18.62 -3.30 8.31
CA ARG F 472 18.28 -2.10 9.06
C ARG F 472 16.87 -2.11 9.61
N ARG F 473 16.05 -3.10 9.24
CA ARG F 473 14.66 -3.29 9.66
C ARG F 473 13.72 -2.33 8.94
N THR F 474 14.21 -1.35 8.19
CA THR F 474 13.33 -0.47 7.44
C THR F 474 13.08 -0.99 6.03
N TYR F 475 14.02 -1.76 5.48
CA TYR F 475 13.83 -2.35 4.17
C TYR F 475 12.72 -3.39 4.22
N VAL F 476 11.97 -3.49 3.13
CA VAL F 476 10.86 -4.43 3.05
C VAL F 476 11.45 -5.84 3.05
N GLY F 477 11.25 -6.57 4.16
CA GLY F 477 11.80 -7.89 4.33
C GLY F 477 13.04 -7.96 5.20
N ALA F 478 13.49 -6.84 5.75
CA ALA F 478 14.68 -6.85 6.59
C ALA F 478 14.47 -7.75 7.81
N MET F 479 15.48 -8.55 8.12
CA MET F 479 15.45 -9.52 9.19
C MET F 479 16.74 -9.41 9.99
N PRO F 480 16.73 -9.81 11.26
CA PRO F 480 17.93 -9.66 12.09
C PRO F 480 18.98 -10.72 11.77
N GLY F 481 20.11 -10.59 12.46
CA GLY F 481 21.23 -11.50 12.28
C GLY F 481 20.90 -12.91 12.69
N LYS F 482 21.63 -13.88 12.13
CA LYS F 482 21.31 -15.29 12.39
C LYS F 482 21.54 -15.64 13.86
N ILE F 483 22.47 -14.95 14.53
CA ILE F 483 22.71 -15.23 15.95
C ILE F 483 21.50 -14.87 16.78
N ILE F 484 20.78 -13.79 16.40
CA ILE F 484 19.56 -13.44 17.10
C ILE F 484 18.52 -14.55 16.95
N GLN F 485 18.39 -15.09 15.74
CA GLN F 485 17.47 -16.21 15.53
C GLN F 485 17.88 -17.42 16.35
N CYS F 486 19.19 -17.67 16.43
CA CYS F 486 19.68 -18.78 17.26
C CYS F 486 19.30 -18.58 18.72
N LEU F 487 19.49 -17.36 19.23
CA LEU F 487 19.12 -17.07 20.61
C LEU F 487 17.63 -17.27 20.82
N LYS F 488 16.81 -16.80 19.88
CA LYS F 488 15.36 -16.94 20.00
C LYS F 488 14.96 -18.42 20.03
N LYS F 489 15.47 -19.21 19.07
CA LYS F 489 15.11 -20.61 19.00
C LYS F 489 15.61 -21.38 20.23
N THR F 490 16.84 -21.11 20.66
CA THR F 490 17.40 -21.81 21.81
C THR F 490 16.68 -21.47 23.10
N LYS F 491 16.04 -20.30 23.17
CA LYS F 491 15.28 -19.86 24.33
C LYS F 491 16.16 -19.58 25.54
N THR F 492 17.48 -19.58 25.36
CA THR F 492 18.42 -19.35 26.45
C THR F 492 19.46 -18.33 26.01
N GLU F 493 19.96 -17.56 26.98
CA GLU F 493 20.98 -16.56 26.73
C GLU F 493 22.40 -17.10 26.87
N ASN F 494 22.56 -18.37 27.26
CA ASN F 494 23.87 -18.97 27.37
C ASN F 494 23.90 -20.33 26.67
N PRO F 495 23.65 -20.38 25.37
CA PRO F 495 23.75 -21.64 24.63
C PRO F 495 25.20 -21.95 24.27
N LEU F 496 25.39 -23.05 23.56
CA LEU F 496 26.71 -23.47 23.08
C LEU F 496 26.71 -23.32 21.56
N ILE F 497 27.07 -22.13 21.08
CA ILE F 497 27.19 -21.90 19.65
C ILE F 497 28.43 -22.61 19.14
N LEU F 498 28.30 -23.21 17.96
CA LEU F 498 29.40 -23.96 17.33
C LEU F 498 29.57 -23.43 15.92
N ILE F 499 30.70 -22.75 15.68
CA ILE F 499 31.01 -22.24 14.36
C ILE F 499 31.76 -23.31 13.57
N ASP F 500 31.31 -23.57 12.35
CA ASP F 500 31.87 -24.63 11.52
C ASP F 500 32.52 -24.04 10.29
N GLU F 501 33.61 -24.69 9.86
CA GLU F 501 34.35 -24.27 8.67
C GLU F 501 34.75 -22.79 8.77
N VAL F 502 35.33 -22.43 9.91
CA VAL F 502 35.75 -21.05 10.13
C VAL F 502 36.79 -20.64 9.10
N ASP F 503 37.73 -21.53 8.80
CA ASP F 503 38.84 -21.20 7.91
C ASP F 503 38.38 -20.94 6.47
N LYS F 504 37.14 -21.28 6.13
CA LYS F 504 36.65 -21.16 4.76
C LYS F 504 36.09 -19.78 4.45
N ILE F 505 36.14 -18.83 5.39
CA ILE F 505 35.62 -17.50 5.13
C ILE F 505 36.53 -16.80 4.13
N GLY F 506 35.93 -16.21 3.09
CA GLY F 506 36.69 -15.54 2.05
C GLY F 506 36.95 -14.08 2.34
N ARG F 507 36.09 -13.45 3.13
CA ARG F 507 36.20 -12.03 3.48
C ARG F 507 36.60 -11.19 2.26
N GLY F 508 35.83 -11.37 1.18
CA GLY F 508 36.12 -10.69 -0.07
C GLY F 508 35.31 -9.43 -0.28
N TYR F 509 34.89 -9.20 -1.53
CA TYR F 509 34.17 -7.97 -1.87
C TYR F 509 32.80 -7.95 -1.22
N GLN F 510 32.43 -6.79 -0.67
CA GLN F 510 31.12 -6.57 -0.08
C GLN F 510 30.83 -7.56 1.06
N GLY F 511 31.86 -8.29 1.50
CA GLY F 511 31.69 -9.29 2.54
C GLY F 511 32.44 -8.93 3.79
N ASP F 512 33.60 -9.54 3.97
CA ASP F 512 34.42 -9.34 5.15
C ASP F 512 33.62 -9.67 6.41
N PRO F 513 32.95 -10.83 6.48
CA PRO F 513 32.32 -11.24 7.74
C PRO F 513 33.34 -11.54 8.82
N SER F 514 34.63 -11.63 8.48
CA SER F 514 35.65 -11.86 9.49
C SER F 514 35.69 -10.74 10.52
N SER F 515 35.36 -9.50 10.11
CA SER F 515 35.32 -8.40 11.07
C SER F 515 34.26 -8.64 12.13
N ALA F 516 33.03 -8.96 11.70
CA ALA F 516 31.97 -9.25 12.66
C ALA F 516 32.28 -10.51 13.46
N LEU F 517 32.99 -11.47 12.86
CA LEU F 517 33.37 -12.67 13.59
C LEU F 517 34.36 -12.34 14.71
N LEU F 518 35.33 -11.48 14.41
CA LEU F 518 36.25 -11.01 15.44
C LEU F 518 35.49 -10.26 16.53
N GLU F 519 34.54 -9.42 16.14
CA GLU F 519 33.72 -8.72 17.12
C GLU F 519 32.99 -9.71 18.02
N LEU F 520 32.42 -10.76 17.44
CA LEU F 520 31.70 -11.76 18.23
C LEU F 520 32.64 -12.49 19.17
N LEU F 521 33.83 -12.87 18.70
CA LEU F 521 34.79 -13.59 19.53
C LEU F 521 35.46 -12.71 20.57
N ASP F 522 35.27 -11.40 20.51
CA ASP F 522 35.88 -10.51 21.49
C ASP F 522 35.41 -10.89 22.89
N PRO F 523 36.31 -11.11 23.85
CA PRO F 523 35.86 -11.50 25.19
C PRO F 523 34.95 -10.49 25.85
N GLU F 524 35.10 -9.20 25.56
CA GLU F 524 34.34 -8.15 26.20
C GLU F 524 33.29 -7.51 25.30
N GLN F 525 33.66 -7.13 24.07
CA GLN F 525 32.70 -6.49 23.18
C GLN F 525 31.48 -7.38 22.95
N ASN F 526 31.65 -8.69 23.04
CA ASN F 526 30.50 -9.59 22.96
C ASN F 526 29.47 -9.27 24.04
N ALA F 527 29.91 -8.72 25.17
CA ALA F 527 28.99 -8.34 26.23
C ALA F 527 28.05 -7.22 25.80
N ASN F 528 28.40 -6.47 24.75
CA ASN F 528 27.58 -5.39 24.23
C ASN F 528 27.52 -5.45 22.72
N PHE F 529 27.45 -6.65 22.16
CA PHE F 529 27.33 -6.81 20.72
C PHE F 529 25.94 -6.37 20.26
N LEU F 530 25.89 -5.75 19.08
CA LEU F 530 24.64 -5.27 18.50
C LEU F 530 24.61 -5.61 17.02
N ASP F 531 23.40 -5.73 16.48
CA ASP F 531 23.18 -6.01 15.07
C ASP F 531 22.41 -4.86 14.43
N HIS F 532 22.42 -4.83 13.09
CA HIS F 532 21.77 -3.74 12.37
C HIS F 532 20.27 -3.71 12.64
N TYR F 533 19.62 -4.87 12.65
CA TYR F 533 18.19 -4.91 12.93
C TYR F 533 17.89 -4.45 14.36
N LEU F 534 18.42 -5.16 15.35
CA LEU F 534 18.33 -4.76 16.75
C LEU F 534 19.67 -4.16 17.13
N ASP F 535 19.72 -2.83 17.22
CA ASP F 535 20.95 -2.12 17.55
C ASP F 535 21.24 -2.10 19.05
N VAL F 536 20.34 -2.61 19.88
CA VAL F 536 20.59 -2.61 21.33
C VAL F 536 21.67 -3.62 21.65
N PRO F 537 22.68 -3.27 22.45
CA PRO F 537 23.71 -4.26 22.80
C PRO F 537 23.11 -5.47 23.51
N VAL F 538 23.67 -6.64 23.21
CA VAL F 538 23.25 -7.90 23.82
C VAL F 538 24.47 -8.60 24.39
N ASP F 539 24.33 -9.11 25.61
CA ASP F 539 25.43 -9.79 26.28
C ASP F 539 25.69 -11.14 25.62
N LEU F 540 26.94 -11.41 25.27
CA LEU F 540 27.36 -12.67 24.69
C LEU F 540 28.66 -13.14 25.33
N SER F 541 28.84 -12.82 26.61
CA SER F 541 29.99 -13.31 27.36
C SER F 541 29.83 -14.77 27.79
N LYS F 542 28.59 -15.22 27.96
CA LYS F 542 28.35 -16.58 28.43
C LYS F 542 28.19 -17.59 27.30
N VAL F 543 28.15 -17.14 26.05
CA VAL F 543 28.04 -18.07 24.93
C VAL F 543 29.41 -18.72 24.68
N LEU F 544 29.43 -20.05 24.65
CA LEU F 544 30.66 -20.82 24.53
C LEU F 544 30.86 -21.19 23.06
N PHE F 545 31.62 -20.35 22.36
CA PHE F 545 31.88 -20.59 20.95
C PHE F 545 32.86 -21.75 20.77
N ILE F 546 32.64 -22.51 19.70
CA ILE F 546 33.54 -23.58 19.28
C ILE F 546 33.78 -23.45 17.79
N CYS F 547 35.03 -23.61 17.37
CA CYS F 547 35.42 -23.47 15.98
C CYS F 547 36.07 -24.75 15.48
N THR F 548 35.73 -25.13 14.25
CA THR F 548 36.29 -26.31 13.61
C THR F 548 36.82 -25.92 12.23
N ALA F 549 37.98 -26.46 11.88
CA ALA F 549 38.59 -26.17 10.59
C ALA F 549 39.56 -27.30 10.24
N ASN F 550 39.56 -27.70 8.98
CA ASN F 550 40.45 -28.77 8.53
C ASN F 550 41.92 -28.38 8.66
N VAL F 551 42.25 -27.12 8.45
CA VAL F 551 43.65 -26.67 8.50
C VAL F 551 43.69 -25.30 9.14
N THR F 552 44.73 -25.07 9.95
CA THR F 552 44.88 -23.81 10.67
C THR F 552 45.56 -22.72 9.84
N ASP F 553 46.19 -23.09 8.72
CA ASP F 553 47.00 -22.12 7.98
C ASP F 553 46.16 -20.98 7.45
N THR F 554 44.99 -21.28 6.88
CA THR F 554 44.20 -20.28 6.17
C THR F 554 43.34 -19.42 7.09
N ILE F 555 43.15 -19.83 8.35
CA ILE F 555 42.30 -19.04 9.23
C ILE F 555 42.98 -17.70 9.51
N PRO F 556 42.25 -16.58 9.59
CA PRO F 556 42.92 -15.29 9.78
C PRO F 556 43.74 -15.25 11.06
N GLU F 557 44.90 -14.60 10.99
CA GLU F 557 45.74 -14.44 12.17
C GLU F 557 45.03 -13.64 13.27
N PRO F 558 44.38 -12.51 12.98
CA PRO F 558 43.64 -11.82 14.06
C PRO F 558 42.61 -12.71 14.71
N LEU F 559 41.96 -13.57 13.93
CA LEU F 559 41.07 -14.57 14.49
C LEU F 559 41.84 -15.70 15.16
N ARG F 560 42.94 -16.13 14.54
CA ARG F 560 43.66 -17.29 15.04
C ARG F 560 44.19 -17.05 16.45
N ASP F 561 44.77 -15.88 16.70
CA ASP F 561 45.42 -15.62 17.99
C ASP F 561 44.40 -15.44 19.11
N ARG F 562 43.11 -15.36 18.79
CA ARG F 562 42.09 -15.08 19.80
C ARG F 562 41.65 -16.31 20.57
N MET F 563 42.16 -17.50 20.25
CA MET F 563 41.80 -18.69 21.00
C MET F 563 42.93 -19.70 20.92
N GLU F 564 42.87 -20.69 21.81
CA GLU F 564 43.81 -21.80 21.81
C GLU F 564 43.23 -22.97 21.04
N MET F 565 44.11 -23.73 20.37
CA MET F 565 43.70 -24.76 19.43
C MET F 565 44.15 -26.13 19.93
N ILE F 566 43.21 -27.05 20.05
CA ILE F 566 43.51 -28.45 20.33
C ILE F 566 43.42 -29.24 19.03
N ASN F 567 44.23 -30.28 18.92
CA ASN F 567 44.37 -31.06 17.68
C ASN F 567 43.51 -32.31 17.78
N VAL F 568 42.27 -32.19 17.29
CA VAL F 568 41.43 -33.37 17.11
C VAL F 568 41.85 -34.07 15.82
N SER F 569 42.19 -35.35 15.93
CA SER F 569 42.78 -36.07 14.80
C SER F 569 42.12 -37.44 14.68
N GLY F 570 42.47 -38.15 13.62
CA GLY F 570 41.76 -39.36 13.23
C GLY F 570 42.09 -40.56 14.08
N TYR F 571 41.51 -41.70 13.67
CA TYR F 571 41.60 -42.94 14.42
C TYR F 571 42.30 -44.01 13.59
N VAL F 572 43.01 -44.91 14.28
CA VAL F 572 43.75 -45.98 13.63
C VAL F 572 42.82 -47.15 13.37
N ALA F 573 43.26 -48.10 12.54
CA ALA F 573 42.42 -49.24 12.18
C ALA F 573 41.82 -49.92 13.40
N GLN F 574 42.63 -50.12 14.44
CA GLN F 574 42.11 -50.74 15.66
C GLN F 574 41.10 -49.84 16.34
N GLU F 575 41.44 -48.56 16.49
CA GLU F 575 40.49 -47.60 17.07
C GLU F 575 39.24 -47.49 16.23
N LYS F 576 39.40 -47.48 14.89
CA LYS F 576 38.24 -47.43 14.01
C LYS F 576 37.36 -48.66 14.18
N LEU F 577 37.97 -49.84 14.32
CA LEU F 577 37.20 -51.06 14.52
C LEU F 577 36.43 -51.02 15.83
N ALA F 578 37.08 -50.55 16.90
CA ALA F 578 36.40 -50.42 18.18
C ALA F 578 35.22 -49.46 18.06
N ILE F 579 35.46 -48.30 17.45
CA ILE F 579 34.40 -47.32 17.25
C ILE F 579 33.23 -47.95 16.51
N ALA F 580 33.53 -48.68 15.43
CA ALA F 580 32.48 -49.27 14.62
C ALA F 580 31.68 -50.29 15.41
N GLU F 581 32.36 -51.23 16.07
CA GLU F 581 31.66 -52.32 16.73
C GLU F 581 30.83 -51.83 17.90
N ARG F 582 31.37 -50.90 18.69
CA ARG F 582 30.70 -50.54 19.95
C ARG F 582 29.66 -49.44 19.79
N TYR F 583 29.83 -48.52 18.84
CA TYR F 583 28.92 -47.39 18.69
C TYR F 583 28.20 -47.39 17.34
N LEU F 584 28.93 -47.46 16.23
CA LEU F 584 28.29 -47.30 14.93
C LEU F 584 27.36 -48.46 14.61
N VAL F 585 27.81 -49.69 14.85
CA VAL F 585 27.02 -50.86 14.46
C VAL F 585 25.66 -50.88 15.18
N PRO F 586 25.59 -50.79 16.51
CA PRO F 586 24.27 -50.76 17.16
C PRO F 586 23.44 -49.56 16.74
N GLN F 587 24.07 -48.40 16.51
CA GLN F 587 23.32 -47.22 16.11
C GLN F 587 22.64 -47.43 14.77
N ALA F 588 23.39 -47.92 13.78
CA ALA F 588 22.81 -48.20 12.47
C ALA F 588 21.79 -49.33 12.56
N ARG F 589 22.03 -50.32 13.41
CA ARG F 589 21.07 -51.41 13.57
C ARG F 589 19.74 -50.88 14.08
N ALA F 590 19.78 -49.99 15.08
CA ALA F 590 18.56 -49.37 15.58
C ALA F 590 17.91 -48.51 14.51
N LEU F 591 18.71 -47.74 13.77
CA LEU F 591 18.18 -46.90 12.70
C LEU F 591 17.62 -47.72 11.54
N CYS F 592 17.92 -49.01 11.49
CA CYS F 592 17.33 -49.92 10.51
C CYS F 592 16.28 -50.86 11.10
N GLY F 593 16.26 -51.03 12.42
CA GLY F 593 15.26 -51.84 13.08
C GLY F 593 15.59 -53.31 13.23
N LEU F 594 16.69 -53.77 12.64
CA LEU F 594 17.02 -55.20 12.70
C LEU F 594 17.46 -55.57 14.11
N ASP F 595 17.09 -56.78 14.54
CA ASP F 595 17.47 -57.26 15.86
C ASP F 595 18.93 -57.69 15.89
N GLU F 596 19.52 -57.68 17.09
CA GLU F 596 20.91 -58.07 17.23
C GLU F 596 21.13 -59.51 16.77
N SER F 597 20.24 -60.42 17.18
CA SER F 597 20.38 -61.82 16.76
C SER F 597 20.06 -62.00 15.28
N LYS F 598 19.09 -61.23 14.78
CA LYS F 598 18.70 -61.37 13.38
C LYS F 598 19.85 -61.06 12.44
N ALA F 599 20.59 -59.99 12.71
CA ALA F 599 21.74 -59.60 11.91
C ALA F 599 23.00 -59.74 12.76
N LYS F 600 23.93 -60.57 12.29
CA LYS F 600 25.20 -60.79 12.98
C LYS F 600 26.34 -60.23 12.14
N LEU F 601 27.15 -59.36 12.76
CA LEU F 601 28.29 -58.73 12.09
C LEU F 601 29.54 -59.03 12.91
N SER F 602 30.24 -60.09 12.54
CA SER F 602 31.47 -60.46 13.25
C SER F 602 32.51 -59.36 13.13
N SER F 603 33.29 -59.18 14.20
CA SER F 603 34.34 -58.18 14.18
C SER F 603 35.35 -58.45 13.07
N ASP F 604 35.47 -59.71 12.65
CA ASP F 604 36.34 -60.02 11.52
C ASP F 604 35.84 -59.34 10.25
N VAL F 605 34.53 -59.36 10.02
CA VAL F 605 33.97 -58.70 8.84
C VAL F 605 34.21 -57.19 8.92
N LEU F 606 34.03 -56.61 10.10
CA LEU F 606 34.29 -55.19 10.26
C LEU F 606 35.75 -54.86 9.97
N THR F 607 36.67 -55.70 10.46
CA THR F 607 38.09 -55.48 10.21
C THR F 607 38.38 -55.56 8.71
N LEU F 608 37.81 -56.54 8.03
CA LEU F 608 38.01 -56.66 6.58
C LEU F 608 37.47 -55.44 5.86
N LEU F 609 36.28 -55.00 6.24
CA LEU F 609 35.66 -53.83 5.61
C LEU F 609 36.54 -52.59 5.79
N ILE F 610 37.04 -52.38 7.00
CA ILE F 610 37.88 -51.21 7.26
C ILE F 610 39.17 -51.31 6.47
N LYS F 611 39.80 -52.49 6.47
CA LYS F 611 41.09 -52.65 5.83
C LYS F 611 40.99 -52.46 4.32
N GLN F 612 39.95 -52.99 3.70
CA GLN F 612 39.88 -53.04 2.24
C GLN F 612 39.01 -51.94 1.63
N TYR F 613 37.86 -51.63 2.22
CA TYR F 613 36.90 -50.72 1.60
C TYR F 613 37.08 -49.29 2.08
N CYS F 614 36.93 -49.04 3.37
CA CYS F 614 37.00 -47.68 3.94
C CYS F 614 38.41 -47.44 4.44
N ARG F 615 39.20 -46.71 3.65
CA ARG F 615 40.55 -46.33 4.03
C ARG F 615 40.68 -44.81 3.93
N GLU F 616 40.65 -44.14 5.08
CA GLU F 616 40.80 -42.71 5.17
C GLU F 616 40.81 -42.33 6.65
N SER F 617 41.24 -41.10 6.93
CA SER F 617 41.28 -40.65 8.32
C SER F 617 39.89 -40.61 8.93
N GLY F 618 38.89 -40.19 8.15
CA GLY F 618 37.53 -40.10 8.64
C GLY F 618 36.91 -41.45 8.92
N VAL F 619 35.61 -41.44 9.27
CA VAL F 619 34.90 -42.66 9.62
C VAL F 619 33.57 -42.79 8.89
N ARG F 620 33.09 -41.72 8.25
CA ARG F 620 31.73 -41.74 7.69
C ARG F 620 31.58 -42.83 6.64
N ASN F 621 32.64 -43.08 5.86
CA ASN F 621 32.55 -44.08 4.81
C ASN F 621 32.21 -45.45 5.38
N LEU F 622 32.82 -45.82 6.51
CA LEU F 622 32.46 -47.07 7.16
C LEU F 622 31.00 -47.05 7.57
N GLN F 623 30.48 -45.88 7.97
CA GLN F 623 29.06 -45.77 8.26
C GLN F 623 28.23 -46.08 7.02
N LYS F 624 28.65 -45.58 5.86
CA LYS F 624 27.92 -45.88 4.63
C LYS F 624 27.94 -47.37 4.33
N GLN F 625 29.10 -48.01 4.50
CA GLN F 625 29.20 -49.44 4.21
C GLN F 625 28.31 -50.25 5.15
N VAL F 626 28.33 -49.93 6.44
CA VAL F 626 27.53 -50.68 7.39
C VAL F 626 26.05 -50.45 7.12
N GLU F 627 25.67 -49.22 6.75
CA GLU F 627 24.29 -48.96 6.37
C GLU F 627 23.89 -49.81 5.17
N LYS F 628 24.77 -49.89 4.17
CA LYS F 628 24.47 -50.69 2.99
C LYS F 628 24.23 -52.15 3.36
N VAL F 629 25.14 -52.73 4.15
CA VAL F 629 25.01 -54.15 4.48
C VAL F 629 23.78 -54.40 5.33
N LEU F 630 23.49 -53.50 6.27
CA LEU F 630 22.30 -53.68 7.11
C LEU F 630 21.02 -53.57 6.27
N ARG F 631 20.98 -52.62 5.33
CA ARG F 631 19.83 -52.51 4.45
C ARG F 631 19.65 -53.77 3.62
N LYS F 632 20.75 -54.32 3.10
CA LYS F 632 20.65 -55.54 2.30
C LYS F 632 20.18 -56.71 3.15
N SER F 633 20.65 -56.80 4.40
CA SER F 633 20.17 -57.86 5.29
C SER F 633 18.68 -57.71 5.56
N ALA F 634 18.22 -56.48 5.78
CA ALA F 634 16.79 -56.26 5.96
C ALA F 634 16.01 -56.67 4.72
N TYR F 635 16.55 -56.36 3.54
CA TYR F 635 15.90 -56.76 2.29
C TYR F 635 15.79 -58.28 2.19
N LYS F 636 16.87 -58.99 2.54
CA LYS F 636 16.85 -60.44 2.45
C LYS F 636 16.01 -61.08 3.55
N ILE F 637 15.71 -60.35 4.61
CA ILE F 637 14.87 -60.88 5.68
C ILE F 637 13.39 -60.65 5.39
N VAL F 638 13.02 -59.44 4.96
CA VAL F 638 11.60 -59.11 4.81
C VAL F 638 10.94 -60.03 3.79
N SER F 639 11.55 -60.16 2.61
CA SER F 639 10.99 -60.97 1.54
C SER F 639 11.89 -62.10 1.07
N GLY F 640 13.14 -62.15 1.53
CA GLY F 640 14.02 -63.22 1.13
C GLY F 640 13.69 -64.53 1.81
N GLU F 641 14.71 -65.35 2.08
CA GLU F 641 14.52 -66.67 2.66
C GLU F 641 15.07 -66.79 4.07
N ALA F 642 16.17 -66.11 4.38
CA ALA F 642 16.77 -66.22 5.71
C ALA F 642 16.07 -65.29 6.69
N GLU F 643 15.70 -65.84 7.85
CA GLU F 643 15.10 -65.05 8.92
C GLU F 643 16.13 -64.29 9.74
N SER F 644 17.42 -64.65 9.62
CA SER F 644 18.48 -63.95 10.33
C SER F 644 19.76 -64.05 9.49
N VAL F 645 20.19 -62.92 8.95
CA VAL F 645 21.34 -62.89 8.05
C VAL F 645 22.62 -62.96 8.88
N GLU F 646 23.46 -63.94 8.56
CA GLU F 646 24.75 -64.12 9.21
C GLU F 646 25.81 -63.58 8.24
N VAL F 647 26.26 -62.36 8.49
CA VAL F 647 27.20 -61.70 7.60
C VAL F 647 28.60 -62.25 7.87
N THR F 648 29.10 -63.07 6.96
CA THR F 648 30.43 -63.62 7.00
C THR F 648 31.28 -63.03 5.89
N PRO F 649 32.60 -63.03 6.03
CA PRO F 649 33.43 -62.43 4.96
C PRO F 649 33.18 -63.02 3.60
N GLU F 650 33.03 -64.34 3.51
CA GLU F 650 32.75 -64.97 2.21
C GLU F 650 31.45 -64.44 1.63
N ASN F 651 30.43 -64.24 2.46
CA ASN F 651 29.19 -63.66 1.99
C ASN F 651 29.34 -62.17 1.70
N LEU F 652 30.26 -61.50 2.39
CA LEU F 652 30.35 -60.04 2.28
C LEU F 652 30.46 -59.62 0.81
N GLN F 653 31.15 -60.42 0.00
CA GLN F 653 31.36 -60.07 -1.40
C GLN F 653 30.05 -59.73 -2.10
N ASP F 654 28.98 -60.47 -1.80
CA ASP F 654 27.72 -60.21 -2.48
C ASP F 654 27.04 -58.95 -1.96
N PHE F 655 27.18 -58.67 -0.66
CA PHE F 655 26.50 -57.52 -0.07
C PHE F 655 27.14 -56.22 -0.54
N VAL F 656 28.42 -56.04 -0.27
CA VAL F 656 29.11 -54.80 -0.63
C VAL F 656 29.75 -54.85 -2.00
N GLY F 657 29.75 -56.01 -2.66
CA GLY F 657 30.45 -56.16 -3.92
C GLY F 657 31.91 -56.46 -3.73
N LYS F 658 32.63 -56.53 -4.84
CA LYS F 658 34.05 -56.81 -4.78
C LYS F 658 34.79 -55.65 -4.12
N PRO F 659 35.94 -55.92 -3.48
CA PRO F 659 36.56 -54.89 -2.64
C PRO F 659 37.26 -53.82 -3.47
N VAL F 660 36.72 -52.60 -3.41
CA VAL F 660 37.39 -51.45 -3.97
C VAL F 660 38.42 -50.96 -2.97
N PHE F 661 39.31 -50.08 -3.42
CA PHE F 661 40.40 -49.58 -2.58
C PHE F 661 41.23 -50.75 -2.05
N THR F 662 41.56 -51.70 -2.92
CA THR F 662 42.35 -52.84 -2.51
C THR F 662 43.72 -52.37 -2.01
N VAL F 663 44.25 -53.08 -1.02
CA VAL F 663 45.48 -52.66 -0.38
C VAL F 663 46.64 -52.74 -1.38
N GLU F 664 47.35 -51.62 -1.53
CA GLU F 664 48.54 -51.56 -2.37
C GLU F 664 49.45 -50.45 -1.89
N ARG F 665 50.73 -50.77 -1.73
CA ARG F 665 51.78 -49.76 -1.67
C ARG F 665 52.11 -49.37 -3.09
N MET F 666 52.25 -48.06 -3.34
CA MET F 666 52.36 -47.58 -4.72
C MET F 666 53.59 -48.15 -5.40
N TYR F 667 54.73 -48.16 -4.71
CA TYR F 667 55.94 -48.80 -5.23
C TYR F 667 56.50 -49.71 -4.14
N ASP F 668 56.31 -51.02 -4.30
CA ASP F 668 56.95 -51.96 -3.39
C ASP F 668 58.45 -52.08 -3.70
N VAL F 669 58.81 -52.07 -4.99
CA VAL F 669 60.21 -52.11 -5.37
C VAL F 669 60.89 -50.78 -5.04
N THR F 670 60.21 -49.67 -5.32
CA THR F 670 60.80 -48.35 -5.14
C THR F 670 62.06 -48.23 -5.98
N PRO F 671 61.95 -48.18 -7.30
CA PRO F 671 63.14 -48.08 -8.16
C PRO F 671 63.92 -46.82 -7.83
N PRO F 672 65.09 -46.65 -8.44
CA PRO F 672 65.92 -45.47 -8.13
C PRO F 672 65.18 -44.18 -8.42
N GLY F 673 65.41 -43.18 -7.56
CA GLY F 673 64.87 -41.86 -7.75
C GLY F 673 63.46 -41.64 -7.23
N VAL F 674 62.87 -42.62 -6.55
CA VAL F 674 61.54 -42.48 -5.98
C VAL F 674 61.60 -42.94 -4.52
N VAL F 675 60.85 -42.24 -3.66
CA VAL F 675 60.85 -42.58 -2.24
C VAL F 675 59.56 -42.09 -1.61
N MET F 676 59.15 -42.75 -0.53
CA MET F 676 57.96 -42.39 0.21
C MET F 676 58.19 -41.10 1.00
N GLY F 677 57.09 -40.56 1.52
CA GLY F 677 57.14 -39.43 2.42
C GLY F 677 55.83 -39.21 3.13
N LEU F 678 55.87 -39.08 4.45
CA LEU F 678 54.66 -38.88 5.24
C LEU F 678 54.27 -37.41 5.21
N ALA F 679 53.28 -37.08 4.38
CA ALA F 679 52.84 -35.71 4.20
C ALA F 679 51.54 -35.49 4.96
N TRP F 680 51.52 -34.49 5.84
CA TRP F 680 50.31 -34.11 6.58
C TRP F 680 49.42 -33.30 5.63
N THR F 681 48.57 -34.02 4.90
CA THR F 681 47.69 -33.38 3.94
C THR F 681 46.55 -32.66 4.65
N ALA F 682 45.71 -31.99 3.85
CA ALA F 682 44.60 -31.23 4.42
C ALA F 682 43.67 -32.12 5.22
N MET F 683 43.38 -33.31 4.69
CA MET F 683 42.55 -34.30 5.39
C MET F 683 43.45 -35.43 5.84
N GLY F 684 43.82 -35.43 7.12
CA GLY F 684 44.67 -36.48 7.64
C GLY F 684 46.07 -36.41 7.05
N GLY F 685 46.73 -37.57 7.00
CA GLY F 685 48.04 -37.67 6.42
C GLY F 685 48.08 -38.80 5.41
N SER F 686 49.03 -38.68 4.47
CA SER F 686 49.16 -39.65 3.40
C SER F 686 50.63 -39.99 3.20
N THR F 687 50.87 -41.11 2.53
CA THR F 687 52.22 -41.55 2.20
C THR F 687 52.52 -41.20 0.73
N LEU F 688 52.78 -39.92 0.50
CA LEU F 688 52.98 -39.42 -0.85
C LEU F 688 54.34 -39.86 -1.38
N PHE F 689 54.39 -40.18 -2.67
CA PHE F 689 55.60 -40.69 -3.31
C PHE F 689 56.27 -39.56 -4.09
N VAL F 690 57.47 -39.19 -3.67
CA VAL F 690 58.26 -38.22 -4.42
C VAL F 690 59.07 -38.97 -5.48
N GLU F 691 59.00 -38.48 -6.72
CA GLU F 691 59.63 -39.13 -7.86
C GLU F 691 60.73 -38.23 -8.41
N THR F 692 61.79 -38.84 -8.93
CA THR F 692 62.85 -38.12 -9.61
C THR F 692 63.30 -38.94 -10.82
N SER F 693 63.70 -38.25 -11.88
CA SER F 693 64.12 -38.95 -13.08
C SER F 693 64.89 -38.00 -13.99
N LEU F 694 65.85 -38.57 -14.72
CA LEU F 694 66.54 -37.83 -15.75
C LEU F 694 65.56 -37.47 -16.87
N ARG F 695 65.58 -36.21 -17.29
CA ARG F 695 64.65 -35.71 -18.30
C ARG F 695 65.33 -35.21 -19.55
N ARG F 696 66.66 -35.28 -19.65
CA ARG F 696 67.37 -34.79 -20.82
C ARG F 696 68.81 -35.26 -20.71
N PRO F 697 69.43 -35.74 -21.80
CA PRO F 697 70.67 -36.52 -21.65
C PRO F 697 71.76 -35.74 -20.96
N GLN F 698 72.51 -36.44 -20.10
CA GLN F 698 73.65 -35.84 -19.43
C GLN F 698 74.73 -35.41 -20.40
N ASP F 699 74.75 -35.99 -21.60
CA ASP F 699 75.81 -35.72 -22.59
C ASP F 699 75.42 -34.57 -23.51
N LYS F 700 75.07 -33.42 -22.95
CA LYS F 700 74.92 -32.22 -23.77
C LYS F 700 76.20 -31.90 -24.50
N ASP F 701 77.34 -32.14 -23.85
CA ASP F 701 78.65 -31.94 -24.45
C ASP F 701 79.67 -32.66 -23.60
N ALA F 702 80.57 -33.41 -24.24
CA ALA F 702 81.57 -34.14 -23.48
C ALA F 702 82.42 -33.20 -22.63
N LYS F 703 82.56 -31.94 -23.03
CA LYS F 703 83.25 -30.93 -22.26
C LYS F 703 82.29 -29.95 -21.58
N GLY F 704 80.99 -30.13 -21.77
CA GLY F 704 80.00 -29.22 -21.23
C GLY F 704 80.05 -29.08 -19.72
N ASP F 705 79.98 -27.85 -19.23
CA ASP F 705 79.98 -27.56 -17.80
C ASP F 705 78.65 -27.01 -17.32
N LYS F 706 77.61 -27.04 -18.16
CA LYS F 706 76.31 -26.51 -17.76
C LYS F 706 75.75 -27.31 -16.60
N ASP F 707 75.19 -26.60 -15.63
CA ASP F 707 74.64 -27.25 -14.44
C ASP F 707 73.35 -28.01 -14.79
N GLY F 708 72.97 -28.91 -13.89
CA GLY F 708 71.75 -29.67 -14.04
C GLY F 708 70.53 -28.92 -13.59
N SER F 709 70.07 -27.95 -14.40
CA SER F 709 68.92 -27.16 -14.02
C SER F 709 67.72 -28.07 -13.76
N LEU F 710 67.06 -27.84 -12.64
CA LEU F 710 65.95 -28.68 -12.20
C LEU F 710 64.62 -28.06 -12.59
N GLU F 711 63.64 -28.93 -12.86
CA GLU F 711 62.30 -28.52 -13.28
C GLU F 711 61.31 -29.14 -12.31
N VAL F 712 61.02 -28.43 -11.22
CA VAL F 712 60.05 -28.92 -10.25
C VAL F 712 58.66 -28.92 -10.86
N THR F 713 57.81 -29.82 -10.37
CA THR F 713 56.43 -29.93 -10.86
C THR F 713 55.53 -30.30 -9.69
N GLY F 714 54.23 -30.35 -9.97
CA GLY F 714 53.25 -30.66 -8.95
C GLY F 714 52.70 -29.43 -8.27
N GLN F 715 52.22 -28.48 -9.07
CA GLN F 715 51.65 -27.22 -8.55
C GLN F 715 52.57 -26.61 -7.50
N LEU F 716 53.77 -26.25 -7.96
CA LEU F 716 54.77 -25.69 -7.06
C LEU F 716 54.25 -24.43 -6.38
N GLY F 717 54.54 -24.31 -5.09
CA GLY F 717 54.37 -23.06 -4.37
C GLY F 717 55.72 -22.37 -4.25
N GLU F 718 55.70 -21.04 -4.32
CA GLU F 718 56.93 -20.27 -4.25
C GLU F 718 57.76 -20.69 -3.05
N VAL F 719 57.09 -20.91 -1.91
CA VAL F 719 57.79 -21.46 -0.75
C VAL F 719 58.33 -22.84 -1.08
N MET F 720 57.53 -23.67 -1.74
CA MET F 720 58.00 -24.98 -2.16
C MET F 720 59.11 -24.87 -3.19
N LYS F 721 59.04 -23.88 -4.09
CA LYS F 721 60.12 -23.68 -5.04
C LYS F 721 61.44 -23.38 -4.33
N GLU F 722 61.39 -22.47 -3.35
CA GLU F 722 62.60 -22.14 -2.61
C GLU F 722 63.11 -23.34 -1.82
N SER F 723 62.21 -24.09 -1.20
CA SER F 723 62.62 -25.28 -0.46
C SER F 723 63.27 -26.31 -1.38
N ALA F 724 62.70 -26.51 -2.56
CA ALA F 724 63.28 -27.45 -3.51
C ALA F 724 64.65 -26.99 -3.99
N ARG F 725 64.80 -25.69 -4.24
CA ARG F 725 66.11 -25.17 -4.63
C ARG F 725 67.14 -25.39 -3.52
N ILE F 726 66.75 -25.13 -2.27
CA ILE F 726 67.66 -25.34 -1.16
C ILE F 726 68.03 -26.81 -1.05
N ALA F 727 67.05 -27.70 -1.21
CA ALA F 727 67.32 -29.13 -1.15
C ALA F 727 68.27 -29.56 -2.26
N TYR F 728 68.07 -29.02 -3.48
CA TYR F 728 68.95 -29.32 -4.59
C TYR F 728 70.38 -28.88 -4.30
N THR F 729 70.54 -27.66 -3.78
CA THR F 729 71.87 -27.16 -3.46
C THR F 729 72.53 -28.02 -2.39
N PHE F 730 71.78 -28.38 -1.34
CA PHE F 730 72.36 -29.19 -0.28
C PHE F 730 72.71 -30.59 -0.79
N ALA F 731 71.89 -31.15 -1.67
CA ALA F 731 72.21 -32.45 -2.24
C ALA F 731 73.49 -32.39 -3.07
N ARG F 732 73.65 -31.32 -3.86
CA ARG F 732 74.89 -31.15 -4.59
C ARG F 732 76.08 -31.07 -3.65
N ALA F 733 75.95 -30.25 -2.59
CA ALA F 733 77.05 -30.11 -1.64
C ALA F 733 77.40 -31.44 -1.01
N PHE F 734 76.39 -32.21 -0.60
CA PHE F 734 76.63 -33.52 0.01
C PHE F 734 77.30 -34.47 -0.97
N LEU F 735 76.85 -34.46 -2.23
CA LEU F 735 77.42 -35.38 -3.21
C LEU F 735 78.89 -35.07 -3.46
N MET F 736 79.24 -33.79 -3.57
CA MET F 736 80.65 -33.43 -3.72
C MET F 736 81.43 -33.76 -2.45
N GLN F 737 80.81 -33.57 -1.28
CA GLN F 737 81.52 -33.86 -0.03
C GLN F 737 81.84 -35.34 0.10
N HIS F 738 80.93 -36.22 -0.30
CA HIS F 738 81.12 -37.65 -0.13
C HIS F 738 81.97 -38.23 -1.26
N ALA F 739 81.52 -38.08 -2.50
CA ALA F 739 82.20 -38.66 -3.67
C ALA F 739 82.45 -37.54 -4.68
N PRO F 740 83.55 -36.81 -4.55
CA PRO F 740 83.84 -35.75 -5.52
C PRO F 740 83.92 -36.26 -6.96
N ALA F 741 84.40 -37.50 -7.15
CA ALA F 741 84.49 -38.05 -8.49
C ALA F 741 83.13 -38.10 -9.17
N ASN F 742 82.09 -38.47 -8.44
CA ASN F 742 80.75 -38.47 -9.00
C ASN F 742 80.31 -37.04 -9.32
N ASP F 743 79.76 -36.84 -10.51
CA ASP F 743 79.26 -35.55 -10.91
C ASP F 743 77.92 -35.61 -11.64
N TYR F 744 77.24 -36.77 -11.61
CA TYR F 744 75.96 -36.91 -12.32
C TYR F 744 75.00 -35.79 -11.93
N LEU F 745 74.66 -35.70 -10.64
CA LEU F 745 73.72 -34.68 -10.20
C LEU F 745 74.29 -33.28 -10.39
N VAL F 746 75.61 -33.15 -10.42
CA VAL F 746 76.22 -31.83 -10.56
C VAL F 746 75.85 -31.21 -11.91
N THR F 747 75.95 -32.00 -12.99
CA THR F 747 75.65 -31.53 -14.33
C THR F 747 74.73 -32.54 -15.02
N SER F 748 73.44 -32.47 -14.67
CA SER F 748 72.41 -33.21 -15.40
C SER F 748 71.04 -32.66 -15.04
N HIS F 749 70.23 -32.35 -16.05
CA HIS F 749 68.92 -31.78 -15.83
C HIS F 749 67.96 -32.88 -15.37
N ILE F 750 67.44 -32.74 -14.15
CA ILE F 750 66.64 -33.78 -13.51
C ILE F 750 65.27 -33.21 -13.19
N HIS F 751 64.23 -33.97 -13.51
CA HIS F 751 62.85 -33.58 -13.21
C HIS F 751 62.36 -34.39 -12.02
N LEU F 752 61.85 -33.70 -11.00
CA LEU F 752 61.26 -34.34 -9.84
C LEU F 752 59.80 -33.91 -9.72
N HIS F 753 58.98 -34.84 -9.22
CA HIS F 753 57.57 -34.61 -8.98
C HIS F 753 57.27 -34.84 -7.50
N VAL F 754 56.62 -33.86 -6.87
CA VAL F 754 56.18 -33.97 -5.48
C VAL F 754 54.67 -33.94 -5.47
N PRO F 755 53.99 -35.07 -5.21
CA PRO F 755 52.52 -35.06 -5.24
C PRO F 755 51.96 -34.06 -4.25
N GLU F 756 50.87 -33.40 -4.66
CA GLU F 756 50.24 -32.37 -3.85
C GLU F 756 49.23 -32.99 -2.88
N GLY F 757 48.46 -32.13 -2.23
CA GLY F 757 47.59 -32.51 -1.12
C GLY F 757 48.15 -32.12 0.22
N ALA F 758 49.45 -31.83 0.28
CA ALA F 758 50.05 -31.34 1.51
C ALA F 758 49.77 -29.85 1.68
N THR F 759 49.31 -29.48 2.87
CA THR F 759 49.04 -28.08 3.15
C THR F 759 50.35 -27.29 3.07
N PRO F 760 50.30 -26.03 2.62
CA PRO F 760 51.55 -25.27 2.44
C PRO F 760 52.41 -25.21 3.70
N LYS F 761 51.79 -25.10 4.88
CA LYS F 761 52.58 -25.06 6.11
C LYS F 761 53.43 -26.31 6.26
N ASP F 762 52.88 -27.47 5.90
CA ASP F 762 53.61 -28.73 5.94
C ASP F 762 54.38 -29.01 4.67
N GLY F 763 54.32 -28.11 3.68
CA GLY F 763 54.99 -28.33 2.42
C GLY F 763 56.46 -28.61 2.58
N PRO F 764 57.16 -27.77 3.35
CA PRO F 764 58.59 -28.01 3.58
C PRO F 764 58.87 -29.31 4.33
N SER F 765 57.86 -29.89 4.97
CA SER F 765 58.09 -31.12 5.73
C SER F 765 58.61 -32.26 4.87
N ALA F 766 58.37 -32.22 3.56
CA ALA F 766 58.85 -33.25 2.65
C ALA F 766 60.18 -32.89 2.00
N GLY F 767 60.72 -31.70 2.26
CA GLY F 767 61.93 -31.29 1.58
C GLY F 767 63.06 -32.28 1.76
N CYS F 768 63.26 -32.76 2.98
CA CYS F 768 64.30 -33.74 3.23
C CYS F 768 64.17 -34.91 2.27
N THR F 769 62.96 -35.43 2.10
CA THR F 769 62.75 -36.54 1.18
C THR F 769 63.36 -36.23 -0.19
N ILE F 770 63.04 -35.05 -0.72
CA ILE F 770 63.56 -34.65 -2.03
C ILE F 770 65.04 -34.99 -2.06
N VAL F 771 65.78 -34.47 -1.07
CA VAL F 771 67.23 -34.65 -1.07
C VAL F 771 67.57 -36.11 -1.30
N THR F 772 67.09 -37.00 -0.41
CA THR F 772 67.50 -38.39 -0.51
C THR F 772 67.12 -38.97 -1.86
N ALA F 773 65.93 -38.63 -2.36
CA ALA F 773 65.53 -39.12 -3.67
C ALA F 773 66.61 -38.79 -4.70
N LEU F 774 67.00 -37.51 -4.76
CA LEU F 774 68.04 -37.11 -5.69
C LEU F 774 69.29 -37.96 -5.48
N LEU F 775 69.70 -38.14 -4.22
CA LEU F 775 70.90 -38.93 -3.96
C LEU F 775 70.76 -40.31 -4.55
N SER F 776 69.60 -40.94 -4.38
CA SER F 776 69.38 -42.25 -4.99
C SER F 776 69.66 -42.17 -6.49
N LEU F 777 69.02 -41.22 -7.17
CA LEU F 777 69.22 -41.08 -8.60
C LEU F 777 70.68 -40.82 -8.92
N ALA F 778 71.42 -40.20 -8.01
CA ALA F 778 72.84 -39.97 -8.24
C ALA F 778 73.61 -41.30 -8.28
N MET F 779 73.32 -42.21 -7.35
CA MET F 779 73.99 -43.50 -7.32
C MET F 779 73.14 -44.62 -7.89
N GLY F 780 71.89 -44.35 -8.25
CA GLY F 780 71.02 -45.41 -8.72
C GLY F 780 70.71 -46.47 -7.71
N ARG F 781 71.00 -46.23 -6.44
CA ARG F 781 70.72 -47.20 -5.38
C ARG F 781 69.29 -47.05 -4.90
N PRO F 782 68.43 -48.05 -5.07
CA PRO F 782 67.08 -47.95 -4.47
C PRO F 782 67.17 -47.80 -2.97
N VAL F 783 66.32 -46.93 -2.42
CA VAL F 783 66.28 -46.75 -0.98
C VAL F 783 65.77 -48.03 -0.34
N ARG F 784 66.15 -48.24 0.93
CA ARG F 784 65.76 -49.47 1.61
C ARG F 784 64.25 -49.59 1.65
N GLN F 785 63.76 -50.81 1.49
CA GLN F 785 62.34 -51.05 1.33
C GLN F 785 61.56 -50.54 2.54
N ASN F 786 60.33 -50.11 2.27
CA ASN F 786 59.38 -49.66 3.28
C ASN F 786 60.07 -48.78 4.33
N LEU F 787 60.63 -47.67 3.84
CA LEU F 787 61.24 -46.66 4.70
C LEU F 787 60.64 -45.30 4.35
N ALA F 788 60.19 -44.57 5.37
CA ALA F 788 59.64 -43.24 5.21
C ALA F 788 60.47 -42.24 6.00
N MET F 789 60.18 -40.96 5.80
CA MET F 789 60.90 -39.89 6.48
C MET F 789 60.23 -38.57 6.15
N THR F 790 60.63 -37.53 6.87
CA THR F 790 60.07 -36.19 6.70
C THR F 790 60.91 -35.22 7.52
N GLY F 791 60.64 -33.94 7.33
CA GLY F 791 61.34 -32.88 8.02
C GLY F 791 61.72 -31.77 7.06
N GLU F 792 62.53 -30.85 7.56
CA GLU F 792 63.00 -29.72 6.77
C GLU F 792 64.50 -29.57 6.93
N VAL F 793 65.15 -29.11 5.87
CA VAL F 793 66.59 -28.89 5.86
C VAL F 793 66.84 -27.39 5.74
N SER F 794 67.98 -26.95 6.27
CA SER F 794 68.35 -25.53 6.33
C SER F 794 69.68 -25.30 5.61
N LEU F 795 69.83 -25.92 4.45
CA LEU F 795 71.00 -25.80 3.59
C LEU F 795 72.26 -26.36 4.23
N THR F 796 72.17 -26.95 5.42
CA THR F 796 73.34 -27.47 6.12
C THR F 796 73.16 -28.89 6.63
N GLY F 797 72.01 -29.53 6.37
CA GLY F 797 71.74 -30.85 6.89
C GLY F 797 71.16 -30.88 8.28
N LYS F 798 71.05 -29.73 8.94
CA LYS F 798 70.47 -29.65 10.29
C LYS F 798 68.95 -29.75 10.16
N ILE F 799 68.42 -30.96 10.37
CA ILE F 799 66.99 -31.17 10.20
C ILE F 799 66.22 -30.33 11.23
N LEU F 800 65.05 -29.86 10.83
CA LEU F 800 64.20 -29.02 11.65
C LEU F 800 62.92 -29.76 12.02
N PRO F 801 62.30 -29.39 13.13
CA PRO F 801 61.08 -30.10 13.56
C PRO F 801 59.90 -29.80 12.65
N VAL F 802 58.94 -30.73 12.65
CA VAL F 802 57.71 -30.61 11.90
C VAL F 802 56.53 -30.92 12.82
N GLY F 803 55.35 -30.44 12.44
CA GLY F 803 54.14 -30.62 13.21
C GLY F 803 53.25 -31.72 12.66
N GLY F 804 52.14 -31.93 13.36
CA GLY F 804 51.18 -32.95 12.95
C GLY F 804 51.79 -34.33 12.86
N ILE F 805 52.60 -34.71 13.84
CA ILE F 805 53.31 -35.98 13.78
C ILE F 805 52.34 -37.15 13.90
N LYS F 806 51.26 -37.00 14.65
CA LYS F 806 50.35 -38.12 14.87
C LYS F 806 49.69 -38.56 13.57
N GLU F 807 49.24 -37.61 12.75
CA GLU F 807 48.57 -37.96 11.50
C GLU F 807 49.54 -38.65 10.54
N LYS F 808 50.76 -38.13 10.41
CA LYS F 808 51.74 -38.79 9.56
C LYS F 808 52.08 -40.18 10.09
N THR F 809 52.18 -40.32 11.41
CA THR F 809 52.49 -41.62 12.00
C THR F 809 51.40 -42.63 11.70
N ILE F 810 50.13 -42.24 11.86
CA ILE F 810 49.03 -43.16 11.59
C ILE F 810 48.96 -43.49 10.10
N ALA F 811 49.22 -42.50 9.25
CA ALA F 811 49.25 -42.78 7.81
C ALA F 811 50.34 -43.79 7.47
N ALA F 812 51.52 -43.61 8.06
CA ALA F 812 52.62 -44.57 7.83
C ALA F 812 52.24 -45.95 8.34
N LYS F 813 51.62 -46.03 9.51
CA LYS F 813 51.19 -47.32 10.04
C LYS F 813 50.21 -47.99 9.09
N ARG F 814 49.24 -47.23 8.57
CA ARG F 814 48.26 -47.81 7.65
C ARG F 814 48.95 -48.27 6.35
N ALA F 815 49.87 -47.47 5.83
CA ALA F 815 50.53 -47.80 4.58
C ALA F 815 51.42 -49.04 4.67
N GLY F 816 51.73 -49.50 5.88
CA GLY F 816 52.59 -50.65 6.06
C GLY F 816 54.06 -50.34 6.19
N VAL F 817 54.47 -49.09 5.96
CA VAL F 817 55.87 -48.72 6.15
C VAL F 817 56.25 -48.94 7.61
N THR F 818 57.44 -49.51 7.83
CA THR F 818 57.86 -49.90 9.16
C THR F 818 58.81 -48.92 9.82
N CYS F 819 59.63 -48.21 9.05
CA CYS F 819 60.65 -47.32 9.58
C CYS F 819 60.22 -45.88 9.33
N ILE F 820 60.10 -45.11 10.40
CA ILE F 820 59.77 -43.68 10.34
C ILE F 820 60.93 -42.89 10.93
N VAL F 821 61.46 -41.96 10.14
CA VAL F 821 62.57 -41.11 10.55
C VAL F 821 62.02 -39.71 10.78
N LEU F 822 62.31 -39.14 11.94
CA LEU F 822 61.75 -37.87 12.36
C LEU F 822 62.87 -36.99 12.89
N PRO F 823 62.68 -35.67 12.88
CA PRO F 823 63.65 -34.78 13.54
C PRO F 823 63.72 -35.09 15.03
N ALA F 824 64.91 -34.87 15.60
CA ALA F 824 65.11 -35.18 17.01
C ALA F 824 64.16 -34.38 17.89
N GLU F 825 63.95 -33.11 17.56
CA GLU F 825 63.08 -32.27 18.38
C GLU F 825 61.68 -32.84 18.48
N ASN F 826 61.16 -33.39 17.37
CA ASN F 826 59.83 -33.97 17.37
C ASN F 826 59.73 -35.23 18.22
N LYS F 827 60.86 -35.79 18.66
CA LYS F 827 60.84 -37.06 19.37
C LYS F 827 59.81 -37.06 20.49
N LYS F 828 59.86 -36.04 21.36
CA LYS F 828 58.94 -36.01 22.49
C LYS F 828 57.49 -35.99 22.02
N ASP F 829 57.20 -35.22 20.97
CA ASP F 829 55.83 -35.16 20.46
C ASP F 829 55.38 -36.53 19.99
N PHE F 830 56.30 -37.34 19.47
CA PHE F 830 55.94 -38.69 19.05
C PHE F 830 55.62 -39.57 20.25
N TYR F 831 56.28 -39.33 21.39
CA TYR F 831 56.02 -40.14 22.58
C TYR F 831 54.74 -39.71 23.29
N ASP F 832 54.23 -38.51 22.99
CA ASP F 832 52.92 -38.12 23.52
C ASP F 832 51.82 -39.02 22.97
N LEU F 833 52.04 -39.63 21.82
CA LEU F 833 51.03 -40.45 21.18
C LEU F 833 50.74 -41.70 22.03
N ALA F 834 49.54 -42.25 21.83
CA ALA F 834 49.16 -43.45 22.55
C ALA F 834 50.07 -44.61 22.18
N ALA F 835 50.33 -45.48 23.15
CA ALA F 835 51.24 -46.60 22.92
C ALA F 835 50.70 -47.54 21.84
N PHE F 836 49.39 -47.81 21.86
CA PHE F 836 48.83 -48.83 20.99
C PHE F 836 48.99 -48.49 19.50
N ILE F 837 49.29 -47.23 19.18
CA ILE F 837 49.47 -46.84 17.78
C ILE F 837 50.91 -47.00 17.30
N THR F 838 51.86 -47.24 18.20
CA THR F 838 53.27 -47.23 17.86
C THR F 838 53.88 -48.63 17.75
N GLU F 839 53.06 -49.69 17.75
CA GLU F 839 53.61 -51.04 17.69
C GLU F 839 54.09 -51.38 16.29
N GLY F 840 55.22 -52.09 16.23
CA GLY F 840 55.71 -52.64 14.98
C GLY F 840 56.53 -51.70 14.13
N LEU F 841 56.76 -50.47 14.57
CA LEU F 841 57.51 -49.51 13.78
C LEU F 841 58.87 -49.24 14.42
N GLU F 842 59.91 -49.17 13.58
CA GLU F 842 61.27 -48.89 14.02
C GLU F 842 61.53 -47.39 13.82
N VAL F 843 60.98 -46.60 14.76
CA VAL F 843 61.10 -45.15 14.67
C VAL F 843 62.56 -44.74 14.81
N HIS F 844 62.89 -43.58 14.24
CA HIS F 844 64.22 -43.01 14.33
C HIS F 844 64.12 -41.53 14.72
N PHE F 845 65.14 -41.04 15.41
CA PHE F 845 65.23 -39.64 15.79
C PHE F 845 66.61 -39.12 15.42
N VAL F 846 66.64 -38.03 14.65
CA VAL F 846 67.88 -37.43 14.17
C VAL F 846 67.71 -35.92 14.12
N GLU F 847 68.84 -35.22 14.08
CA GLU F 847 68.85 -33.77 13.93
C GLU F 847 69.69 -33.32 12.74
N HIS F 848 70.81 -33.99 12.47
CA HIS F 848 71.63 -33.71 11.30
C HIS F 848 71.31 -34.73 10.22
N TYR F 849 71.27 -34.26 8.98
CA TYR F 849 70.82 -35.14 7.89
C TYR F 849 71.79 -36.29 7.66
N ARG F 850 73.06 -36.14 8.06
CA ARG F 850 74.07 -37.14 7.74
C ARG F 850 73.61 -38.53 8.12
N GLU F 851 73.13 -38.70 9.35
CA GLU F 851 72.73 -40.01 9.82
C GLU F 851 71.73 -40.66 8.89
N ILE F 852 70.76 -39.88 8.39
CA ILE F 852 69.76 -40.43 7.49
C ILE F 852 70.44 -41.10 6.30
N PHE F 853 71.42 -40.42 5.70
CA PHE F 853 72.09 -40.98 4.54
C PHE F 853 72.66 -42.36 4.83
N ASP F 854 73.15 -42.57 6.06
CA ASP F 854 73.64 -43.89 6.42
C ASP F 854 72.50 -44.89 6.54
N ILE F 855 71.41 -44.50 7.20
CA ILE F 855 70.32 -45.44 7.46
C ILE F 855 69.64 -45.84 6.16
N ALA F 856 69.33 -44.85 5.31
CA ALA F 856 68.63 -45.15 4.06
C ALA F 856 69.52 -45.91 3.09
N PHE F 857 70.83 -45.73 3.17
CA PHE F 857 71.78 -46.33 2.24
C PHE F 857 72.86 -47.04 3.04
N PRO F 858 72.55 -48.21 3.63
CA PRO F 858 73.53 -48.98 4.40
C PRO F 858 74.60 -49.62 3.51
PB ADP G . 11.50 -12.71 -41.40
O1B ADP G . 11.31 -12.83 -39.90
O2B ADP G . 10.57 -13.56 -42.22
O3B ADP G . 12.94 -12.76 -41.85
PA ADP G . 9.48 -10.81 -41.72
O1A ADP G . 9.33 -9.54 -40.92
O2A ADP G . 8.69 -12.03 -41.31
O3A ADP G . 11.04 -11.20 -41.71
O5' ADP G . 9.17 -10.46 -43.26
C5' ADP G . 9.37 -11.42 -44.30
C4' ADP G . 9.03 -10.79 -45.64
O4' ADP G . 9.16 -11.76 -46.68
C3' ADP G . 7.60 -10.25 -45.69
O3' ADP G . 7.60 -8.84 -45.85
C2' ADP G . 6.95 -10.94 -46.88
O2' ADP G . 6.33 -9.98 -47.75
C1' ADP G . 8.07 -11.68 -47.59
N9 ADP G . 7.72 -13.06 -48.04
C8 ADP G . 6.51 -13.66 -48.08
N7 ADP G . 6.62 -14.92 -48.57
C5 ADP G . 7.91 -15.14 -48.85
C6 ADP G . 8.71 -16.27 -49.38
N6 ADP G . 8.14 -17.44 -49.73
N1 ADP G . 10.05 -16.08 -49.52
C2 ADP G . 10.64 -14.93 -49.18
N3 ADP G . 9.96 -13.88 -48.69
C4 ADP G . 8.63 -13.92 -48.51
H5'1 ADP G . 8.73 -12.29 -44.13
H5'2 ADP G . 10.41 -11.75 -44.29
H4' ADP G . 9.72 -9.95 -45.82
H3' ADP G . 7.09 -10.54 -44.77
HO3' ADP G . 6.71 -8.50 -45.77
H2' ADP G . 6.20 -11.64 -46.49
HO2' ADP G . 5.55 -9.61 -47.31
H1' ADP G . 8.36 -11.08 -48.47
H8 ADP G . 5.58 -13.20 -47.78
HN61 ADP G . 8.71 -18.19 -50.10
HN62 ADP G . 7.13 -17.57 -49.63
H2 ADP G . 11.71 -14.84 -49.31
PB ADP H . 16.17 21.31 -33.95
O1B ADP H . 15.09 22.33 -33.67
O2B ADP H . 15.82 20.32 -35.02
O3B ADP H . 16.79 20.69 -32.72
PA ADP H . 17.85 21.99 -36.10
O1A ADP H . 16.65 21.69 -36.96
O2A ADP H . 19.06 21.08 -36.10
O3A ADP H . 17.35 22.20 -34.59
O5' ADP H . 18.33 23.48 -36.45
C5' ADP H . 18.35 23.96 -37.79
C4' ADP H . 17.75 25.35 -37.82
O4' ADP H . 18.07 26.04 -39.03
C3' ADP H . 16.22 25.31 -37.73
O3' ADP H . 15.78 25.65 -36.42
C2' ADP H . 15.72 26.30 -38.75
O2' ADP H . 14.99 27.37 -38.14
C1' ADP H . 16.96 26.84 -39.46
N9 ADP H . 16.81 26.76 -40.92
C8 ADP H . 16.07 27.60 -41.69
N7 ADP H . 16.15 27.24 -43.00
C5 ADP H . 16.94 26.16 -43.08
C6 ADP H . 17.44 25.28 -44.16
N6 ADP H . 17.10 25.49 -45.46
N1 ADP H . 18.26 24.26 -43.81
C2 ADP H . 18.61 24.03 -42.54
N3 ADP H . 18.19 24.79 -41.51
C4 ADP H . 17.37 25.85 -41.72
H5'1 ADP H . 17.80 23.28 -38.45
H5'2 ADP H . 19.39 24.00 -38.15
H4' ADP H . 18.12 25.92 -36.96
H3' ADP H . 15.86 24.30 -38.00
HO3' ADP H . 14.84 25.47 -36.34
H2' ADP H . 15.09 25.78 -39.49
HO2' ADP H . 14.16 27.03 -37.78
H1' ADP H . 17.12 27.89 -39.14
H8 ADP H . 15.50 28.45 -41.31
HN61 ADP H . 17.45 24.88 -46.17
HN62 ADP H . 16.49 26.26 -45.70
H2 ADP H . 19.26 23.19 -42.31
PB ADP I . 28.14 33.97 -6.90
O1B ADP I . 26.80 33.57 -7.46
O2B ADP I . 28.65 35.29 -7.42
O3B ADP I . 29.16 32.87 -6.91
PA ADP I . 26.99 35.50 -4.88
O1A ADP I . 26.01 35.02 -3.85
O2A ADP I . 26.47 36.21 -6.12
O3A ADP I . 27.86 34.23 -5.35
O5' ADP I . 28.04 36.47 -4.13
C5' ADP I . 27.55 37.26 -3.05
C4' ADP I . 28.54 38.36 -2.68
O4' ADP I . 29.43 38.67 -3.75
C3' ADP I . 27.83 39.66 -2.29
O3' ADP I . 28.02 39.92 -0.90
C2' ADP I . 28.47 40.73 -3.14
O2' ADP I . 28.81 41.88 -2.37
C1' ADP I . 29.70 40.08 -3.74
N9 ADP I . 29.98 40.59 -5.11
C8 ADP I . 30.41 39.88 -6.16
N7 ADP I . 30.56 40.68 -7.24
C5 ADP I . 30.23 41.94 -6.88
C6 ADP I . 30.17 43.27 -7.53
N6 ADP I . 30.51 43.42 -8.83
N1 ADP I . 29.78 44.32 -6.78
C2 ADP I . 29.44 44.19 -5.48
N3 ADP I . 29.47 43.01 -4.84
C4 ADP I . 29.86 41.87 -5.46
H5'1 ADP I . 27.40 36.61 -2.19
H5'2 ADP I . 26.59 37.68 -3.33
H4' ADP I . 29.12 38.02 -1.82
H3' ADP I . 26.76 39.59 -2.53
HO3' ADP I . 27.48 40.69 -0.64
H2' ADP I . 27.77 41.00 -3.95
HO2' ADP I . 28.00 42.33 -2.08
H1' ADP I . 30.56 40.28 -3.09
H8 ADP I . 30.60 38.82 -6.14
HN61 ADP I . 30.46 44.33 -9.26
HN62 ADP I . 30.81 42.63 -9.38
H2 ADP I . 29.12 45.06 -4.93
PB ADP J . 17.54 -35.92 -17.64
O1B ADP J . 16.83 -36.38 -16.40
O2B ADP J . 17.26 -34.48 -18.02
O3B ADP J . 19.00 -36.30 -17.73
PA ADP J . 16.25 -38.23 -18.55
O1A ADP J . 15.12 -38.09 -17.56
O2A ADP J . 17.40 -39.16 -18.23
O3A ADP J . 16.84 -36.77 -18.83
O5' ADP J . 15.63 -38.64 -19.97
C5' ADP J . 14.28 -39.11 -20.08
C4' ADP J . 14.14 -39.99 -21.31
O4' ADP J . 14.54 -41.33 -21.03
C3' ADP J . 12.70 -40.07 -21.81
O3' ADP J . 12.52 -39.26 -22.97
C2' ADP J . 12.44 -41.53 -22.11
O2' ADP J . 12.07 -41.73 -23.47
C1' ADP J . 13.77 -42.24 -21.81
N9 ADP J . 13.64 -43.55 -21.11
C8 ADP J . 12.66 -43.98 -20.28
N7 ADP J . 12.91 -45.25 -19.86
C5 ADP J . 14.05 -45.65 -20.41
C6 ADP J . 14.89 -46.88 -20.39
N6 ADP J . 14.53 -47.96 -19.65
N1 ADP J . 16.03 -46.88 -21.12
C2 ADP J . 16.40 -45.82 -21.86
N3 ADP J . 15.68 -44.68 -21.93
C4 ADP J . 14.53 -44.53 -21.24
H5'1 ADP J . 13.60 -38.26 -20.15
H5'2 ADP J . 14.01 -39.68 -19.18
H4' ADP J . 14.76 -39.57 -22.12
H3' ADP J . 12.02 -39.74 -21.01
HO3' ADP J . 11.58 -39.23 -23.21
H2' ADP J . 11.65 -41.90 -21.45
HO2' ADP J . 11.17 -41.38 -23.62
H1' ADP J . 14.28 -42.40 -22.77
H8 ADP J . 11.80 -43.40 -19.98
HN61 ADP J . 13.68 -47.94 -19.11
HN62 ADP J . 15.11 -48.79 -19.66
H2 ADP J . 17.31 -45.88 -22.43
PB ADP K . 28.71 15.14 23.30
O1B ADP K . 27.42 14.36 23.25
O2B ADP K . 29.34 15.15 24.66
O3B ADP K . 29.68 14.84 22.17
PA ADP K . 28.38 17.90 24.03
O1A ADP K . 27.34 18.91 23.60
O2A ADP K . 29.82 18.34 24.10
O3A ADP K . 28.26 16.66 23.01
O5' ADP K . 27.95 17.38 25.49
C5' ADP K . 28.94 17.11 26.49
C4' ADP K . 28.93 17.11 28.01
O4' ADP K . 30.18 17.59 28.52
C3' ADP K . 27.84 18.00 28.61
O3' ADP K . 26.87 17.19 29.30
C2' ADP K . 28.55 18.93 29.58
O2' ADP K . 27.91 18.94 30.86
C1' ADP K . 29.97 18.41 29.68
N9 ADP K . 30.95 19.53 29.73
C8 ADP K . 32.06 19.64 28.98
N7 ADP K . 32.72 20.78 29.27
C5 ADP K . 32.05 21.42 30.24
C6 ADP K . 32.20 22.68 31.02
N6 ADP K . 33.25 23.50 30.82
N1 ADP K . 31.25 22.96 31.93
C2 ADP K . 30.20 22.15 32.16
N3 ADP K . 30.00 21.01 31.49
C4 ADP K . 30.87 20.59 30.54
H5'1 ADP K . 28.15 16.38 26.72
H5'2 ADP K . 28.94 18.19 26.60
H4' ADP K . 28.76 16.08 28.36
H3' ADP K . 27.35 18.59 27.83
HO3' ADP K . 26.13 17.75 29.58
H2' ADP K . 28.57 19.94 29.15
HO2' ADP K . 27.06 19.39 30.80
H1' ADP K . 30.06 17.80 30.59
H8 ADP K . 32.37 18.92 28.23
HN61 ADP K . 33.33 24.35 31.36
HN62 ADP K . 33.95 23.27 30.12
H2 ADP K . 29.48 22.45 32.91
PB ADP L . 32.68 -33.33 10.26
O1B ADP L . 32.86 -32.60 11.56
O2B ADP L . 33.92 -34.04 9.77
O3B ADP L . 31.96 -32.54 9.19
PA ADP L . 32.01 -35.51 11.84
O1A ADP L . 31.39 -34.96 13.11
O2A ADP L . 33.49 -35.78 11.82
O3A ADP L . 31.67 -34.53 10.62
O5' ADP L . 31.25 -36.88 11.47
C5' ADP L . 31.82 -38.10 11.95
C4' ADP L . 30.75 -39.13 12.30
O4' ADP L . 31.40 -40.29 12.81
C3' ADP L . 29.79 -38.61 13.36
O3' ADP L . 28.44 -38.76 12.94
C2' ADP L . 30.07 -39.45 14.60
O2' ADP L . 28.86 -39.97 15.16
C1' ADP L . 30.98 -40.58 14.15
N9 ADP L . 32.17 -40.67 15.04
C8 ADP L . 33.28 -39.90 14.96
N7 ADP L . 34.17 -40.25 15.92
C5 ADP L . 33.64 -41.27 16.63
C6 ADP L . 34.05 -42.10 17.77
N6 ADP L . 35.25 -41.91 18.37
N1 ADP L . 33.19 -43.05 18.19
C2 ADP L . 31.99 -43.24 17.61
N3 ADP L . 31.56 -42.53 16.56
C4 ADP L . 32.32 -41.53 16.03
H5'1 ADP L . 32.41 -37.88 12.84
H5'2 ADP L . 32.48 -38.50 11.20
H4' ADP L . 30.18 -39.37 11.40
H3' ADP L . 30.02 -37.56 13.57
HO3' ADP L . 27.85 -38.35 13.58
H2' ADP L . 30.60 -38.83 15.35
HO2' ADP L . 28.35 -39.25 15.56
H1' ADP L . 30.43 -41.52 14.17
H8 ADP L . 33.43 -39.11 14.24
HN61 ADP L . 35.87 -41.19 18.03
HN62 ADP L . 35.53 -42.48 19.15
H2 ADP L . 31.35 -44.03 17.99
#